data_8U9B
#
_entry.id   8U9B
#
_cell.length_a   101.270
_cell.length_b   161.235
_cell.length_c   158.708
_cell.angle_alpha   90.00
_cell.angle_beta   101.11
_cell.angle_gamma   90.00
#
_symmetry.space_group_name_H-M   'P 1 21 1'
#
loop_
_entity.id
_entity.type
_entity.pdbx_description
1 polymer 'Betaine aldehyde dehydrogenase'
2 non-polymer 'SODIUM ION'
3 non-polymer 'TETRAETHYLENE GLYCOL'
4 non-polymer 'CHLORIDE ION'
5 non-polymer 'MALONATE ION'
6 non-polymer 2-[3-(2-HYDROXY-1,1-DIHYDROXYMETHYL-ETHYLAMINO)-PROPYLAMINO]-2-HYDROXYMETHYL-PROPANE-1,3-DIOL
7 non-polymer 'CITRATE ANION'
8 non-polymer '4-(2-HYDROXYETHYL)-1-PIPERAZINE ETHANESULFONIC ACID'
9 water water
#
_entity_poly.entity_id   1
_entity_poly.type   'polypeptide(L)'
_entity_poly.pdbx_seq_one_letter_code
;MAHHHHHHHMSRMAEQQLYIHGKFVAATSGKTFETINPATGEVLATVQAAGREDVDRAVKSAQQGQKVWAAMSAMARSRI
LRKAVDILRERNDELARLETLDTGKPLSETAAVDIVTGADVLEYYAGLIPALEGSQIPLRDSSFVYTRREPLGVVAGIGA
WNYPIQIALWKSAPALAAGNAMIFKPSEVTPLTALKLAEIYREAGLPDGVFNVLPGIGAETGQYLTEHPDIAKISFTGGV
ASGKKVMANSAASSLKEVTMELGGKSPLIIAEDANLDLAADIAMMANFYSSGQVCTNGTRVFVPAKFKAEFEHKILERVG
RIRAGDLFADDTNFGPLVSFPHRQNVLRYIESGKSEGARLLCGGDVLKGEGFDNGAWVAPTVFTDCTDDMTIVREEIFGP
VMSILSYDDEAEVIRRANATEYGLAAGVVTPDLNRAHRIIHQLEAGICWINSWGESPAEMPVGGYKHSGIGRENGVMTLQ
SYTQVKSIQVEMGPFQSIF
;
_entity_poly.pdbx_strand_id   A,B,C,D,E,F,G,H
#
loop_
_chem_comp.id
_chem_comp.type
_chem_comp.name
_chem_comp.formula
B3P non-polymer 2-[3-(2-HYDROXY-1,1-DIHYDROXYMETHYL-ETHYLAMINO)-PROPYLAMINO]-2-HYDROXYMETHYL-PROPANE-1,3-DIOL 'C11 H26 N2 O6'
CL non-polymer 'CHLORIDE ION' 'Cl -1'
EPE non-polymer '4-(2-HYDROXYETHYL)-1-PIPERAZINE ETHANESULFONIC ACID' 'C8 H18 N2 O4 S'
FLC non-polymer 'CITRATE ANION' 'C6 H5 O7 -3'
MLI non-polymer 'MALONATE ION' 'C3 H2 O4 -2'
NA non-polymer 'SODIUM ION' 'Na 1'
PG4 non-polymer 'TETRAETHYLENE GLYCOL' 'C8 H18 O5'
#
# COMPACT_ATOMS: atom_id res chain seq x y z
N HIS A 5 -17.94 49.08 22.74
CA HIS A 5 -17.78 49.16 21.25
C HIS A 5 -18.60 48.08 20.53
N HIS A 6 -19.76 48.48 20.01
CA HIS A 6 -20.67 47.58 19.30
C HIS A 6 -20.95 48.09 17.89
N HIS A 7 -22.10 47.74 17.31
CA HIS A 7 -22.39 48.01 15.90
C HIS A 7 -21.20 47.68 15.01
N HIS A 8 -20.69 46.45 15.13
CA HIS A 8 -19.52 46.08 14.36
C HIS A 8 -19.75 44.81 13.54
N HIS A 9 -21.00 44.53 13.15
CA HIS A 9 -21.23 43.41 12.24
C HIS A 9 -20.54 43.67 10.90
N MET A 10 -19.78 42.69 10.42
CA MET A 10 -19.19 42.72 9.10
C MET A 10 -19.89 41.70 8.21
N SER A 11 -20.39 42.14 7.07
CA SER A 11 -21.04 41.23 6.15
C SER A 11 -20.00 40.39 5.43
N ARG A 12 -20.46 39.34 4.76
CA ARG A 12 -19.51 38.45 4.12
C ARG A 12 -19.17 38.96 2.72
N MET A 13 -18.02 38.54 2.24
CA MET A 13 -17.52 38.93 0.93
C MET A 13 -18.28 38.17 -0.14
N ALA A 14 -18.08 38.60 -1.38
CA ALA A 14 -18.61 37.84 -2.49
C ALA A 14 -18.00 36.45 -2.48
N GLU A 15 -18.71 35.50 -3.08
CA GLU A 15 -18.20 34.15 -3.19
C GLU A 15 -16.89 34.14 -3.99
N GLN A 16 -15.85 33.54 -3.41
CA GLN A 16 -14.53 33.56 -4.00
C GLN A 16 -14.38 32.40 -4.99
N GLN A 17 -13.86 32.69 -6.17
CA GLN A 17 -13.73 31.70 -7.24
C GLN A 17 -12.29 31.21 -7.39
N LEU A 18 -12.11 30.23 -8.26
CA LEU A 18 -10.77 29.81 -8.64
C LEU A 18 -10.16 30.85 -9.57
N TYR A 19 -8.83 30.83 -9.68
CA TYR A 19 -8.13 31.71 -10.61
C TYR A 19 -7.32 30.84 -11.59
N ILE A 20 -7.76 30.80 -12.84
CA ILE A 20 -7.12 29.96 -13.85
C ILE A 20 -6.97 30.78 -15.11
N HIS A 21 -5.75 30.88 -15.61
CA HIS A 21 -5.45 31.53 -16.88
C HIS A 21 -5.86 33.00 -16.90
N GLY A 22 -5.45 33.74 -15.87
CA GLY A 22 -5.64 35.17 -15.91
C GLY A 22 -7.06 35.63 -15.67
N LYS A 23 -7.89 34.80 -15.05
CA LYS A 23 -9.26 35.20 -14.78
C LYS A 23 -9.83 34.36 -13.64
N PHE A 24 -10.81 34.93 -12.95
CA PHE A 24 -11.59 34.15 -12.00
C PHE A 24 -12.57 33.29 -12.76
N VAL A 25 -12.70 32.04 -12.34
CA VAL A 25 -13.55 31.08 -12.99
C VAL A 25 -14.23 30.23 -11.94
N ALA A 26 -15.48 29.86 -12.21
CA ALA A 26 -16.23 28.96 -11.33
C ALA A 26 -15.60 27.58 -11.32
N ALA A 27 -15.52 26.97 -10.13
CA ALA A 27 -15.12 25.58 -10.04
C ALA A 27 -16.15 24.68 -10.68
N THR A 28 -15.71 23.51 -11.15
CA THR A 28 -16.64 22.53 -11.69
C THR A 28 -16.94 21.42 -10.68
N SER A 29 -16.40 21.53 -9.47
CA SER A 29 -16.63 20.53 -8.45
C SER A 29 -18.03 20.61 -7.87
N GLY A 30 -18.66 21.77 -7.94
CA GLY A 30 -19.91 21.98 -7.24
C GLY A 30 -19.77 22.09 -5.74
N LYS A 31 -18.55 22.22 -5.23
CA LYS A 31 -18.30 22.22 -3.79
C LYS A 31 -17.75 23.59 -3.40
N THR A 32 -18.11 24.01 -2.19
CA THR A 32 -17.59 25.24 -1.60
C THR A 32 -17.24 24.97 -0.15
N PHE A 33 -16.49 25.89 0.45
CA PHE A 33 -16.22 25.90 1.88
C PHE A 33 -16.25 27.35 2.36
N GLU A 34 -16.21 27.53 3.68
CA GLU A 34 -16.24 28.85 4.28
C GLU A 34 -14.94 29.14 5.02
N THR A 35 -14.49 30.39 4.94
CA THR A 35 -13.41 30.88 5.79
C THR A 35 -14.00 31.83 6.83
N ILE A 36 -13.50 31.70 8.06
CA ILE A 36 -14.04 32.38 9.24
C ILE A 36 -13.09 33.49 9.66
N ASN A 37 -13.67 34.55 10.21
CA ASN A 37 -12.88 35.57 10.89
C ASN A 37 -12.64 35.09 12.31
N PRO A 38 -11.41 34.70 12.67
CA PRO A 38 -11.21 34.12 14.01
C PRO A 38 -11.40 35.10 15.12
N ALA A 39 -11.43 36.39 14.83
CA ALA A 39 -11.68 37.37 15.87
C ALA A 39 -13.16 37.49 16.22
N THR A 40 -14.04 37.09 15.31
CA THR A 40 -15.47 37.28 15.54
C THR A 40 -16.29 36.00 15.41
N GLY A 41 -15.78 34.97 14.77
CA GLY A 41 -16.58 33.80 14.44
C GLY A 41 -17.47 33.98 13.22
N GLU A 42 -17.49 35.16 12.61
CA GLU A 42 -18.34 35.43 11.46
C GLU A 42 -17.75 34.84 10.19
N VAL A 43 -18.62 34.47 9.26
CA VAL A 43 -18.16 34.03 7.95
C VAL A 43 -17.60 35.22 7.18
N LEU A 44 -16.36 35.08 6.70
CA LEU A 44 -15.76 36.05 5.80
C LEU A 44 -16.22 35.84 4.36
N ALA A 45 -16.21 34.59 3.91
CA ALA A 45 -16.53 34.31 2.52
C ALA A 45 -16.86 32.84 2.35
N THR A 46 -17.69 32.57 1.36
CA THR A 46 -17.79 31.26 0.74
C THR A 46 -16.76 31.18 -0.36
N VAL A 47 -16.08 30.03 -0.45
CA VAL A 47 -14.97 29.83 -1.37
C VAL A 47 -15.22 28.54 -2.15
N GLN A 48 -15.00 28.60 -3.46
CA GLN A 48 -15.14 27.40 -4.28
C GLN A 48 -13.94 26.49 -4.12
N ALA A 49 -14.20 25.18 -4.15
CA ALA A 49 -13.17 24.17 -3.96
C ALA A 49 -12.87 23.51 -5.30
N ALA A 50 -11.60 23.53 -5.68
CA ALA A 50 -11.18 22.96 -6.95
C ALA A 50 -11.30 21.44 -6.92
N GLY A 51 -11.97 20.89 -7.93
CA GLY A 51 -12.08 19.46 -8.10
C GLY A 51 -10.98 18.91 -8.98
N ARG A 52 -11.14 17.65 -9.38
CA ARG A 52 -10.07 17.01 -10.14
C ARG A 52 -10.00 17.55 -11.56
N GLU A 53 -11.15 17.81 -12.17
CA GLU A 53 -11.17 18.46 -13.49
C GLU A 53 -10.63 19.87 -13.43
N ASP A 54 -10.91 20.59 -12.34
CA ASP A 54 -10.35 21.92 -12.18
C ASP A 54 -8.84 21.88 -12.12
N VAL A 55 -8.27 20.89 -11.44
CA VAL A 55 -6.82 20.77 -11.39
C VAL A 55 -6.28 20.48 -12.78
N ASP A 56 -6.97 19.63 -13.54
CA ASP A 56 -6.53 19.33 -14.89
C ASP A 56 -6.55 20.57 -15.76
N ARG A 57 -7.62 21.36 -15.60
CA ARG A 57 -7.71 22.62 -16.33
C ARG A 57 -6.59 23.59 -15.97
N ALA A 58 -6.22 23.62 -14.70
CA ALA A 58 -5.13 24.48 -14.26
C ALA A 58 -3.78 24.02 -14.83
N VAL A 59 -3.58 22.72 -14.93
CA VAL A 59 -2.30 22.25 -15.44
C VAL A 59 -2.16 22.62 -16.91
N LYS A 60 -3.21 22.41 -17.70
CA LYS A 60 -3.09 22.74 -19.11
C LYS A 60 -2.92 24.24 -19.31
N SER A 61 -3.62 25.05 -18.53
CA SER A 61 -3.38 26.49 -18.55
C SER A 61 -1.93 26.81 -18.20
N ALA A 62 -1.40 26.16 -17.16
CA ALA A 62 -0.02 26.41 -16.74
C ALA A 62 0.98 25.97 -17.80
N GLN A 63 0.72 24.85 -18.47
CA GLN A 63 1.64 24.42 -19.52
C GLN A 63 1.70 25.46 -20.63
N GLN A 64 0.55 26.02 -20.99
CA GLN A 64 0.50 27.01 -22.06
C GLN A 64 1.20 28.30 -21.65
N GLY A 65 0.94 28.78 -20.43
CA GLY A 65 1.59 30.01 -19.97
C GLY A 65 3.08 29.83 -19.75
N GLN A 66 3.48 28.66 -19.25
CA GLN A 66 4.90 28.45 -19.00
C GLN A 66 5.72 28.63 -20.27
N LYS A 67 5.18 28.18 -21.40
CA LYS A 67 5.90 28.27 -22.67
C LYS A 67 6.18 29.73 -23.04
N VAL A 68 5.16 30.57 -22.92
CA VAL A 68 5.29 32.01 -23.17
C VAL A 68 6.32 32.62 -22.23
N TRP A 69 6.20 32.29 -20.95
CA TRP A 69 7.04 32.90 -19.92
C TRP A 69 8.50 32.54 -20.10
N ALA A 70 8.80 31.27 -20.37
CA ALA A 70 10.18 30.84 -20.50
C ALA A 70 10.83 31.29 -21.80
N ALA A 71 10.04 31.58 -22.84
CA ALA A 71 10.59 32.06 -24.11
C ALA A 71 11.01 33.52 -24.05
N MET A 72 10.48 34.28 -23.09
CA MET A 72 10.92 35.64 -22.85
C MET A 72 12.40 35.70 -22.50
N SER A 73 12.99 36.88 -22.63
CA SER A 73 14.33 37.09 -22.14
C SER A 73 14.32 37.07 -20.61
N ALA A 74 15.50 36.83 -20.03
CA ALA A 74 15.63 36.86 -18.59
C ALA A 74 15.20 38.20 -18.02
N MET A 75 15.64 39.30 -18.64
CA MET A 75 15.34 40.60 -18.08
C MET A 75 13.87 40.96 -18.25
N ALA A 76 13.22 40.47 -19.30
CA ALA A 76 11.77 40.68 -19.43
C ALA A 76 11.03 40.04 -18.26
N ARG A 77 11.46 38.83 -17.86
CA ARG A 77 10.86 38.19 -16.69
C ARG A 77 11.16 38.99 -15.43
N SER A 78 12.40 39.47 -15.28
CA SER A 78 12.76 40.26 -14.12
CA SER A 78 12.77 40.27 -14.12
C SER A 78 11.88 41.49 -13.98
N ARG A 79 11.66 42.19 -15.08
CA ARG A 79 10.89 43.43 -15.05
C ARG A 79 9.43 43.18 -14.65
N ILE A 80 8.86 42.06 -15.13
CA ILE A 80 7.48 41.72 -14.76
C ILE A 80 7.38 41.41 -13.27
N LEU A 81 8.30 40.61 -12.73
CA LEU A 81 8.25 40.32 -11.30
C LEU A 81 8.49 41.58 -10.48
N ARG A 82 9.34 42.50 -10.95
CA ARG A 82 9.55 43.77 -10.25
CA ARG A 82 9.53 43.76 -10.23
C ARG A 82 8.28 44.63 -10.26
N LYS A 83 7.52 44.59 -11.36
CA LYS A 83 6.28 45.34 -11.37
C LYS A 83 5.30 44.79 -10.32
N ALA A 84 5.28 43.47 -10.14
CA ALA A 84 4.45 42.90 -9.08
C ALA A 84 4.93 43.35 -7.70
N VAL A 85 6.25 43.41 -7.52
CA VAL A 85 6.80 43.96 -6.27
C VAL A 85 6.28 45.37 -6.04
N ASP A 86 6.34 46.23 -7.07
CA ASP A 86 5.87 47.61 -6.91
C ASP A 86 4.40 47.66 -6.48
N ILE A 87 3.56 46.82 -7.09
CA ILE A 87 2.14 46.79 -6.72
C ILE A 87 1.97 46.30 -5.29
N LEU A 88 2.73 45.27 -4.89
CA LEU A 88 2.63 44.78 -3.52
C LEU A 88 3.01 45.85 -2.51
N ARG A 89 4.04 46.66 -2.81
CA ARG A 89 4.40 47.75 -1.93
C ARG A 89 3.25 48.75 -1.82
N GLU A 90 2.64 49.07 -2.95
CA GLU A 90 1.56 50.06 -2.96
C GLU A 90 0.35 49.57 -2.18
N ARG A 91 0.05 48.27 -2.29
CA ARG A 91 -1.15 47.70 -1.68
C ARG A 91 -0.88 47.02 -0.36
N ASN A 92 0.28 47.29 0.25
CA ASN A 92 0.66 46.62 1.49
C ASN A 92 -0.45 46.69 2.53
N ASP A 93 -0.97 47.89 2.80
CA ASP A 93 -1.92 48.05 3.89
C ASP A 93 -3.25 47.36 3.59
N GLU A 94 -3.73 47.46 2.35
CA GLU A 94 -4.98 46.78 2.00
C GLU A 94 -4.83 45.26 2.14
N LEU A 95 -3.73 44.71 1.65
CA LEU A 95 -3.51 43.26 1.77
C LEU A 95 -3.33 42.85 3.22
N ALA A 96 -2.67 43.68 4.03
CA ALA A 96 -2.46 43.36 5.44
C ALA A 96 -3.79 43.28 6.19
N ARG A 97 -4.71 44.21 5.90
CA ARG A 97 -6.01 44.17 6.53
C ARG A 97 -6.76 42.90 6.19
N LEU A 98 -6.72 42.50 4.91
CA LEU A 98 -7.36 41.26 4.52
C LEU A 98 -6.72 40.06 5.21
N GLU A 99 -5.38 40.04 5.29
CA GLU A 99 -4.70 38.94 5.97
C GLU A 99 -5.09 38.88 7.45
N THR A 100 -5.21 40.04 8.09
CA THR A 100 -5.63 40.09 9.49
C THR A 100 -7.05 39.54 9.67
N LEU A 101 -7.96 39.89 8.76
CA LEU A 101 -9.33 39.38 8.85
C LEU A 101 -9.34 37.86 8.74
N ASP A 102 -8.52 37.31 7.84
CA ASP A 102 -8.54 35.88 7.52
C ASP A 102 -7.77 35.03 8.54
N THR A 103 -6.72 35.58 9.16
CA THR A 103 -5.84 34.82 10.04
C THR A 103 -5.98 35.15 11.53
N GLY A 104 -6.50 36.34 11.86
CA GLY A 104 -6.50 36.81 13.22
C GLY A 104 -5.19 37.39 13.71
N LYS A 105 -4.20 37.52 12.84
CA LYS A 105 -2.95 38.15 13.28
C LYS A 105 -3.10 39.67 13.31
N PRO A 106 -2.51 40.33 14.31
CA PRO A 106 -2.67 41.78 14.43
C PRO A 106 -2.17 42.52 13.21
N LEU A 107 -2.85 43.61 12.86
CA LEU A 107 -2.41 44.44 11.75
C LEU A 107 -1.00 44.97 11.99
N SER A 108 -0.62 45.18 13.26
CA SER A 108 0.75 45.60 13.57
C SER A 108 1.78 44.59 13.08
N GLU A 109 1.39 43.31 12.97
CA GLU A 109 2.28 42.34 12.32
C GLU A 109 2.08 42.31 10.81
N THR A 110 0.84 42.17 10.35
CA THR A 110 0.63 41.93 8.92
C THR A 110 1.06 43.14 8.07
N ALA A 111 0.90 44.36 8.55
CA ALA A 111 1.30 45.51 7.76
C ALA A 111 2.81 45.76 7.78
N ALA A 112 3.53 45.11 8.69
CA ALA A 112 4.96 45.29 8.82
C ALA A 112 5.79 44.10 8.35
N VAL A 113 5.22 42.90 8.35
CA VAL A 113 6.02 41.70 8.09
C VAL A 113 5.52 40.93 6.87
N ASP A 114 4.22 40.60 6.86
CA ASP A 114 3.73 39.57 5.94
C ASP A 114 3.98 39.94 4.47
N ILE A 115 3.47 41.09 4.04
CA ILE A 115 3.67 41.47 2.64
C ILE A 115 5.08 42.03 2.42
N VAL A 116 5.58 42.78 3.40
CA VAL A 116 6.93 43.36 3.28
C VAL A 116 7.94 42.27 2.96
N THR A 117 7.95 41.18 3.74
CA THR A 117 8.96 40.16 3.54
C THR A 117 8.61 39.22 2.40
N GLY A 118 7.33 39.04 2.09
CA GLY A 118 6.97 38.30 0.89
C GLY A 118 7.47 39.00 -0.37
N ALA A 119 7.22 40.31 -0.44
CA ALA A 119 7.70 41.08 -1.57
C ALA A 119 9.21 41.18 -1.58
N ASP A 120 9.85 41.18 -0.39
CA ASP A 120 11.31 41.20 -0.35
C ASP A 120 11.90 40.01 -1.10
N VAL A 121 11.29 38.83 -0.94
CA VAL A 121 11.80 37.62 -1.58
C VAL A 121 11.52 37.64 -3.08
N LEU A 122 10.33 38.11 -3.47
CA LEU A 122 10.05 38.26 -4.90
C LEU A 122 11.01 39.25 -5.54
N GLU A 123 11.27 40.37 -4.87
CA GLU A 123 12.21 41.36 -5.38
C GLU A 123 13.61 40.78 -5.51
N TYR A 124 14.03 40.00 -4.52
CA TYR A 124 15.32 39.32 -4.55
C TYR A 124 15.45 38.43 -5.78
N TYR A 125 14.48 37.53 -5.97
CA TYR A 125 14.57 36.59 -7.09
C TYR A 125 14.44 37.29 -8.43
N ALA A 126 13.65 38.37 -8.52
CA ALA A 126 13.55 39.10 -9.77
C ALA A 126 14.92 39.53 -10.26
N GLY A 127 15.77 40.01 -9.36
CA GLY A 127 17.08 40.50 -9.74
C GLY A 127 18.06 39.41 -10.12
N LEU A 128 17.81 38.18 -9.66
CA LEU A 128 18.75 37.10 -9.91
C LEU A 128 18.50 36.35 -11.22
N ILE A 129 17.36 36.56 -11.88
CA ILE A 129 17.05 35.76 -13.07
C ILE A 129 18.19 35.79 -14.07
N PRO A 130 18.77 36.94 -14.42
CA PRO A 130 19.83 36.93 -15.44
C PRO A 130 21.10 36.22 -15.00
N ALA A 131 21.25 35.91 -13.72
CA ALA A 131 22.44 35.25 -13.19
C ALA A 131 22.26 33.74 -13.10
N LEU A 132 21.14 33.21 -13.56
CA LEU A 132 20.93 31.77 -13.57
C LEU A 132 21.71 31.19 -14.76
N GLU A 133 22.79 30.47 -14.48
CA GLU A 133 23.71 29.99 -15.49
C GLU A 133 23.95 28.50 -15.36
N GLY A 134 24.21 27.86 -16.49
CA GLY A 134 24.75 26.51 -16.51
C GLY A 134 26.26 26.52 -16.45
N SER A 135 26.86 25.37 -16.76
CA SER A 135 28.30 25.18 -16.69
CA SER A 135 28.30 25.21 -16.70
C SER A 135 28.84 24.72 -18.04
N GLN A 136 30.16 24.77 -18.17
CA GLN A 136 30.86 24.20 -19.32
C GLN A 136 32.08 23.49 -18.77
N ILE A 137 32.30 22.27 -19.25
CA ILE A 137 33.36 21.39 -18.76
C ILE A 137 34.14 20.84 -19.95
N PRO A 138 35.40 21.21 -20.14
CA PRO A 138 36.20 20.59 -21.21
C PRO A 138 36.62 19.19 -20.81
N LEU A 139 36.44 18.24 -21.71
CA LEU A 139 36.91 16.88 -21.47
C LEU A 139 38.27 16.65 -22.10
N ARG A 140 38.45 17.16 -23.31
CA ARG A 140 39.63 16.94 -24.13
C ARG A 140 39.47 17.91 -25.30
N ASP A 141 40.51 18.01 -26.12
CA ASP A 141 40.45 18.97 -27.21
C ASP A 141 39.23 18.70 -28.09
N SER A 142 38.82 17.44 -28.24
CA SER A 142 37.77 17.06 -29.17
C SER A 142 36.39 16.87 -28.52
N SER A 143 36.23 17.17 -27.24
CA SER A 143 34.91 17.02 -26.65
C SER A 143 34.75 17.87 -25.40
N PHE A 144 33.54 18.42 -25.22
CA PHE A 144 33.21 19.18 -24.03
C PHE A 144 31.75 18.94 -23.65
N VAL A 145 31.45 19.28 -22.41
CA VAL A 145 30.10 19.19 -21.85
C VAL A 145 29.66 20.60 -21.52
N TYR A 146 28.39 20.88 -21.74
CA TYR A 146 27.79 22.07 -21.13
C TYR A 146 26.44 21.68 -20.54
N THR A 147 26.02 22.44 -19.54
CA THR A 147 24.75 22.18 -18.89
C THR A 147 23.82 23.37 -19.06
N ARG A 148 22.54 23.05 -19.07
CA ARG A 148 21.44 24.02 -19.04
C ARG A 148 20.65 23.80 -17.75
N ARG A 149 20.24 24.90 -17.15
CA ARG A 149 19.33 24.88 -15.99
C ARG A 149 17.95 25.18 -16.54
N GLU A 150 17.20 24.12 -16.87
CA GLU A 150 15.91 24.30 -17.52
C GLU A 150 14.79 24.37 -16.50
N PRO A 151 13.72 25.09 -16.81
CA PRO A 151 12.52 25.03 -15.95
C PRO A 151 12.08 23.58 -15.76
N LEU A 152 11.56 23.30 -14.58
CA LEU A 152 10.87 22.05 -14.34
C LEU A 152 9.60 21.95 -15.16
N GLY A 153 8.95 23.08 -15.43
CA GLY A 153 7.70 23.09 -16.17
C GLY A 153 6.57 23.63 -15.34
N VAL A 154 5.66 22.77 -14.91
CA VAL A 154 4.56 23.15 -14.03
C VAL A 154 4.88 22.57 -12.65
N VAL A 155 4.87 23.43 -11.64
CA VAL A 155 5.12 23.05 -10.26
C VAL A 155 3.91 23.46 -9.42
N ALA A 156 3.79 22.86 -8.24
CA ALA A 156 2.68 23.15 -7.33
C ALA A 156 3.21 23.60 -5.97
N GLY A 157 2.57 24.61 -5.42
CA GLY A 157 2.82 25.03 -4.06
C GLY A 157 1.58 24.82 -3.22
N ILE A 158 1.77 24.33 -2.00
CA ILE A 158 0.69 24.11 -1.06
C ILE A 158 1.03 24.92 0.19
N GLY A 159 0.20 25.92 0.50
CA GLY A 159 0.51 26.86 1.54
C GLY A 159 -0.10 26.49 2.89
N ALA A 160 0.40 27.16 3.92
CA ALA A 160 -0.09 26.98 5.27
C ALA A 160 -0.84 28.24 5.69
N TRP A 161 -1.52 28.15 6.83
CA TRP A 161 -2.45 29.21 7.20
C TRP A 161 -1.84 30.30 8.07
N ASN A 162 -0.61 30.13 8.56
CA ASN A 162 -0.11 31.11 9.52
C ASN A 162 0.47 32.33 8.83
N TYR A 163 1.07 32.18 7.65
CA TYR A 163 1.59 33.28 6.86
C TYR A 163 1.14 33.11 5.41
N PRO A 164 -0.15 33.31 5.14
CA PRO A 164 -0.70 32.91 3.83
C PRO A 164 -0.05 33.59 2.62
N ILE A 165 -0.03 34.92 2.56
CA ILE A 165 0.49 35.53 1.34
C ILE A 165 2.02 35.48 1.33
N GLN A 166 2.67 35.54 2.49
CA GLN A 166 4.13 35.39 2.53
C GLN A 166 4.55 34.04 1.96
N ILE A 167 3.89 32.96 2.38
CA ILE A 167 4.22 31.64 1.86
C ILE A 167 3.96 31.59 0.36
N ALA A 168 2.84 32.16 -0.08
CA ALA A 168 2.55 32.19 -1.51
C ALA A 168 3.66 32.90 -2.28
N LEU A 169 4.20 33.98 -1.73
CA LEU A 169 5.27 34.70 -2.40
C LEU A 169 6.59 33.93 -2.31
N TRP A 170 6.88 33.33 -1.15
CA TRP A 170 8.15 32.62 -1.01
C TRP A 170 8.21 31.36 -1.88
N LYS A 171 7.06 30.75 -2.18
CA LYS A 171 7.07 29.61 -3.10
C LYS A 171 7.04 30.08 -4.56
N SER A 172 6.15 31.02 -4.89
CA SER A 172 5.98 31.38 -6.29
C SER A 172 7.15 32.20 -6.83
N ALA A 173 7.81 32.98 -5.98
CA ALA A 173 8.87 33.85 -6.48
C ALA A 173 10.02 33.07 -7.10
N PRO A 174 10.67 32.12 -6.41
CA PRO A 174 11.74 31.37 -7.07
C PRO A 174 11.21 30.48 -8.18
N ALA A 175 10.00 29.92 -8.04
CA ALA A 175 9.46 29.08 -9.09
C ALA A 175 9.27 29.85 -10.39
N LEU A 176 8.66 31.04 -10.31
CA LEU A 176 8.48 31.86 -11.50
C LEU A 176 9.81 32.41 -12.00
N ALA A 177 10.71 32.82 -11.09
CA ALA A 177 11.98 33.38 -11.53
C ALA A 177 12.81 32.36 -12.30
N ALA A 178 12.65 31.08 -11.98
CA ALA A 178 13.34 29.98 -12.65
C ALA A 178 12.66 29.56 -13.96
N GLY A 179 11.56 30.21 -14.33
CA GLY A 179 10.91 29.96 -15.59
C GLY A 179 9.75 28.99 -15.56
N ASN A 180 9.28 28.62 -14.38
CA ASN A 180 8.16 27.70 -14.26
C ASN A 180 6.84 28.44 -14.17
N ALA A 181 5.76 27.71 -14.40
CA ALA A 181 4.44 28.08 -13.91
C ALA A 181 4.19 27.38 -12.58
N MET A 182 3.50 28.06 -11.66
CA MET A 182 3.12 27.47 -10.39
C MET A 182 1.62 27.46 -10.23
N ILE A 183 1.09 26.32 -9.80
CA ILE A 183 -0.28 26.21 -9.32
C ILE A 183 -0.20 26.23 -7.80
N PHE A 184 -0.88 27.17 -7.17
CA PHE A 184 -0.79 27.36 -5.74
C PHE A 184 -2.12 27.04 -5.07
N LYS A 185 -2.06 26.21 -4.03
CA LYS A 185 -3.24 25.90 -3.25
C LYS A 185 -3.07 26.51 -1.87
N PRO A 186 -3.83 27.55 -1.52
CA PRO A 186 -3.73 28.10 -0.17
C PRO A 186 -4.44 27.20 0.83
N SER A 187 -4.07 27.36 2.09
CA SER A 187 -4.80 26.67 3.15
C SER A 187 -6.28 27.03 3.10
N GLU A 188 -7.12 26.02 3.30
CA GLU A 188 -8.56 26.27 3.37
C GLU A 188 -8.93 27.18 4.53
N VAL A 189 -8.04 27.31 5.52
CA VAL A 189 -8.32 28.23 6.61
C VAL A 189 -8.13 29.67 6.18
N THR A 190 -7.29 29.92 5.17
CA THR A 190 -6.85 31.27 4.84
C THR A 190 -6.65 31.43 3.35
N PRO A 191 -7.73 31.33 2.56
CA PRO A 191 -7.57 31.38 1.10
C PRO A 191 -7.55 32.75 0.44
N LEU A 192 -7.78 33.83 1.19
CA LEU A 192 -8.19 35.07 0.52
C LEU A 192 -7.02 35.83 -0.12
N THR A 193 -5.88 35.96 0.54
CA THR A 193 -4.84 36.82 -0.03
C THR A 193 -4.17 36.17 -1.23
N ALA A 194 -4.16 34.85 -1.32
CA ALA A 194 -3.57 34.18 -2.49
C ALA A 194 -4.31 34.54 -3.77
N LEU A 195 -5.62 34.71 -3.68
CA LEU A 195 -6.41 35.14 -4.84
C LEU A 195 -6.10 36.58 -5.23
N LYS A 196 -5.88 37.45 -4.24
CA LYS A 196 -5.42 38.80 -4.54
C LYS A 196 -4.05 38.76 -5.22
N LEU A 197 -3.15 37.90 -4.75
CA LEU A 197 -1.83 37.82 -5.36
C LEU A 197 -1.94 37.46 -6.84
N ALA A 198 -2.85 36.55 -7.20
CA ALA A 198 -2.99 36.16 -8.59
C ALA A 198 -3.39 37.34 -9.47
N GLU A 199 -4.31 38.19 -8.97
CA GLU A 199 -4.67 39.37 -9.75
C GLU A 199 -3.50 40.32 -9.91
N ILE A 200 -2.70 40.48 -8.85
CA ILE A 200 -1.54 41.38 -8.91
C ILE A 200 -0.53 40.90 -9.93
N TYR A 201 -0.25 39.60 -9.95
CA TYR A 201 0.68 39.07 -10.95
C TYR A 201 0.19 39.35 -12.36
N ARG A 202 -1.11 39.13 -12.61
CA ARG A 202 -1.63 39.43 -13.93
C ARG A 202 -1.46 40.92 -14.26
N GLU A 203 -1.79 41.77 -13.29
CA GLU A 203 -1.67 43.21 -13.50
C GLU A 203 -0.23 43.60 -13.80
N ALA A 204 0.73 42.86 -13.26
CA ALA A 204 2.15 43.15 -13.50
C ALA A 204 2.63 42.69 -14.87
N GLY A 205 1.83 41.93 -15.61
CA GLY A 205 2.20 41.43 -16.92
C GLY A 205 2.57 39.97 -16.96
N LEU A 206 2.33 39.23 -15.89
CA LEU A 206 2.63 37.81 -15.92
C LEU A 206 1.74 37.12 -16.96
N PRO A 207 2.29 36.30 -17.85
CA PRO A 207 1.43 35.63 -18.84
C PRO A 207 0.35 34.79 -18.18
N ASP A 208 -0.82 34.75 -18.81
CA ASP A 208 -1.92 33.96 -18.28
C ASP A 208 -1.49 32.50 -18.14
N GLY A 209 -1.86 31.91 -17.00
CA GLY A 209 -1.56 30.53 -16.69
C GLY A 209 -0.32 30.33 -15.84
N VAL A 210 0.55 31.33 -15.71
CA VAL A 210 1.82 31.10 -15.04
C VAL A 210 1.64 31.04 -13.51
N PHE A 211 0.64 31.74 -12.96
CA PHE A 211 0.30 31.60 -11.55
C PHE A 211 -1.22 31.44 -11.43
N ASN A 212 -1.64 30.21 -11.22
CA ASN A 212 -3.03 29.83 -11.04
C ASN A 212 -3.24 29.50 -9.57
N VAL A 213 -4.43 29.81 -9.05
CA VAL A 213 -4.70 29.61 -7.62
C VAL A 213 -5.97 28.77 -7.47
N LEU A 214 -5.84 27.64 -6.77
CA LEU A 214 -6.93 26.69 -6.57
C LEU A 214 -7.21 26.53 -5.08
N PRO A 215 -8.12 27.33 -4.52
CA PRO A 215 -8.59 27.04 -3.17
C PRO A 215 -9.24 25.67 -3.13
N GLY A 216 -9.25 25.08 -1.95
CA GLY A 216 -9.88 23.78 -1.77
C GLY A 216 -9.47 23.18 -0.45
N ILE A 217 -9.86 21.92 -0.28
CA ILE A 217 -9.52 21.13 0.90
C ILE A 217 -8.27 20.32 0.62
N GLY A 218 -7.52 20.03 1.68
CA GLY A 218 -6.30 19.25 1.51
C GLY A 218 -6.55 17.85 0.99
N ALA A 219 -7.53 17.16 1.57
CA ALA A 219 -7.79 15.78 1.18
C ALA A 219 -8.26 15.68 -0.26
N GLU A 220 -8.67 16.79 -0.87
CA GLU A 220 -9.17 16.78 -2.23
C GLU A 220 -8.19 17.54 -3.09
N THR A 221 -8.32 18.87 -3.22
CA THR A 221 -7.47 19.64 -4.11
C THR A 221 -6.00 19.34 -3.92
N GLY A 222 -5.54 19.35 -2.66
CA GLY A 222 -4.13 19.08 -2.41
C GLY A 222 -3.69 17.72 -2.94
N GLN A 223 -4.53 16.70 -2.72
CA GLN A 223 -4.17 15.37 -3.19
C GLN A 223 -4.17 15.30 -4.71
N TYR A 224 -5.15 15.95 -5.36
CA TYR A 224 -5.19 15.95 -6.81
C TYR A 224 -3.93 16.57 -7.40
N LEU A 225 -3.39 17.61 -6.76
CA LEU A 225 -2.16 18.22 -7.25
C LEU A 225 -0.97 17.30 -7.05
N THR A 226 -0.88 16.65 -5.89
CA THR A 226 0.23 15.76 -5.65
C THR A 226 0.18 14.54 -6.55
N GLU A 227 -1.00 14.19 -7.06
CA GLU A 227 -1.17 13.02 -7.91
C GLU A 227 -1.02 13.33 -9.41
N HIS A 228 -1.07 14.58 -9.83
CA HIS A 228 -1.20 14.86 -11.25
C HIS A 228 0.09 14.48 -11.97
N PRO A 229 0.00 13.75 -13.09
CA PRO A 229 1.24 13.26 -13.73
C PRO A 229 2.07 14.35 -14.38
N ASP A 230 1.50 15.52 -14.65
CA ASP A 230 2.21 16.55 -15.39
C ASP A 230 2.73 17.68 -14.50
N ILE A 231 2.69 17.50 -13.17
CA ILE A 231 3.30 18.42 -12.22
C ILE A 231 4.65 17.84 -11.83
N ALA A 232 5.71 18.66 -11.95
CA ALA A 232 7.07 18.16 -11.86
C ALA A 232 7.66 18.25 -10.47
N LYS A 233 7.08 19.08 -9.61
CA LYS A 233 7.59 19.35 -8.27
C LYS A 233 6.46 19.85 -7.39
N ILE A 234 6.48 19.44 -6.13
CA ILE A 234 5.55 19.90 -5.11
C ILE A 234 6.35 20.54 -4.00
N SER A 235 5.94 21.74 -3.58
CA SER A 235 6.53 22.41 -2.42
C SER A 235 5.43 22.61 -1.38
N PHE A 236 5.61 22.04 -0.19
CA PHE A 236 4.57 21.97 0.83
C PHE A 236 5.07 22.62 2.10
N THR A 237 4.24 23.46 2.71
CA THR A 237 4.48 24.01 4.03
C THR A 237 3.30 23.66 4.91
N GLY A 238 3.56 23.07 6.07
CA GLY A 238 2.47 22.65 6.92
C GLY A 238 2.97 21.72 8.01
N GLY A 239 2.04 20.93 8.54
CA GLY A 239 2.34 20.10 9.68
C GLY A 239 3.07 18.83 9.32
N VAL A 240 3.84 18.33 10.29
CA VAL A 240 4.66 17.14 10.08
C VAL A 240 3.81 15.99 9.57
N ALA A 241 2.62 15.82 10.14
CA ALA A 241 1.78 14.70 9.72
C ALA A 241 1.33 14.86 8.26
N SER A 242 0.74 16.00 7.93
CA SER A 242 0.28 16.21 6.55
C SER A 242 1.45 16.12 5.57
N GLY A 243 2.65 16.51 6.01
CA GLY A 243 3.81 16.38 5.15
C GLY A 243 4.07 14.94 4.75
N LYS A 244 4.00 14.02 5.72
CA LYS A 244 4.16 12.61 5.42
C LYS A 244 3.15 12.14 4.37
N LYS A 245 1.91 12.62 4.47
CA LYS A 245 0.90 12.22 3.49
C LYS A 245 1.23 12.76 2.11
N VAL A 246 1.66 14.02 2.02
CA VAL A 246 1.96 14.61 0.72
C VAL A 246 3.16 13.91 0.09
N MET A 247 4.20 13.66 0.88
CA MET A 247 5.43 13.07 0.33
C MET A 247 5.16 11.68 -0.21
N ALA A 248 4.34 10.89 0.48
CA ALA A 248 4.02 9.56 0.03
C ALA A 248 3.28 9.57 -1.30
N ASN A 249 2.20 10.36 -1.38
CA ASN A 249 1.37 10.36 -2.59
C ASN A 249 2.13 10.91 -3.80
N SER A 250 3.00 11.91 -3.60
CA SER A 250 3.76 12.42 -4.73
C SER A 250 4.64 11.33 -5.34
N ALA A 251 5.09 10.40 -4.52
CA ALA A 251 5.84 9.26 -5.02
C ALA A 251 4.92 8.21 -5.62
N ALA A 252 3.94 7.76 -4.83
CA ALA A 252 3.07 6.66 -5.24
C ALA A 252 2.25 6.99 -6.47
N SER A 253 2.29 8.22 -6.98
CA SER A 253 1.54 8.60 -8.16
C SER A 253 2.51 8.80 -9.32
N SER A 254 3.24 9.91 -9.33
CA SER A 254 4.21 10.21 -10.39
C SER A 254 5.41 10.83 -9.69
N LEU A 255 6.60 10.37 -10.02
CA LEU A 255 7.85 10.74 -9.37
C LEU A 255 8.19 12.22 -9.43
N LYS A 256 7.74 12.99 -8.43
CA LYS A 256 7.95 14.43 -8.38
C LYS A 256 9.08 14.80 -7.43
N GLU A 257 9.81 15.87 -7.77
CA GLU A 257 10.71 16.52 -6.83
C GLU A 257 9.88 17.13 -5.69
N VAL A 258 10.49 17.29 -4.53
CA VAL A 258 9.73 17.70 -3.36
C VAL A 258 10.51 18.68 -2.50
N THR A 259 9.78 19.64 -1.94
CA THR A 259 10.25 20.51 -0.88
C THR A 259 9.20 20.47 0.23
N MET A 260 9.66 20.39 1.47
CA MET A 260 8.76 20.37 2.61
C MET A 260 9.32 21.28 3.69
N GLU A 261 8.52 22.22 4.16
CA GLU A 261 8.85 23.09 5.29
C GLU A 261 7.84 22.75 6.38
N LEU A 262 8.28 22.03 7.42
CA LEU A 262 7.36 21.53 8.43
C LEU A 262 7.62 22.25 9.76
N GLY A 263 7.02 21.74 10.83
CA GLY A 263 7.11 22.38 12.13
C GLY A 263 8.39 22.01 12.87
N GLY A 264 8.45 22.43 14.13
CA GLY A 264 9.61 22.15 14.94
C GLY A 264 9.31 22.28 16.43
N LYS A 265 10.35 22.03 17.22
CA LYS A 265 10.37 22.27 18.66
C LYS A 265 11.74 22.87 18.97
N SER A 266 11.94 24.09 18.49
CA SER A 266 13.28 24.65 18.37
C SER A 266 13.79 25.11 19.72
N PRO A 267 15.05 24.82 20.03
CA PRO A 267 15.62 25.23 21.33
C PRO A 267 16.26 26.61 21.30
N LEU A 268 16.03 27.35 22.37
CA LEU A 268 16.73 28.61 22.63
C LEU A 268 17.62 28.38 23.84
N ILE A 269 18.93 28.49 23.63
CA ILE A 269 19.90 28.21 24.68
C ILE A 269 20.42 29.52 25.25
N ILE A 270 20.10 29.76 26.52
CA ILE A 270 20.61 30.92 27.24
C ILE A 270 21.89 30.48 27.96
N ALA A 271 23.01 31.08 27.61
CA ALA A 271 24.27 30.70 28.23
C ALA A 271 24.43 31.33 29.61
N GLU A 272 25.37 30.79 30.38
CA GLU A 272 25.62 31.30 31.71
C GLU A 272 26.13 32.73 31.73
N ASP A 273 26.65 33.25 30.63
CA ASP A 273 27.14 34.62 30.61
C ASP A 273 26.19 35.57 29.90
N ALA A 274 24.95 35.14 29.64
CA ALA A 274 23.99 35.98 28.94
C ALA A 274 23.44 37.09 29.82
N ASN A 275 23.24 38.26 29.22
CA ASN A 275 22.40 39.28 29.82
C ASN A 275 20.95 38.79 29.81
N LEU A 276 20.31 38.76 30.97
CA LEU A 276 18.99 38.13 31.05
C LEU A 276 17.86 39.01 30.53
N ASP A 277 18.05 40.33 30.44
CA ASP A 277 17.08 41.16 29.75
C ASP A 277 17.06 40.85 28.25
N LEU A 278 18.25 40.70 27.65
CA LEU A 278 18.35 40.30 26.26
C LEU A 278 17.75 38.92 26.06
N ALA A 279 18.11 37.97 26.94
CA ALA A 279 17.59 36.62 26.82
C ALA A 279 16.07 36.59 26.90
N ALA A 280 15.49 37.34 27.84
CA ALA A 280 14.04 37.36 27.99
C ALA A 280 13.38 38.00 26.77
N ASP A 281 13.96 39.09 26.27
CA ASP A 281 13.42 39.72 25.06
C ASP A 281 13.43 38.76 23.88
N ILE A 282 14.52 37.99 23.72
CA ILE A 282 14.60 37.02 22.64
C ILE A 282 13.57 35.92 22.85
N ALA A 283 13.47 35.40 24.09
CA ALA A 283 12.51 34.35 24.37
C ALA A 283 11.08 34.81 24.09
N MET A 284 10.76 36.05 24.44
CA MET A 284 9.43 36.58 24.16
C MET A 284 9.17 36.59 22.65
N MET A 285 10.11 37.14 21.88
CA MET A 285 9.92 37.21 20.43
C MET A 285 9.91 35.84 19.80
N ALA A 286 10.57 34.87 20.43
CA ALA A 286 10.61 33.52 19.90
C ALA A 286 9.40 32.68 20.27
N ASN A 287 8.47 33.22 21.06
CA ASN A 287 7.32 32.42 21.50
C ASN A 287 5.95 33.04 21.25
N PHE A 288 5.83 34.37 21.26
CA PHE A 288 4.53 35.00 21.29
C PHE A 288 4.22 35.85 20.07
N TYR A 289 5.10 35.88 19.06
CA TYR A 289 4.75 36.51 17.81
C TYR A 289 3.71 35.67 17.08
N SER A 290 2.81 36.34 16.38
CA SER A 290 1.72 35.65 15.69
C SER A 290 1.00 34.68 16.62
N SER A 291 0.84 35.09 17.88
CA SER A 291 0.17 34.30 18.91
C SER A 291 0.73 32.89 19.02
N GLY A 292 2.04 32.76 18.81
CA GLY A 292 2.73 31.50 18.93
C GLY A 292 2.61 30.56 17.75
N GLN A 293 2.08 31.04 16.63
CA GLN A 293 1.78 30.19 15.48
C GLN A 293 2.85 30.35 14.41
N VAL A 294 4.09 30.03 14.78
CA VAL A 294 5.24 30.19 13.90
C VAL A 294 6.10 28.93 13.99
N CYS A 295 6.45 28.37 12.82
CA CYS A 295 7.13 27.08 12.79
C CYS A 295 8.50 27.13 13.46
N THR A 296 9.18 28.26 13.38
CA THR A 296 10.54 28.39 13.91
C THR A 296 10.59 28.80 15.37
N ASN A 297 9.46 28.86 16.07
CA ASN A 297 9.46 29.42 17.42
C ASN A 297 10.36 28.63 18.37
N GLY A 298 11.02 29.36 19.27
CA GLY A 298 11.91 28.78 20.25
C GLY A 298 11.17 28.36 21.51
N THR A 299 10.45 27.25 21.42
CA THR A 299 9.46 26.87 22.41
C THR A 299 10.03 26.00 23.53
N ARG A 300 11.28 25.58 23.43
CA ARG A 300 12.04 25.01 24.52
C ARG A 300 13.14 26.00 24.87
N VAL A 301 12.99 26.67 26.01
CA VAL A 301 13.90 27.72 26.44
C VAL A 301 14.75 27.14 27.56
N PHE A 302 16.03 26.93 27.28
CA PHE A 302 16.95 26.34 28.23
C PHE A 302 17.68 27.46 28.99
N VAL A 303 17.52 27.47 30.30
CA VAL A 303 18.10 28.50 31.14
C VAL A 303 19.01 27.84 32.18
N PRO A 304 20.20 28.40 32.45
CA PRO A 304 21.02 27.82 33.52
C PRO A 304 20.25 27.80 34.83
N ALA A 305 20.39 26.71 35.58
CA ALA A 305 19.67 26.57 36.84
C ALA A 305 19.86 27.78 37.74
N LYS A 306 21.09 28.32 37.78
CA LYS A 306 21.38 29.43 38.69
C LYS A 306 20.67 30.73 38.30
N PHE A 307 20.17 30.82 37.08
CA PHE A 307 19.49 32.01 36.60
C PHE A 307 17.99 31.81 36.46
N LYS A 308 17.47 30.64 36.79
CA LYS A 308 16.09 30.31 36.45
C LYS A 308 15.11 31.27 37.11
N ALA A 309 15.27 31.50 38.41
CA ALA A 309 14.32 32.36 39.11
C ALA A 309 14.33 33.77 38.53
N GLU A 310 15.52 34.36 38.38
CA GLU A 310 15.61 35.70 37.82
C GLU A 310 15.02 35.75 36.41
N PHE A 311 15.29 34.72 35.61
CA PHE A 311 14.76 34.70 34.26
C PHE A 311 13.23 34.64 34.29
N GLU A 312 12.66 33.86 35.21
CA GLU A 312 11.20 33.78 35.30
C GLU A 312 10.60 35.15 35.59
N HIS A 313 11.22 35.92 36.51
CA HIS A 313 10.70 37.25 36.81
C HIS A 313 10.72 38.13 35.57
N LYS A 314 11.80 38.06 34.79
CA LYS A 314 11.90 38.91 33.60
C LYS A 314 10.89 38.49 32.54
N ILE A 315 10.58 37.20 32.46
CA ILE A 315 9.54 36.76 31.54
C ILE A 315 8.18 37.25 32.01
N LEU A 316 7.89 37.11 33.32
CA LEU A 316 6.60 37.55 33.82
C LEU A 316 6.40 39.04 33.54
N GLU A 317 7.45 39.84 33.74
CA GLU A 317 7.32 41.27 33.50
C GLU A 317 6.95 41.55 32.06
N ARG A 318 7.60 40.88 31.13
CA ARG A 318 7.36 41.17 29.72
C ARG A 318 6.01 40.63 29.25
N VAL A 319 5.62 39.45 29.75
CA VAL A 319 4.30 38.92 29.43
C VAL A 319 3.22 39.91 29.86
N GLY A 320 3.42 40.54 31.01
CA GLY A 320 2.44 41.50 31.50
C GLY A 320 2.24 42.70 30.59
N ARG A 321 3.20 42.95 29.70
CA ARG A 321 3.06 44.03 28.75
C ARG A 321 2.27 43.65 27.51
N ILE A 322 2.11 42.35 27.23
CA ILE A 322 1.46 41.92 25.99
C ILE A 322 0.09 42.57 25.93
N ARG A 323 -0.29 43.07 24.74
CA ARG A 323 -1.52 43.83 24.55
C ARG A 323 -2.42 43.09 23.56
N ALA A 324 -3.34 42.30 24.12
CA ALA A 324 -4.41 41.72 23.33
C ALA A 324 -5.53 42.74 23.19
N GLY A 325 -6.17 42.77 22.03
CA GLY A 325 -7.27 43.69 21.83
C GLY A 325 -7.63 43.77 20.36
N ASP A 326 -8.30 44.87 20.01
CA ASP A 326 -8.70 45.17 18.64
C ASP A 326 -7.54 44.97 17.69
N LEU A 327 -7.72 44.03 16.74
CA LEU A 327 -6.62 43.66 15.85
C LEU A 327 -6.21 44.79 14.92
N PHE A 328 -7.04 45.81 14.78
CA PHE A 328 -6.68 46.97 13.95
C PHE A 328 -6.18 48.14 14.78
N ALA A 329 -6.10 47.98 16.10
CA ALA A 329 -5.55 49.03 16.94
C ALA A 329 -4.03 49.01 16.86
N ASP A 330 -3.43 50.21 16.82
CA ASP A 330 -1.99 50.33 16.66
C ASP A 330 -1.24 49.56 17.73
N ASP A 331 -1.74 49.58 18.97
CA ASP A 331 -0.97 49.07 20.09
C ASP A 331 -1.20 47.59 20.36
N THR A 332 -2.11 46.96 19.63
CA THR A 332 -2.31 45.52 19.78
C THR A 332 -1.12 44.77 19.20
N ASN A 333 -0.58 43.84 19.99
CA ASN A 333 0.54 43.01 19.54
C ASN A 333 0.30 41.52 19.79
N PHE A 334 -0.94 41.11 19.96
CA PHE A 334 -1.29 39.72 20.25
C PHE A 334 -2.70 39.45 19.76
N GLY A 335 -2.88 38.35 19.03
CA GLY A 335 -4.18 38.05 18.45
C GLY A 335 -4.77 36.74 18.93
N PRO A 336 -6.00 36.45 18.50
CA PRO A 336 -6.56 35.12 18.71
C PRO A 336 -5.81 34.10 17.88
N LEU A 337 -6.04 32.82 18.16
CA LEU A 337 -5.53 31.78 17.29
C LEU A 337 -6.36 31.74 15.99
N VAL A 338 -5.85 31.03 14.99
CA VAL A 338 -6.43 31.10 13.65
C VAL A 338 -7.83 30.51 13.56
N SER A 339 -8.22 29.66 14.50
CA SER A 339 -9.51 28.99 14.40
C SER A 339 -9.86 28.44 15.76
N PHE A 340 -11.12 28.11 15.94
CA PHE A 340 -11.56 27.58 17.22
C PHE A 340 -11.13 26.12 17.40
N PRO A 341 -11.16 25.30 16.34
CA PRO A 341 -10.58 23.95 16.48
C PRO A 341 -9.11 23.97 16.87
N HIS A 342 -8.34 24.91 16.33
CA HIS A 342 -6.94 25.00 16.73
C HIS A 342 -6.82 25.37 18.20
N ARG A 343 -7.64 26.32 18.66
CA ARG A 343 -7.61 26.67 20.09
C ARG A 343 -7.89 25.44 20.95
N GLN A 344 -8.84 24.61 20.55
CA GLN A 344 -9.13 23.41 21.34
C GLN A 344 -7.90 22.52 21.47
N ASN A 345 -7.11 22.40 20.39
CA ASN A 345 -5.89 21.59 20.45
C ASN A 345 -4.84 22.24 21.35
N VAL A 346 -4.67 23.56 21.24
CA VAL A 346 -3.72 24.25 22.12
C VAL A 346 -4.15 24.10 23.57
N LEU A 347 -5.45 24.19 23.83
CA LEU A 347 -5.90 24.03 25.22
C LEU A 347 -5.66 22.60 25.73
N ARG A 348 -5.79 21.60 24.86
CA ARG A 348 -5.48 20.24 25.32
C ARG A 348 -4.01 20.11 25.71
N TYR A 349 -3.12 20.78 24.98
CA TYR A 349 -1.72 20.76 25.35
C TYR A 349 -1.49 21.47 26.69
N ILE A 350 -2.14 22.60 26.90
CA ILE A 350 -1.99 23.31 28.17
C ILE A 350 -2.46 22.45 29.33
N GLU A 351 -3.60 21.77 29.16
CA GLU A 351 -4.08 20.90 30.24
C GLU A 351 -3.10 19.74 30.48
N SER A 352 -2.46 19.23 29.42
CA SER A 352 -1.48 18.17 29.62
C SER A 352 -0.27 18.70 30.36
N GLY A 353 0.13 19.96 30.11
CA GLY A 353 1.19 20.56 30.89
C GLY A 353 0.85 20.58 32.37
N LYS A 354 -0.37 21.00 32.70
CA LYS A 354 -0.80 21.00 34.10
C LYS A 354 -0.81 19.59 34.67
N SER A 355 -1.41 18.63 33.96
CA SER A 355 -1.58 17.31 34.56
C SER A 355 -0.27 16.55 34.65
N GLU A 356 0.73 16.90 33.84
CA GLU A 356 2.02 16.23 33.93
C GLU A 356 2.97 16.89 34.91
N GLY A 357 2.53 17.94 35.61
CA GLY A 357 3.29 18.49 36.72
C GLY A 357 4.17 19.68 36.42
N ALA A 358 4.08 20.25 35.21
CA ALA A 358 4.80 21.49 34.94
C ALA A 358 4.20 22.62 35.76
N ARG A 359 5.00 23.62 36.09
CA ARG A 359 4.53 24.75 36.88
C ARG A 359 4.07 25.87 35.97
N LEU A 360 2.81 26.28 36.13
CA LEU A 360 2.24 27.34 35.33
C LEU A 360 2.74 28.69 35.84
N LEU A 361 3.60 29.35 35.05
CA LEU A 361 4.10 30.66 35.42
C LEU A 361 3.07 31.75 35.12
N CYS A 362 2.39 31.66 33.98
CA CYS A 362 1.32 32.60 33.66
C CYS A 362 0.46 32.04 32.54
N GLY A 363 -0.74 32.61 32.43
CA GLY A 363 -1.67 32.20 31.39
C GLY A 363 -2.38 30.90 31.65
N GLY A 364 -2.55 30.10 30.61
CA GLY A 364 -3.15 28.80 30.78
C GLY A 364 -4.63 28.73 30.55
N ASP A 365 -5.25 29.80 30.08
CA ASP A 365 -6.69 29.82 29.89
C ASP A 365 -7.01 30.69 28.69
N VAL A 366 -8.28 30.62 28.28
CA VAL A 366 -8.77 31.53 27.25
C VAL A 366 -8.90 32.94 27.82
N LEU A 367 -8.94 33.92 26.93
CA LEU A 367 -9.30 35.27 27.35
C LEU A 367 -10.81 35.40 27.37
N LYS A 368 -11.31 36.24 28.28
CA LYS A 368 -12.73 36.36 28.53
C LYS A 368 -13.12 37.83 28.62
N GLY A 369 -14.40 38.10 28.39
CA GLY A 369 -14.93 39.43 28.49
C GLY A 369 -15.42 39.94 27.15
N GLU A 370 -16.01 41.14 27.19
CA GLU A 370 -16.48 41.77 25.96
C GLU A 370 -15.34 41.86 24.95
N GLY A 371 -15.64 41.43 23.72
CA GLY A 371 -14.67 41.48 22.64
C GLY A 371 -13.81 40.26 22.49
N PHE A 372 -13.60 39.50 23.57
CA PHE A 372 -12.80 38.29 23.49
C PHE A 372 -13.63 37.03 23.42
N ASP A 373 -14.84 37.07 23.97
CA ASP A 373 -15.66 35.87 24.06
C ASP A 373 -16.03 35.32 22.69
N ASN A 374 -16.03 36.16 21.66
CA ASN A 374 -16.34 35.74 20.30
C ASN A 374 -15.12 35.40 19.47
N GLY A 375 -13.92 35.49 20.05
CA GLY A 375 -12.71 35.13 19.33
C GLY A 375 -11.97 33.94 19.93
N ALA A 376 -11.09 33.33 19.14
CA ALA A 376 -10.40 32.11 19.55
C ALA A 376 -9.12 32.43 20.32
N TRP A 377 -9.28 33.16 21.43
CA TRP A 377 -8.15 33.67 22.17
C TRP A 377 -7.64 32.68 23.21
N VAL A 378 -6.31 32.59 23.31
CA VAL A 378 -5.62 31.91 24.40
C VAL A 378 -4.63 32.89 25.00
N ALA A 379 -4.62 32.99 26.33
CA ALA A 379 -3.68 33.89 26.99
C ALA A 379 -2.24 33.45 26.74
N PRO A 380 -1.30 34.38 26.67
CA PRO A 380 0.12 34.00 26.61
C PRO A 380 0.47 33.13 27.81
N THR A 381 1.04 31.96 27.53
CA THR A 381 1.23 30.93 28.55
C THR A 381 2.70 30.52 28.65
N VAL A 382 3.16 30.38 29.90
CA VAL A 382 4.52 29.93 30.17
C VAL A 382 4.49 28.82 31.21
N PHE A 383 5.08 27.68 30.88
CA PHE A 383 5.33 26.61 31.83
C PHE A 383 6.80 26.62 32.20
N THR A 384 7.10 26.30 33.45
CA THR A 384 8.47 26.15 33.90
C THR A 384 8.55 24.88 34.75
N ASP A 385 9.73 24.60 35.29
CA ASP A 385 9.98 23.31 35.93
C ASP A 385 9.70 22.15 34.97
N CYS A 386 9.92 22.39 33.68
CA CYS A 386 9.62 21.39 32.68
C CYS A 386 10.72 20.35 32.59
N THR A 387 10.35 19.14 32.16
CA THR A 387 11.30 18.06 31.94
C THR A 387 11.13 17.52 30.52
N ASP A 388 12.18 16.85 30.04
CA ASP A 388 12.28 16.49 28.63
C ASP A 388 11.23 15.47 28.20
N ASP A 389 10.65 14.74 29.13
CA ASP A 389 9.67 13.72 28.79
C ASP A 389 8.25 14.26 28.73
N MET A 390 8.02 15.52 29.09
CA MET A 390 6.67 16.06 29.10
C MET A 390 6.14 16.24 27.68
N THR A 391 4.84 16.03 27.53
CA THR A 391 4.20 16.21 26.22
C THR A 391 4.42 17.61 25.67
N ILE A 392 4.26 18.65 26.51
CA ILE A 392 4.42 20.01 26.00
C ILE A 392 5.86 20.31 25.61
N VAL A 393 6.81 19.52 26.11
CA VAL A 393 8.20 19.73 25.75
C VAL A 393 8.54 18.97 24.48
N ARG A 394 7.91 17.81 24.27
CA ARG A 394 8.26 16.96 23.14
C ARG A 394 7.54 17.33 21.84
N GLU A 395 6.36 17.93 21.92
CA GLU A 395 5.50 18.09 20.76
C GLU A 395 5.29 19.56 20.44
N GLU A 396 5.19 19.84 19.14
CA GLU A 396 4.89 21.19 18.70
C GLU A 396 3.44 21.52 19.03
N ILE A 397 3.24 22.65 19.71
CA ILE A 397 1.92 23.08 20.14
C ILE A 397 1.31 24.07 19.15
N PHE A 398 2.12 24.95 18.60
CA PHE A 398 1.68 25.95 17.63
C PHE A 398 0.66 26.90 18.24
N GLY A 399 0.88 27.21 19.51
CA GLY A 399 0.16 28.25 20.20
C GLY A 399 1.12 28.97 21.13
N PRO A 400 0.60 29.92 21.89
CA PRO A 400 1.46 30.77 22.74
C PRO A 400 1.80 30.09 24.06
N VAL A 401 2.69 29.11 23.97
CA VAL A 401 3.07 28.27 25.12
C VAL A 401 4.57 28.06 25.12
N MET A 402 5.24 28.76 26.02
CA MET A 402 6.67 28.64 26.24
C MET A 402 6.93 27.62 27.34
N SER A 403 7.93 26.76 27.13
CA SER A 403 8.39 25.79 28.13
C SER A 403 9.81 26.15 28.56
N ILE A 404 9.99 26.42 29.85
CA ILE A 404 11.29 26.78 30.39
C ILE A 404 11.90 25.56 31.06
N LEU A 405 13.12 25.23 30.67
CA LEU A 405 13.85 24.06 31.14
C LEU A 405 15.19 24.50 31.71
N SER A 406 15.51 24.03 32.91
CA SER A 406 16.79 24.34 33.55
CA SER A 406 16.80 24.37 33.52
C SER A 406 17.86 23.35 33.11
N TYR A 407 19.10 23.82 33.07
CA TYR A 407 20.22 22.94 32.76
C TYR A 407 21.45 23.34 33.56
N ASP A 408 22.41 22.43 33.62
CA ASP A 408 23.62 22.60 34.40
C ASP A 408 24.87 22.88 33.59
N ASP A 409 25.08 22.23 32.45
CA ASP A 409 26.34 22.42 31.74
C ASP A 409 26.14 22.37 30.23
N GLU A 410 27.17 22.84 29.51
CA GLU A 410 27.06 23.04 28.07
C GLU A 410 26.89 21.72 27.32
N ALA A 411 27.66 20.69 27.67
CA ALA A 411 27.49 19.41 26.99
C ALA A 411 26.06 18.90 27.15
N GLU A 412 25.50 19.04 28.35
CA GLU A 412 24.14 18.61 28.61
C GLU A 412 23.12 19.34 27.74
N VAL A 413 23.23 20.66 27.67
CA VAL A 413 22.19 21.40 26.97
C VAL A 413 22.25 21.13 25.48
N ILE A 414 23.45 20.88 24.94
CA ILE A 414 23.56 20.51 23.53
C ILE A 414 22.88 19.18 23.28
N ARG A 415 23.15 18.20 24.15
CA ARG A 415 22.51 16.89 24.01
C ARG A 415 21.00 17.01 24.03
N ARG A 416 20.46 17.76 25.00
CA ARG A 416 19.03 17.85 25.16
C ARG A 416 18.40 18.66 24.04
N ALA A 417 19.09 19.71 23.59
CA ALA A 417 18.59 20.50 22.46
C ALA A 417 18.43 19.62 21.22
N ASN A 418 19.37 18.73 20.99
CA ASN A 418 19.37 17.87 19.81
C ASN A 418 18.53 16.61 19.95
N ALA A 419 18.08 16.30 21.16
CA ALA A 419 17.37 15.05 21.44
C ALA A 419 15.90 15.21 21.06
N THR A 420 15.66 15.30 19.76
CA THR A 420 14.33 15.51 19.21
C THR A 420 14.37 15.10 17.74
N GLU A 421 13.20 14.70 17.23
CA GLU A 421 13.03 14.40 15.81
C GLU A 421 12.91 15.66 14.98
N TYR A 422 12.57 16.78 15.62
CA TYR A 422 12.50 18.05 14.92
C TYR A 422 13.92 18.60 14.69
N GLY A 423 14.01 19.64 13.86
CA GLY A 423 15.29 20.23 13.57
C GLY A 423 15.19 21.46 12.70
N LEU A 424 14.20 22.30 12.98
CA LEU A 424 13.97 23.45 12.12
C LEU A 424 14.90 24.61 12.46
N ALA A 425 14.81 25.13 13.68
CA ALA A 425 15.57 26.30 14.09
C ALA A 425 16.22 26.06 15.44
N ALA A 426 17.06 27.00 15.85
CA ALA A 426 17.73 26.96 17.14
C ALA A 426 18.40 28.32 17.36
N GLY A 427 18.78 28.60 18.60
CA GLY A 427 19.52 29.82 18.84
C GLY A 427 20.25 29.77 20.17
N VAL A 428 21.22 30.68 20.32
CA VAL A 428 21.99 30.83 21.54
C VAL A 428 22.09 32.31 21.89
N VAL A 429 22.05 32.60 23.19
CA VAL A 429 22.28 33.95 23.71
C VAL A 429 23.56 33.89 24.53
N THR A 430 24.61 34.56 24.04
CA THR A 430 25.89 34.63 24.75
C THR A 430 26.71 35.75 24.13
N PRO A 431 27.41 36.55 24.95
CA PRO A 431 28.36 37.53 24.41
C PRO A 431 29.71 36.94 24.01
N ASP A 432 29.95 35.67 24.30
CA ASP A 432 31.24 35.04 24.13
C ASP A 432 31.40 34.51 22.70
N LEU A 433 32.49 34.91 22.06
CA LEU A 433 32.78 34.50 20.69
C LEU A 433 32.81 32.97 20.55
N ASN A 434 33.64 32.30 21.35
CA ASN A 434 33.82 30.87 21.18
C ASN A 434 32.54 30.11 21.54
N ARG A 435 31.88 30.50 22.63
CA ARG A 435 30.64 29.81 23.01
C ARG A 435 29.58 29.91 21.91
N ALA A 436 29.44 31.08 21.30
CA ALA A 436 28.40 31.29 20.32
C ALA A 436 28.58 30.36 19.13
N HIS A 437 29.75 30.40 18.49
CA HIS A 437 29.98 29.60 17.30
C HIS A 437 30.07 28.11 17.64
N ARG A 438 30.75 27.78 18.75
CA ARG A 438 30.94 26.39 19.16
C ARG A 438 29.62 25.70 19.41
N ILE A 439 28.70 26.36 20.12
CA ILE A 439 27.42 25.73 20.41
C ILE A 439 26.60 25.59 19.14
N ILE A 440 26.52 26.67 18.36
CA ILE A 440 25.67 26.65 17.17
C ILE A 440 26.11 25.58 16.20
N HIS A 441 27.43 25.37 16.04
CA HIS A 441 27.92 24.38 15.09
C HIS A 441 27.50 22.97 15.47
N GLN A 442 27.17 22.73 16.72
CA GLN A 442 26.78 21.41 17.19
C GLN A 442 25.27 21.19 17.19
N LEU A 443 24.47 22.21 16.91
CA LEU A 443 23.03 22.05 16.96
C LEU A 443 22.51 21.48 15.64
N GLU A 444 21.54 20.58 15.74
CA GLU A 444 20.99 19.90 14.56
C GLU A 444 19.73 20.63 14.08
N ALA A 445 19.96 21.80 13.49
CA ALA A 445 18.87 22.64 12.99
C ALA A 445 19.36 23.42 11.78
N GLY A 446 18.43 23.72 10.86
CA GLY A 446 18.79 24.43 9.64
C GLY A 446 18.86 25.93 9.76
N ILE A 447 18.24 26.51 10.79
CA ILE A 447 18.08 27.95 10.92
C ILE A 447 18.56 28.31 12.33
N CYS A 448 19.69 29.00 12.44
CA CYS A 448 20.31 29.27 13.73
C CYS A 448 20.54 30.77 13.92
N TRP A 449 20.12 31.27 15.09
CA TRP A 449 20.19 32.67 15.42
C TRP A 449 21.09 32.87 16.64
N ILE A 450 22.04 33.79 16.53
CA ILE A 450 22.90 34.18 17.64
C ILE A 450 22.49 35.57 18.11
N ASN A 451 22.04 35.64 19.35
CA ASN A 451 21.67 36.89 20.01
C ASN A 451 20.55 37.61 19.28
N SER A 452 19.60 36.83 18.77
CA SER A 452 18.43 37.35 18.07
CA SER A 452 18.45 37.35 18.05
C SER A 452 17.48 36.19 17.84
N TRP A 453 16.34 36.48 17.21
CA TRP A 453 15.42 35.44 16.80
C TRP A 453 14.54 36.00 15.70
N GLY A 454 14.28 35.20 14.66
CA GLY A 454 13.16 35.42 13.77
C GLY A 454 13.46 36.11 12.45
N GLU A 455 14.60 36.77 12.30
CA GLU A 455 14.87 37.42 11.01
C GLU A 455 15.20 36.36 9.97
N SER A 456 14.62 36.51 8.77
CA SER A 456 14.73 35.49 7.72
C SER A 456 15.02 36.20 6.41
N PRO A 457 16.26 36.68 6.23
CA PRO A 457 16.58 37.47 5.04
C PRO A 457 16.37 36.66 3.76
N ALA A 458 15.98 37.37 2.70
CA ALA A 458 15.77 36.71 1.42
C ALA A 458 17.01 35.93 0.99
N GLU A 459 18.20 36.42 1.38
CA GLU A 459 19.46 35.78 0.99
C GLU A 459 19.73 34.48 1.72
N MET A 460 19.04 34.22 2.83
CA MET A 460 19.43 33.17 3.75
C MET A 460 18.59 31.92 3.52
N PRO A 461 19.17 30.82 3.07
CA PRO A 461 18.39 29.59 2.93
C PRO A 461 17.85 29.12 4.28
N VAL A 462 16.59 28.68 4.26
CA VAL A 462 15.90 28.25 5.47
C VAL A 462 15.13 26.96 5.20
N GLY A 463 15.25 26.03 6.15
CA GLY A 463 14.53 24.78 6.13
C GLY A 463 15.04 23.91 7.25
N GLY A 464 14.48 22.71 7.32
CA GLY A 464 14.66 21.86 8.47
C GLY A 464 15.63 20.71 8.27
N TYR A 465 16.30 20.35 9.37
CA TYR A 465 16.92 19.05 9.54
C TYR A 465 15.87 18.00 9.93
N LYS A 466 16.21 16.73 9.72
CA LYS A 466 15.46 15.59 10.30
C LYS A 466 14.00 15.69 9.89
N HIS A 467 13.04 15.55 10.81
CA HIS A 467 11.64 15.51 10.43
C HIS A 467 11.05 16.90 10.19
N SER A 468 11.86 17.95 10.29
CA SER A 468 11.32 19.29 10.08
C SER A 468 11.34 19.74 8.63
N GLY A 469 11.94 18.99 7.72
CA GLY A 469 11.84 19.41 6.34
C GLY A 469 12.70 18.61 5.37
N ILE A 470 12.42 18.87 4.10
CA ILE A 470 13.18 18.44 2.94
C ILE A 470 13.45 19.68 2.09
N GLY A 471 14.71 19.90 1.72
CA GLY A 471 15.02 21.05 0.89
C GLY A 471 15.01 22.36 1.66
N ARG A 472 15.09 23.45 0.90
CA ARG A 472 15.22 24.77 1.48
C ARG A 472 14.37 25.76 0.69
N GLU A 473 14.10 26.89 1.31
CA GLU A 473 13.52 28.05 0.65
C GLU A 473 14.47 29.24 0.86
N ASN A 474 14.35 30.21 -0.04
CA ASN A 474 15.16 31.43 -0.06
C ASN A 474 16.61 31.13 -0.38
N GLY A 475 17.40 32.19 -0.57
CA GLY A 475 18.79 32.07 -1.00
C GLY A 475 18.93 31.72 -2.47
N VAL A 476 20.17 31.86 -2.96
CA VAL A 476 20.45 31.53 -4.36
CA VAL A 476 20.43 31.54 -4.37
C VAL A 476 20.09 30.08 -4.65
N MET A 477 20.34 29.19 -3.69
CA MET A 477 20.16 27.76 -3.95
C MET A 477 18.72 27.42 -4.29
N THR A 478 17.75 28.20 -3.79
CA THR A 478 16.35 27.85 -4.05
C THR A 478 15.91 28.25 -5.46
N LEU A 479 16.50 29.31 -6.04
CA LEU A 479 16.29 29.57 -7.46
C LEU A 479 16.78 28.40 -8.30
N GLN A 480 17.97 27.89 -7.98
CA GLN A 480 18.53 26.76 -8.70
C GLN A 480 17.70 25.49 -8.53
N SER A 481 17.12 25.29 -7.34
CA SER A 481 16.35 24.07 -7.07
C SER A 481 15.01 24.08 -7.78
N TYR A 482 14.60 25.20 -8.37
CA TYR A 482 13.42 25.21 -9.24
C TYR A 482 13.81 25.08 -10.70
N THR A 483 15.05 24.70 -10.97
CA THR A 483 15.45 24.27 -12.30
C THR A 483 15.90 22.82 -12.23
N GLN A 484 15.98 22.20 -13.40
CA GLN A 484 16.56 20.87 -13.54
C GLN A 484 17.73 20.94 -14.50
N VAL A 485 18.76 20.16 -14.21
CA VAL A 485 20.01 20.20 -14.94
C VAL A 485 19.91 19.25 -16.13
N LYS A 486 20.24 19.76 -17.31
CA LYS A 486 20.43 18.96 -18.51
C LYS A 486 21.92 19.02 -18.84
N SER A 487 22.56 17.85 -18.92
CA SER A 487 23.96 17.75 -19.32
C SER A 487 24.01 17.36 -20.78
N ILE A 488 24.84 18.07 -21.55
CA ILE A 488 24.94 17.89 -23.00
C ILE A 488 26.40 17.68 -23.33
N GLN A 489 26.72 16.53 -23.92
CA GLN A 489 28.08 16.27 -24.40
C GLN A 489 28.15 16.51 -25.90
N VAL A 490 29.09 17.37 -26.31
CA VAL A 490 29.42 17.57 -27.71
C VAL A 490 30.67 16.72 -28.00
N GLU A 491 30.52 15.66 -28.79
CA GLU A 491 31.65 14.84 -29.23
C GLU A 491 32.05 15.26 -30.64
N MET A 492 33.20 15.93 -30.77
CA MET A 492 33.72 16.35 -32.07
C MET A 492 34.71 15.37 -32.65
N GLY A 493 35.15 14.38 -31.88
CA GLY A 493 36.05 13.36 -32.40
C GLY A 493 35.25 12.22 -32.98
N PRO A 494 35.94 11.28 -33.63
CA PRO A 494 35.24 10.15 -34.25
C PRO A 494 34.75 9.18 -33.17
N PHE A 495 33.48 8.82 -33.25
CA PHE A 495 32.90 7.91 -32.27
C PHE A 495 33.36 6.50 -32.56
N GLN A 496 33.80 5.79 -31.52
CA GLN A 496 34.26 4.41 -31.66
C GLN A 496 33.22 3.47 -31.08
N SER A 497 32.66 2.62 -31.94
CA SER A 497 31.83 1.52 -31.49
C SER A 497 32.71 0.28 -31.38
N ILE A 498 32.42 -0.57 -30.38
CA ILE A 498 33.12 -1.84 -30.25
C ILE A 498 32.44 -2.96 -31.04
N PHE A 499 31.34 -2.68 -31.71
CA PHE A 499 30.62 -3.70 -32.47
C PHE A 499 30.96 -3.60 -33.96
N HIS B 7 -43.29 10.14 -25.69
CA HIS B 7 -44.28 10.77 -24.76
C HIS B 7 -44.06 10.31 -23.32
N HIS B 8 -42.83 9.89 -23.05
CA HIS B 8 -42.32 9.66 -21.71
C HIS B 8 -41.01 10.42 -21.54
N HIS B 9 -40.94 11.61 -22.14
CA HIS B 9 -39.97 12.64 -21.79
C HIS B 9 -40.40 13.23 -20.46
N MET B 10 -39.88 12.70 -19.37
CA MET B 10 -40.33 13.11 -18.05
C MET B 10 -39.71 14.45 -17.68
N SER B 11 -40.54 15.36 -17.18
CA SER B 11 -40.02 16.52 -16.50
C SER B 11 -39.03 16.09 -15.43
N ARG B 12 -37.96 16.87 -15.29
CA ARG B 12 -37.04 16.72 -14.18
C ARG B 12 -37.79 16.34 -12.91
N MET B 13 -37.32 15.27 -12.26
CA MET B 13 -37.84 14.87 -10.96
C MET B 13 -37.23 15.75 -9.87
N ALA B 14 -37.79 15.63 -8.67
CA ALA B 14 -37.22 16.32 -7.53
C ALA B 14 -35.79 15.86 -7.26
N GLU B 15 -35.01 16.73 -6.65
CA GLU B 15 -33.67 16.35 -6.21
C GLU B 15 -33.77 15.22 -5.21
N GLN B 16 -33.04 14.14 -5.47
CA GLN B 16 -33.15 12.94 -4.66
C GLN B 16 -32.20 13.05 -3.48
N GLN B 17 -32.70 12.75 -2.30
CA GLN B 17 -31.95 12.87 -1.07
C GLN B 17 -31.51 11.50 -0.57
N LEU B 18 -30.72 11.50 0.48
CA LEU B 18 -30.40 10.27 1.16
C LEU B 18 -31.62 9.79 1.93
N TYR B 19 -31.65 8.51 2.25
CA TYR B 19 -32.69 7.93 3.08
C TYR B 19 -32.03 7.34 4.32
N ILE B 20 -32.23 7.99 5.45
CA ILE B 20 -31.60 7.58 6.70
C ILE B 20 -32.67 7.67 7.79
N HIS B 21 -32.92 6.54 8.45
CA HIS B 21 -33.80 6.44 9.60
C HIS B 21 -35.24 6.83 9.28
N GLY B 22 -35.79 6.22 8.24
CA GLY B 22 -37.19 6.35 7.94
C GLY B 22 -37.59 7.66 7.33
N LYS B 23 -36.64 8.42 6.80
CA LYS B 23 -36.98 9.68 6.17
C LYS B 23 -35.87 10.07 5.20
N PHE B 24 -36.24 10.93 4.25
CA PHE B 24 -35.27 11.54 3.37
C PHE B 24 -34.55 12.65 4.10
N VAL B 25 -33.23 12.71 3.92
CA VAL B 25 -32.41 13.69 4.62
C VAL B 25 -31.37 14.21 3.65
N ALA B 26 -31.05 15.50 3.77
CA ALA B 26 -30.06 16.12 2.91
C ALA B 26 -28.66 15.57 3.20
N ALA B 27 -27.91 15.30 2.14
CA ALA B 27 -26.50 14.97 2.32
C ALA B 27 -25.74 16.19 2.82
N THR B 28 -24.67 15.93 3.56
CA THR B 28 -23.78 16.99 4.04
C THR B 28 -22.49 17.03 3.25
N SER B 29 -22.39 16.22 2.19
CA SER B 29 -21.18 16.20 1.39
C SER B 29 -21.05 17.45 0.54
N GLY B 30 -22.16 18.13 0.27
CA GLY B 30 -22.15 19.21 -0.69
C GLY B 30 -22.01 18.76 -2.13
N LYS B 31 -22.15 17.47 -2.41
CA LYS B 31 -21.94 16.95 -3.76
C LYS B 31 -23.24 16.34 -4.29
N THR B 32 -23.44 16.49 -5.59
CA THR B 32 -24.56 15.86 -6.27
C THR B 32 -24.07 15.30 -7.60
N PHE B 33 -24.88 14.43 -8.20
CA PHE B 33 -24.67 13.92 -9.55
C PHE B 33 -26.01 13.80 -10.25
N GLU B 34 -25.98 13.51 -11.55
CA GLU B 34 -27.18 13.38 -12.35
C GLU B 34 -27.34 11.95 -12.84
N THR B 35 -28.58 11.47 -12.87
CA THR B 35 -28.90 10.22 -13.55
C THR B 35 -29.68 10.55 -14.82
N ILE B 36 -29.33 9.85 -15.90
CA ILE B 36 -29.79 10.13 -17.25
C ILE B 36 -30.81 9.08 -17.67
N ASN B 37 -31.76 9.51 -18.50
CA ASN B 37 -32.65 8.60 -19.20
C ASN B 37 -31.90 8.11 -20.44
N PRO B 38 -31.45 6.85 -20.48
CA PRO B 38 -30.60 6.42 -21.60
C PRO B 38 -31.34 6.34 -22.93
N ALA B 39 -32.67 6.39 -22.94
CA ALA B 39 -33.40 6.42 -24.20
C ALA B 39 -33.41 7.81 -24.82
N THR B 40 -33.23 8.85 -24.03
CA THR B 40 -33.33 10.22 -24.54
C THR B 40 -32.12 11.09 -24.28
N GLY B 41 -31.25 10.74 -23.34
CA GLY B 41 -30.18 11.62 -22.94
C GLY B 41 -30.56 12.72 -21.99
N GLU B 42 -31.83 12.81 -21.61
CA GLU B 42 -32.28 13.86 -20.71
C GLU B 42 -31.93 13.52 -19.26
N VAL B 43 -31.70 14.56 -18.46
CA VAL B 43 -31.51 14.36 -17.03
C VAL B 43 -32.83 13.96 -16.39
N LEU B 44 -32.82 12.84 -15.69
CA LEU B 44 -33.97 12.40 -14.90
C LEU B 44 -34.02 13.11 -13.56
N ALA B 45 -32.88 13.20 -12.88
CA ALA B 45 -32.86 13.75 -11.54
C ALA B 45 -31.44 14.16 -11.19
N THR B 46 -31.36 15.19 -10.35
CA THR B 46 -30.15 15.45 -9.57
C THR B 46 -30.28 14.60 -8.31
N VAL B 47 -29.17 14.00 -7.90
CA VAL B 47 -29.15 13.05 -6.78
C VAL B 47 -28.04 13.48 -5.84
N GLN B 48 -28.34 13.50 -4.55
CA GLN B 48 -27.32 13.83 -3.56
C GLN B 48 -26.40 12.64 -3.32
N ALA B 49 -25.13 12.95 -3.07
CA ALA B 49 -24.11 11.93 -2.86
C ALA B 49 -23.68 11.91 -1.40
N ALA B 50 -23.74 10.73 -0.79
CA ALA B 50 -23.40 10.57 0.62
C ALA B 50 -21.91 10.75 0.84
N GLY B 51 -21.57 11.62 1.80
CA GLY B 51 -20.20 11.81 2.20
C GLY B 51 -19.83 10.90 3.37
N ARG B 52 -18.66 11.16 3.92
CA ARG B 52 -18.16 10.29 4.98
C ARG B 52 -19.00 10.43 6.24
N GLU B 53 -19.34 11.67 6.64
CA GLU B 53 -20.19 11.89 7.80
C GLU B 53 -21.59 11.30 7.59
N ASP B 54 -22.10 11.38 6.36
CA ASP B 54 -23.39 10.78 6.06
C ASP B 54 -23.37 9.27 6.26
N VAL B 55 -22.28 8.62 5.88
CA VAL B 55 -22.16 7.18 6.10
C VAL B 55 -22.15 6.87 7.60
N ASP B 56 -21.36 7.63 8.37
CA ASP B 56 -21.33 7.36 9.81
C ASP B 56 -22.72 7.56 10.42
N ARG B 57 -23.43 8.61 9.99
CA ARG B 57 -24.80 8.79 10.43
C ARG B 57 -25.68 7.60 10.08
N ALA B 58 -25.51 7.07 8.87
CA ALA B 58 -26.31 5.93 8.46
C ALA B 58 -25.98 4.71 9.32
N VAL B 59 -24.71 4.56 9.71
CA VAL B 59 -24.35 3.42 10.54
C VAL B 59 -24.97 3.54 11.93
N LYS B 60 -24.92 4.74 12.52
CA LYS B 60 -25.51 4.92 13.85
C LYS B 60 -27.02 4.73 13.81
N SER B 61 -27.67 5.19 12.74
CA SER B 61 -29.09 4.91 12.55
C SER B 61 -29.35 3.41 12.42
N ALA B 62 -28.53 2.73 11.62
CA ALA B 62 -28.69 1.30 11.41
C ALA B 62 -28.47 0.52 12.70
N GLN B 63 -27.50 0.94 13.52
CA GLN B 63 -27.28 0.26 14.79
C GLN B 63 -28.52 0.35 15.67
N GLN B 64 -29.15 1.52 15.70
CA GLN B 64 -30.33 1.72 16.54
C GLN B 64 -31.52 0.91 16.02
N GLY B 65 -31.77 0.93 14.72
CA GLY B 65 -32.87 0.16 14.17
C GLY B 65 -32.67 -1.34 14.24
N GLN B 66 -31.43 -1.80 14.03
CA GLN B 66 -31.17 -3.24 14.09
C GLN B 66 -31.56 -3.80 15.45
N LYS B 67 -31.35 -3.03 16.52
CA LYS B 67 -31.69 -3.52 17.86
C LYS B 67 -33.19 -3.77 17.99
N VAL B 68 -34.00 -2.80 17.54
CA VAL B 68 -35.45 -2.96 17.56
C VAL B 68 -35.85 -4.17 16.73
N TRP B 69 -35.27 -4.28 15.53
CA TRP B 69 -35.66 -5.31 14.59
C TRP B 69 -35.35 -6.70 15.13
N ALA B 70 -34.16 -6.87 15.69
CA ALA B 70 -33.75 -8.20 16.14
C ALA B 70 -34.48 -8.63 17.40
N ALA B 71 -34.98 -7.68 18.19
CA ALA B 71 -35.66 -8.02 19.43
C ALA B 71 -37.10 -8.48 19.20
N MET B 72 -37.68 -8.12 18.05
CA MET B 72 -38.97 -8.63 17.65
C MET B 72 -38.95 -10.15 17.54
N SER B 73 -40.14 -10.75 17.56
CA SER B 73 -40.24 -12.18 17.30
C SER B 73 -39.91 -12.46 15.83
N ALA B 74 -39.56 -13.71 15.57
CA ALA B 74 -39.30 -14.13 14.20
C ALA B 74 -40.53 -13.88 13.32
N MET B 75 -41.72 -14.24 13.80
CA MET B 75 -42.89 -14.08 12.95
C MET B 75 -43.26 -12.61 12.77
N ALA B 76 -42.97 -11.76 13.75
CA ALA B 76 -43.20 -10.33 13.56
C ALA B 76 -42.35 -9.78 12.41
N ARG B 77 -41.09 -10.22 12.32
CA ARG B 77 -40.26 -9.83 11.18
C ARG B 77 -40.83 -10.38 9.87
N SER B 78 -41.25 -11.65 9.88
CA SER B 78 -41.80 -12.27 8.68
CA SER B 78 -41.79 -12.26 8.68
C SER B 78 -42.99 -11.47 8.15
N ARG B 79 -43.87 -11.03 9.04
CA ARG B 79 -45.09 -10.34 8.62
C ARG B 79 -44.78 -8.98 8.01
N ILE B 80 -43.78 -8.28 8.57
CA ILE B 80 -43.39 -6.99 8.02
C ILE B 80 -42.80 -7.16 6.62
N LEU B 81 -41.89 -8.11 6.44
CA LEU B 81 -41.34 -8.32 5.10
C LEU B 81 -42.44 -8.76 4.11
N ARG B 82 -43.40 -9.56 4.57
CA ARG B 82 -44.51 -9.95 3.71
CA ARG B 82 -44.50 -9.95 3.70
C ARG B 82 -45.35 -8.74 3.31
N LYS B 83 -45.54 -7.79 4.22
CA LYS B 83 -46.26 -6.57 3.86
C LYS B 83 -45.54 -5.81 2.78
N ALA B 84 -44.20 -5.77 2.84
CA ALA B 84 -43.44 -5.14 1.78
C ALA B 84 -43.63 -5.88 0.45
N VAL B 85 -43.65 -7.21 0.48
CA VAL B 85 -43.95 -7.99 -0.73
C VAL B 85 -45.30 -7.56 -1.31
N ASP B 86 -46.33 -7.47 -0.46
CA ASP B 86 -47.66 -7.10 -0.95
C ASP B 86 -47.63 -5.74 -1.64
N ILE B 87 -46.93 -4.76 -1.06
CA ILE B 87 -46.84 -3.45 -1.69
C ILE B 87 -46.10 -3.54 -3.02
N LEU B 88 -45.00 -4.30 -3.07
CA LEU B 88 -44.27 -4.45 -4.32
C LEU B 88 -45.13 -5.07 -5.41
N ARG B 89 -45.96 -6.06 -5.06
CA ARG B 89 -46.88 -6.62 -6.06
C ARG B 89 -47.87 -5.56 -6.55
N GLU B 90 -48.43 -4.77 -5.65
CA GLU B 90 -49.40 -3.77 -6.03
C GLU B 90 -48.77 -2.71 -6.94
N ARG B 91 -47.52 -2.34 -6.66
CA ARG B 91 -46.87 -1.24 -7.35
C ARG B 91 -45.95 -1.71 -8.46
N ASN B 92 -46.10 -2.97 -8.87
CA ASN B 92 -45.21 -3.54 -9.88
C ASN B 92 -45.09 -2.65 -11.12
N ASP B 93 -46.21 -2.24 -11.70
CA ASP B 93 -46.13 -1.51 -12.95
C ASP B 93 -45.53 -0.13 -12.76
N GLU B 94 -45.90 0.54 -11.66
CA GLU B 94 -45.36 1.86 -11.38
C GLU B 94 -43.85 1.81 -11.16
N LEU B 95 -43.37 0.80 -10.42
CA LEU B 95 -41.93 0.66 -10.21
C LEU B 95 -41.21 0.27 -11.50
N ALA B 96 -41.82 -0.58 -12.32
CA ALA B 96 -41.20 -1.02 -13.56
C ALA B 96 -41.00 0.14 -14.53
N ARG B 97 -41.99 1.01 -14.64
CA ARG B 97 -41.84 2.18 -15.49
CA ARG B 97 -41.86 2.20 -15.47
C ARG B 97 -40.67 3.05 -15.04
N LEU B 98 -40.50 3.23 -13.73
CA LEU B 98 -39.36 4.02 -13.26
C LEU B 98 -38.04 3.31 -13.58
N GLU B 99 -37.99 2.00 -13.38
CA GLU B 99 -36.79 1.23 -13.73
C GLU B 99 -36.48 1.35 -15.21
N THR B 100 -37.51 1.30 -16.05
CA THR B 100 -37.30 1.49 -17.49
C THR B 100 -36.73 2.87 -17.80
N LEU B 101 -37.25 3.91 -17.15
CA LEU B 101 -36.73 5.25 -17.38
C LEU B 101 -35.26 5.35 -16.98
N ASP B 102 -34.89 4.71 -15.86
CA ASP B 102 -33.55 4.88 -15.31
C ASP B 102 -32.53 3.98 -16.02
N THR B 103 -32.95 2.81 -16.51
CA THR B 103 -32.03 1.81 -17.05
C THR B 103 -32.05 1.68 -18.56
N GLY B 104 -33.13 2.08 -19.22
CA GLY B 104 -33.31 1.81 -20.63
C GLY B 104 -33.81 0.42 -20.96
N LYS B 105 -34.10 -0.43 -19.96
CA LYS B 105 -34.60 -1.74 -20.29
C LYS B 105 -36.09 -1.66 -20.64
N PRO B 106 -36.54 -2.44 -21.63
CA PRO B 106 -37.94 -2.37 -22.03
C PRO B 106 -38.88 -2.69 -20.87
N LEU B 107 -40.03 -2.00 -20.87
CA LEU B 107 -41.07 -2.29 -19.88
C LEU B 107 -41.53 -3.74 -19.97
N SER B 108 -41.45 -4.33 -21.16
CA SER B 108 -41.81 -5.75 -21.30
C SER B 108 -40.91 -6.63 -20.44
N GLU B 109 -39.70 -6.17 -20.14
CA GLU B 109 -38.85 -6.85 -19.19
C GLU B 109 -39.11 -6.39 -17.75
N THR B 110 -39.08 -5.07 -17.50
CA THR B 110 -39.09 -4.62 -16.11
C THR B 110 -40.40 -4.95 -15.41
N ALA B 111 -41.53 -4.96 -16.14
CA ALA B 111 -42.80 -5.28 -15.52
C ALA B 111 -43.02 -6.78 -15.35
N ALA B 112 -42.19 -7.61 -15.97
CA ALA B 112 -42.33 -9.06 -15.88
C ALA B 112 -41.27 -9.72 -15.03
N VAL B 113 -40.10 -9.12 -14.88
CA VAL B 113 -38.96 -9.77 -14.24
C VAL B 113 -38.49 -9.00 -13.01
N ASP B 114 -38.16 -7.72 -13.19
CA ASP B 114 -37.34 -7.01 -12.20
C ASP B 114 -38.01 -6.97 -10.84
N ILE B 115 -39.23 -6.48 -10.76
CA ILE B 115 -39.87 -6.44 -9.45
C ILE B 115 -40.45 -7.80 -9.08
N VAL B 116 -40.99 -8.53 -10.07
CA VAL B 116 -41.57 -9.83 -9.79
C VAL B 116 -40.57 -10.73 -9.06
N THR B 117 -39.35 -10.84 -9.61
CA THR B 117 -38.38 -11.77 -9.05
C THR B 117 -37.67 -11.16 -7.83
N GLY B 118 -37.57 -9.84 -7.75
CA GLY B 118 -37.08 -9.22 -6.53
C GLY B 118 -37.99 -9.51 -5.36
N ALA B 119 -39.29 -9.30 -5.57
CA ALA B 119 -40.26 -9.60 -4.54
C ALA B 119 -40.33 -11.09 -4.27
N ASP B 120 -40.12 -11.93 -5.29
CA ASP B 120 -40.10 -13.38 -5.08
C ASP B 120 -39.07 -13.78 -4.04
N VAL B 121 -37.88 -13.16 -4.07
CA VAL B 121 -36.82 -13.50 -3.13
C VAL B 121 -37.14 -12.94 -1.75
N LEU B 122 -37.70 -11.73 -1.68
CA LEU B 122 -38.11 -11.18 -0.39
C LEU B 122 -39.18 -12.05 0.25
N GLU B 123 -40.16 -12.49 -0.54
CA GLU B 123 -41.23 -13.35 -0.06
C GLU B 123 -40.67 -14.68 0.45
N TYR B 124 -39.71 -15.25 -0.27
CA TYR B 124 -39.05 -16.49 0.14
C TYR B 124 -38.40 -16.36 1.51
N TYR B 125 -37.53 -15.36 1.68
CA TYR B 125 -36.82 -15.21 2.95
C TYR B 125 -37.77 -14.84 4.09
N ALA B 126 -38.82 -14.06 3.81
CA ALA B 126 -39.78 -13.76 4.87
C ALA B 126 -40.32 -15.04 5.51
N GLY B 127 -40.62 -16.05 4.70
CA GLY B 127 -41.16 -17.30 5.23
C GLY B 127 -40.14 -18.15 5.97
N LEU B 128 -38.86 -17.94 5.72
CA LEU B 128 -37.84 -18.76 6.34
C LEU B 128 -37.37 -18.25 7.70
N ILE B 129 -37.72 -17.01 8.08
CA ILE B 129 -37.18 -16.45 9.31
C ILE B 129 -37.40 -17.37 10.50
N PRO B 130 -38.58 -17.95 10.72
CA PRO B 130 -38.77 -18.81 11.90
C PRO B 130 -37.98 -20.11 11.83
N ALA B 131 -37.41 -20.47 10.67
CA ALA B 131 -36.66 -21.69 10.51
C ALA B 131 -35.16 -21.48 10.70
N LEU B 132 -34.75 -20.28 11.03
CA LEU B 132 -33.34 -20.01 11.29
C LEU B 132 -32.98 -20.54 12.68
N GLU B 133 -32.21 -21.63 12.73
CA GLU B 133 -31.94 -22.32 13.98
C GLU B 133 -30.44 -22.52 14.17
N GLY B 134 -30.03 -22.55 15.43
CA GLY B 134 -28.73 -23.03 15.81
C GLY B 134 -28.72 -24.53 16.05
N SER B 135 -27.64 -25.01 16.67
CA SER B 135 -27.43 -26.42 16.93
CA SER B 135 -27.46 -26.43 16.93
C SER B 135 -27.23 -26.67 18.42
N GLN B 136 -27.28 -27.94 18.81
CA GLN B 136 -26.94 -28.40 20.16
C GLN B 136 -26.14 -29.68 20.00
N ILE B 137 -25.01 -29.75 20.69
CA ILE B 137 -24.07 -30.87 20.57
C ILE B 137 -23.76 -31.36 21.99
N PRO B 138 -24.17 -32.56 22.36
CA PRO B 138 -23.80 -33.11 23.67
C PRO B 138 -22.34 -33.55 23.65
N LEU B 139 -21.58 -33.12 24.66
CA LEU B 139 -20.20 -33.56 24.75
C LEU B 139 -20.06 -34.77 25.67
N ARG B 140 -20.79 -34.76 26.78
CA ARG B 140 -20.73 -35.75 27.84
C ARG B 140 -21.90 -35.43 28.75
N ASP B 141 -22.16 -36.31 29.72
CA ASP B 141 -23.31 -36.06 30.58
C ASP B 141 -23.23 -34.69 31.23
N SER B 142 -22.01 -34.20 31.54
CA SER B 142 -21.82 -32.98 32.30
C SER B 142 -21.53 -31.74 31.45
N SER B 143 -21.63 -31.83 30.13
CA SER B 143 -21.34 -30.65 29.31
C SER B 143 -21.94 -30.79 27.92
N PHE B 144 -22.44 -29.68 27.40
CA PHE B 144 -22.95 -29.60 26.05
C PHE B 144 -22.63 -28.23 25.48
N VAL B 145 -22.73 -28.16 24.16
CA VAL B 145 -22.54 -26.94 23.39
C VAL B 145 -23.84 -26.62 22.71
N TYR B 146 -24.19 -25.35 22.63
CA TYR B 146 -25.24 -24.93 21.71
C TYR B 146 -24.75 -23.71 20.94
N THR B 147 -25.30 -23.52 19.76
CA THR B 147 -24.91 -22.40 18.92
C THR B 147 -26.11 -21.50 18.67
N ARG B 148 -25.80 -20.23 18.49
CA ARG B 148 -26.75 -19.20 18.07
C ARG B 148 -26.29 -18.68 16.71
N ARG B 149 -27.25 -18.45 15.83
CA ARG B 149 -27.02 -17.78 14.56
C ARG B 149 -27.42 -16.33 14.80
N GLU B 150 -26.46 -15.53 15.16
CA GLU B 150 -26.75 -14.16 15.53
C GLU B 150 -26.64 -13.24 14.32
N PRO B 151 -27.39 -12.14 14.31
CA PRO B 151 -27.19 -11.14 13.27
C PRO B 151 -25.74 -10.68 13.23
N LEU B 152 -25.25 -10.37 12.03
CA LEU B 152 -23.97 -9.70 11.91
C LEU B 152 -24.03 -8.29 12.49
N GLY B 153 -25.18 -7.64 12.43
CA GLY B 153 -25.35 -6.29 12.93
C GLY B 153 -25.74 -5.35 11.81
N VAL B 154 -24.80 -4.53 11.37
CA VAL B 154 -24.99 -3.62 10.24
C VAL B 154 -24.15 -4.15 9.09
N VAL B 155 -24.80 -4.36 7.95
CA VAL B 155 -24.15 -4.83 6.73
C VAL B 155 -24.40 -3.80 5.64
N ALA B 156 -23.58 -3.86 4.58
CA ALA B 156 -23.70 -2.94 3.47
C ALA B 156 -23.88 -3.72 2.18
N GLY B 157 -24.76 -3.22 1.33
CA GLY B 157 -24.92 -3.72 -0.03
C GLY B 157 -24.57 -2.64 -1.04
N ILE B 158 -23.87 -3.05 -2.10
CA ILE B 158 -23.48 -2.15 -3.18
C ILE B 158 -24.06 -2.77 -4.45
N GLY B 159 -24.99 -2.05 -5.09
CA GLY B 159 -25.72 -2.58 -6.21
C GLY B 159 -25.10 -2.22 -7.56
N ALA B 160 -25.58 -2.89 -8.59
CA ALA B 160 -25.17 -2.65 -9.96
C ALA B 160 -26.31 -2.01 -10.73
N TRP B 161 -26.02 -1.54 -11.94
CA TRP B 161 -26.99 -0.74 -12.66
C TRP B 161 -27.89 -1.56 -13.59
N ASN B 162 -27.63 -2.85 -13.79
CA ASN B 162 -28.40 -3.54 -14.81
C ASN B 162 -29.74 -4.05 -14.29
N TYR B 163 -29.82 -4.41 -13.01
CA TYR B 163 -31.05 -4.83 -12.35
C TYR B 163 -31.17 -4.10 -11.03
N PRO B 164 -31.44 -2.79 -11.04
CA PRO B 164 -31.30 -2.00 -9.81
C PRO B 164 -32.16 -2.46 -8.64
N ILE B 165 -33.48 -2.53 -8.82
CA ILE B 165 -34.30 -2.85 -7.65
C ILE B 165 -34.25 -4.34 -7.32
N GLN B 166 -34.09 -5.19 -8.34
CA GLN B 166 -33.94 -6.62 -8.07
C GLN B 166 -32.72 -6.88 -7.21
N ILE B 167 -31.58 -6.26 -7.54
CA ILE B 167 -30.39 -6.46 -6.73
C ILE B 167 -30.60 -5.93 -5.31
N ALA B 168 -31.23 -4.75 -5.18
CA ALA B 168 -31.51 -4.21 -3.85
C ALA B 168 -32.34 -5.18 -3.03
N LEU B 169 -33.28 -5.87 -3.68
CA LEU B 169 -34.12 -6.84 -2.98
C LEU B 169 -33.36 -8.13 -2.67
N TRP B 170 -32.55 -8.61 -3.62
CA TRP B 170 -31.83 -9.86 -3.37
C TRP B 170 -30.76 -9.69 -2.30
N LYS B 171 -30.21 -8.49 -2.11
CA LYS B 171 -29.28 -8.28 -1.02
C LYS B 171 -30.02 -7.98 0.29
N SER B 172 -31.02 -7.09 0.25
CA SER B 172 -31.66 -6.68 1.50
C SER B 172 -32.56 -7.76 2.09
N ALA B 173 -33.16 -8.61 1.24
CA ALA B 173 -34.09 -9.61 1.77
C ALA B 173 -33.42 -10.58 2.75
N PRO B 174 -32.36 -11.30 2.36
CA PRO B 174 -31.73 -12.19 3.35
C PRO B 174 -31.07 -11.43 4.49
N ALA B 175 -30.52 -10.24 4.24
CA ALA B 175 -29.88 -9.47 5.30
C ALA B 175 -30.89 -9.09 6.38
N LEU B 176 -32.04 -8.56 5.97
CA LEU B 176 -33.08 -8.20 6.92
C LEU B 176 -33.72 -9.42 7.55
N ALA B 177 -33.92 -10.49 6.77
CA ALA B 177 -34.54 -11.68 7.33
C ALA B 177 -33.68 -12.33 8.40
N ALA B 178 -32.36 -12.18 8.30
CA ALA B 178 -31.42 -12.70 9.28
C ALA B 178 -31.27 -11.81 10.51
N GLY B 179 -31.99 -10.68 10.56
CA GLY B 179 -31.97 -9.81 11.71
C GLY B 179 -31.04 -8.63 11.62
N ASN B 180 -30.45 -8.36 10.45
CA ASN B 180 -29.54 -7.25 10.29
C ASN B 180 -30.27 -5.99 9.83
N ALA B 181 -29.56 -4.86 9.96
CA ALA B 181 -29.84 -3.67 9.18
C ALA B 181 -28.89 -3.62 8.00
N MET B 182 -29.38 -3.13 6.85
CA MET B 182 -28.55 -2.95 5.68
C MET B 182 -28.51 -1.48 5.25
N ILE B 183 -27.30 -1.00 5.00
CA ILE B 183 -27.09 0.26 4.28
C ILE B 183 -26.83 -0.12 2.83
N PHE B 184 -27.65 0.39 1.91
CA PHE B 184 -27.55 0.03 0.50
C PHE B 184 -27.11 1.22 -0.34
N LYS B 185 -26.10 1.01 -1.17
CA LYS B 185 -25.66 2.04 -2.09
C LYS B 185 -25.99 1.61 -3.50
N PRO B 186 -26.93 2.24 -4.17
CA PRO B 186 -27.21 1.87 -5.57
C PRO B 186 -26.12 2.40 -6.49
N SER B 187 -26.06 1.80 -7.68
CA SER B 187 -25.22 2.37 -8.71
C SER B 187 -25.60 3.82 -8.99
N GLU B 188 -24.57 4.65 -9.16
CA GLU B 188 -24.79 6.04 -9.55
C GLU B 188 -25.50 6.14 -10.90
N VAL B 189 -25.47 5.08 -11.70
CA VAL B 189 -26.14 5.12 -13.00
C VAL B 189 -27.65 4.97 -12.84
N THR B 190 -28.10 4.31 -11.77
CA THR B 190 -29.50 3.90 -11.60
C THR B 190 -29.90 3.97 -10.14
N PRO B 191 -29.95 5.17 -9.55
CA PRO B 191 -30.21 5.29 -8.11
C PRO B 191 -31.67 5.33 -7.70
N LEU B 192 -32.62 5.42 -8.62
CA LEU B 192 -33.95 5.90 -8.27
C LEU B 192 -34.81 4.84 -7.59
N THR B 193 -34.83 3.60 -8.09
CA THR B 193 -35.78 2.64 -7.53
C THR B 193 -35.35 2.19 -6.13
N ALA B 194 -34.06 2.25 -5.80
CA ALA B 194 -33.65 1.90 -4.44
C ALA B 194 -34.27 2.83 -3.42
N LEU B 195 -34.42 4.10 -3.78
CA LEU B 195 -35.07 5.07 -2.89
C LEU B 195 -36.55 4.78 -2.73
N LYS B 196 -37.21 4.34 -3.81
CA LYS B 196 -38.61 3.90 -3.69
C LYS B 196 -38.72 2.69 -2.77
N LEU B 197 -37.80 1.73 -2.89
CA LEU B 197 -37.83 0.55 -2.04
C LEU B 197 -37.73 0.95 -0.57
N ALA B 198 -36.88 1.92 -0.26
CA ALA B 198 -36.71 2.34 1.12
C ALA B 198 -38.03 2.84 1.71
N GLU B 199 -38.78 3.62 0.93
CA GLU B 199 -40.08 4.10 1.40
C GLU B 199 -41.06 2.95 1.60
N ILE B 200 -41.03 1.97 0.69
CA ILE B 200 -41.93 0.82 0.79
C ILE B 200 -41.64 0.03 2.06
N TYR B 201 -40.37 -0.21 2.37
CA TYR B 201 -40.05 -0.91 3.60
C TYR B 201 -40.63 -0.17 4.81
N ARG B 202 -40.50 1.15 4.84
CA ARG B 202 -41.05 1.89 5.98
C ARG B 202 -42.57 1.75 6.03
N GLU B 203 -43.23 1.85 4.86
CA GLU B 203 -44.68 1.67 4.83
C GLU B 203 -45.10 0.30 5.34
N ALA B 204 -44.25 -0.72 5.13
CA ALA B 204 -44.55 -2.08 5.58
C ALA B 204 -44.35 -2.28 7.08
N GLY B 205 -43.73 -1.32 7.77
CA GLY B 205 -43.49 -1.43 9.19
C GLY B 205 -42.07 -1.73 9.56
N LEU B 206 -41.14 -1.65 8.62
CA LEU B 206 -39.76 -1.89 8.94
C LEU B 206 -39.30 -0.80 9.91
N PRO B 207 -38.64 -1.15 11.01
CA PRO B 207 -38.17 -0.12 11.95
C PRO B 207 -37.21 0.86 11.28
N ASP B 208 -37.30 2.13 11.69
CA ASP B 208 -36.42 3.15 11.14
C ASP B 208 -34.96 2.77 11.34
N GLY B 209 -34.16 2.94 10.28
CA GLY B 209 -32.75 2.62 10.31
C GLY B 209 -32.37 1.26 9.78
N VAL B 210 -33.35 0.37 9.61
CA VAL B 210 -33.02 -1.00 9.22
C VAL B 210 -32.67 -1.11 7.74
N PHE B 211 -33.25 -0.24 6.89
CA PHE B 211 -32.83 -0.14 5.50
C PHE B 211 -32.64 1.33 5.15
N ASN B 212 -31.37 1.74 5.10
CA ASN B 212 -30.96 3.09 4.73
C ASN B 212 -30.34 3.03 3.34
N VAL B 213 -30.57 4.07 2.54
CA VAL B 213 -30.10 4.09 1.15
C VAL B 213 -29.25 5.35 0.95
N LEU B 214 -28.01 5.14 0.51
CA LEU B 214 -27.04 6.21 0.29
C LEU B 214 -26.60 6.19 -1.16
N PRO B 215 -27.25 6.96 -2.04
CA PRO B 215 -26.69 7.15 -3.38
C PRO B 215 -25.33 7.84 -3.29
N GLY B 216 -24.55 7.66 -4.33
CA GLY B 216 -23.25 8.30 -4.41
C GLY B 216 -22.41 7.63 -5.49
N ILE B 217 -21.13 8.01 -5.51
CA ILE B 217 -20.14 7.48 -6.42
C ILE B 217 -19.41 6.32 -5.75
N GLY B 218 -18.89 5.40 -6.58
CA GLY B 218 -18.15 4.27 -6.03
C GLY B 218 -16.87 4.68 -5.34
N ALA B 219 -16.09 5.56 -5.98
CA ALA B 219 -14.82 5.95 -5.41
C ALA B 219 -14.98 6.69 -4.08
N GLU B 220 -16.20 7.15 -3.78
CA GLU B 220 -16.44 7.92 -2.57
C GLU B 220 -17.36 7.10 -1.69
N THR B 221 -18.68 7.22 -1.83
CA THR B 221 -19.62 6.56 -0.95
C THR B 221 -19.33 5.08 -0.80
N GLY B 222 -19.10 4.39 -1.91
CA GLY B 222 -18.81 2.96 -1.81
C GLY B 222 -17.60 2.69 -0.96
N GLN B 223 -16.55 3.49 -1.14
CA GLN B 223 -15.32 3.32 -0.35
C GLN B 223 -15.57 3.63 1.12
N TYR B 224 -16.35 4.67 1.42
CA TYR B 224 -16.63 4.97 2.83
C TYR B 224 -17.33 3.80 3.50
N LEU B 225 -18.21 3.12 2.77
CA LEU B 225 -18.90 1.98 3.34
C LEU B 225 -17.94 0.83 3.59
N THR B 226 -17.07 0.52 2.64
CA THR B 226 -16.17 -0.61 2.82
C THR B 226 -15.15 -0.35 3.91
N GLU B 227 -14.87 0.91 4.21
CA GLU B 227 -13.87 1.25 5.21
C GLU B 227 -14.45 1.38 6.62
N HIS B 228 -15.77 1.49 6.77
CA HIS B 228 -16.32 1.85 8.07
C HIS B 228 -16.10 0.71 9.07
N PRO B 229 -15.60 1.00 10.27
CA PRO B 229 -15.24 -0.09 11.20
C PRO B 229 -16.43 -0.82 11.80
N ASP B 230 -17.62 -0.24 11.77
CA ASP B 230 -18.78 -0.81 12.41
C ASP B 230 -19.72 -1.50 11.42
N ILE B 231 -19.29 -1.70 10.19
CA ILE B 231 -20.01 -2.50 9.20
C ILE B 231 -19.37 -3.88 9.16
N ALA B 232 -20.18 -4.93 9.32
CA ALA B 232 -19.66 -6.26 9.55
C ALA B 232 -19.51 -7.10 8.28
N LYS B 233 -20.18 -6.71 7.20
CA LYS B 233 -20.18 -7.47 5.97
C LYS B 233 -20.48 -6.53 4.82
N ILE B 234 -19.83 -6.77 3.67
CA ILE B 234 -20.07 -6.03 2.44
C ILE B 234 -20.50 -7.05 1.40
N SER B 235 -21.58 -6.76 0.69
CA SER B 235 -22.01 -7.55 -0.45
C SER B 235 -22.06 -6.66 -1.69
N PHE B 236 -21.28 -7.03 -2.70
CA PHE B 236 -21.04 -6.21 -3.87
C PHE B 236 -21.44 -6.96 -5.12
N THR B 237 -22.14 -6.27 -6.02
CA THR B 237 -22.43 -6.79 -7.36
C THR B 237 -21.92 -5.77 -8.37
N GLY B 238 -21.12 -6.24 -9.33
CA GLY B 238 -20.54 -5.33 -10.29
C GLY B 238 -19.44 -6.00 -11.08
N GLY B 239 -18.56 -5.19 -11.64
CA GLY B 239 -17.55 -5.70 -12.54
C GLY B 239 -16.38 -6.35 -11.81
N VAL B 240 -15.74 -7.30 -12.51
CA VAL B 240 -14.64 -8.07 -11.91
C VAL B 240 -13.58 -7.14 -11.36
N ALA B 241 -13.23 -6.10 -12.13
CA ALA B 241 -12.20 -5.16 -11.70
C ALA B 241 -12.64 -4.39 -10.46
N SER B 242 -13.86 -3.82 -10.52
CA SER B 242 -14.35 -3.07 -9.37
C SER B 242 -14.46 -3.94 -8.13
N GLY B 243 -14.77 -5.23 -8.30
CA GLY B 243 -14.84 -6.13 -7.17
C GLY B 243 -13.51 -6.27 -6.46
N LYS B 244 -12.44 -6.49 -7.22
CA LYS B 244 -11.11 -6.62 -6.61
C LYS B 244 -10.79 -5.39 -5.76
N LYS B 245 -11.16 -4.20 -6.22
CA LYS B 245 -10.88 -2.99 -5.45
C LYS B 245 -11.69 -2.96 -4.16
N VAL B 246 -12.97 -3.35 -4.22
CA VAL B 246 -13.80 -3.35 -3.02
C VAL B 246 -13.24 -4.34 -2.00
N MET B 247 -12.82 -5.52 -2.47
CA MET B 247 -12.28 -6.53 -1.59
C MET B 247 -11.00 -6.06 -0.91
N ALA B 248 -10.17 -5.31 -1.63
CA ALA B 248 -8.92 -4.81 -1.06
C ALA B 248 -9.19 -3.92 0.15
N ASN B 249 -10.05 -2.92 -0.02
CA ASN B 249 -10.29 -1.96 1.07
C ASN B 249 -10.96 -2.62 2.27
N SER B 250 -11.86 -3.57 2.04
CA SER B 250 -12.51 -4.24 3.17
C SER B 250 -11.49 -4.94 4.04
N ALA B 251 -10.39 -5.42 3.44
CA ALA B 251 -9.32 -6.00 4.23
C ALA B 251 -8.44 -4.91 4.83
N ALA B 252 -7.89 -4.04 3.97
CA ALA B 252 -6.93 -3.03 4.40
C ALA B 252 -7.49 -2.03 5.38
N SER B 253 -8.80 -2.04 5.64
CA SER B 253 -9.37 -1.08 6.57
C SER B 253 -9.83 -1.77 7.85
N SER B 254 -10.94 -2.47 7.75
CA SER B 254 -11.56 -3.16 8.88
C SER B 254 -12.05 -4.49 8.36
N LEU B 255 -11.67 -5.56 9.04
CA LEU B 255 -12.00 -6.90 8.56
C LEU B 255 -13.51 -7.08 8.48
N LYS B 256 -13.97 -7.52 7.31
CA LYS B 256 -15.39 -7.71 7.06
C LYS B 256 -15.61 -9.01 6.29
N GLU B 257 -16.74 -9.66 6.56
CA GLU B 257 -17.21 -10.74 5.70
C GLU B 257 -17.56 -10.16 4.34
N VAL B 258 -17.48 -10.99 3.30
CA VAL B 258 -17.66 -10.45 1.96
C VAL B 258 -18.46 -11.40 1.10
N THR B 259 -19.29 -10.82 0.23
CA THR B 259 -19.93 -11.50 -0.89
C THR B 259 -19.67 -10.65 -2.13
N MET B 260 -19.36 -11.30 -3.24
CA MET B 260 -19.13 -10.59 -4.49
C MET B 260 -19.81 -11.36 -5.60
N GLU B 261 -20.66 -10.69 -6.37
CA GLU B 261 -21.30 -11.26 -7.56
C GLU B 261 -20.78 -10.47 -8.76
N LEU B 262 -19.87 -11.07 -9.53
CA LEU B 262 -19.19 -10.35 -10.58
C LEU B 262 -19.65 -10.87 -11.95
N GLY B 263 -18.95 -10.47 -13.00
CA GLY B 263 -19.33 -10.83 -14.35
C GLY B 263 -18.81 -12.20 -14.74
N GLY B 264 -18.99 -12.52 -16.03
CA GLY B 264 -18.55 -13.80 -16.54
C GLY B 264 -18.40 -13.78 -18.05
N LYS B 265 -17.98 -14.93 -18.59
CA LYS B 265 -17.95 -15.21 -20.01
C LYS B 265 -18.49 -16.64 -20.16
N SER B 266 -19.78 -16.78 -19.90
CA SER B 266 -20.34 -18.10 -19.63
C SER B 266 -20.51 -18.88 -20.92
N PRO B 267 -20.14 -20.18 -20.91
CA PRO B 267 -20.30 -20.98 -22.14
C PRO B 267 -21.66 -21.66 -22.24
N LEU B 268 -22.20 -21.66 -23.45
CA LEU B 268 -23.38 -22.45 -23.82
C LEU B 268 -22.91 -23.55 -24.77
N ILE B 269 -23.02 -24.80 -24.35
CA ILE B 269 -22.52 -25.93 -25.13
C ILE B 269 -23.71 -26.58 -25.82
N ILE B 270 -23.72 -26.51 -27.14
CA ILE B 270 -24.74 -27.17 -27.95
C ILE B 270 -24.17 -28.54 -28.33
N ALA B 271 -24.82 -29.60 -27.87
CA ALA B 271 -24.34 -30.93 -28.16
C ALA B 271 -24.75 -31.33 -29.58
N GLU B 272 -24.06 -32.33 -30.11
CA GLU B 272 -24.32 -32.79 -31.46
C GLU B 272 -25.71 -33.38 -31.62
N ASP B 273 -26.37 -33.80 -30.53
CA ASP B 273 -27.71 -34.36 -30.68
C ASP B 273 -28.78 -33.35 -30.31
N ALA B 274 -28.43 -32.07 -30.22
CA ALA B 274 -29.38 -31.03 -29.87
C ALA B 274 -30.28 -30.68 -31.04
N ASN B 275 -31.55 -30.43 -30.74
CA ASN B 275 -32.45 -29.74 -31.67
C ASN B 275 -31.98 -28.31 -31.84
N LEU B 276 -31.72 -27.88 -33.08
CA LEU B 276 -31.08 -26.58 -33.28
C LEU B 276 -32.04 -25.40 -33.15
N ASP B 277 -33.35 -25.61 -33.28
CA ASP B 277 -34.31 -24.56 -32.97
C ASP B 277 -34.32 -24.26 -31.47
N LEU B 278 -34.29 -25.31 -30.63
CA LEU B 278 -34.14 -25.13 -29.19
C LEU B 278 -32.80 -24.48 -28.86
N ALA B 279 -31.73 -24.99 -29.47
CA ALA B 279 -30.41 -24.41 -29.21
C ALA B 279 -30.38 -22.93 -29.56
N ALA B 280 -30.97 -22.56 -30.70
CA ALA B 280 -30.99 -21.17 -31.12
C ALA B 280 -31.85 -20.32 -30.19
N ASP B 281 -33.00 -20.86 -29.77
CA ASP B 281 -33.85 -20.13 -28.84
C ASP B 281 -33.11 -19.86 -27.53
N ILE B 282 -32.40 -20.87 -27.01
CA ILE B 282 -31.63 -20.70 -25.78
C ILE B 282 -30.51 -19.69 -25.99
N ALA B 283 -29.80 -19.80 -27.11
CA ALA B 283 -28.70 -18.85 -27.37
C ALA B 283 -29.21 -17.42 -27.45
N MET B 284 -30.37 -17.22 -28.07
CA MET B 284 -30.93 -15.86 -28.14
C MET B 284 -31.22 -15.31 -26.74
N MET B 285 -31.90 -16.10 -25.92
CA MET B 285 -32.24 -15.66 -24.56
C MET B 285 -31.00 -15.49 -23.70
N ALA B 286 -29.92 -16.23 -24.01
CA ALA B 286 -28.69 -16.13 -23.25
C ALA B 286 -27.82 -14.95 -23.70
N ASN B 287 -28.22 -14.22 -24.74
CA ASN B 287 -27.38 -13.15 -25.24
C ASN B 287 -28.03 -11.79 -25.38
N PHE B 288 -29.33 -11.73 -25.62
CA PHE B 288 -29.94 -10.46 -26.00
C PHE B 288 -31.01 -9.95 -25.05
N TYR B 289 -31.23 -10.62 -23.92
CA TYR B 289 -32.09 -10.07 -22.89
C TYR B 289 -31.39 -8.88 -22.23
N SER B 290 -32.17 -7.87 -21.86
CA SER B 290 -31.64 -6.65 -21.27
C SER B 290 -30.50 -6.09 -22.13
N SER B 291 -30.67 -6.22 -23.44
CA SER B 291 -29.70 -5.74 -24.43
C SER B 291 -28.30 -6.25 -24.14
N GLY B 292 -28.21 -7.48 -23.65
CA GLY B 292 -26.94 -8.13 -23.40
C GLY B 292 -26.26 -7.72 -22.11
N GLN B 293 -26.95 -7.02 -21.23
CA GLN B 293 -26.37 -6.47 -20.00
C GLN B 293 -26.74 -7.35 -18.81
N VAL B 294 -26.34 -8.61 -18.87
CA VAL B 294 -26.64 -9.61 -17.86
C VAL B 294 -25.37 -10.39 -17.54
N CYS B 295 -25.04 -10.50 -16.25
CA CYS B 295 -23.78 -11.11 -15.85
C CYS B 295 -23.68 -12.57 -16.25
N THR B 296 -24.82 -13.29 -16.26
CA THR B 296 -24.85 -14.71 -16.54
C THR B 296 -24.98 -15.04 -18.03
N ASN B 297 -24.90 -14.07 -18.92
CA ASN B 297 -25.18 -14.35 -20.32
C ASN B 297 -24.22 -15.39 -20.91
N GLY B 298 -24.76 -16.23 -21.78
CA GLY B 298 -24.01 -17.28 -22.45
C GLY B 298 -23.37 -16.75 -23.73
N THR B 299 -22.29 -15.99 -23.56
CA THR B 299 -21.72 -15.20 -24.64
C THR B 299 -20.68 -15.94 -25.47
N ARG B 300 -20.27 -17.13 -25.04
CA ARG B 300 -19.50 -18.06 -25.86
C ARG B 300 -20.42 -19.23 -26.19
N VAL B 301 -20.86 -19.30 -27.44
CA VAL B 301 -21.80 -20.33 -27.88
C VAL B 301 -21.01 -21.36 -28.67
N PHE B 302 -20.84 -22.54 -28.10
CA PHE B 302 -20.07 -23.62 -28.73
C PHE B 302 -21.01 -24.51 -29.53
N VAL B 303 -20.75 -24.61 -30.82
CA VAL B 303 -21.63 -25.37 -31.72
C VAL B 303 -20.80 -26.42 -32.42
N PRO B 304 -21.29 -27.64 -32.57
CA PRO B 304 -20.55 -28.63 -33.36
C PRO B 304 -20.30 -28.11 -34.77
N ALA B 305 -19.07 -28.35 -35.26
CA ALA B 305 -18.70 -27.89 -36.58
C ALA B 305 -19.73 -28.31 -37.64
N LYS B 306 -20.24 -29.53 -37.53
CA LYS B 306 -21.16 -30.04 -38.54
C LYS B 306 -22.49 -29.30 -38.54
N PHE B 307 -22.82 -28.57 -37.48
CA PHE B 307 -24.07 -27.84 -37.35
C PHE B 307 -23.89 -26.33 -37.47
N LYS B 308 -22.67 -25.85 -37.67
CA LYS B 308 -22.40 -24.42 -37.56
C LYS B 308 -23.22 -23.63 -38.55
N ALA B 309 -23.24 -24.05 -39.81
CA ALA B 309 -23.94 -23.28 -40.84
C ALA B 309 -25.43 -23.22 -40.54
N GLU B 310 -26.04 -24.38 -40.28
CA GLU B 310 -27.47 -24.40 -39.99
C GLU B 310 -27.78 -23.56 -38.76
N PHE B 311 -26.93 -23.63 -37.74
CA PHE B 311 -27.17 -22.85 -36.53
C PHE B 311 -27.11 -21.36 -36.84
N GLU B 312 -26.16 -20.94 -37.68
CA GLU B 312 -26.06 -19.53 -38.02
C GLU B 312 -27.34 -19.05 -38.70
N HIS B 313 -27.92 -19.85 -39.60
CA HIS B 313 -29.16 -19.44 -40.24
C HIS B 313 -30.27 -19.26 -39.21
N LYS B 314 -30.34 -20.18 -38.24
CA LYS B 314 -31.39 -20.11 -37.23
C LYS B 314 -31.21 -18.90 -36.34
N ILE B 315 -29.96 -18.51 -36.06
CA ILE B 315 -29.73 -17.30 -35.28
C ILE B 315 -30.10 -16.07 -36.10
N LEU B 316 -29.71 -16.03 -37.38
CA LEU B 316 -30.06 -14.88 -38.20
C LEU B 316 -31.57 -14.69 -38.25
N GLU B 317 -32.32 -15.80 -38.38
CA GLU B 317 -33.77 -15.70 -38.43
C GLU B 317 -34.33 -15.07 -37.16
N ARG B 318 -33.86 -15.51 -35.99
CA ARG B 318 -34.41 -15.03 -34.74
C ARG B 318 -33.97 -13.60 -34.45
N VAL B 319 -32.73 -13.26 -34.77
CA VAL B 319 -32.27 -11.87 -34.63
C VAL B 319 -33.15 -10.93 -35.44
N GLY B 320 -33.56 -11.36 -36.63
CA GLY B 320 -34.41 -10.53 -37.47
C GLY B 320 -35.76 -10.23 -36.86
N ARG B 321 -36.15 -11.02 -35.85
CA ARG B 321 -37.39 -10.76 -35.15
C ARG B 321 -37.26 -9.74 -34.04
N ILE B 322 -36.03 -9.48 -33.56
CA ILE B 322 -35.86 -8.59 -32.40
C ILE B 322 -36.51 -7.25 -32.71
N ARG B 323 -37.20 -6.69 -31.73
CA ARG B 323 -38.00 -5.49 -31.92
C ARG B 323 -37.49 -4.38 -31.00
N ALA B 324 -36.64 -3.52 -31.55
CA ALA B 324 -36.24 -2.30 -30.87
C ALA B 324 -37.25 -1.20 -31.14
N GLY B 325 -37.52 -0.37 -30.14
CA GLY B 325 -38.47 0.72 -30.32
C GLY B 325 -38.86 1.34 -28.99
N ASP B 326 -40.02 2.00 -28.99
CA ASP B 326 -40.57 2.64 -27.79
C ASP B 326 -40.49 1.69 -26.60
N LEU B 327 -39.77 2.09 -25.56
CA LEU B 327 -39.54 1.18 -24.43
C LEU B 327 -40.82 0.92 -23.65
N PHE B 328 -41.87 1.72 -23.84
CA PHE B 328 -43.14 1.47 -23.19
C PHE B 328 -44.14 0.74 -24.07
N ALA B 329 -43.77 0.42 -25.31
CA ALA B 329 -44.66 -0.33 -26.19
C ALA B 329 -44.62 -1.82 -25.86
N ASP B 330 -45.80 -2.44 -25.90
CA ASP B 330 -45.91 -3.86 -25.54
C ASP B 330 -44.95 -4.72 -26.36
N ASP B 331 -44.76 -4.41 -27.63
CA ASP B 331 -44.02 -5.31 -28.51
C ASP B 331 -42.52 -5.05 -28.53
N THR B 332 -42.04 -4.00 -27.88
CA THR B 332 -40.59 -3.79 -27.81
C THR B 332 -39.95 -4.82 -26.90
N ASN B 333 -38.90 -5.49 -27.40
CA ASN B 333 -38.20 -6.48 -26.59
C ASN B 333 -36.68 -6.26 -26.58
N PHE B 334 -36.23 -5.05 -26.92
CA PHE B 334 -34.82 -4.73 -27.00
C PHE B 334 -34.65 -3.25 -26.74
N GLY B 335 -33.70 -2.88 -25.88
CA GLY B 335 -33.52 -1.51 -25.50
C GLY B 335 -32.15 -0.96 -25.82
N PRO B 336 -31.95 0.33 -25.57
CA PRO B 336 -30.59 0.90 -25.64
C PRO B 336 -29.73 0.35 -24.51
N LEU B 337 -28.43 0.58 -24.64
CA LEU B 337 -27.58 0.30 -23.50
C LEU B 337 -27.81 1.37 -22.42
N VAL B 338 -27.30 1.08 -21.21
CA VAL B 338 -27.63 1.90 -20.05
C VAL B 338 -27.06 3.31 -20.13
N SER B 339 -26.02 3.53 -20.93
CA SER B 339 -25.39 4.84 -20.98
C SER B 339 -24.55 4.93 -22.24
N PHE B 340 -24.19 6.14 -22.60
CA PHE B 340 -23.41 6.37 -23.81
C PHE B 340 -21.96 5.98 -23.62
N PRO B 341 -21.34 6.21 -22.45
CA PRO B 341 -20.00 5.66 -22.22
C PRO B 341 -19.96 4.15 -22.30
N HIS B 342 -20.98 3.47 -21.76
CA HIS B 342 -20.98 2.02 -21.88
C HIS B 342 -21.08 1.61 -23.35
N ARG B 343 -21.91 2.30 -24.14
CA ARG B 343 -21.98 1.98 -25.56
C ARG B 343 -20.63 2.14 -26.23
N GLN B 344 -19.89 3.19 -25.89
CA GLN B 344 -18.59 3.39 -26.53
C GLN B 344 -17.69 2.18 -26.29
N ASN B 345 -17.74 1.61 -25.08
CA ASN B 345 -16.95 0.42 -24.75
C ASN B 345 -17.45 -0.81 -25.51
N VAL B 346 -18.76 -0.98 -25.61
CA VAL B 346 -19.27 -2.10 -26.39
C VAL B 346 -18.82 -1.97 -27.84
N LEU B 347 -18.87 -0.75 -28.38
CA LEU B 347 -18.47 -0.54 -29.77
C LEU B 347 -16.99 -0.81 -29.98
N ARG B 348 -16.15 -0.51 -28.99
CA ARG B 348 -14.73 -0.84 -29.10
C ARG B 348 -14.53 -2.35 -29.16
N TYR B 349 -15.32 -3.12 -28.40
CA TYR B 349 -15.22 -4.58 -28.48
C TYR B 349 -15.60 -5.07 -29.86
N ILE B 350 -16.69 -4.52 -30.42
CA ILE B 350 -17.13 -4.92 -31.75
C ILE B 350 -16.04 -4.63 -32.78
N GLU B 351 -15.42 -3.45 -32.70
CA GLU B 351 -14.37 -3.15 -33.65
C GLU B 351 -13.19 -4.09 -33.49
N SER B 352 -12.89 -4.49 -32.25
CA SER B 352 -11.81 -5.46 -32.06
C SER B 352 -12.19 -6.81 -32.64
N GLY B 353 -13.47 -7.20 -32.54
CA GLY B 353 -13.91 -8.41 -33.20
C GLY B 353 -13.65 -8.38 -34.70
N LYS B 354 -13.99 -7.27 -35.33
CA LYS B 354 -13.73 -7.13 -36.77
C LYS B 354 -12.23 -7.19 -37.06
N SER B 355 -11.44 -6.40 -36.33
CA SER B 355 -10.03 -6.28 -36.69
C SER B 355 -9.25 -7.55 -36.39
N GLU B 356 -9.74 -8.38 -35.47
CA GLU B 356 -9.08 -9.65 -35.17
C GLU B 356 -9.54 -10.79 -36.05
N GLY B 357 -10.44 -10.53 -36.99
CA GLY B 357 -10.78 -11.50 -38.02
C GLY B 357 -12.02 -12.33 -37.77
N ALA B 358 -12.79 -12.05 -36.73
CA ALA B 358 -14.07 -12.72 -36.59
C ALA B 358 -15.02 -12.29 -37.71
N ARG B 359 -15.91 -13.19 -38.09
CA ARG B 359 -16.86 -12.92 -39.16
C ARG B 359 -18.13 -12.32 -38.57
N LEU B 360 -18.51 -11.14 -39.04
CA LEU B 360 -19.73 -10.48 -38.57
C LEU B 360 -20.93 -11.14 -39.21
N LEU B 361 -21.73 -11.86 -38.41
CA LEU B 361 -22.94 -12.48 -38.92
C LEU B 361 -24.08 -11.48 -39.06
N CYS B 362 -24.23 -10.58 -38.07
CA CYS B 362 -25.23 -9.53 -38.15
C CYS B 362 -24.91 -8.44 -37.13
N GLY B 363 -25.54 -7.28 -37.32
CA GLY B 363 -25.37 -6.17 -36.41
C GLY B 363 -24.03 -5.46 -36.55
N GLY B 364 -23.46 -5.04 -35.43
CA GLY B 364 -22.14 -4.45 -35.45
C GLY B 364 -22.09 -2.94 -35.53
N ASP B 365 -23.22 -2.27 -35.44
CA ASP B 365 -23.27 -0.81 -35.54
C ASP B 365 -24.35 -0.28 -34.60
N VAL B 366 -24.39 1.04 -34.46
CA VAL B 366 -25.46 1.67 -33.70
C VAL B 366 -26.75 1.63 -34.50
N LEU B 367 -27.87 1.81 -33.80
CA LEU B 367 -29.13 2.01 -34.48
C LEU B 367 -29.31 3.49 -34.79
N LYS B 368 -30.00 3.78 -35.89
CA LYS B 368 -30.09 5.13 -36.43
C LYS B 368 -31.52 5.43 -36.84
N GLY B 369 -31.85 6.72 -36.85
CA GLY B 369 -33.14 7.20 -37.29
C GLY B 369 -33.89 7.88 -36.16
N GLU B 370 -35.04 8.45 -36.53
CA GLU B 370 -35.91 9.08 -35.54
C GLU B 370 -36.20 8.08 -34.43
N GLY B 371 -36.01 8.52 -33.19
CA GLY B 371 -36.24 7.68 -32.04
C GLY B 371 -35.02 6.92 -31.54
N PHE B 372 -34.02 6.69 -32.38
CA PHE B 372 -32.81 6.01 -31.98
C PHE B 372 -31.60 6.92 -31.82
N ASP B 373 -31.56 8.04 -32.55
CA ASP B 373 -30.36 8.87 -32.56
C ASP B 373 -30.06 9.46 -31.18
N ASN B 374 -31.05 9.60 -30.32
CA ASN B 374 -30.83 10.16 -28.99
C ASN B 374 -30.63 9.11 -27.91
N GLY B 375 -30.63 7.84 -28.26
CA GLY B 375 -30.40 6.79 -27.28
C GLY B 375 -29.12 6.03 -27.53
N ALA B 376 -28.64 5.33 -26.51
CA ALA B 376 -27.37 4.62 -26.58
C ALA B 376 -27.56 3.21 -27.15
N TRP B 377 -28.09 3.16 -28.37
CA TRP B 377 -28.48 1.91 -28.99
C TRP B 377 -27.33 1.24 -29.73
N VAL B 378 -27.23 -0.07 -29.57
CA VAL B 378 -26.34 -0.94 -30.35
C VAL B 378 -27.18 -2.06 -30.95
N ALA B 379 -26.99 -2.33 -32.23
CA ALA B 379 -27.74 -3.40 -32.87
C ALA B 379 -27.37 -4.76 -32.25
N PRO B 380 -28.33 -5.68 -32.16
CA PRO B 380 -27.97 -7.06 -31.76
C PRO B 380 -26.90 -7.61 -32.69
N THR B 381 -25.79 -8.06 -32.11
CA THR B 381 -24.60 -8.39 -32.88
C THR B 381 -24.17 -9.82 -32.63
N VAL B 382 -23.79 -10.50 -33.73
CA VAL B 382 -23.31 -11.87 -33.65
C VAL B 382 -22.01 -12.00 -34.44
N PHE B 383 -20.95 -12.48 -33.78
CA PHE B 383 -19.72 -12.84 -34.44
C PHE B 383 -19.64 -14.36 -34.55
N THR B 384 -19.07 -14.85 -35.64
CA THR B 384 -18.82 -16.27 -35.80
C THR B 384 -17.42 -16.45 -36.37
N ASP B 385 -17.04 -17.71 -36.61
CA ASP B 385 -15.65 -18.03 -36.95
C ASP B 385 -14.71 -17.55 -35.86
N CYS B 386 -15.18 -17.54 -34.62
CA CYS B 386 -14.41 -17.03 -33.51
C CYS B 386 -13.40 -18.05 -33.03
N THR B 387 -12.31 -17.56 -32.45
CA THR B 387 -11.29 -18.41 -31.86
C THR B 387 -11.04 -17.95 -30.42
N ASP B 388 -10.47 -18.86 -29.63
CA ASP B 388 -10.39 -18.70 -28.19
C ASP B 388 -9.48 -17.55 -27.76
N ASP B 389 -8.58 -17.12 -28.63
CA ASP B 389 -7.65 -16.04 -28.31
C ASP B 389 -8.19 -14.66 -28.63
N MET B 390 -9.35 -14.56 -29.25
CA MET B 390 -9.88 -13.26 -29.61
C MET B 390 -10.32 -12.49 -28.36
N THR B 391 -10.15 -11.17 -28.42
CA THR B 391 -10.57 -10.31 -27.31
C THR B 391 -12.06 -10.47 -27.00
N ILE B 392 -12.90 -10.55 -28.05
CA ILE B 392 -14.33 -10.67 -27.80
C ILE B 392 -14.70 -12.02 -27.20
N VAL B 393 -13.85 -13.03 -27.37
CA VAL B 393 -14.12 -14.32 -26.77
C VAL B 393 -13.63 -14.39 -25.33
N ARG B 394 -12.54 -13.69 -25.03
CA ARG B 394 -11.88 -13.77 -23.73
C ARG B 394 -12.48 -12.84 -22.69
N GLU B 395 -13.05 -11.71 -23.11
CA GLU B 395 -13.42 -10.65 -22.17
C GLU B 395 -14.92 -10.42 -22.18
N GLU B 396 -15.45 -10.11 -20.99
CA GLU B 396 -16.87 -9.78 -20.87
C GLU B 396 -17.14 -8.44 -21.53
N ILE B 397 -18.13 -8.41 -22.43
CA ILE B 397 -18.47 -7.22 -23.17
C ILE B 397 -19.63 -6.47 -22.52
N PHE B 398 -20.59 -7.20 -21.98
CA PHE B 398 -21.76 -6.60 -21.32
C PHE B 398 -22.59 -5.76 -22.29
N GLY B 399 -22.65 -6.23 -23.54
CA GLY B 399 -23.56 -5.71 -24.53
C GLY B 399 -24.08 -6.86 -25.36
N PRO B 400 -24.88 -6.55 -26.38
CA PRO B 400 -25.52 -7.60 -27.18
C PRO B 400 -24.59 -8.14 -28.26
N VAL B 401 -23.62 -8.95 -27.82
CA VAL B 401 -22.60 -9.47 -28.71
C VAL B 401 -22.38 -10.95 -28.42
N MET B 402 -22.91 -11.81 -29.28
CA MET B 402 -22.74 -13.25 -29.21
C MET B 402 -21.52 -13.66 -30.02
N SER B 403 -20.72 -14.57 -29.46
CA SER B 403 -19.58 -15.17 -30.16
C SER B 403 -19.86 -16.66 -30.37
N ILE B 404 -19.88 -17.09 -31.63
CA ILE B 404 -20.13 -18.48 -31.96
C ILE B 404 -18.79 -19.15 -32.25
N LEU B 405 -18.53 -20.26 -31.56
CA LEU B 405 -17.29 -21.01 -31.68
C LEU B 405 -17.63 -22.44 -32.10
N SER B 406 -16.90 -22.97 -33.08
CA SER B 406 -17.08 -24.34 -33.53
CA SER B 406 -17.12 -24.34 -33.49
C SER B 406 -16.19 -25.28 -32.73
N TYR B 407 -16.66 -26.52 -32.53
CA TYR B 407 -15.86 -27.53 -31.85
C TYR B 407 -16.12 -28.91 -32.46
N ASP B 408 -15.20 -29.83 -32.17
CA ASP B 408 -15.23 -31.17 -32.75
C ASP B 408 -15.65 -32.26 -31.77
N ASP B 409 -15.22 -32.23 -30.51
CA ASP B 409 -15.55 -33.34 -29.61
C ASP B 409 -15.79 -32.86 -28.19
N GLU B 410 -16.36 -33.76 -27.37
CA GLU B 410 -16.84 -33.39 -26.05
C GLU B 410 -15.69 -33.02 -25.12
N ALA B 411 -14.61 -33.81 -25.12
CA ALA B 411 -13.49 -33.49 -24.24
C ALA B 411 -12.94 -32.11 -24.55
N GLU B 412 -12.83 -31.77 -25.85
CA GLU B 412 -12.35 -30.47 -26.26
C GLU B 412 -13.26 -29.34 -25.76
N VAL B 413 -14.57 -29.49 -25.94
CA VAL B 413 -15.45 -28.36 -25.61
C VAL B 413 -15.48 -28.13 -24.11
N ILE B 414 -15.33 -29.18 -23.31
CA ILE B 414 -15.24 -29.00 -21.87
C ILE B 414 -13.97 -28.22 -21.50
N ARG B 415 -12.83 -28.61 -22.09
CA ARG B 415 -11.59 -27.90 -21.84
C ARG B 415 -11.73 -26.42 -22.18
N ARG B 416 -12.28 -26.13 -23.36
CA ARG B 416 -12.35 -24.74 -23.83
C ARG B 416 -13.36 -23.95 -23.01
N ALA B 417 -14.45 -24.59 -22.61
CA ALA B 417 -15.43 -23.93 -21.76
C ALA B 417 -14.81 -23.49 -20.44
N ASN B 418 -13.97 -24.35 -19.86
CA ASN B 418 -13.36 -24.09 -18.56
C ASN B 418 -12.12 -23.23 -18.63
N ALA B 419 -11.56 -23.01 -19.83
CA ALA B 419 -10.27 -22.32 -19.99
C ALA B 419 -10.47 -20.81 -19.94
N THR B 420 -10.81 -20.35 -18.73
CA THR B 420 -11.12 -18.94 -18.49
C THR B 420 -11.01 -18.69 -17.00
N GLU B 421 -10.69 -17.43 -16.64
CA GLU B 421 -10.69 -17.02 -15.24
C GLU B 421 -12.11 -16.78 -14.72
N TYR B 422 -13.08 -16.60 -15.61
CA TYR B 422 -14.46 -16.45 -15.21
C TYR B 422 -15.06 -17.81 -14.82
N GLY B 423 -16.22 -17.78 -14.20
CA GLY B 423 -16.86 -19.02 -13.77
C GLY B 423 -18.24 -18.81 -13.21
N LEU B 424 -19.02 -17.94 -13.84
CA LEU B 424 -20.31 -17.60 -13.26
C LEU B 424 -21.37 -18.63 -13.63
N ALA B 425 -21.64 -18.78 -14.93
CA ALA B 425 -22.70 -19.67 -15.38
C ALA B 425 -22.20 -20.54 -16.52
N ALA B 426 -23.05 -21.49 -16.92
CA ALA B 426 -22.78 -22.38 -18.03
C ALA B 426 -24.08 -23.11 -18.36
N GLY B 427 -24.12 -23.70 -19.55
CA GLY B 427 -25.27 -24.52 -19.88
C GLY B 427 -24.97 -25.47 -21.01
N VAL B 428 -25.82 -26.48 -21.13
CA VAL B 428 -25.72 -27.48 -22.19
C VAL B 428 -27.11 -27.71 -22.76
N VAL B 429 -27.18 -27.92 -24.07
CA VAL B 429 -28.40 -28.28 -24.79
C VAL B 429 -28.18 -29.69 -25.34
N THR B 430 -28.92 -30.67 -24.78
CA THR B 430 -28.86 -32.06 -25.22
C THR B 430 -30.08 -32.82 -24.70
N PRO B 431 -30.67 -33.70 -25.50
CA PRO B 431 -31.73 -34.57 -25.00
C PRO B 431 -31.21 -35.79 -24.26
N ASP B 432 -29.90 -36.02 -24.26
CA ASP B 432 -29.34 -37.24 -23.70
C ASP B 432 -29.09 -37.10 -22.20
N LEU B 433 -29.61 -38.07 -21.45
CA LEU B 433 -29.49 -38.10 -19.99
C LEU B 433 -28.04 -38.03 -19.55
N ASN B 434 -27.22 -38.96 -20.04
CA ASN B 434 -25.84 -39.03 -19.58
C ASN B 434 -25.05 -37.81 -20.02
N ARG B 435 -25.25 -37.36 -21.26
CA ARG B 435 -24.49 -36.21 -21.74
C ARG B 435 -24.79 -34.97 -20.91
N ALA B 436 -26.06 -34.77 -20.54
CA ALA B 436 -26.43 -33.55 -19.84
C ALA B 436 -25.73 -33.46 -18.48
N HIS B 437 -25.88 -34.49 -17.66
CA HIS B 437 -25.28 -34.47 -16.33
C HIS B 437 -23.76 -34.59 -16.39
N ARG B 438 -23.25 -35.43 -17.27
CA ARG B 438 -21.81 -35.67 -17.37
C ARG B 438 -21.08 -34.39 -17.73
N ILE B 439 -21.58 -33.64 -18.71
CA ILE B 439 -20.91 -32.41 -19.11
C ILE B 439 -21.03 -31.36 -17.99
N ILE B 440 -22.24 -31.19 -17.47
CA ILE B 440 -22.47 -30.14 -16.48
C ILE B 440 -21.61 -30.37 -15.24
N HIS B 441 -21.44 -31.64 -14.82
CA HIS B 441 -20.63 -31.91 -13.65
C HIS B 441 -19.18 -31.50 -13.83
N GLN B 442 -18.72 -31.39 -15.08
CA GLN B 442 -17.33 -31.05 -15.33
C GLN B 442 -17.10 -29.55 -15.55
N LEU B 443 -18.14 -28.74 -15.63
CA LEU B 443 -17.96 -27.33 -15.92
C LEU B 443 -17.67 -26.56 -14.64
N GLU B 444 -16.77 -25.59 -14.74
CA GLU B 444 -16.35 -24.80 -13.59
C GLU B 444 -17.14 -23.51 -13.52
N ALA B 445 -18.41 -23.66 -13.14
CA ALA B 445 -19.33 -22.55 -13.02
C ALA B 445 -20.33 -22.83 -11.91
N GLY B 446 -20.80 -21.75 -11.26
CA GLY B 446 -21.71 -21.91 -10.13
C GLY B 446 -23.17 -22.05 -10.49
N ILE B 447 -23.55 -21.67 -11.70
CA ILE B 447 -24.94 -21.59 -12.14
C ILE B 447 -25.02 -22.34 -13.46
N CYS B 448 -25.68 -23.51 -13.47
CA CYS B 448 -25.69 -24.36 -14.66
C CYS B 448 -27.11 -24.68 -15.09
N TRP B 449 -27.39 -24.47 -16.39
CA TRP B 449 -28.72 -24.66 -16.95
C TRP B 449 -28.69 -25.77 -18.00
N ILE B 450 -29.61 -26.72 -17.87
CA ILE B 450 -29.80 -27.80 -18.84
C ILE B 450 -31.07 -27.54 -19.64
N ASN B 451 -30.89 -27.35 -20.95
CA ASN B 451 -32.00 -27.14 -21.90
C ASN B 451 -32.83 -25.93 -21.53
N SER B 452 -32.15 -24.87 -21.09
CA SER B 452 -32.79 -23.62 -20.70
CA SER B 452 -32.80 -23.61 -20.76
C SER B 452 -31.70 -22.59 -20.47
N TRP B 453 -32.11 -21.37 -20.15
CA TRP B 453 -31.19 -20.35 -19.71
C TRP B 453 -31.95 -19.29 -18.91
N GLY B 454 -31.35 -18.80 -17.83
CA GLY B 454 -31.77 -17.53 -17.25
C GLY B 454 -32.68 -17.61 -16.04
N GLU B 455 -33.33 -18.74 -15.78
CA GLU B 455 -34.22 -18.82 -14.62
C GLU B 455 -33.38 -18.90 -13.35
N SER B 456 -33.76 -18.12 -12.35
CA SER B 456 -32.98 -18.01 -11.11
C SER B 456 -33.91 -18.10 -9.90
N PRO B 457 -34.40 -19.29 -9.60
CA PRO B 457 -35.39 -19.43 -8.52
C PRO B 457 -34.85 -18.93 -7.19
N ALA B 458 -35.75 -18.38 -6.38
CA ALA B 458 -35.34 -17.90 -5.05
C ALA B 458 -34.65 -19.00 -4.26
N GLU B 459 -35.06 -20.24 -4.47
CA GLU B 459 -34.53 -21.38 -3.73
C GLU B 459 -33.11 -21.74 -4.15
N MET B 460 -32.65 -21.26 -5.32
CA MET B 460 -31.43 -21.77 -5.93
C MET B 460 -30.25 -20.86 -5.64
N PRO B 461 -29.25 -21.31 -4.89
CA PRO B 461 -28.06 -20.47 -4.66
C PRO B 461 -27.35 -20.16 -5.96
N VAL B 462 -26.91 -18.91 -6.11
CA VAL B 462 -26.26 -18.46 -7.34
C VAL B 462 -25.04 -17.61 -7.02
N GLY B 463 -23.96 -17.87 -7.75
CA GLY B 463 -22.74 -17.09 -7.63
C GLY B 463 -21.65 -17.75 -8.44
N GLY B 464 -20.48 -17.16 -8.38
CA GLY B 464 -19.40 -17.48 -9.30
C GLY B 464 -18.33 -18.39 -8.71
N TYR B 465 -17.78 -19.22 -9.58
CA TYR B 465 -16.47 -19.83 -9.38
C TYR B 465 -15.36 -18.84 -9.78
N LYS B 466 -14.17 -19.08 -9.27
CA LYS B 466 -12.93 -18.43 -9.76
C LYS B 466 -13.11 -16.91 -9.67
N HIS B 467 -12.81 -16.15 -10.72
CA HIS B 467 -12.85 -14.70 -10.59
C HIS B 467 -14.25 -14.13 -10.72
N SER B 468 -15.28 -14.96 -10.88
CA SER B 468 -16.63 -14.43 -11.02
C SER B 468 -17.33 -14.21 -9.69
N GLY B 469 -16.76 -14.61 -8.57
CA GLY B 469 -17.42 -14.29 -7.32
C GLY B 469 -16.83 -14.91 -6.07
N ILE B 470 -17.36 -14.42 -4.95
CA ILE B 470 -17.14 -14.95 -3.61
C ILE B 470 -18.50 -15.12 -2.98
N GLY B 471 -18.77 -16.29 -2.45
CA GLY B 471 -20.06 -16.50 -1.82
C GLY B 471 -21.18 -16.68 -2.82
N ARG B 472 -22.40 -16.68 -2.27
CA ARG B 472 -23.60 -16.94 -3.05
C ARG B 472 -24.70 -16.00 -2.59
N GLU B 473 -25.71 -15.89 -3.44
CA GLU B 473 -26.97 -15.24 -3.11
C GLU B 473 -28.10 -16.24 -3.39
N ASN B 474 -29.24 -15.99 -2.73
CA ASN B 474 -30.46 -16.80 -2.79
C ASN B 474 -30.26 -18.18 -2.14
N GLY B 475 -31.34 -18.95 -1.99
CA GLY B 475 -31.30 -20.21 -1.30
C GLY B 475 -31.23 -20.09 0.22
N VAL B 476 -31.45 -21.21 0.91
CA VAL B 476 -31.37 -21.21 2.36
CA VAL B 476 -31.38 -21.18 2.36
C VAL B 476 -30.00 -20.76 2.84
N MET B 477 -28.94 -21.14 2.10
CA MET B 477 -27.59 -20.87 2.58
C MET B 477 -27.31 -19.37 2.70
N THR B 478 -27.99 -18.55 1.91
CA THR B 478 -27.70 -17.11 1.99
C THR B 478 -28.36 -16.46 3.19
N LEU B 479 -29.50 -16.97 3.64
CA LEU B 479 -30.03 -16.52 4.92
C LEU B 479 -29.03 -16.81 6.03
N GLN B 480 -28.48 -18.03 6.02
CA GLN B 480 -27.51 -18.42 7.05
C GLN B 480 -26.24 -17.60 6.99
N SER B 481 -25.79 -17.23 5.78
CA SER B 481 -24.54 -16.48 5.64
C SER B 481 -24.68 -15.02 6.02
N TYR B 482 -25.90 -14.54 6.28
CA TYR B 482 -26.09 -13.22 6.88
C TYR B 482 -26.24 -13.30 8.40
N THR B 483 -25.92 -14.45 8.99
CA THR B 483 -25.74 -14.59 10.42
C THR B 483 -24.29 -14.98 10.69
N GLN B 484 -23.88 -14.83 11.94
CA GLN B 484 -22.59 -15.31 12.41
C GLN B 484 -22.83 -16.29 13.55
N VAL B 485 -22.02 -17.34 13.60
CA VAL B 485 -22.20 -18.43 14.56
C VAL B 485 -21.51 -18.07 15.86
N LYS B 486 -22.25 -18.17 16.97
CA LYS B 486 -21.70 -18.10 18.31
C LYS B 486 -21.84 -19.49 18.92
N SER B 487 -20.71 -20.06 19.33
CA SER B 487 -20.68 -21.35 20.01
C SER B 487 -20.57 -21.12 21.51
N ILE B 488 -21.39 -21.82 22.27
CA ILE B 488 -21.50 -21.64 23.72
C ILE B 488 -21.35 -23.01 24.37
N GLN B 489 -20.33 -23.17 25.20
CA GLN B 489 -20.17 -24.40 25.97
C GLN B 489 -20.68 -24.20 27.39
N VAL B 490 -21.59 -25.08 27.80
CA VAL B 490 -22.06 -25.16 29.17
C VAL B 490 -21.28 -26.29 29.84
N GLU B 491 -20.39 -25.93 30.76
CA GLU B 491 -19.64 -26.89 31.55
C GLU B 491 -20.29 -27.04 32.92
N MET B 492 -20.95 -28.16 33.15
CA MET B 492 -21.62 -28.42 34.41
C MET B 492 -20.79 -29.25 35.37
N GLY B 493 -19.68 -29.80 34.93
CA GLY B 493 -18.78 -30.53 35.80
C GLY B 493 -17.77 -29.60 36.42
N PRO B 494 -16.97 -30.10 37.35
CA PRO B 494 -15.97 -29.24 38.01
C PRO B 494 -14.81 -28.93 37.07
N PHE B 495 -14.49 -27.65 36.95
CA PHE B 495 -13.42 -27.23 36.05
C PHE B 495 -12.06 -27.55 36.67
N GLN B 496 -11.18 -28.14 35.88
CA GLN B 496 -9.85 -28.53 36.36
C GLN B 496 -8.81 -27.56 35.80
N SER B 497 -8.13 -26.86 36.68
CA SER B 497 -6.97 -26.07 36.30
C SER B 497 -5.71 -26.87 36.59
N ILE B 498 -4.71 -26.74 35.72
CA ILE B 498 -3.43 -27.40 35.97
C ILE B 498 -2.49 -26.55 36.80
N PHE B 499 -2.90 -25.35 37.20
CA PHE B 499 -2.03 -24.48 38.00
C PHE B 499 -2.36 -24.51 39.50
N HIS C 5 13.71 64.49 -41.75
CA HIS C 5 14.40 65.15 -40.60
C HIS C 5 14.26 66.66 -40.68
N HIS C 6 13.70 67.25 -39.63
CA HIS C 6 13.59 68.69 -39.51
C HIS C 6 14.60 69.16 -38.47
N HIS C 7 15.15 70.34 -38.71
CA HIS C 7 16.15 70.88 -37.81
C HIS C 7 15.51 71.35 -36.49
N HIS C 8 16.27 71.22 -35.41
CA HIS C 8 15.84 71.55 -34.06
C HIS C 8 16.94 72.45 -33.49
N HIS C 9 16.79 73.77 -33.63
CA HIS C 9 17.77 74.71 -33.11
C HIS C 9 17.80 74.70 -31.59
N ARG C 12 24.83 77.14 -28.99
CA ARG C 12 25.97 76.53 -28.33
C ARG C 12 25.72 76.42 -26.83
N MET C 13 26.44 75.51 -26.18
CA MET C 13 26.18 75.18 -24.78
C MET C 13 26.97 76.09 -23.86
N ALA C 14 26.53 76.14 -22.60
CA ALA C 14 27.28 76.81 -21.57
C ALA C 14 28.62 76.10 -21.33
N GLU C 15 29.56 76.82 -20.75
CA GLU C 15 30.81 76.20 -20.33
C GLU C 15 30.52 75.09 -19.33
N GLN C 16 31.05 73.91 -19.59
CA GLN C 16 30.74 72.71 -18.81
C GLN C 16 31.66 72.61 -17.59
N GLN C 17 31.06 72.31 -16.44
CA GLN C 17 31.76 72.27 -15.18
C GLN C 17 32.03 70.82 -14.74
N LEU C 18 32.79 70.68 -13.64
CA LEU C 18 32.96 69.40 -13.01
C LEU C 18 31.70 69.01 -12.25
N TYR C 19 31.56 67.73 -11.97
CA TYR C 19 30.47 67.24 -11.12
C TYR C 19 31.08 66.54 -9.92
N ILE C 20 30.94 67.17 -8.76
CA ILE C 20 31.52 66.67 -7.52
C ILE C 20 30.48 66.81 -6.43
N HIS C 21 30.17 65.70 -5.77
CA HIS C 21 29.31 65.67 -4.59
C HIS C 21 27.90 66.18 -4.88
N GLY C 22 27.31 65.62 -5.94
CA GLY C 22 25.91 65.86 -6.21
C GLY C 22 25.58 67.21 -6.79
N LYS C 23 26.56 67.91 -7.34
CA LYS C 23 26.31 69.21 -7.94
C LYS C 23 27.43 69.52 -8.92
N PHE C 24 27.12 70.40 -9.87
CA PHE C 24 28.14 70.97 -10.73
C PHE C 24 28.93 72.01 -9.95
N VAL C 25 30.25 72.00 -10.12
CA VAL C 25 31.13 72.92 -9.40
C VAL C 25 32.23 73.37 -10.35
N ALA C 26 32.65 74.62 -10.20
CA ALA C 26 33.70 75.15 -11.05
C ALA C 26 35.03 74.48 -10.75
N ALA C 27 35.78 74.16 -11.80
CA ALA C 27 37.14 73.70 -11.61
C ALA C 27 37.98 74.81 -10.97
N THR C 28 39.04 74.42 -10.27
CA THR C 28 40.01 75.37 -9.73
C THR C 28 41.31 75.38 -10.51
N SER C 29 41.36 74.68 -11.66
CA SER C 29 42.59 74.64 -12.46
C SER C 29 42.83 75.92 -13.25
N GLY C 30 41.78 76.68 -13.55
CA GLY C 30 41.90 77.77 -14.48
C GLY C 30 42.06 77.36 -15.93
N LYS C 31 41.84 76.08 -16.23
CA LYS C 31 42.09 75.51 -17.54
C LYS C 31 40.81 75.03 -18.19
N THR C 32 40.75 75.15 -19.52
CA THR C 32 39.61 74.66 -20.29
C THR C 32 40.11 73.94 -21.54
N PHE C 33 39.20 73.16 -22.13
CA PHE C 33 39.43 72.58 -23.45
C PHE C 33 38.10 72.64 -24.20
N GLU C 34 38.16 72.34 -25.50
CA GLU C 34 36.98 72.38 -26.36
C GLU C 34 36.64 70.98 -26.85
N THR C 35 35.35 70.70 -26.97
CA THR C 35 34.87 69.53 -27.69
C THR C 35 34.19 69.99 -28.98
N ILE C 36 34.47 69.28 -30.07
CA ILE C 36 34.05 69.65 -31.42
C ILE C 36 32.92 68.73 -31.85
N ASN C 37 32.03 69.28 -32.65
CA ASN C 37 31.04 68.50 -33.39
C ASN C 37 31.70 68.01 -34.67
N PRO C 38 31.98 66.71 -34.80
CA PRO C 38 32.71 66.21 -35.97
C PRO C 38 31.95 66.28 -37.27
N ALA C 39 30.63 66.52 -37.23
CA ALA C 39 29.89 66.68 -38.48
C ALA C 39 30.05 68.06 -39.07
N THR C 40 30.41 69.05 -38.26
CA THR C 40 30.45 70.44 -38.70
C THR C 40 31.77 71.13 -38.48
N GLY C 41 32.63 70.62 -37.60
CA GLY C 41 33.83 71.33 -37.23
C GLY C 41 33.63 72.41 -36.21
N GLU C 42 32.39 72.65 -35.78
CA GLU C 42 32.10 73.71 -34.82
C GLU C 42 32.38 73.24 -33.40
N VAL C 43 32.71 74.21 -32.54
CA VAL C 43 32.84 73.95 -31.12
C VAL C 43 31.46 73.70 -30.53
N LEU C 44 31.28 72.52 -29.90
CA LEU C 44 30.06 72.21 -29.17
C LEU C 44 30.06 72.89 -27.80
N ALA C 45 31.18 72.83 -27.10
CA ALA C 45 31.25 73.39 -25.76
C ALA C 45 32.70 73.62 -25.38
N THR C 46 32.90 74.62 -24.54
CA THR C 46 34.09 74.76 -23.74
C THR C 46 33.87 74.00 -22.44
N VAL C 47 34.90 73.28 -22.01
CA VAL C 47 34.81 72.39 -20.86
C VAL C 47 35.94 72.69 -19.90
N GLN C 48 35.61 72.79 -18.63
CA GLN C 48 36.62 73.00 -17.61
C GLN C 48 37.38 71.71 -17.35
N ALA C 49 38.67 71.85 -17.08
CA ALA C 49 39.56 70.72 -16.83
C ALA C 49 39.87 70.61 -15.34
N ALA C 50 39.67 69.43 -14.79
CA ALA C 50 39.94 69.22 -13.37
C ALA C 50 41.43 69.29 -13.07
N GLY C 51 41.80 70.12 -12.10
CA GLY C 51 43.17 70.20 -11.66
C GLY C 51 43.47 69.22 -10.56
N ARG C 52 44.70 69.31 -10.04
CA ARG C 52 45.15 68.38 -9.01
CA ARG C 52 45.15 68.38 -9.01
C ARG C 52 44.30 68.55 -7.74
N GLU C 53 44.03 69.78 -7.33
CA GLU C 53 43.18 69.99 -6.16
C GLU C 53 41.76 69.49 -6.41
N ASP C 54 41.26 69.67 -7.63
CA ASP C 54 39.93 69.18 -7.96
C ASP C 54 39.86 67.67 -7.80
N VAL C 55 40.91 66.96 -8.20
CA VAL C 55 40.91 65.51 -8.03
C VAL C 55 40.92 65.14 -6.55
N ASP C 56 41.72 65.83 -5.74
CA ASP C 56 41.73 65.55 -4.30
CA ASP C 56 41.72 65.49 -4.33
C ASP C 56 40.35 65.74 -3.69
N ARG C 57 39.69 66.84 -4.07
CA ARG C 57 38.34 67.10 -3.56
C ARG C 57 37.38 66.00 -3.97
N ALA C 58 37.49 65.55 -5.21
CA ALA C 58 36.62 64.47 -5.67
C ALA C 58 36.86 63.18 -4.90
N VAL C 59 38.12 62.90 -4.56
CA VAL C 59 38.41 61.71 -3.77
C VAL C 59 37.81 61.84 -2.37
N LYS C 60 37.97 63.00 -1.76
CA LYS C 60 37.42 63.17 -0.41
C LYS C 60 35.90 63.11 -0.44
N SER C 61 35.29 63.68 -1.48
CA SER C 61 33.85 63.54 -1.69
C SER C 61 33.47 62.07 -1.87
N ALA C 62 34.23 61.34 -2.69
CA ALA C 62 33.93 59.94 -2.95
C ALA C 62 34.06 59.10 -1.69
N GLN C 63 35.07 59.39 -0.86
CA GLN C 63 35.23 58.62 0.38
C GLN C 63 34.01 58.80 1.29
N GLN C 64 33.47 60.02 1.35
CA GLN C 64 32.33 60.29 2.21
C GLN C 64 31.08 59.61 1.68
N GLY C 65 30.85 59.72 0.37
CA GLY C 65 29.68 59.08 -0.22
C GLY C 65 29.77 57.57 -0.19
N GLN C 66 30.96 57.02 -0.41
CA GLN C 66 31.10 55.57 -0.40
C GLN C 66 30.64 55.00 0.93
N LYS C 67 30.92 55.69 2.03
CA LYS C 67 30.54 55.19 3.34
C LYS C 67 29.04 55.07 3.46
N VAL C 68 28.32 56.12 3.03
CA VAL C 68 26.86 56.10 3.07
C VAL C 68 26.32 54.95 2.21
N TRP C 69 26.84 54.85 0.98
CA TRP C 69 26.36 53.87 0.01
C TRP C 69 26.60 52.46 0.49
N ALA C 70 27.78 52.19 1.04
CA ALA C 70 28.12 50.84 1.46
C ALA C 70 27.37 50.43 2.72
N ALA C 71 26.97 51.39 3.54
CA ALA C 71 26.26 51.06 4.76
C ALA C 71 24.78 50.75 4.54
N MET C 72 24.23 51.20 3.41
CA MET C 72 22.88 50.84 3.01
C MET C 72 22.71 49.34 2.83
N SER C 73 21.46 48.90 2.82
CA SER C 73 21.19 47.50 2.49
C SER C 73 21.48 47.24 1.01
N ALA C 74 21.68 45.97 0.69
CA ALA C 74 21.88 45.57 -0.69
C ALA C 74 20.69 45.96 -1.57
N MET C 75 19.48 45.71 -1.10
CA MET C 75 18.31 46.01 -1.91
C MET C 75 18.08 47.51 -2.01
N ALA C 76 18.47 48.27 -0.98
CA ALA C 76 18.39 49.73 -1.09
C ALA C 76 19.28 50.24 -2.22
N ARG C 77 20.48 49.67 -2.36
CA ARG C 77 21.35 50.01 -3.48
C ARG C 77 20.73 49.57 -4.80
N SER C 78 20.19 48.35 -4.84
CA SER C 78 19.57 47.85 -6.06
CA SER C 78 19.57 47.86 -6.07
C SER C 78 18.49 48.80 -6.56
N ARG C 79 17.65 49.29 -5.66
CA ARG C 79 16.51 50.11 -6.04
C ARG C 79 16.97 51.44 -6.64
N ILE C 80 18.04 52.02 -6.09
CA ILE C 80 18.54 53.28 -6.61
C ILE C 80 19.09 53.10 -8.02
N LEU C 81 19.90 52.06 -8.25
CA LEU C 81 20.43 51.83 -9.59
C LEU C 81 19.29 51.52 -10.57
N ARG C 82 18.23 50.86 -10.11
CA ARG C 82 17.06 50.60 -10.95
CA ARG C 82 17.08 50.61 -10.97
C ARG C 82 16.33 51.90 -11.29
N LYS C 83 16.27 52.85 -10.36
CA LYS C 83 15.64 54.12 -10.68
C LYS C 83 16.45 54.84 -11.75
N ALA C 84 17.78 54.73 -11.70
CA ALA C 84 18.62 55.32 -12.75
C ALA C 84 18.37 54.66 -14.09
N VAL C 85 18.21 53.33 -14.11
CA VAL C 85 17.82 52.65 -15.35
C VAL C 85 16.54 53.25 -15.91
N ASP C 86 15.52 53.42 -15.06
CA ASP C 86 14.24 53.96 -15.53
C ASP C 86 14.41 55.31 -16.20
N ILE C 87 15.23 56.18 -15.61
CA ILE C 87 15.46 57.50 -16.18
C ILE C 87 16.19 57.40 -17.51
N LEU C 88 17.19 56.52 -17.58
CA LEU C 88 17.94 56.34 -18.82
C LEU C 88 17.05 55.87 -19.95
N ARG C 89 16.11 54.96 -19.65
CA ARG C 89 15.16 54.55 -20.67
C ARG C 89 14.32 55.72 -21.13
N GLU C 90 13.84 56.53 -20.19
CA GLU C 90 12.98 57.65 -20.51
C GLU C 90 13.72 58.70 -21.34
N ARG C 91 15.00 58.92 -21.05
CA ARG C 91 15.77 59.96 -21.72
C ARG C 91 16.60 59.43 -22.87
N ASN C 92 16.33 58.21 -23.32
CA ASN C 92 17.15 57.58 -24.34
C ASN C 92 17.38 58.50 -25.53
N ASP C 93 16.31 59.08 -26.09
CA ASP C 93 16.45 59.84 -27.32
C ASP C 93 17.21 61.15 -27.11
N GLU C 94 16.96 61.84 -26.00
CA GLU C 94 17.70 63.07 -25.69
C GLU C 94 19.19 62.78 -25.51
N LEU C 95 19.53 61.73 -24.78
CA LEU C 95 20.92 61.38 -24.58
C LEU C 95 21.57 60.95 -25.88
N ALA C 96 20.84 60.22 -26.72
CA ALA C 96 21.38 59.75 -27.99
C ALA C 96 21.71 60.91 -28.91
N ARG C 97 20.83 61.91 -28.97
CA ARG C 97 21.09 63.08 -29.79
C ARG C 97 22.35 63.80 -29.32
N LEU C 98 22.52 63.97 -28.01
CA LEU C 98 23.75 64.59 -27.51
C LEU C 98 24.97 63.75 -27.86
N GLU C 99 24.88 62.43 -27.72
CA GLU C 99 26.00 61.56 -28.08
C GLU C 99 26.34 61.68 -29.55
N THR C 100 25.32 61.77 -30.40
CA THR C 100 25.56 61.94 -31.83
C THR C 100 26.29 63.25 -32.12
N LEU C 101 25.88 64.33 -31.46
CA LEU C 101 26.54 65.61 -31.66
C LEU C 101 28.00 65.56 -31.24
N ASP C 102 28.28 64.84 -30.15
CA ASP C 102 29.62 64.82 -29.58
C ASP C 102 30.53 63.85 -30.31
N THR C 103 29.98 62.75 -30.85
CA THR C 103 30.80 61.68 -31.43
C THR C 103 30.76 61.60 -32.95
N GLY C 104 29.72 62.13 -33.59
CA GLY C 104 29.51 61.90 -35.00
C GLY C 104 28.87 60.58 -35.36
N LYS C 105 28.49 59.76 -34.37
CA LYS C 105 27.83 58.50 -34.72
C LYS C 105 26.37 58.74 -35.09
N PRO C 106 25.85 58.04 -36.10
CA PRO C 106 24.46 58.27 -36.52
C PRO C 106 23.47 58.04 -35.39
N LEU C 107 22.40 58.85 -35.39
CA LEU C 107 21.35 58.67 -34.40
C LEU C 107 20.74 57.27 -34.49
N SER C 108 20.75 56.68 -35.68
CA SER C 108 20.27 55.31 -35.85
C SER C 108 21.07 54.33 -35.00
N GLU C 109 22.34 54.65 -34.71
CA GLU C 109 23.09 53.85 -33.76
C GLU C 109 22.88 54.27 -32.31
N THR C 110 23.08 55.57 -32.00
CA THR C 110 23.11 55.98 -30.60
C THR C 110 21.76 55.79 -29.94
N ALA C 111 20.67 55.96 -30.68
CA ALA C 111 19.35 55.78 -30.07
C ALA C 111 18.96 54.32 -29.94
N ALA C 112 19.68 53.40 -30.58
CA ALA C 112 19.36 51.99 -30.53
C ALA C 112 20.33 51.17 -29.70
N VAL C 113 21.57 51.63 -29.52
CA VAL C 113 22.62 50.83 -28.92
C VAL C 113 23.21 51.50 -27.66
N ASP C 114 23.68 52.74 -27.79
CA ASP C 114 24.59 53.28 -26.77
C ASP C 114 23.94 53.33 -25.39
N ILE C 115 22.79 54.00 -25.29
CA ILE C 115 22.17 54.08 -23.98
C ILE C 115 21.42 52.79 -23.67
N VAL C 116 20.79 52.17 -24.67
CA VAL C 116 20.07 50.92 -24.42
C VAL C 116 20.97 49.89 -23.74
N THR C 117 22.16 49.67 -24.30
CA THR C 117 23.05 48.62 -23.79
C THR C 117 23.82 49.09 -22.56
N GLY C 118 24.07 50.40 -22.44
CA GLY C 118 24.60 50.91 -21.19
C GLY C 118 23.64 50.68 -20.04
N ALA C 119 22.36 51.03 -20.25
CA ALA C 119 21.35 50.81 -19.22
C ALA C 119 21.10 49.31 -19.00
N ASP C 120 21.21 48.49 -20.05
CA ASP C 120 21.08 47.05 -19.87
C ASP C 120 22.07 46.54 -18.83
N VAL C 121 23.31 47.05 -18.87
CA VAL C 121 24.33 46.56 -17.96
C VAL C 121 24.09 47.09 -16.55
N LEU C 122 23.66 48.33 -16.42
CA LEU C 122 23.31 48.85 -15.10
C LEU C 122 22.15 48.06 -14.51
N GLU C 123 21.16 47.76 -15.33
CA GLU C 123 20.00 46.99 -14.88
C GLU C 123 20.41 45.60 -14.40
N TYR C 124 21.30 44.95 -15.16
CA TYR C 124 21.85 43.65 -14.78
C TYR C 124 22.50 43.69 -13.41
N TYR C 125 23.45 44.61 -13.22
CA TYR C 125 24.17 44.66 -11.95
C TYR C 125 23.27 45.08 -10.81
N ALA C 126 22.29 45.96 -11.05
CA ALA C 126 21.35 46.31 -9.99
C ALA C 126 20.71 45.07 -9.38
N GLY C 127 20.32 44.10 -10.21
CA GLY C 127 19.68 42.91 -9.70
C GLY C 127 20.60 41.94 -8.96
N LEU C 128 21.91 42.02 -9.20
CA LEU C 128 22.85 41.08 -8.61
C LEU C 128 23.39 41.50 -7.25
N ILE C 129 23.17 42.74 -6.83
CA ILE C 129 23.76 43.21 -5.59
C ILE C 129 23.47 42.29 -4.41
N PRO C 130 22.24 41.82 -4.19
CA PRO C 130 21.99 40.96 -3.02
C PRO C 130 22.66 39.60 -3.12
N ALA C 131 23.16 39.22 -4.30
CA ALA C 131 23.80 37.94 -4.47
C ALA C 131 25.30 37.99 -4.32
N LEU C 132 25.87 39.15 -4.00
CA LEU C 132 27.31 39.27 -3.79
C LEU C 132 27.61 38.66 -2.43
N GLU C 133 28.24 37.50 -2.42
CA GLU C 133 28.44 36.72 -1.21
C GLU C 133 29.90 36.35 -1.04
N GLY C 134 30.32 36.25 0.23
CA GLY C 134 31.58 35.64 0.58
C GLY C 134 31.44 34.15 0.76
N SER C 135 32.47 33.56 1.37
CA SER C 135 32.56 32.12 1.56
CA SER C 135 32.54 32.12 1.56
C SER C 135 32.76 31.81 3.04
N GLN C 136 32.58 30.53 3.38
CA GLN C 136 32.91 30.02 4.69
C GLN C 136 33.57 28.67 4.52
N ILE C 137 34.69 28.46 5.21
CA ILE C 137 35.51 27.26 5.05
C ILE C 137 35.80 26.68 6.43
N PRO C 138 35.28 25.50 6.74
CA PRO C 138 35.61 24.85 8.03
C PRO C 138 37.02 24.28 7.98
N LEU C 139 37.81 24.54 9.00
CA LEU C 139 39.13 23.95 9.07
C LEU C 139 39.15 22.70 9.94
N ARG C 140 38.43 22.76 11.04
CA ARG C 140 38.40 21.73 12.06
C ARG C 140 37.28 22.16 13.00
N ASP C 141 36.92 21.28 13.93
CA ASP C 141 35.80 21.63 14.81
C ASP C 141 36.06 22.95 15.53
N SER C 142 37.32 23.27 15.82
CA SER C 142 37.66 24.43 16.63
C SER C 142 38.08 25.66 15.82
N SER C 143 37.99 25.63 14.48
CA SER C 143 38.36 26.81 13.73
C SER C 143 37.72 26.81 12.35
N PHE C 144 37.34 28.00 11.89
CA PHE C 144 36.81 28.19 10.54
C PHE C 144 37.26 29.54 10.00
N VAL C 145 37.14 29.66 8.68
CA VAL C 145 37.44 30.88 7.94
C VAL C 145 36.16 31.35 7.27
N TYR C 146 35.96 32.65 7.24
CA TYR C 146 34.96 33.22 6.34
C TYR C 146 35.58 34.39 5.62
N THR C 147 35.05 34.69 4.43
CA THR C 147 35.58 35.78 3.64
C THR C 147 34.50 36.83 3.42
N ARG C 148 34.94 38.06 3.27
CA ARG C 148 34.08 39.18 2.90
C ARG C 148 34.54 39.71 1.56
N ARG C 149 33.59 40.07 0.72
CA ARG C 149 33.86 40.76 -0.54
C ARG C 149 33.63 42.23 -0.25
N GLU C 150 34.68 42.91 0.15
CA GLU C 150 34.54 44.28 0.58
C GLU C 150 34.73 45.23 -0.60
N PRO C 151 34.07 46.40 -0.57
CA PRO C 151 34.37 47.42 -1.57
C PRO C 151 35.86 47.75 -1.59
N LEU C 152 36.35 48.05 -2.78
CA LEU C 152 37.67 48.62 -2.90
C LEU C 152 37.74 50.00 -2.28
N GLY C 153 36.63 50.74 -2.29
CA GLY C 153 36.59 52.07 -1.74
C GLY C 153 36.27 53.08 -2.83
N VAL C 154 37.29 53.84 -3.23
CA VAL C 154 37.17 54.80 -4.31
C VAL C 154 37.91 54.22 -5.51
N VAL C 155 37.23 54.13 -6.64
CA VAL C 155 37.83 53.63 -7.87
C VAL C 155 37.68 54.72 -8.93
N ALA C 156 38.51 54.63 -9.98
CA ALA C 156 38.48 55.59 -11.05
C ALA C 156 38.24 54.88 -12.36
N GLY C 157 37.38 55.45 -13.20
CA GLY C 157 37.15 54.99 -14.55
C GLY C 157 37.60 56.05 -15.54
N ILE C 158 38.27 55.62 -16.61
CA ILE C 158 38.76 56.50 -17.66
C ILE C 158 38.16 55.99 -18.95
N GLY C 159 37.28 56.81 -19.56
CA GLY C 159 36.51 56.35 -20.70
C GLY C 159 37.16 56.68 -22.02
N ALA C 160 36.64 56.08 -23.08
CA ALA C 160 37.10 56.35 -24.43
C ALA C 160 36.03 57.11 -25.19
N TRP C 161 36.38 57.57 -26.39
CA TRP C 161 35.49 58.47 -27.09
C TRP C 161 34.51 57.78 -28.04
N ASN C 162 34.64 56.48 -28.29
CA ASN C 162 33.80 55.91 -29.34
C ASN C 162 32.42 55.54 -28.81
N TYR C 163 32.30 55.16 -27.54
CA TYR C 163 31.03 54.86 -26.89
C TYR C 163 30.98 55.55 -25.53
N PRO C 164 30.89 56.88 -25.49
CA PRO C 164 31.12 57.60 -24.22
C PRO C 164 30.21 57.20 -23.08
N ILE C 165 28.89 57.29 -23.25
CA ILE C 165 28.02 57.03 -22.11
C ILE C 165 27.90 55.52 -21.87
N GLN C 166 27.98 54.70 -22.92
CA GLN C 166 27.97 53.26 -22.70
C GLN C 166 29.15 52.83 -21.82
N ILE C 167 30.34 53.35 -22.11
CA ILE C 167 31.53 53.01 -21.34
C ILE C 167 31.38 53.49 -19.90
N ALA C 168 30.88 54.71 -19.73
CA ALA C 168 30.65 55.22 -18.38
C ALA C 168 29.70 54.31 -17.60
N LEU C 169 28.68 53.78 -18.27
CA LEU C 169 27.75 52.88 -17.60
C LEU C 169 28.39 51.52 -17.34
N TRP C 170 29.13 50.99 -18.31
CA TRP C 170 29.73 49.68 -18.11
C TRP C 170 30.80 49.66 -17.02
N LYS C 171 31.45 50.80 -16.77
CA LYS C 171 32.41 50.89 -15.68
C LYS C 171 31.71 51.21 -14.35
N SER C 172 30.80 52.19 -14.35
CA SER C 172 30.20 52.63 -13.10
C SER C 172 29.19 51.61 -12.56
N ALA C 173 28.52 50.86 -13.43
CA ALA C 173 27.47 49.94 -12.94
C ALA C 173 28.04 48.87 -12.01
N PRO C 174 29.04 48.08 -12.42
CA PRO C 174 29.59 47.10 -11.46
C PRO C 174 30.32 47.74 -10.30
N ALA C 175 30.98 48.87 -10.52
CA ALA C 175 31.69 49.55 -9.44
C ALA C 175 30.73 49.98 -8.33
N LEU C 176 29.65 50.64 -8.71
CA LEU C 176 28.66 51.07 -7.74
C LEU C 176 27.92 49.89 -7.14
N ALA C 177 27.60 48.88 -7.97
CA ALA C 177 26.87 47.72 -7.45
C ALA C 177 27.68 46.97 -6.40
N ALA C 178 29.00 46.99 -6.52
CA ALA C 178 29.89 46.34 -5.56
C ALA C 178 30.14 47.20 -4.33
N GLY C 179 29.55 48.39 -4.25
CA GLY C 179 29.64 49.21 -3.05
C GLY C 179 30.71 50.29 -3.08
N ASN C 180 31.32 50.55 -4.23
CA ASN C 180 32.33 51.58 -4.36
C ASN C 180 31.71 52.90 -4.76
N ALA C 181 32.50 53.96 -4.59
CA ALA C 181 32.32 55.22 -5.31
C ALA C 181 33.26 55.19 -6.51
N MET C 182 32.82 55.77 -7.63
CA MET C 182 33.68 55.88 -8.80
C MET C 182 33.84 57.35 -9.18
N ILE C 183 35.08 57.73 -9.43
CA ILE C 183 35.39 58.99 -10.11
C ILE C 183 35.63 58.65 -11.57
N PHE C 184 34.87 59.27 -12.47
CA PHE C 184 34.93 58.96 -13.88
C PHE C 184 35.47 60.14 -14.67
N LYS C 185 36.47 59.89 -15.51
CA LYS C 185 36.98 60.90 -16.42
C LYS C 185 36.63 60.50 -17.85
N PRO C 186 35.75 61.23 -18.52
CA PRO C 186 35.46 60.91 -19.92
C PRO C 186 36.60 61.35 -20.81
N SER C 187 36.63 60.80 -22.01
CA SER C 187 37.56 61.29 -23.02
C SER C 187 37.33 62.78 -23.24
N GLU C 188 38.42 63.54 -23.36
CA GLU C 188 38.32 64.94 -23.72
C GLU C 188 37.70 65.12 -25.08
N VAL C 189 37.68 64.07 -25.91
CA VAL C 189 37.05 64.20 -27.20
C VAL C 189 35.54 64.22 -27.07
N THR C 190 35.00 63.59 -26.02
CA THR C 190 33.56 63.35 -25.90
C THR C 190 33.15 63.44 -24.43
N PRO C 191 33.23 64.62 -23.83
CA PRO C 191 32.99 64.73 -22.39
C PRO C 191 31.53 64.90 -21.95
N LEU C 192 30.58 65.10 -22.87
CA LEU C 192 29.30 65.69 -22.47
C LEU C 192 28.32 64.72 -21.83
N THR C 193 28.17 63.52 -22.37
CA THR C 193 27.13 62.64 -21.85
C THR C 193 27.47 62.10 -20.46
N ALA C 194 28.75 62.01 -20.11
CA ALA C 194 29.10 61.56 -18.77
C ALA C 194 28.59 62.53 -17.73
N LEU C 195 28.59 63.84 -18.04
CA LEU C 195 28.06 64.82 -17.10
C LEU C 195 26.55 64.67 -16.94
N LYS C 196 25.86 64.33 -18.02
CA LYS C 196 24.43 64.03 -17.92
C LYS C 196 24.18 62.82 -17.03
N LEU C 197 24.99 61.78 -17.19
CA LEU C 197 24.82 60.59 -16.38
C LEU C 197 24.95 60.90 -14.89
N ALA C 198 25.90 61.79 -14.53
CA ALA C 198 26.08 62.14 -13.12
C ALA C 198 24.81 62.77 -12.55
N GLU C 199 24.16 63.64 -13.33
CA GLU C 199 22.90 64.22 -12.88
C GLU C 199 21.83 63.16 -12.70
N ILE C 200 21.78 62.20 -13.63
CA ILE C 200 20.77 61.14 -13.58
C ILE C 200 20.96 60.27 -12.35
N TYR C 201 22.21 59.89 -12.05
CA TYR C 201 22.45 59.12 -10.84
C TYR C 201 21.95 59.87 -9.60
N ARG C 202 22.22 61.18 -9.53
CA ARG C 202 21.75 61.93 -8.36
C ARG C 202 20.23 61.92 -8.29
N GLU C 203 19.56 62.15 -9.44
CA GLU C 203 18.11 62.13 -9.48
C GLU C 203 17.54 60.79 -9.01
N ALA C 204 18.27 59.69 -9.26
CA ALA C 204 17.81 58.36 -8.86
C ALA C 204 18.00 58.08 -7.37
N GLY C 205 18.71 58.93 -6.64
CA GLY C 205 18.94 58.73 -5.24
C GLY C 205 20.34 58.29 -4.87
N LEU C 206 21.27 58.32 -5.80
CA LEU C 206 22.64 57.96 -5.46
C LEU C 206 23.19 58.94 -4.45
N PRO C 207 23.81 58.49 -3.35
CA PRO C 207 24.34 59.45 -2.37
C PRO C 207 25.38 60.34 -3.03
N ASP C 208 25.41 61.60 -2.57
CA ASP C 208 26.40 62.54 -3.10
C ASP C 208 27.82 61.99 -2.92
N GLY C 209 28.61 62.12 -3.98
CA GLY C 209 29.99 61.69 -3.98
C GLY C 209 30.22 60.31 -4.58
N VAL C 210 29.16 59.51 -4.74
CA VAL C 210 29.37 58.13 -5.18
C VAL C 210 29.70 58.08 -6.65
N PHE C 211 29.22 59.03 -7.45
CA PHE C 211 29.62 59.13 -8.86
C PHE C 211 29.95 60.59 -9.18
N ASN C 212 31.25 60.87 -9.25
CA ASN C 212 31.78 62.19 -9.58
C ASN C 212 32.36 62.11 -10.98
N VAL C 213 32.24 63.20 -11.74
CA VAL C 213 32.71 63.22 -13.12
C VAL C 213 33.68 64.38 -13.25
N LEU C 214 34.89 64.09 -13.69
CA LEU C 214 35.96 65.08 -13.86
C LEU C 214 36.42 65.10 -15.31
N PRO C 215 35.84 65.96 -16.15
CA PRO C 215 36.42 66.18 -17.48
C PRO C 215 37.84 66.72 -17.37
N GLY C 216 38.62 66.44 -18.40
CA GLY C 216 39.98 66.93 -18.46
C GLY C 216 40.76 66.20 -19.52
N ILE C 217 42.06 66.48 -19.54
CA ILE C 217 43.03 65.94 -20.47
C ILE C 217 43.71 64.72 -19.87
N GLY C 218 44.14 63.80 -20.74
CA GLY C 218 44.83 62.61 -20.26
C GLY C 218 46.12 62.93 -19.53
N ALA C 219 46.93 63.83 -20.09
CA ALA C 219 48.22 64.14 -19.50
C ALA C 219 48.11 64.83 -18.14
N GLU C 220 46.94 65.39 -17.81
CA GLU C 220 46.76 66.09 -16.55
C GLU C 220 45.75 65.35 -15.70
N THR C 221 44.45 65.62 -15.90
CA THR C 221 43.42 65.01 -15.07
C THR C 221 43.61 63.49 -15.01
N GLY C 222 43.81 62.84 -16.16
CA GLY C 222 43.98 61.41 -16.18
C GLY C 222 45.16 60.94 -15.34
N GLN C 223 46.29 61.63 -15.47
CA GLN C 223 47.46 61.27 -14.70
C GLN C 223 47.23 61.48 -13.21
N TYR C 224 46.54 62.57 -12.84
CA TYR C 224 46.29 62.82 -11.43
C TYR C 224 45.48 61.69 -10.81
N LEU C 225 44.52 61.14 -11.57
CA LEU C 225 43.72 60.04 -11.04
C LEU C 225 44.54 58.78 -10.88
N THR C 226 45.39 58.46 -11.86
CA THR C 226 46.20 57.25 -11.76
C THR C 226 47.24 57.36 -10.67
N GLU C 227 47.64 58.58 -10.30
CA GLU C 227 48.65 58.78 -9.28
C GLU C 227 48.09 58.90 -7.88
N HIS C 228 46.80 59.14 -7.74
CA HIS C 228 46.29 59.56 -6.44
C HIS C 228 46.44 58.43 -5.43
N PRO C 229 46.94 58.70 -4.22
CA PRO C 229 47.21 57.61 -3.28
C PRO C 229 45.97 56.94 -2.70
N ASP C 230 44.79 57.55 -2.76
CA ASP C 230 43.60 57.00 -2.12
C ASP C 230 42.62 56.39 -3.12
N ILE C 231 43.00 56.22 -4.37
CA ILE C 231 42.20 55.52 -5.36
C ILE C 231 42.72 54.09 -5.44
N ALA C 232 41.82 53.12 -5.29
CA ALA C 232 42.22 51.73 -5.11
C ALA C 232 42.31 50.93 -6.41
N LYS C 233 41.66 51.41 -7.46
CA LYS C 233 41.61 50.68 -8.73
C LYS C 233 41.37 51.68 -9.85
N ILE C 234 42.01 51.43 -11.00
CA ILE C 234 41.81 52.20 -12.22
C ILE C 234 41.27 51.23 -13.26
N SER C 235 40.20 51.63 -13.94
CA SER C 235 39.67 50.91 -15.10
C SER C 235 39.73 51.83 -16.31
N PHE C 236 40.47 51.42 -17.33
CA PHE C 236 40.79 52.24 -18.49
C PHE C 236 40.31 51.56 -19.74
N THR C 237 39.72 52.34 -20.64
CA THR C 237 39.39 51.92 -22.00
C THR C 237 40.03 52.90 -22.96
N GLY C 238 40.75 52.37 -23.95
CA GLY C 238 41.46 53.24 -24.87
C GLY C 238 42.44 52.47 -25.73
N GLY C 239 43.43 53.20 -26.24
CA GLY C 239 44.38 52.60 -27.18
C GLY C 239 45.43 51.78 -26.48
N VAL C 240 45.96 50.78 -27.21
CA VAL C 240 46.94 49.86 -26.65
C VAL C 240 48.12 50.62 -26.05
N ALA C 241 48.60 51.63 -26.75
CA ALA C 241 49.76 52.37 -26.28
C ALA C 241 49.46 53.15 -25.00
N SER C 242 48.40 53.96 -25.01
CA SER C 242 48.06 54.75 -23.84
C SER C 242 47.77 53.86 -22.64
N GLY C 243 47.20 52.68 -22.88
CA GLY C 243 46.95 51.77 -21.79
C GLY C 243 48.22 51.36 -21.08
N LYS C 244 49.26 51.02 -21.85
CA LYS C 244 50.54 50.69 -21.24
C LYS C 244 51.01 51.82 -20.31
N LYS C 245 50.79 53.06 -20.72
CA LYS C 245 51.18 54.20 -19.88
C LYS C 245 50.36 54.27 -18.59
N VAL C 246 49.03 54.09 -18.70
CA VAL C 246 48.18 54.21 -17.53
C VAL C 246 48.52 53.14 -16.50
N MET C 247 48.70 51.91 -16.96
CA MET C 247 49.00 50.81 -16.04
C MET C 247 50.31 51.05 -15.30
N ALA C 248 51.30 51.61 -16.00
CA ALA C 248 52.59 51.90 -15.37
C ALA C 248 52.45 52.91 -14.23
N ASN C 249 51.82 54.06 -14.52
CA ASN C 249 51.71 55.10 -13.50
C ASN C 249 50.89 54.63 -12.30
N SER C 250 49.88 53.79 -12.53
CA SER C 250 49.10 53.27 -11.42
C SER C 250 49.95 52.41 -10.49
N ALA C 251 50.96 51.74 -11.04
CA ALA C 251 51.89 50.97 -10.24
C ALA C 251 52.90 51.88 -9.55
N ALA C 252 53.54 52.76 -10.33
CA ALA C 252 54.61 53.62 -9.82
C ALA C 252 54.12 54.58 -8.75
N SER C 253 52.83 54.65 -8.47
CA SER C 253 52.27 55.58 -7.49
C SER C 253 51.79 54.86 -6.23
N SER C 254 50.70 54.08 -6.33
CA SER C 254 50.11 53.49 -5.13
C SER C 254 49.72 52.02 -5.31
N LEU C 255 50.27 51.34 -6.29
CA LEU C 255 49.92 49.96 -6.58
C LEU C 255 48.41 49.74 -6.59
N LYS C 256 47.76 50.11 -7.67
CA LYS C 256 46.32 50.02 -7.81
C LYS C 256 45.98 48.75 -8.58
N GLU C 257 44.82 48.17 -8.27
CA GLU C 257 44.26 47.17 -9.16
C GLU C 257 43.91 47.85 -10.49
N VAL C 258 43.92 47.08 -11.56
CA VAL C 258 43.74 47.66 -12.89
C VAL C 258 42.88 46.78 -13.77
N THR C 259 42.09 47.43 -14.60
CA THR C 259 41.38 46.82 -15.72
C THR C 259 41.71 47.65 -16.94
N MET C 260 41.99 46.97 -18.06
CA MET C 260 42.30 47.67 -19.32
C MET C 260 41.55 46.99 -20.44
N GLU C 261 40.76 47.76 -21.16
CA GLU C 261 40.03 47.31 -22.34
C GLU C 261 40.63 48.07 -23.51
N LEU C 262 41.46 47.41 -24.31
CA LEU C 262 42.20 48.10 -25.35
C LEU C 262 41.69 47.63 -26.72
N GLY C 263 42.42 48.00 -27.78
CA GLY C 263 42.02 47.72 -29.14
C GLY C 263 42.43 46.33 -29.57
N GLY C 264 42.23 46.06 -30.86
CA GLY C 264 42.57 44.77 -31.42
C GLY C 264 42.75 44.83 -32.93
N LYS C 265 43.06 43.66 -33.50
CA LYS C 265 43.06 43.43 -34.95
C LYS C 265 42.37 42.07 -35.12
N SER C 266 41.08 42.04 -34.85
CA SER C 266 40.36 40.78 -34.63
C SER C 266 40.12 40.05 -35.95
N PRO C 267 40.31 38.73 -35.99
CA PRO C 267 40.09 37.98 -37.23
C PRO C 267 38.67 37.45 -37.36
N LEU C 268 38.15 37.53 -38.57
CA LEU C 268 36.91 36.89 -38.95
C LEU C 268 37.26 35.77 -39.94
N ILE C 269 36.97 34.54 -39.55
CA ILE C 269 37.33 33.38 -40.35
C ILE C 269 36.08 32.87 -41.04
N ILE C 270 36.08 33.00 -42.37
CA ILE C 270 35.02 32.47 -43.21
C ILE C 270 35.44 31.06 -43.60
N ALA C 271 34.66 30.07 -43.19
CA ALA C 271 35.02 28.70 -43.45
C ALA C 271 34.69 28.31 -44.89
N GLU C 272 35.26 27.17 -45.30
CA GLU C 272 35.09 26.67 -46.64
C GLU C 272 33.65 26.27 -46.93
N ASP C 273 32.82 26.03 -45.90
CA ASP C 273 31.43 25.66 -46.10
C ASP C 273 30.45 26.79 -45.75
N ALA C 274 30.94 28.01 -45.62
CA ALA C 274 30.09 29.13 -45.24
C ALA C 274 29.23 29.61 -46.40
N ASN C 275 27.98 30.02 -46.08
CA ASN C 275 27.17 30.81 -46.99
C ASN C 275 27.77 32.21 -47.11
N LEU C 276 28.07 32.63 -48.34
CA LEU C 276 28.82 33.87 -48.49
C LEU C 276 27.97 35.12 -48.34
N ASP C 277 26.65 35.02 -48.50
CA ASP C 277 25.80 36.15 -48.15
C ASP C 277 25.85 36.41 -46.65
N LEU C 278 25.78 35.36 -45.84
CA LEU C 278 25.91 35.49 -44.41
C LEU C 278 27.30 36.02 -44.04
N ALA C 279 28.34 35.43 -44.64
CA ALA C 279 29.70 35.87 -44.34
C ALA C 279 29.89 37.34 -44.65
N ALA C 280 29.36 37.78 -45.80
CA ALA C 280 29.50 39.18 -46.19
C ALA C 280 28.71 40.10 -45.24
N ASP C 281 27.51 39.69 -44.83
CA ASP C 281 26.74 40.49 -43.87
C ASP C 281 27.49 40.62 -42.55
N ILE C 282 28.08 39.52 -42.06
CA ILE C 282 28.85 39.58 -40.82
C ILE C 282 30.07 40.47 -40.99
N ALA C 283 30.79 40.32 -42.09
CA ALA C 283 31.98 41.13 -42.32
C ALA C 283 31.63 42.62 -42.38
N MET C 284 30.51 42.96 -43.02
CA MET C 284 30.07 44.36 -43.05
C MET C 284 29.82 44.88 -41.64
N MET C 285 29.06 44.13 -40.85
CA MET C 285 28.75 44.56 -39.48
C MET C 285 30.00 44.56 -38.61
N ALA C 286 30.98 43.72 -38.94
CA ALA C 286 32.23 43.67 -38.19
C ALA C 286 33.21 44.77 -38.60
N ASN C 287 32.88 45.59 -39.60
CA ASN C 287 33.84 46.57 -40.07
C ASN C 287 33.34 48.00 -40.17
N PHE C 288 32.04 48.21 -40.41
CA PHE C 288 31.58 49.55 -40.75
C PHE C 288 30.59 50.13 -39.75
N TYR C 289 30.33 49.46 -38.64
CA TYR C 289 29.51 50.07 -37.59
C TYR C 289 30.31 51.17 -36.89
N SER C 290 29.62 52.24 -36.49
CA SER C 290 30.28 53.38 -35.85
C SER C 290 31.48 53.83 -36.68
N SER C 291 31.30 53.78 -38.00
CA SER C 291 32.32 54.18 -38.98
C SER C 291 33.66 53.50 -38.74
N GLY C 292 33.62 52.24 -38.32
CA GLY C 292 34.82 51.48 -38.12
C GLY C 292 35.52 51.74 -36.80
N GLN C 293 34.89 52.49 -35.90
CA GLN C 293 35.55 52.93 -34.66
C GLN C 293 35.10 52.07 -33.50
N VAL C 294 35.38 50.77 -33.60
CA VAL C 294 34.94 49.80 -32.61
C VAL C 294 36.12 48.87 -32.32
N CYS C 295 36.43 48.70 -31.03
CA CYS C 295 37.63 47.97 -30.65
C CYS C 295 37.58 46.51 -31.10
N THR C 296 36.38 45.91 -31.14
CA THR C 296 36.20 44.49 -31.45
C THR C 296 36.03 44.21 -32.95
N ASN C 297 36.22 45.18 -33.82
CA ASN C 297 35.90 44.97 -35.23
C ASN C 297 36.77 43.87 -35.84
N GLY C 298 36.15 43.10 -36.75
CA GLY C 298 36.81 42.00 -37.43
C GLY C 298 37.50 42.49 -38.69
N THR C 299 38.63 43.17 -38.50
CA THR C 299 39.28 43.94 -39.54
C THR C 299 40.24 43.12 -40.40
N ARG C 300 40.53 41.89 -40.00
CA ARG C 300 41.19 40.91 -40.84
C ARG C 300 40.15 39.85 -41.21
N VAL C 301 39.71 39.86 -42.46
CA VAL C 301 38.68 38.94 -42.92
C VAL C 301 39.39 37.88 -43.74
N PHE C 302 39.45 36.65 -43.21
CA PHE C 302 40.09 35.54 -43.88
C PHE C 302 39.04 34.78 -44.67
N VAL C 303 39.25 34.68 -45.99
CA VAL C 303 38.31 34.05 -46.91
C VAL C 303 39.04 32.93 -47.65
N PRO C 304 38.43 31.75 -47.83
CA PRO C 304 39.08 30.72 -48.63
C PRO C 304 39.40 31.22 -50.02
N ALA C 305 40.59 30.85 -50.52
CA ALA C 305 41.00 31.29 -51.84
C ALA C 305 39.93 31.01 -52.89
N LYS C 306 39.25 29.86 -52.80
CA LYS C 306 38.26 29.48 -53.79
C LYS C 306 37.01 30.35 -53.76
N PHE C 307 36.77 31.08 -52.67
CA PHE C 307 35.61 31.94 -52.52
C PHE C 307 35.97 33.43 -52.63
N LYS C 308 37.24 33.76 -52.83
CA LYS C 308 37.66 35.16 -52.69
C LYS C 308 36.94 36.06 -53.68
N ALA C 309 36.93 35.70 -54.95
CA ALA C 309 36.31 36.57 -55.94
C ALA C 309 34.83 36.78 -55.64
N GLU C 310 34.11 35.69 -55.40
CA GLU C 310 32.69 35.83 -55.11
C GLU C 310 32.46 36.69 -53.87
N PHE C 311 33.29 36.48 -52.84
CA PHE C 311 33.12 37.25 -51.61
C PHE C 311 33.34 38.73 -51.86
N GLU C 312 34.35 39.06 -52.67
CA GLU C 312 34.61 40.46 -52.99
C GLU C 312 33.41 41.09 -53.69
N HIS C 313 32.77 40.37 -54.62
CA HIS C 313 31.60 40.93 -55.27
C HIS C 313 30.50 41.19 -54.26
N LYS C 314 30.30 40.27 -53.32
CA LYS C 314 29.24 40.45 -52.32
C LYS C 314 29.55 41.57 -51.35
N ILE C 315 30.82 41.79 -51.02
CA ILE C 315 31.17 42.94 -50.18
C ILE C 315 30.93 44.23 -50.95
N LEU C 316 31.34 44.28 -52.22
CA LEU C 316 31.11 45.49 -53.01
C LEU C 316 29.65 45.85 -53.09
N GLU C 317 28.78 44.86 -53.29
CA GLU C 317 27.35 45.13 -53.37
C GLU C 317 26.85 45.77 -52.08
N ARG C 318 27.27 45.24 -50.94
CA ARG C 318 26.75 45.73 -49.67
C ARG C 318 27.35 47.09 -49.33
N VAL C 319 28.63 47.29 -49.62
CA VAL C 319 29.24 48.60 -49.40
C VAL C 319 28.47 49.66 -50.17
N GLY C 320 28.01 49.33 -51.38
CA GLY C 320 27.28 50.29 -52.18
C GLY C 320 25.96 50.70 -51.59
N ARG C 321 25.45 49.93 -50.63
CA ARG C 321 24.21 50.28 -49.95
C ARG C 321 24.41 51.25 -48.79
N ILE C 322 25.65 51.40 -48.30
CA ILE C 322 25.88 52.22 -47.11
C ILE C 322 25.37 53.62 -47.37
N ARG C 323 24.72 54.20 -46.36
CA ARG C 323 24.04 55.50 -46.53
C ARG C 323 24.71 56.49 -45.57
N ALA C 324 25.67 57.23 -46.09
CA ALA C 324 26.25 58.36 -45.37
C ALA C 324 25.38 59.58 -45.61
N GLY C 325 25.23 60.39 -44.57
CA GLY C 325 24.43 61.60 -44.72
C GLY C 325 24.10 62.20 -43.37
N ASP C 326 23.03 62.99 -43.37
CA ASP C 326 22.52 63.64 -42.18
C ASP C 326 22.43 62.63 -41.03
N LEU C 327 23.17 62.91 -39.97
CA LEU C 327 23.26 61.94 -38.88
C LEU C 327 21.94 61.79 -38.14
N PHE C 328 21.01 62.72 -38.30
CA PHE C 328 19.70 62.62 -37.67
C PHE C 328 18.63 62.07 -38.58
N ALA C 329 18.97 61.72 -39.82
CA ALA C 329 18.02 61.09 -40.73
C ALA C 329 17.90 59.59 -40.42
N ASP C 330 16.67 59.09 -40.48
CA ASP C 330 16.38 57.71 -40.11
C ASP C 330 17.24 56.72 -40.90
N ASP C 331 17.48 57.01 -42.18
CA ASP C 331 18.12 56.03 -43.05
C ASP C 331 19.64 56.12 -43.05
N THR C 332 20.22 57.11 -42.41
CA THR C 332 21.68 57.20 -42.34
C THR C 332 22.23 56.11 -41.44
N ASN C 333 23.23 55.36 -41.94
CA ASN C 333 23.85 54.30 -41.15
C ASN C 333 25.38 54.37 -41.16
N PHE C 334 25.94 55.54 -41.46
CA PHE C 334 27.38 55.73 -41.55
C PHE C 334 27.68 57.19 -41.23
N GLY C 335 28.66 57.42 -40.36
CA GLY C 335 28.96 58.76 -39.93
C GLY C 335 30.39 59.18 -40.26
N PRO C 336 30.72 60.43 -39.97
CA PRO C 336 32.11 60.85 -40.03
C PRO C 336 32.88 60.21 -38.89
N LEU C 337 34.19 60.31 -38.97
CA LEU C 337 35.02 59.92 -37.85
C LEU C 337 34.90 60.95 -36.73
N VAL C 338 35.39 60.57 -35.54
CA VAL C 338 35.12 61.37 -34.35
C VAL C 338 35.80 62.72 -34.38
N SER C 339 36.86 62.89 -35.17
CA SER C 339 37.65 64.10 -35.17
C SER C 339 38.49 64.15 -36.43
N PHE C 340 38.96 65.34 -36.76
CA PHE C 340 39.74 65.54 -37.97
C PHE C 340 41.18 65.03 -37.82
N PRO C 341 41.83 65.18 -36.66
CA PRO C 341 43.12 64.49 -36.48
C PRO C 341 43.01 62.97 -36.61
N HIS C 342 41.94 62.37 -36.09
CA HIS C 342 41.80 60.93 -36.26
C HIS C 342 41.65 60.58 -37.74
N ARG C 343 40.88 61.38 -38.49
CA ARG C 343 40.77 61.12 -39.92
C ARG C 343 42.14 61.14 -40.58
N GLN C 344 43.01 62.09 -40.20
CA GLN C 344 44.32 62.14 -40.82
C GLN C 344 45.09 60.83 -40.60
N ASN C 345 44.99 60.24 -39.40
CA ASN C 345 45.67 58.99 -39.15
C ASN C 345 45.08 57.85 -39.98
N VAL C 346 43.76 57.78 -40.06
CA VAL C 346 43.12 56.73 -40.88
C VAL C 346 43.56 56.87 -42.33
N LEU C 347 43.61 58.11 -42.84
CA LEU C 347 44.05 58.30 -44.22
C LEU C 347 45.50 57.89 -44.40
N ARG C 348 46.35 58.12 -43.39
CA ARG C 348 47.72 57.66 -43.49
C ARG C 348 47.78 56.13 -43.60
N TYR C 349 46.92 55.43 -42.88
CA TYR C 349 46.85 53.97 -43.02
C TYR C 349 46.37 53.57 -44.41
N ILE C 350 45.36 54.26 -44.94
CA ILE C 350 44.89 53.93 -46.27
C ILE C 350 46.00 54.13 -47.28
N GLU C 351 46.77 55.20 -47.16
CA GLU C 351 47.87 55.45 -48.11
C GLU C 351 48.93 54.37 -48.02
N SER C 352 49.20 53.86 -46.81
CA SER C 352 50.20 52.80 -46.69
C SER C 352 49.70 51.52 -47.35
N GLY C 353 48.40 51.25 -47.25
CA GLY C 353 47.83 50.12 -47.96
C GLY C 353 48.07 50.20 -49.45
N LYS C 354 47.83 51.38 -50.04
CA LYS C 354 48.07 51.56 -51.47
C LYS C 354 49.55 51.36 -51.79
N SER C 355 50.43 52.01 -51.03
CA SER C 355 51.85 51.97 -51.39
C SER C 355 52.48 50.62 -51.12
N GLU C 356 51.91 49.82 -50.22
CA GLU C 356 52.44 48.49 -49.97
C GLU C 356 51.84 47.43 -50.89
N GLY C 357 50.98 47.84 -51.82
CA GLY C 357 50.55 46.95 -52.88
C GLY C 357 49.23 46.25 -52.68
N ALA C 358 48.48 46.58 -51.63
CA ALA C 358 47.14 46.01 -51.49
C ALA C 358 46.24 46.58 -52.59
N ARG C 359 45.24 45.78 -52.99
CA ARG C 359 44.32 46.18 -54.04
C ARG C 359 43.11 46.88 -53.40
N LEU C 360 42.89 48.12 -53.79
CA LEU C 360 41.77 48.91 -53.28
C LEU C 360 40.51 48.40 -53.95
N LEU C 361 39.65 47.74 -53.18
CA LEU C 361 38.40 47.23 -53.73
C LEU C 361 37.36 48.35 -53.82
N CYS C 362 37.30 49.22 -52.81
CA CYS C 362 36.41 50.36 -52.85
C CYS C 362 36.85 51.38 -51.81
N GLY C 363 36.36 52.61 -51.99
CA GLY C 363 36.64 53.68 -51.04
C GLY C 363 38.04 54.25 -51.17
N GLY C 364 38.66 54.57 -50.04
CA GLY C 364 40.03 55.04 -50.02
C GLY C 364 40.21 56.54 -50.01
N ASP C 365 39.14 57.31 -49.90
CA ASP C 365 39.25 58.76 -49.94
C ASP C 365 38.21 59.36 -49.00
N VAL C 366 38.32 60.67 -48.79
CA VAL C 366 37.31 61.39 -48.02
C VAL C 366 36.03 61.54 -48.84
N LEU C 367 34.93 61.80 -48.15
CA LEU C 367 33.69 62.18 -48.82
C LEU C 367 33.68 63.68 -49.06
N LYS C 368 33.04 64.07 -50.17
CA LYS C 368 33.09 65.43 -50.67
C LYS C 368 31.70 65.87 -51.07
N GLY C 369 31.48 67.19 -51.09
CA GLY C 369 30.23 67.77 -51.50
C GLY C 369 29.57 68.52 -50.36
N GLU C 370 28.46 69.18 -50.69
CA GLU C 370 27.70 69.90 -49.68
C GLU C 370 27.35 68.96 -48.53
N GLY C 371 27.65 69.38 -47.31
CA GLY C 371 27.38 68.62 -46.13
C GLY C 371 28.49 67.69 -45.67
N PHE C 372 29.35 67.26 -46.57
CA PHE C 372 30.46 66.40 -46.19
C PHE C 372 31.76 67.18 -46.04
N ASP C 373 31.90 68.28 -46.76
CA ASP C 373 33.16 69.02 -46.74
C ASP C 373 33.49 69.55 -45.35
N ASN C 374 32.50 69.71 -44.48
CA ASN C 374 32.73 70.23 -43.14
C ASN C 374 32.87 69.13 -42.09
N GLY C 375 32.76 67.87 -42.47
CA GLY C 375 32.92 66.79 -41.52
C GLY C 375 34.11 65.90 -41.79
N ALA C 376 34.50 65.13 -40.78
CA ALA C 376 35.69 64.28 -40.85
C ALA C 376 35.34 62.92 -41.46
N TRP C 377 34.82 62.96 -42.69
CA TRP C 377 34.32 61.76 -43.33
C TRP C 377 35.41 61.01 -44.08
N VAL C 378 35.38 59.68 -43.95
CA VAL C 378 36.19 58.75 -44.74
C VAL C 378 35.25 57.73 -45.37
N ALA C 379 35.40 57.50 -46.67
CA ALA C 379 34.53 56.55 -47.35
C ALA C 379 34.77 55.14 -46.82
N PRO C 380 33.73 54.31 -46.77
CA PRO C 380 33.94 52.90 -46.43
C PRO C 380 34.95 52.27 -47.39
N THR C 381 36.01 51.67 -46.82
CA THR C 381 37.17 51.26 -47.59
C THR C 381 37.44 49.77 -47.40
N VAL C 382 37.72 49.10 -48.50
CA VAL C 382 38.06 47.68 -48.47
C VAL C 382 39.33 47.47 -49.27
N PHE C 383 40.33 46.86 -48.65
CA PHE C 383 41.52 46.37 -49.32
C PHE C 383 41.45 44.85 -49.46
N THR C 384 41.98 44.34 -50.57
CA THR C 384 42.09 42.91 -50.76
C THR C 384 43.47 42.62 -51.33
N ASP C 385 43.74 41.34 -51.62
CA ASP C 385 45.08 40.89 -51.97
C ASP C 385 46.07 41.21 -50.85
N CYS C 386 45.58 41.20 -49.61
CA CYS C 386 46.42 41.61 -48.50
C CYS C 386 47.32 40.46 -48.05
N THR C 387 48.45 40.82 -47.47
CA THR C 387 49.38 39.87 -46.88
C THR C 387 49.67 40.28 -45.44
N ASP C 388 50.14 39.30 -44.66
CA ASP C 388 50.24 39.42 -43.22
C ASP C 388 51.28 40.45 -42.78
N ASP C 389 52.23 40.79 -43.64
CA ASP C 389 53.27 41.75 -43.32
C ASP C 389 52.85 43.20 -43.59
N MET C 390 51.70 43.42 -44.18
CA MET C 390 51.28 44.77 -44.51
C MET C 390 50.90 45.55 -43.26
N THR C 391 51.20 46.85 -43.28
CA THR C 391 50.87 47.72 -42.16
C THR C 391 49.39 47.72 -41.86
N ILE C 392 48.54 47.77 -42.88
CA ILE C 392 47.10 47.80 -42.62
C ILE C 392 46.61 46.47 -42.04
N VAL C 393 47.35 45.38 -42.24
CA VAL C 393 46.96 44.09 -41.65
C VAL C 393 47.50 43.94 -40.24
N ARG C 394 48.65 44.54 -39.94
CA ARG C 394 49.28 44.38 -38.65
C ARG C 394 48.77 45.31 -37.56
N GLU C 395 48.31 46.50 -37.93
CA GLU C 395 48.02 47.54 -36.95
C GLU C 395 46.54 47.90 -36.94
N GLU C 396 46.02 48.20 -35.75
CA GLU C 396 44.66 48.67 -35.63
C GLU C 396 44.53 50.08 -36.24
N ILE C 397 43.57 50.23 -37.15
CA ILE C 397 43.34 51.49 -37.85
C ILE C 397 42.27 52.33 -37.17
N PHE C 398 41.24 51.67 -36.61
CA PHE C 398 40.13 52.36 -35.93
C PHE C 398 39.38 53.28 -36.89
N GLY C 399 39.26 52.84 -38.14
CA GLY C 399 38.43 53.51 -39.11
C GLY C 399 37.78 52.47 -39.99
N PRO C 400 37.05 52.93 -40.99
CA PRO C 400 36.29 52.00 -41.85
C PRO C 400 37.17 51.40 -42.94
N VAL C 401 38.04 50.46 -42.54
CA VAL C 401 38.99 49.86 -43.47
C VAL C 401 39.07 48.35 -43.22
N MET C 402 38.46 47.58 -44.10
CA MET C 402 38.49 46.13 -44.07
C MET C 402 39.66 45.61 -44.89
N SER C 403 40.37 44.60 -44.34
CA SER C 403 41.45 43.91 -45.05
C SER C 403 41.04 42.46 -45.31
N ILE C 404 40.98 42.07 -46.58
CA ILE C 404 40.57 40.72 -46.97
C ILE C 404 41.82 39.91 -47.29
N LEU C 405 41.94 38.75 -46.65
CA LEU C 405 43.10 37.88 -46.77
C LEU C 405 42.65 36.50 -47.21
N SER C 406 43.27 35.99 -48.25
CA SER C 406 42.96 34.65 -48.74
C SER C 406 43.74 33.60 -47.95
N TYR C 407 43.14 32.43 -47.76
CA TYR C 407 43.82 31.32 -47.12
C TYR C 407 43.42 30.01 -47.79
N ASP C 408 44.24 28.98 -47.56
CA ASP C 408 44.07 27.67 -48.16
C ASP C 408 43.55 26.60 -47.21
N ASP C 409 44.01 26.55 -45.96
CA ASP C 409 43.57 25.45 -45.11
C ASP C 409 43.38 25.91 -43.67
N GLU C 410 42.74 25.03 -42.89
CA GLU C 410 42.28 25.39 -41.56
C GLU C 410 43.45 25.63 -40.61
N ALA C 411 44.44 24.75 -40.61
CA ALA C 411 45.57 24.95 -39.72
C ALA C 411 46.25 26.28 -40.01
N GLU C 412 46.38 26.62 -41.30
CA GLU C 412 46.99 27.89 -41.71
C GLU C 412 46.22 29.09 -41.18
N VAL C 413 44.89 29.09 -41.32
CA VAL C 413 44.15 30.30 -40.95
C VAL C 413 44.17 30.49 -39.44
N ILE C 414 44.21 29.40 -38.68
CA ILE C 414 44.31 29.50 -37.22
C ILE C 414 45.65 30.12 -36.84
N ARG C 415 46.75 29.63 -37.43
CA ARG C 415 48.06 30.22 -37.14
C ARG C 415 48.06 31.72 -37.45
N ARG C 416 47.55 32.08 -38.63
CA ARG C 416 47.62 33.47 -39.06
C ARG C 416 46.68 34.34 -38.22
N ALA C 417 45.53 33.80 -37.85
CA ALA C 417 44.63 34.54 -36.98
C ALA C 417 45.29 34.85 -35.64
N ASN C 418 46.04 33.89 -35.09
CA ASN C 418 46.66 34.06 -33.78
C ASN C 418 47.98 34.80 -33.81
N ALA C 419 48.57 35.00 -35.00
CA ALA C 419 49.91 35.56 -35.13
C ALA C 419 49.83 37.09 -35.04
N THR C 420 49.54 37.56 -33.84
CA THR C 420 49.35 38.97 -33.56
C THR C 420 49.53 39.20 -32.07
N GLU C 421 49.94 40.41 -31.73
CA GLU C 421 50.02 40.82 -30.34
C GLU C 421 48.65 41.14 -29.77
N TYR C 422 47.68 41.42 -30.63
CA TYR C 422 46.31 41.67 -30.18
C TYR C 422 45.62 40.35 -29.82
N GLY C 423 44.46 40.46 -29.20
CA GLY C 423 43.68 39.31 -28.80
C GLY C 423 42.33 39.68 -28.24
N LEU C 424 41.65 40.66 -28.85
CA LEU C 424 40.38 41.09 -28.25
C LEU C 424 39.23 40.17 -28.67
N ALA C 425 38.96 40.10 -29.97
CA ALA C 425 37.81 39.34 -30.46
C ALA C 425 38.22 38.47 -31.64
N ALA C 426 37.28 37.63 -32.06
CA ALA C 426 37.44 36.74 -33.21
C ALA C 426 36.07 36.16 -33.54
N GLY C 427 35.96 35.60 -34.74
CA GLY C 427 34.74 34.91 -35.09
C GLY C 427 34.95 33.93 -36.22
N VAL C 428 33.99 33.02 -36.37
CA VAL C 428 34.00 32.04 -37.46
C VAL C 428 32.59 31.99 -38.05
N VAL C 429 32.53 31.82 -39.37
CA VAL C 429 31.28 31.60 -40.10
C VAL C 429 31.35 30.19 -40.68
N THR C 430 30.51 29.31 -40.18
CA THR C 430 30.40 27.94 -40.67
C THR C 430 29.12 27.30 -40.16
N PRO C 431 28.41 26.53 -40.99
CA PRO C 431 27.26 25.75 -40.49
C PRO C 431 27.66 24.46 -39.80
N ASP C 432 28.94 24.10 -39.81
CA ASP C 432 29.38 22.80 -39.30
C ASP C 432 29.61 22.86 -37.80
N LEU C 433 28.99 21.91 -37.08
CA LEU C 433 29.13 21.82 -35.64
C LEU C 433 30.59 21.72 -35.22
N ASN C 434 31.30 20.72 -35.74
CA ASN C 434 32.67 20.47 -35.29
C ASN C 434 33.58 21.63 -35.66
N ARG C 435 33.45 22.15 -36.88
CA ARG C 435 34.31 23.23 -37.33
C ARG C 435 34.15 24.46 -36.47
N ALA C 436 32.91 24.80 -36.13
CA ALA C 436 32.66 26.01 -35.37
C ALA C 436 33.36 25.96 -34.00
N HIS C 437 33.12 24.91 -33.22
CA HIS C 437 33.72 24.85 -31.88
C HIS C 437 35.22 24.58 -31.96
N ARG C 438 35.64 23.70 -32.87
CA ARG C 438 37.05 23.34 -32.97
C ARG C 438 37.90 24.56 -33.31
N ILE C 439 37.48 25.38 -34.26
CA ILE C 439 38.26 26.56 -34.61
C ILE C 439 38.22 27.58 -33.48
N ILE C 440 37.04 27.87 -32.95
CA ILE C 440 36.93 28.91 -31.93
C ILE C 440 37.76 28.56 -30.71
N HIS C 441 37.83 27.28 -30.34
CA HIS C 441 38.58 26.91 -29.15
C HIS C 441 40.08 27.17 -29.32
N GLN C 442 40.56 27.26 -30.56
CA GLN C 442 41.98 27.48 -30.80
C GLN C 442 42.37 28.94 -30.97
N LEU C 443 41.41 29.86 -31.02
CA LEU C 443 41.72 31.26 -31.27
C LEU C 443 42.10 31.96 -29.96
N GLU C 444 43.10 32.82 -30.04
CA GLU C 444 43.61 33.51 -28.86
C GLU C 444 42.92 34.89 -28.74
N ALA C 445 41.65 34.83 -28.35
CA ALA C 445 40.84 36.03 -28.20
C ALA C 445 39.83 35.82 -27.08
N GLY C 446 39.49 36.91 -26.39
CA GLY C 446 38.56 36.83 -25.28
C GLY C 446 37.09 36.84 -25.65
N ILE C 447 36.76 37.31 -26.85
CA ILE C 447 35.38 37.53 -27.26
C ILE C 447 35.22 36.86 -28.61
N CYS C 448 34.45 35.77 -28.66
CA CYS C 448 34.36 34.96 -29.87
C CYS C 448 32.90 34.82 -30.31
N TRP C 449 32.65 35.07 -31.59
CA TRP C 449 31.30 35.03 -32.15
C TRP C 449 31.23 33.95 -33.22
N ILE C 450 30.22 33.09 -33.14
CA ILE C 450 29.95 32.07 -34.14
C ILE C 450 28.73 32.51 -34.93
N ASN C 451 28.91 32.73 -36.24
CA ASN C 451 27.82 33.06 -37.16
C ASN C 451 27.09 34.34 -36.78
N SER C 452 27.86 35.31 -36.28
CA SER C 452 27.34 36.61 -35.89
CA SER C 452 27.34 36.61 -35.87
C SER C 452 28.54 37.52 -35.61
N TRP C 453 28.25 38.75 -35.23
CA TRP C 453 29.29 39.66 -34.76
C TRP C 453 28.64 40.78 -33.95
N GLY C 454 29.29 41.17 -32.84
CA GLY C 454 29.03 42.44 -32.20
C GLY C 454 28.11 42.41 -30.99
N GLU C 455 27.32 41.37 -30.78
CA GLU C 455 26.43 41.35 -29.62
C GLU C 455 27.25 41.12 -28.36
N SER C 456 26.97 41.90 -27.32
CA SER C 456 27.77 41.90 -26.09
C SER C 456 26.82 41.90 -24.90
N PRO C 457 26.19 40.76 -24.63
CA PRO C 457 25.19 40.70 -23.56
C PRO C 457 25.76 41.07 -22.20
N ALA C 458 24.93 41.69 -21.35
CA ALA C 458 25.42 42.06 -20.02
C ALA C 458 25.99 40.86 -19.27
N GLU C 459 25.45 39.67 -19.54
CA GLU C 459 25.88 38.46 -18.85
C GLU C 459 27.25 37.98 -19.27
N MET C 460 27.76 38.46 -20.41
CA MET C 460 28.92 37.85 -21.05
C MET C 460 30.19 38.64 -20.75
N PRO C 461 31.15 38.06 -20.02
CA PRO C 461 32.40 38.80 -19.78
C PRO C 461 33.13 39.07 -21.06
N VAL C 462 33.69 40.28 -21.17
CA VAL C 462 34.37 40.71 -22.40
C VAL C 462 35.67 41.41 -22.02
N GLY C 463 36.72 41.09 -22.75
CA GLY C 463 38.00 41.71 -22.57
C GLY C 463 39.02 40.95 -23.41
N GLY C 464 40.27 41.41 -23.32
CA GLY C 464 41.30 40.98 -24.25
C GLY C 464 42.29 39.96 -23.72
N TYR C 465 42.75 39.09 -24.62
CA TYR C 465 44.00 38.35 -24.45
C TYR C 465 45.20 39.24 -24.82
N LYS C 466 46.37 38.84 -24.34
CA LYS C 466 47.67 39.40 -24.81
C LYS C 466 47.64 40.92 -24.64
N HIS C 467 48.02 41.70 -25.65
CA HIS C 467 48.14 43.14 -25.51
C HIS C 467 46.82 43.89 -25.60
N SER C 468 45.70 43.18 -25.78
CA SER C 468 44.41 43.83 -25.91
C SER C 468 43.71 44.10 -24.57
N GLY C 469 44.23 43.60 -23.45
CA GLY C 469 43.60 43.98 -22.19
C GLY C 469 44.12 43.25 -20.98
N ILE C 470 43.68 43.75 -19.83
CA ILE C 470 43.82 43.13 -18.52
C ILE C 470 42.43 43.09 -17.91
N GLY C 471 42.02 41.92 -17.43
CA GLY C 471 40.73 41.80 -16.77
C GLY C 471 39.58 41.79 -17.76
N ARG C 472 38.38 41.91 -17.22
CA ARG C 472 37.16 41.78 -18.00
C ARG C 472 36.15 42.82 -17.54
N GLU C 473 35.16 43.05 -18.40
CA GLU C 473 33.95 43.80 -18.07
C GLU C 473 32.73 42.92 -18.35
N ASN C 474 31.64 43.25 -17.68
CA ASN C 474 30.36 42.54 -17.74
C ASN C 474 30.42 41.13 -17.16
N GLY C 475 29.26 40.49 -17.03
CA GLY C 475 29.19 39.20 -16.36
C GLY C 475 29.27 39.27 -14.84
N VAL C 476 28.93 38.17 -14.17
CA VAL C 476 29.02 38.14 -12.71
CA VAL C 476 29.02 38.15 -12.71
C VAL C 476 30.44 38.41 -12.24
N MET C 477 31.44 37.98 -13.01
CA MET C 477 32.82 38.10 -12.53
C MET C 477 33.25 39.55 -12.37
N THR C 478 32.67 40.46 -13.13
CA THR C 478 33.10 41.87 -13.02
C THR C 478 32.51 42.53 -11.78
N LEU C 479 31.32 42.11 -11.33
CA LEU C 479 30.86 42.57 -10.02
C LEU C 479 31.84 42.18 -8.93
N GLN C 480 32.27 40.92 -8.97
CA GLN C 480 33.21 40.41 -7.97
C GLN C 480 34.57 41.09 -8.08
N SER C 481 35.00 41.43 -9.29
CA SER C 481 36.31 42.08 -9.46
C SER C 481 36.30 43.53 -9.03
N TYR C 482 35.15 44.13 -8.72
CA TYR C 482 35.13 45.43 -8.07
C TYR C 482 35.02 45.31 -6.55
N THR C 483 35.24 44.12 -6.00
CA THR C 483 35.45 43.94 -4.58
C THR C 483 36.84 43.36 -4.34
N GLN C 484 37.28 43.43 -3.09
CA GLN C 484 38.52 42.81 -2.64
C GLN C 484 38.19 41.82 -1.54
N VAL C 485 38.87 40.71 -1.54
CA VAL C 485 38.60 39.63 -0.60
C VAL C 485 39.35 39.87 0.69
N LYS C 486 38.64 39.81 1.81
CA LYS C 486 39.23 39.75 3.14
C LYS C 486 38.96 38.36 3.70
N SER C 487 40.02 37.65 4.08
CA SER C 487 39.88 36.35 4.72
C SER C 487 40.01 36.52 6.22
N ILE C 488 39.10 35.92 6.96
CA ILE C 488 39.03 36.06 8.41
C ILE C 488 39.04 34.67 9.03
N GLN C 489 40.06 34.38 9.83
CA GLN C 489 40.11 33.12 10.55
C GLN C 489 39.65 33.32 11.99
N VAL C 490 38.65 32.53 12.39
CA VAL C 490 38.20 32.46 13.78
C VAL C 490 38.84 31.23 14.41
N GLU C 491 39.76 31.44 15.35
CA GLU C 491 40.39 30.35 16.10
C GLU C 491 39.70 30.26 17.46
N MET C 492 38.91 29.20 17.65
CA MET C 492 38.22 28.97 18.91
C MET C 492 38.98 28.03 19.83
N GLY C 493 40.02 27.37 19.34
CA GLY C 493 40.84 26.50 20.15
C GLY C 493 41.98 27.28 20.77
N PRO C 494 42.71 26.66 21.69
CA PRO C 494 43.82 27.37 22.34
C PRO C 494 44.98 27.56 21.37
N PHE C 495 45.47 28.80 21.30
CA PHE C 495 46.57 29.13 20.41
C PHE C 495 47.88 28.61 20.98
N GLN C 496 48.69 27.99 20.13
CA GLN C 496 49.97 27.42 20.55
C GLN C 496 51.11 28.30 20.04
N SER C 497 51.88 28.84 20.96
CA SER C 497 53.11 29.53 20.62
C SER C 497 54.27 28.56 20.83
N ILE C 498 55.28 28.64 19.97
CA ILE C 498 56.48 27.83 20.18
C ILE C 498 57.48 28.55 21.05
N PHE C 499 57.19 29.76 21.51
CA PHE C 499 58.15 30.49 22.33
C PHE C 499 57.77 30.41 23.81
N SER D 11 -80.74 -20.21 20.38
CA SER D 11 -81.00 -20.40 18.96
C SER D 11 -80.26 -21.62 18.42
N ARG D 12 -80.88 -22.80 18.55
CA ARG D 12 -80.23 -24.03 18.11
C ARG D 12 -79.82 -23.91 16.64
N MET D 13 -78.75 -24.64 16.28
CA MET D 13 -78.15 -24.53 14.96
C MET D 13 -78.82 -25.47 13.97
N ALA D 14 -78.56 -25.22 12.69
CA ALA D 14 -79.00 -26.15 11.66
C ALA D 14 -78.30 -27.49 11.85
N GLU D 15 -78.90 -28.54 11.31
CA GLU D 15 -78.25 -29.84 11.29
C GLU D 15 -76.95 -29.74 10.48
N GLN D 16 -75.85 -30.20 11.07
CA GLN D 16 -74.53 -30.02 10.50
C GLN D 16 -74.21 -31.15 9.53
N GLN D 17 -73.69 -30.78 8.37
CA GLN D 17 -73.41 -31.71 7.29
C GLN D 17 -71.92 -32.04 7.19
N LEU D 18 -71.59 -32.96 6.28
CA LEU D 18 -70.21 -33.23 5.95
C LEU D 18 -69.67 -32.10 5.09
N TYR D 19 -68.34 -32.01 5.01
CA TYR D 19 -67.68 -31.08 4.09
C TYR D 19 -66.78 -31.89 3.17
N ILE D 20 -67.19 -32.03 1.91
CA ILE D 20 -66.47 -32.82 0.93
C ILE D 20 -66.38 -32.03 -0.37
N HIS D 21 -65.15 -31.82 -0.83
CA HIS D 21 -64.88 -31.21 -2.13
C HIS D 21 -65.43 -29.79 -2.23
N GLY D 22 -65.08 -28.97 -1.24
CA GLY D 22 -65.35 -27.55 -1.28
C GLY D 22 -66.77 -27.14 -1.03
N LYS D 23 -67.58 -28.02 -0.46
CA LYS D 23 -68.95 -27.62 -0.11
C LYS D 23 -69.48 -28.58 0.95
N PHE D 24 -70.50 -28.13 1.65
CA PHE D 24 -71.23 -28.98 2.57
C PHE D 24 -72.13 -29.92 1.78
N VAL D 25 -72.19 -31.17 2.21
CA VAL D 25 -72.97 -32.19 1.53
C VAL D 25 -73.60 -33.11 2.57
N ALA D 26 -74.81 -33.56 2.28
CA ALA D 26 -75.48 -34.47 3.21
C ALA D 26 -74.77 -35.81 3.27
N ALA D 27 -74.67 -36.35 4.47
CA ALA D 27 -74.18 -37.72 4.64
C ALA D 27 -75.15 -38.69 3.99
N THR D 28 -74.63 -39.86 3.59
CA THR D 28 -75.45 -40.93 3.05
C THR D 28 -75.64 -42.07 4.06
N SER D 29 -75.19 -41.88 5.30
CA SER D 29 -75.32 -42.92 6.31
C SER D 29 -76.72 -43.06 6.87
N GLY D 30 -77.53 -42.00 6.81
CA GLY D 30 -78.79 -41.98 7.52
C GLY D 30 -78.68 -41.84 9.02
N LYS D 31 -77.50 -41.52 9.53
CA LYS D 31 -77.21 -41.51 10.94
C LYS D 31 -76.82 -40.11 11.42
N THR D 32 -77.20 -39.80 12.65
CA THR D 32 -76.82 -38.53 13.26
C THR D 32 -76.36 -38.76 14.69
N PHE D 33 -75.72 -37.73 15.25
CA PHE D 33 -75.39 -37.67 16.66
C PHE D 33 -75.56 -36.22 17.12
N GLU D 34 -75.51 -36.01 18.44
CA GLU D 34 -75.70 -34.69 19.02
C GLU D 34 -74.43 -34.23 19.72
N THR D 35 -74.15 -32.93 19.62
CA THR D 35 -73.14 -32.29 20.44
C THR D 35 -73.83 -31.40 21.47
N ILE D 36 -73.34 -31.45 22.70
CA ILE D 36 -73.95 -30.79 23.86
C ILE D 36 -73.10 -29.59 24.24
N ASN D 37 -73.76 -28.56 24.75
CA ASN D 37 -73.12 -27.44 25.41
C ASN D 37 -72.88 -27.83 26.87
N PRO D 38 -71.63 -28.06 27.29
CA PRO D 38 -71.40 -28.57 28.65
C PRO D 38 -71.74 -27.59 29.75
N ALA D 39 -71.90 -26.30 29.45
CA ALA D 39 -72.30 -25.34 30.47
C ALA D 39 -73.78 -25.41 30.79
N THR D 40 -74.60 -25.94 29.87
CA THR D 40 -76.06 -25.96 30.08
C THR D 40 -76.70 -27.34 29.97
N GLY D 41 -76.04 -28.32 29.36
CA GLY D 41 -76.67 -29.58 29.09
C GLY D 41 -77.57 -29.58 27.86
N GLU D 42 -77.75 -28.44 27.20
CA GLU D 42 -78.60 -28.36 26.03
C GLU D 42 -77.89 -28.88 24.79
N VAL D 43 -78.67 -29.39 23.84
CA VAL D 43 -78.12 -29.79 22.55
C VAL D 43 -77.75 -28.54 21.77
N LEU D 44 -76.47 -28.47 21.36
CA LEU D 44 -76.03 -27.40 20.45
C LEU D 44 -76.45 -27.68 19.01
N ALA D 45 -76.25 -28.92 18.55
CA ALA D 45 -76.57 -29.24 17.17
C ALA D 45 -76.72 -30.73 17.02
N THR D 46 -77.57 -31.11 16.07
CA THR D 46 -77.53 -32.43 15.48
C THR D 46 -76.53 -32.44 14.35
N VAL D 47 -75.75 -33.52 14.26
CA VAL D 47 -74.64 -33.62 13.33
C VAL D 47 -74.78 -34.92 12.54
N GLN D 48 -74.61 -34.83 11.22
CA GLN D 48 -74.63 -36.02 10.39
C GLN D 48 -73.31 -36.79 10.54
N ALA D 49 -73.41 -38.11 10.49
CA ALA D 49 -72.25 -38.99 10.64
C ALA D 49 -71.87 -39.58 9.29
N ALA D 50 -70.61 -39.45 8.93
CA ALA D 50 -70.13 -39.96 7.67
C ALA D 50 -70.15 -41.48 7.70
N GLY D 51 -70.77 -42.08 6.68
CA GLY D 51 -70.77 -43.51 6.54
C GLY D 51 -69.59 -43.98 5.71
N ARG D 52 -69.58 -45.29 5.45
CA ARG D 52 -68.47 -45.89 4.73
C ARG D 52 -68.38 -45.35 3.30
N GLU D 53 -69.52 -45.18 2.64
CA GLU D 53 -69.54 -44.58 1.32
C GLU D 53 -69.12 -43.12 1.36
N ASP D 54 -69.50 -42.39 2.42
CA ASP D 54 -69.05 -41.01 2.54
C ASP D 54 -67.55 -40.93 2.66
N VAL D 55 -66.93 -41.86 3.40
CA VAL D 55 -65.48 -41.85 3.51
C VAL D 55 -64.84 -42.14 2.15
N ASP D 56 -65.38 -43.09 1.39
CA ASP D 56 -64.82 -43.37 0.07
CA ASP D 56 -64.78 -43.36 0.09
C ASP D 56 -64.90 -42.15 -0.84
N ARG D 57 -66.05 -41.47 -0.83
CA ARG D 57 -66.19 -40.26 -1.65
C ARG D 57 -65.17 -39.20 -1.23
N ALA D 58 -64.96 -39.04 0.08
CA ALA D 58 -64.01 -38.06 0.55
C ALA D 58 -62.59 -38.41 0.11
N VAL D 59 -62.26 -39.70 0.08
CA VAL D 59 -60.93 -40.10 -0.38
C VAL D 59 -60.78 -39.79 -1.87
N LYS D 60 -61.79 -40.08 -2.66
CA LYS D 60 -61.68 -39.81 -4.10
C LYS D 60 -61.61 -38.31 -4.36
N SER D 61 -62.37 -37.53 -3.60
CA SER D 61 -62.26 -36.07 -3.65
C SER D 61 -60.85 -35.63 -3.27
N ALA D 62 -60.31 -36.19 -2.19
CA ALA D 62 -58.98 -35.81 -1.73
C ALA D 62 -57.91 -36.17 -2.76
N GLN D 63 -58.05 -37.32 -3.41
CA GLN D 63 -57.08 -37.68 -4.44
C GLN D 63 -57.07 -36.67 -5.57
N GLN D 64 -58.25 -36.19 -5.97
CA GLN D 64 -58.35 -35.23 -7.06
C GLN D 64 -57.77 -33.88 -6.65
N GLY D 65 -58.10 -33.40 -5.46
CA GLY D 65 -57.58 -32.12 -5.01
C GLY D 65 -56.09 -32.14 -4.74
N GLN D 66 -55.59 -33.25 -4.17
CA GLN D 66 -54.17 -33.37 -3.91
C GLN D 66 -53.35 -33.18 -5.18
N LYS D 67 -53.85 -33.70 -6.31
CA LYS D 67 -53.12 -33.58 -7.56
C LYS D 67 -52.99 -32.11 -7.96
N VAL D 68 -54.09 -31.38 -7.88
CA VAL D 68 -54.05 -29.94 -8.20
C VAL D 68 -53.10 -29.21 -7.26
N TRP D 69 -53.23 -29.48 -5.96
CA TRP D 69 -52.47 -28.76 -4.95
C TRP D 69 -50.99 -28.98 -5.10
N ALA D 70 -50.58 -30.23 -5.32
CA ALA D 70 -49.17 -30.57 -5.41
C ALA D 70 -48.51 -30.08 -6.69
N ALA D 71 -49.28 -29.88 -7.75
CA ALA D 71 -48.73 -29.43 -9.03
C ALA D 71 -48.47 -27.93 -9.03
N MET D 72 -49.11 -27.21 -8.12
CA MET D 72 -48.87 -25.80 -7.92
C MET D 72 -47.42 -25.55 -7.50
N SER D 73 -46.99 -24.29 -7.65
CA SER D 73 -45.69 -23.91 -7.14
C SER D 73 -45.73 -23.90 -5.61
N ALA D 74 -44.53 -23.97 -5.02
CA ALA D 74 -44.40 -23.90 -3.58
C ALA D 74 -44.95 -22.60 -3.03
N MET D 75 -44.61 -21.49 -3.68
CA MET D 75 -45.08 -20.21 -3.17
C MET D 75 -46.57 -20.04 -3.40
N ALA D 76 -47.12 -20.65 -4.45
CA ALA D 76 -48.57 -20.61 -4.62
C ALA D 76 -49.29 -21.29 -3.45
N ARG D 77 -48.75 -22.43 -2.98
CA ARG D 77 -49.30 -23.08 -1.79
C ARG D 77 -49.10 -22.20 -0.57
N SER D 78 -47.90 -21.64 -0.41
CA SER D 78 -47.62 -20.80 0.74
C SER D 78 -48.63 -19.65 0.84
N ARG D 79 -48.95 -19.02 -0.30
CA ARG D 79 -49.84 -17.86 -0.29
C ARG D 79 -51.25 -18.24 0.12
N ILE D 80 -51.71 -19.41 -0.32
CA ILE D 80 -53.05 -19.84 0.03
C ILE D 80 -53.16 -20.11 1.53
N LEU D 81 -52.18 -20.81 2.10
CA LEU D 81 -52.22 -21.05 3.53
C LEU D 81 -52.11 -19.74 4.31
N ARG D 82 -51.32 -18.79 3.81
CA ARG D 82 -51.23 -17.48 4.45
CA ARG D 82 -51.25 -17.49 4.46
C ARG D 82 -52.58 -16.76 4.40
N LYS D 83 -53.33 -16.90 3.30
CA LYS D 83 -54.63 -16.24 3.26
C LYS D 83 -55.56 -16.86 4.30
N ALA D 84 -55.47 -18.17 4.50
CA ALA D 84 -56.26 -18.81 5.54
C ALA D 84 -55.87 -18.28 6.93
N VAL D 85 -54.57 -18.07 7.16
CA VAL D 85 -54.13 -17.44 8.42
C VAL D 85 -54.82 -16.09 8.59
N ASP D 86 -54.80 -15.25 7.55
CA ASP D 86 -55.41 -13.93 7.65
C ASP D 86 -56.88 -14.01 8.05
N ILE D 87 -57.62 -14.95 7.46
CA ILE D 87 -59.03 -15.11 7.81
C ILE D 87 -59.17 -15.57 9.26
N LEU D 88 -58.32 -16.50 9.69
CA LEU D 88 -58.38 -16.99 11.07
C LEU D 88 -58.14 -15.87 12.08
N ARG D 89 -57.19 -14.97 11.79
CA ARG D 89 -56.96 -13.83 12.67
C ARG D 89 -58.20 -12.95 12.73
N GLU D 90 -58.82 -12.70 11.58
CA GLU D 90 -59.99 -11.84 11.50
C GLU D 90 -61.17 -12.44 12.25
N ARG D 91 -61.34 -13.75 12.18
CA ARG D 91 -62.48 -14.42 12.78
C ARG D 91 -62.16 -15.04 14.14
N ASN D 92 -61.04 -14.65 14.74
CA ASN D 92 -60.60 -15.26 15.99
C ASN D 92 -61.71 -15.28 17.04
N ASP D 93 -62.35 -14.13 17.29
CA ASP D 93 -63.32 -14.05 18.37
C ASP D 93 -64.57 -14.87 18.06
N GLU D 94 -65.04 -14.84 16.82
CA GLU D 94 -66.20 -15.63 16.43
C GLU D 94 -65.93 -17.13 16.58
N LEU D 95 -64.77 -17.58 16.11
CA LEU D 95 -64.41 -19.00 16.25
C LEU D 95 -64.24 -19.37 17.71
N ALA D 96 -63.67 -18.47 18.52
CA ALA D 96 -63.50 -18.75 19.94
C ALA D 96 -64.84 -18.91 20.66
N ARG D 97 -65.81 -18.06 20.34
CA ARG D 97 -67.12 -18.16 20.97
C ARG D 97 -67.76 -19.51 20.66
N LEU D 98 -67.63 -19.97 19.42
CA LEU D 98 -68.16 -21.28 19.07
C LEU D 98 -67.43 -22.39 19.81
N GLU D 99 -66.10 -22.27 19.88
CA GLU D 99 -65.32 -23.28 20.59
C GLU D 99 -65.71 -23.34 22.06
N THR D 100 -65.95 -22.17 22.67
CA THR D 100 -66.39 -22.13 24.06
C THR D 100 -67.74 -22.82 24.23
N LEU D 101 -68.68 -22.61 23.30
CA LEU D 101 -69.98 -23.27 23.37
C LEU D 101 -69.85 -24.78 23.29
N ASP D 102 -68.96 -25.26 22.41
CA ASP D 102 -68.84 -26.70 22.14
C ASP D 102 -68.01 -27.40 23.20
N THR D 103 -67.03 -26.71 23.81
CA THR D 103 -66.10 -27.35 24.72
C THR D 103 -66.32 -27.04 26.18
N GLY D 104 -66.95 -25.90 26.50
CA GLY D 104 -67.02 -25.42 27.86
C GLY D 104 -65.79 -24.69 28.34
N LYS D 105 -64.78 -24.49 27.49
CA LYS D 105 -63.61 -23.74 27.96
C LYS D 105 -63.90 -22.24 27.95
N PRO D 106 -63.40 -21.51 28.94
CA PRO D 106 -63.69 -20.07 29.01
C PRO D 106 -63.25 -19.31 27.76
N LEU D 107 -64.05 -18.32 27.38
CA LEU D 107 -63.69 -17.46 26.26
C LEU D 107 -62.34 -16.78 26.49
N SER D 108 -61.99 -16.53 27.77
CA SER D 108 -60.68 -15.97 28.09
C SER D 108 -59.55 -16.89 27.63
N GLU D 109 -59.81 -18.19 27.53
CA GLU D 109 -58.84 -19.10 26.94
C GLU D 109 -58.97 -19.21 25.43
N THR D 110 -60.18 -19.47 24.93
CA THR D 110 -60.33 -19.79 23.52
C THR D 110 -60.00 -18.58 22.65
N ALA D 111 -60.27 -17.36 23.12
CA ALA D 111 -59.98 -16.18 22.30
C ALA D 111 -58.51 -15.78 22.34
N ALA D 112 -57.73 -16.33 23.28
CA ALA D 112 -56.33 -15.99 23.43
C ALA D 112 -55.37 -17.08 23.02
N VAL D 113 -55.80 -18.33 23.01
CA VAL D 113 -54.92 -19.48 22.80
C VAL D 113 -55.33 -20.30 21.58
N ASP D 114 -56.59 -20.78 21.54
CA ASP D 114 -56.94 -21.89 20.65
C ASP D 114 -56.70 -21.54 19.18
N ILE D 115 -57.30 -20.44 18.72
CA ILE D 115 -57.10 -20.06 17.32
C ILE D 115 -55.78 -19.33 17.14
N VAL D 116 -55.38 -18.51 18.11
CA VAL D 116 -54.11 -17.80 17.99
C VAL D 116 -52.99 -18.80 17.69
N THR D 117 -52.89 -19.86 18.51
CA THR D 117 -51.78 -20.79 18.35
C THR D 117 -52.02 -21.79 17.23
N GLY D 118 -53.28 -22.10 16.91
CA GLY D 118 -53.55 -22.88 15.73
C GLY D 118 -53.12 -22.15 14.48
N ALA D 119 -53.51 -20.88 14.37
CA ALA D 119 -53.09 -20.09 13.22
C ALA D 119 -51.59 -19.86 13.21
N ASP D 120 -50.98 -19.74 14.39
CA ASP D 120 -49.53 -19.58 14.47
C ASP D 120 -48.81 -20.72 13.77
N VAL D 121 -49.30 -21.94 13.97
CA VAL D 121 -48.65 -23.11 13.36
C VAL D 121 -48.91 -23.14 11.86
N LEU D 122 -50.13 -22.78 11.43
CA LEU D 122 -50.38 -22.70 10.00
C LEU D 122 -49.48 -21.66 9.34
N GLU D 123 -49.32 -20.51 9.99
CA GLU D 123 -48.47 -19.44 9.46
C GLU D 123 -47.02 -19.88 9.35
N TYR D 124 -46.53 -20.57 10.38
CA TYR D 124 -45.18 -21.13 10.37
C TYR D 124 -44.96 -22.06 9.18
N TYR D 125 -45.84 -23.05 9.01
CA TYR D 125 -45.64 -24.00 7.94
C TYR D 125 -45.83 -23.36 6.56
N ALA D 126 -46.76 -22.40 6.44
CA ALA D 126 -46.92 -21.71 5.16
C ALA D 126 -45.59 -21.16 4.65
N GLY D 127 -44.79 -20.57 5.55
CA GLY D 127 -43.52 -19.96 5.16
C GLY D 127 -42.44 -20.95 4.84
N LEU D 128 -42.54 -22.19 5.33
CA LEU D 128 -41.49 -23.18 5.12
C LEU D 128 -41.64 -23.98 3.84
N ILE D 129 -42.78 -23.89 3.15
CA ILE D 129 -43.01 -24.74 1.99
C ILE D 129 -41.87 -24.64 0.97
N PRO D 130 -41.39 -23.46 0.60
CA PRO D 130 -40.30 -23.40 -0.40
C PRO D 130 -38.98 -23.94 0.08
N ALA D 131 -38.82 -24.19 1.40
CA ALA D 131 -37.58 -24.73 1.92
C ALA D 131 -37.62 -26.25 2.06
N LEU D 132 -38.70 -26.88 1.63
CA LEU D 132 -38.79 -28.34 1.68
C LEU D 132 -37.95 -28.88 0.53
N GLU D 133 -36.81 -29.50 0.87
CA GLU D 133 -35.82 -29.92 -0.13
C GLU D 133 -35.42 -31.36 0.06
N GLY D 134 -35.09 -32.01 -1.05
CA GLY D 134 -34.40 -33.28 -1.03
C GLY D 134 -32.90 -33.11 -0.97
N SER D 135 -32.20 -34.21 -1.27
CA SER D 135 -30.76 -34.24 -1.18
CA SER D 135 -30.75 -34.24 -1.19
C SER D 135 -30.16 -34.73 -2.49
N GLN D 136 -28.85 -34.57 -2.62
CA GLN D 136 -28.09 -35.11 -3.73
C GLN D 136 -26.79 -35.66 -3.16
N ILE D 137 -26.44 -36.88 -3.57
CA ILE D 137 -25.30 -37.60 -3.04
C ILE D 137 -24.47 -38.11 -4.21
N PRO D 138 -23.25 -37.61 -4.40
CA PRO D 138 -22.37 -38.15 -5.45
C PRO D 138 -21.79 -39.49 -5.00
N LEU D 139 -21.85 -40.48 -5.89
CA LEU D 139 -21.25 -41.77 -5.59
C LEU D 139 -19.86 -41.89 -6.18
N ARG D 140 -19.71 -41.39 -7.40
CA ARG D 140 -18.51 -41.50 -8.22
C ARG D 140 -18.77 -40.59 -9.42
N ASP D 141 -17.74 -40.38 -10.24
CA ASP D 141 -17.93 -39.48 -11.38
C ASP D 141 -19.11 -39.92 -12.25
N SER D 142 -19.38 -41.22 -12.34
CA SER D 142 -20.37 -41.73 -13.28
C SER D 142 -21.72 -42.02 -12.64
N SER D 143 -21.94 -41.68 -11.37
CA SER D 143 -23.24 -41.96 -10.79
C SER D 143 -23.49 -41.08 -9.58
N PHE D 144 -24.75 -40.66 -9.43
CA PHE D 144 -25.18 -39.91 -8.26
C PHE D 144 -26.61 -40.31 -7.91
N VAL D 145 -26.99 -39.97 -6.69
CA VAL D 145 -28.32 -40.18 -6.13
C VAL D 145 -28.90 -38.81 -5.83
N TYR D 146 -30.20 -38.65 -6.06
CA TYR D 146 -30.92 -37.52 -5.50
C TYR D 146 -32.21 -38.03 -4.89
N THR D 147 -32.72 -37.30 -3.90
CA THR D 147 -33.96 -37.72 -3.25
C THR D 147 -35.02 -36.66 -3.44
N ARG D 148 -36.26 -37.12 -3.46
CA ARG D 148 -37.43 -36.26 -3.48
C ARG D 148 -38.20 -36.49 -2.20
N ARG D 149 -38.73 -35.41 -1.64
CA ARG D 149 -39.64 -35.48 -0.50
C ARG D 149 -41.04 -35.34 -1.09
N GLU D 150 -41.64 -36.47 -1.39
CA GLU D 150 -42.90 -36.48 -2.08
C GLU D 150 -44.07 -36.48 -1.10
N PRO D 151 -45.19 -35.89 -1.48
CA PRO D 151 -46.39 -36.05 -0.65
C PRO D 151 -46.71 -37.52 -0.42
N LEU D 152 -47.23 -37.79 0.77
CA LEU D 152 -47.82 -39.09 1.04
C LEU D 152 -49.08 -39.33 0.20
N GLY D 153 -49.80 -38.26 -0.13
CA GLY D 153 -51.02 -38.37 -0.91
C GLY D 153 -52.21 -37.89 -0.12
N VAL D 154 -53.04 -38.84 0.31
CA VAL D 154 -54.19 -38.54 1.15
C VAL D 154 -53.86 -39.03 2.55
N VAL D 155 -53.97 -38.14 3.53
CA VAL D 155 -53.72 -38.51 4.91
C VAL D 155 -54.97 -38.18 5.72
N ALA D 156 -55.08 -38.80 6.89
CA ALA D 156 -56.23 -38.58 7.75
C ALA D 156 -55.77 -38.07 9.10
N GLY D 157 -56.47 -37.07 9.63
CA GLY D 157 -56.28 -36.58 10.99
C GLY D 157 -57.52 -36.86 11.80
N ILE D 158 -57.31 -37.30 13.04
CA ILE D 158 -58.38 -37.62 13.98
C ILE D 158 -58.14 -36.77 15.21
N GLY D 159 -59.07 -35.87 15.49
CA GLY D 159 -58.87 -34.88 16.52
C GLY D 159 -59.43 -35.31 17.86
N ALA D 160 -59.04 -34.56 18.89
CA ALA D 160 -59.57 -34.75 20.24
C ALA D 160 -60.44 -33.55 20.61
N TRP D 161 -61.14 -33.67 21.73
CA TRP D 161 -62.14 -32.69 22.07
C TRP D 161 -61.62 -31.54 22.93
N ASN D 162 -60.40 -31.61 23.45
CA ASN D 162 -60.01 -30.57 24.40
C ASN D 162 -59.55 -29.29 23.70
N TYR D 163 -58.94 -29.40 22.52
CA TYR D 163 -58.52 -28.25 21.72
C TYR D 163 -58.91 -28.49 20.25
N PRO D 164 -60.22 -28.43 19.95
CA PRO D 164 -60.67 -28.94 18.62
C PRO D 164 -60.07 -28.24 17.43
N ILE D 165 -60.20 -26.91 17.33
CA ILE D 165 -59.71 -26.26 16.12
C ILE D 165 -58.18 -26.15 16.13
N GLN D 166 -57.57 -26.00 17.30
CA GLN D 166 -56.10 -25.98 17.37
C GLN D 166 -55.53 -27.29 16.84
N ILE D 167 -56.10 -28.41 17.27
CA ILE D 167 -55.64 -29.71 16.80
C ILE D 167 -55.88 -29.84 15.29
N ALA D 168 -57.06 -29.42 14.83
CA ALA D 168 -57.31 -29.47 13.39
C ALA D 168 -56.26 -28.69 12.62
N LEU D 169 -55.82 -27.55 13.17
CA LEU D 169 -54.82 -26.74 12.51
C LEU D 169 -53.43 -27.34 12.64
N TRP D 170 -53.09 -27.87 13.80
CA TRP D 170 -51.76 -28.44 13.99
C TRP D 170 -51.56 -29.70 13.16
N LYS D 171 -52.64 -30.43 12.83
CA LYS D 171 -52.50 -31.57 11.95
C LYS D 171 -52.55 -31.15 10.47
N SER D 172 -53.52 -30.31 10.11
CA SER D 172 -53.68 -29.99 8.69
C SER D 172 -52.59 -29.07 8.16
N ALA D 173 -52.04 -28.19 9.00
CA ALA D 173 -51.05 -27.24 8.49
C ALA D 173 -49.83 -27.95 7.90
N PRO D 174 -49.11 -28.80 8.63
CA PRO D 174 -47.98 -29.51 8.01
C PRO D 174 -48.41 -30.48 6.93
N ALA D 175 -49.58 -31.10 7.06
CA ALA D 175 -50.03 -32.04 6.03
C ALA D 175 -50.23 -31.32 4.70
N LEU D 176 -50.95 -30.19 4.73
CA LEU D 176 -51.17 -29.41 3.52
C LEU D 176 -49.89 -28.76 3.04
N ALA D 177 -49.05 -28.26 3.95
CA ALA D 177 -47.80 -27.61 3.53
C ALA D 177 -46.86 -28.60 2.84
N ALA D 178 -46.93 -29.87 3.20
CA ALA D 178 -46.11 -30.91 2.58
C ALA D 178 -46.69 -31.41 1.26
N GLY D 179 -47.83 -30.88 0.81
CA GLY D 179 -48.39 -31.24 -0.49
C GLY D 179 -49.46 -32.31 -0.45
N ASN D 180 -49.95 -32.68 0.72
CA ASN D 180 -51.00 -33.66 0.84
C ASN D 180 -52.37 -33.01 0.87
N ALA D 181 -53.40 -33.85 0.68
CA ALA D 181 -54.76 -33.59 1.13
C ALA D 181 -54.99 -34.31 2.45
N MET D 182 -55.75 -33.69 3.34
CA MET D 182 -56.10 -34.30 4.61
C MET D 182 -57.61 -34.42 4.73
N ILE D 183 -58.06 -35.59 5.12
CA ILE D 183 -59.42 -35.82 5.59
C ILE D 183 -59.37 -35.77 7.11
N PHE D 184 -60.15 -34.88 7.72
CA PHE D 184 -60.09 -34.66 9.16
C PHE D 184 -61.39 -35.09 9.82
N LYS D 185 -61.27 -35.91 10.85
CA LYS D 185 -62.43 -36.32 11.63
C LYS D 185 -62.34 -35.66 13.00
N PRO D 186 -63.20 -34.70 13.32
CA PRO D 186 -63.17 -34.12 14.67
C PRO D 186 -63.76 -35.08 15.67
N SER D 187 -63.43 -34.86 16.93
CA SER D 187 -64.09 -35.62 17.99
C SER D 187 -65.60 -35.41 17.91
N GLU D 188 -66.35 -36.49 18.08
CA GLU D 188 -67.81 -36.35 18.15
C GLU D 188 -68.26 -35.48 19.31
N VAL D 189 -67.40 -35.25 20.30
CA VAL D 189 -67.80 -34.39 21.40
C VAL D 189 -67.79 -32.92 20.96
N THR D 190 -66.97 -32.56 19.97
CA THR D 190 -66.72 -31.17 19.63
C THR D 190 -66.51 -31.04 18.12
N PRO D 191 -67.56 -31.27 17.32
CA PRO D 191 -67.37 -31.30 15.86
C PRO D 191 -67.45 -29.97 15.14
N LEU D 192 -67.84 -28.89 15.81
CA LEU D 192 -68.35 -27.73 15.10
C LEU D 192 -67.25 -26.87 14.48
N THR D 193 -66.16 -26.60 15.20
CA THR D 193 -65.19 -25.65 14.63
C THR D 193 -64.42 -26.24 13.46
N ALA D 194 -64.28 -27.57 13.39
CA ALA D 194 -63.58 -28.14 12.24
C ALA D 194 -64.35 -27.85 10.95
N LEU D 195 -65.67 -27.83 11.01
CA LEU D 195 -66.47 -27.50 9.82
C LEU D 195 -66.26 -26.05 9.42
N LYS D 196 -66.14 -25.15 10.39
CA LYS D 196 -65.81 -23.76 10.06
C LYS D 196 -64.45 -23.65 9.39
N LEU D 197 -63.46 -24.39 9.88
CA LEU D 197 -62.13 -24.34 9.29
C LEU D 197 -62.17 -24.76 7.82
N ALA D 198 -62.96 -25.78 7.51
CA ALA D 198 -63.05 -26.24 6.13
C ALA D 198 -63.52 -25.13 5.21
N GLU D 199 -64.53 -24.35 5.64
CA GLU D 199 -65.01 -23.22 4.85
C GLU D 199 -63.93 -22.16 4.69
N ILE D 200 -63.18 -21.91 5.75
CA ILE D 200 -62.11 -20.91 5.72
C ILE D 200 -61.05 -21.30 4.71
N TYR D 201 -60.64 -22.57 4.73
CA TYR D 201 -59.64 -23.02 3.76
C TYR D 201 -60.13 -22.79 2.33
N ARG D 202 -61.39 -23.12 2.06
CA ARG D 202 -61.91 -22.92 0.72
C ARG D 202 -61.89 -21.44 0.36
N GLU D 203 -62.32 -20.59 1.28
CA GLU D 203 -62.33 -19.15 1.05
C GLU D 203 -60.93 -18.62 0.75
N ALA D 204 -59.91 -19.24 1.33
CA ALA D 204 -58.53 -18.82 1.12
C ALA D 204 -57.96 -19.27 -0.22
N GLY D 205 -58.67 -20.15 -0.95
CA GLY D 205 -58.19 -20.64 -2.23
C GLY D 205 -57.70 -22.07 -2.23
N LEU D 206 -57.92 -22.81 -1.16
CA LEU D 206 -57.48 -24.20 -1.15
C LEU D 206 -58.28 -24.98 -2.20
N PRO D 207 -57.62 -25.77 -3.05
CA PRO D 207 -58.37 -26.51 -4.07
C PRO D 207 -59.39 -27.43 -3.43
N ASP D 208 -60.51 -27.59 -4.11
CA ASP D 208 -61.55 -28.48 -3.60
C ASP D 208 -61.00 -29.89 -3.38
N GLY D 209 -61.35 -30.47 -2.23
CA GLY D 209 -60.92 -31.79 -1.86
C GLY D 209 -59.69 -31.86 -0.97
N VAL D 210 -58.93 -30.77 -0.86
CA VAL D 210 -57.66 -30.85 -0.14
C VAL D 210 -57.88 -30.88 1.36
N PHE D 211 -58.95 -30.27 1.87
CA PHE D 211 -59.31 -30.43 3.29
C PHE D 211 -60.80 -30.75 3.37
N ASN D 212 -61.09 -32.02 3.61
CA ASN D 212 -62.45 -32.53 3.79
C ASN D 212 -62.63 -32.84 5.27
N VAL D 213 -63.83 -32.61 5.78
CA VAL D 213 -64.12 -32.81 7.21
C VAL D 213 -65.31 -33.75 7.31
N LEU D 214 -65.10 -34.86 8.03
CA LEU D 214 -66.10 -35.90 8.22
C LEU D 214 -66.41 -36.06 9.69
N PRO D 215 -67.42 -35.35 10.22
CA PRO D 215 -67.92 -35.67 11.56
C PRO D 215 -68.43 -37.09 11.61
N GLY D 216 -68.39 -37.66 12.81
CA GLY D 216 -68.88 -39.01 13.02
C GLY D 216 -68.38 -39.53 14.35
N ILE D 217 -68.68 -40.82 14.58
CA ILE D 217 -68.31 -41.56 15.79
C ILE D 217 -67.00 -42.29 15.56
N GLY D 218 -66.24 -42.50 16.64
CA GLY D 218 -64.97 -43.18 16.52
C GLY D 218 -65.10 -44.60 15.99
N ALA D 219 -66.07 -45.36 16.50
CA ALA D 219 -66.22 -46.76 16.12
C ALA D 219 -66.65 -46.94 14.67
N GLU D 220 -67.17 -45.88 14.04
CA GLU D 220 -67.65 -45.98 12.67
C GLU D 220 -66.75 -45.12 11.82
N THR D 221 -67.02 -43.82 11.69
CA THR D 221 -66.22 -42.95 10.80
C THR D 221 -64.74 -43.08 11.08
N GLY D 222 -64.34 -43.03 12.35
CA GLY D 222 -62.94 -43.13 12.66
C GLY D 222 -62.32 -44.42 12.17
N GLN D 223 -63.02 -45.53 12.37
CA GLN D 223 -62.49 -46.81 11.92
C GLN D 223 -62.45 -46.88 10.41
N TYR D 224 -63.47 -46.34 9.74
CA TYR D 224 -63.47 -46.38 8.28
C TYR D 224 -62.23 -45.68 7.74
N LEU D 225 -61.81 -44.59 8.40
CA LEU D 225 -60.63 -43.86 7.94
C LEU D 225 -59.36 -44.65 8.18
N THR D 226 -59.22 -45.26 9.36
CA THR D 226 -58.01 -46.03 9.65
C THR D 226 -57.91 -47.27 8.76
N GLU D 227 -59.05 -47.76 8.27
CA GLU D 227 -59.05 -48.97 7.44
C GLU D 227 -58.90 -48.69 5.95
N HIS D 228 -59.10 -47.46 5.51
CA HIS D 228 -59.25 -47.23 4.08
C HIS D 228 -57.94 -47.54 3.34
N PRO D 229 -57.99 -48.27 2.23
CA PRO D 229 -56.74 -48.68 1.57
C PRO D 229 -55.97 -47.54 0.91
N ASP D 230 -56.60 -46.40 0.63
CA ASP D 230 -55.95 -45.32 -0.11
C ASP D 230 -55.53 -44.14 0.77
N ILE D 231 -55.58 -44.29 2.08
CA ILE D 231 -55.06 -43.29 3.02
C ILE D 231 -53.69 -43.75 3.46
N ALA D 232 -52.69 -42.86 3.33
CA ALA D 232 -51.30 -43.24 3.48
C ALA D 232 -50.77 -43.04 4.90
N LYS D 233 -51.43 -42.23 5.70
CA LYS D 233 -50.97 -41.92 7.05
C LYS D 233 -52.16 -41.51 7.90
N ILE D 234 -52.12 -41.89 9.18
CA ILE D 234 -53.11 -41.50 10.16
C ILE D 234 -52.37 -40.73 11.24
N SER D 235 -52.89 -39.56 11.60
CA SER D 235 -52.40 -38.79 12.75
C SER D 235 -53.54 -38.67 13.75
N PHE D 236 -53.32 -39.19 14.95
CA PHE D 236 -54.35 -39.34 15.96
C PHE D 236 -53.92 -38.62 17.24
N THR D 237 -54.85 -37.87 17.84
CA THR D 237 -54.70 -37.29 19.16
C THR D 237 -55.86 -37.76 20.03
N GLY D 238 -55.53 -38.27 21.21
CA GLY D 238 -56.57 -38.82 22.07
C GLY D 238 -55.97 -39.60 23.21
N GLY D 239 -56.77 -40.51 23.77
CA GLY D 239 -56.37 -41.21 24.97
C GLY D 239 -55.39 -42.32 24.67
N VAL D 240 -54.54 -42.61 25.67
CA VAL D 240 -53.48 -43.59 25.52
C VAL D 240 -54.04 -44.92 25.03
N ALA D 241 -55.14 -45.36 25.62
CA ALA D 241 -55.73 -46.63 25.23
C ALA D 241 -56.27 -46.57 23.80
N SER D 242 -57.09 -45.56 23.51
CA SER D 242 -57.68 -45.44 22.17
C SER D 242 -56.60 -45.36 21.10
N GLY D 243 -55.45 -44.75 21.43
CA GLY D 243 -54.37 -44.70 20.46
C GLY D 243 -53.89 -46.07 20.05
N LYS D 244 -53.71 -46.96 21.04
CA LYS D 244 -53.29 -48.32 20.74
C LYS D 244 -54.22 -48.99 19.74
N LYS D 245 -55.53 -48.77 19.88
CA LYS D 245 -56.48 -49.40 18.95
C LYS D 245 -56.33 -48.82 17.54
N VAL D 246 -56.22 -47.50 17.43
CA VAL D 246 -56.13 -46.86 16.11
C VAL D 246 -54.89 -47.32 15.39
N MET D 247 -53.77 -47.33 16.10
CA MET D 247 -52.50 -47.71 15.49
C MET D 247 -52.54 -49.16 15.02
N ALA D 248 -53.18 -50.04 15.79
CA ALA D 248 -53.30 -51.43 15.38
C ALA D 248 -54.08 -51.56 14.08
N ASN D 249 -55.26 -50.96 14.02
CA ASN D 249 -56.11 -51.10 12.83
C ASN D 249 -55.44 -50.49 11.60
N SER D 250 -54.69 -49.40 11.78
CA SER D 250 -53.97 -48.79 10.67
C SER D 250 -52.94 -49.75 10.09
N ALA D 251 -52.41 -50.64 10.92
CA ALA D 251 -51.49 -51.69 10.47
C ALA D 251 -52.24 -52.82 9.79
N ALA D 252 -53.27 -53.35 10.49
CA ALA D 252 -54.02 -54.51 10.04
C ALA D 252 -54.77 -54.27 8.73
N SER D 253 -54.78 -53.04 8.22
CA SER D 253 -55.53 -52.72 7.00
C SER D 253 -54.58 -52.46 5.83
N SER D 254 -53.87 -51.34 5.83
CA SER D 254 -53.02 -50.99 4.70
C SER D 254 -51.71 -50.37 5.14
N LEU D 255 -51.06 -50.99 6.12
CA LEU D 255 -49.82 -50.46 6.68
C LEU D 255 -49.60 -48.96 6.48
N LYS D 256 -50.25 -48.16 7.29
CA LYS D 256 -50.18 -46.71 7.16
C LYS D 256 -49.10 -46.18 8.08
N GLU D 257 -48.46 -45.08 7.68
CA GLU D 257 -47.64 -44.32 8.61
C GLU D 257 -48.55 -43.76 9.70
N VAL D 258 -47.98 -43.53 10.87
CA VAL D 258 -48.81 -43.15 12.03
C VAL D 258 -48.12 -42.06 12.85
N THR D 259 -48.93 -41.16 13.38
CA THR D 259 -48.53 -40.22 14.42
C THR D 259 -49.55 -40.36 15.54
N MET D 260 -49.10 -40.38 16.79
CA MET D 260 -50.00 -40.48 17.93
C MET D 260 -49.55 -39.50 18.98
N GLU D 261 -50.46 -38.62 19.38
CA GLU D 261 -50.26 -37.66 20.47
C GLU D 261 -51.24 -38.06 21.57
N LEU D 262 -50.74 -38.69 22.60
CA LEU D 262 -51.61 -39.26 23.62
C LEU D 262 -51.41 -38.51 24.94
N GLY D 263 -51.95 -39.07 26.02
CA GLY D 263 -51.93 -38.40 27.31
C GLY D 263 -50.64 -38.63 28.08
N GLY D 264 -50.66 -38.18 29.33
CA GLY D 264 -49.49 -38.30 30.17
C GLY D 264 -49.83 -38.20 31.65
N LYS D 265 -48.79 -38.33 32.46
CA LYS D 265 -48.84 -38.05 33.88
C LYS D 265 -47.54 -37.30 34.20
N SER D 266 -47.45 -36.11 33.69
CA SER D 266 -46.17 -35.40 33.59
C SER D 266 -45.74 -34.88 34.95
N PRO D 267 -44.46 -35.03 35.29
CA PRO D 267 -43.95 -34.55 36.59
C PRO D 267 -43.44 -33.13 36.52
N LEU D 268 -43.78 -32.37 37.57
CA LEU D 268 -43.21 -31.04 37.82
C LEU D 268 -42.32 -31.17 39.06
N ILE D 269 -41.02 -30.93 38.87
CA ILE D 269 -40.05 -31.09 39.93
C ILE D 269 -39.68 -29.72 40.47
N ILE D 270 -40.03 -29.47 41.73
CA ILE D 270 -39.63 -28.25 42.42
C ILE D 270 -38.34 -28.54 43.16
N ALA D 271 -37.28 -27.82 42.80
CA ALA D 271 -35.97 -28.08 43.40
C ALA D 271 -35.83 -27.44 44.78
N GLU D 272 -34.75 -27.85 45.48
CA GLU D 272 -34.49 -27.39 46.82
C GLU D 272 -34.18 -25.90 46.89
N ASP D 273 -33.84 -25.27 45.78
CA ASP D 273 -33.52 -23.84 45.75
C ASP D 273 -34.58 -23.01 45.04
N ALA D 274 -35.75 -23.56 44.76
CA ALA D 274 -36.77 -22.85 44.02
C ALA D 274 -37.46 -21.78 44.86
N ASN D 275 -37.78 -20.66 44.22
CA ASN D 275 -38.72 -19.72 44.81
C ASN D 275 -40.11 -20.35 44.82
N LEU D 276 -40.76 -20.40 45.99
CA LEU D 276 -42.00 -21.17 46.05
C LEU D 276 -43.21 -20.43 45.49
N ASP D 277 -43.18 -19.10 45.40
CA ASP D 277 -44.22 -18.37 44.68
C ASP D 277 -44.18 -18.70 43.19
N LEU D 278 -42.97 -18.73 42.61
CA LEU D 278 -42.82 -19.16 41.22
C LEU D 278 -43.28 -20.60 41.03
N ALA D 279 -42.84 -21.49 41.93
CA ALA D 279 -43.21 -22.89 41.84
C ALA D 279 -44.72 -23.06 41.91
N ALA D 280 -45.39 -22.35 42.81
CA ALA D 280 -46.83 -22.48 42.93
C ALA D 280 -47.54 -21.93 41.69
N ASP D 281 -47.05 -20.80 41.15
CA ASP D 281 -47.62 -20.26 39.92
C ASP D 281 -47.49 -21.25 38.77
N ILE D 282 -46.33 -21.89 38.64
CA ILE D 282 -46.13 -22.89 37.59
C ILE D 282 -47.05 -24.09 37.80
N ALA D 283 -47.14 -24.58 39.04
CA ALA D 283 -47.99 -25.73 39.32
C ALA D 283 -49.45 -25.44 39.01
N MET D 284 -49.92 -24.23 39.34
CA MET D 284 -51.29 -23.84 39.02
C MET D 284 -51.53 -23.87 37.52
N MET D 285 -50.64 -23.23 36.75
CA MET D 285 -50.81 -23.21 35.31
C MET D 285 -50.66 -24.60 34.70
N ALA D 286 -49.93 -25.47 35.38
CA ALA D 286 -49.73 -26.84 34.91
C ALA D 286 -50.86 -27.78 35.28
N ASN D 287 -51.87 -27.31 36.03
CA ASN D 287 -52.94 -28.19 36.47
C ASN D 287 -54.36 -27.72 36.19
N PHE D 288 -54.61 -26.41 36.14
CA PHE D 288 -55.99 -25.93 36.13
C PHE D 288 -56.37 -25.16 34.88
N TYR D 289 -55.49 -25.07 33.89
CA TYR D 289 -55.88 -24.51 32.61
C TYR D 289 -56.82 -25.48 31.89
N SER D 290 -57.78 -24.93 31.15
CA SER D 290 -58.78 -25.73 30.44
C SER D 290 -59.41 -26.75 31.38
N SER D 291 -59.61 -26.33 32.63
CA SER D 291 -60.21 -27.14 33.68
C SER D 291 -59.51 -28.48 33.83
N GLY D 292 -58.19 -28.47 33.66
CA GLY D 292 -57.40 -29.67 33.82
C GLY D 292 -57.41 -30.62 32.63
N GLN D 293 -57.95 -30.20 31.50
CA GLN D 293 -58.13 -31.10 30.34
C GLN D 293 -57.05 -30.84 29.30
N VAL D 294 -55.80 -31.04 29.72
CA VAL D 294 -54.64 -30.78 28.89
C VAL D 294 -53.68 -31.96 29.03
N CYS D 295 -53.25 -32.54 27.90
CA CYS D 295 -52.45 -33.75 27.92
C CYS D 295 -51.11 -33.54 28.59
N THR D 296 -50.53 -32.35 28.48
CA THR D 296 -49.21 -32.06 29.02
C THR D 296 -49.21 -31.61 30.48
N ASN D 297 -50.35 -31.66 31.16
CA ASN D 297 -50.42 -31.07 32.50
C ASN D 297 -49.47 -31.74 33.49
N GLY D 298 -48.89 -30.93 34.37
CA GLY D 298 -47.95 -31.42 35.35
C GLY D 298 -48.67 -31.87 36.60
N THR D 299 -49.31 -33.04 36.53
CA THR D 299 -50.27 -33.49 37.53
C THR D 299 -49.62 -34.25 38.68
N ARG D 300 -48.34 -34.55 38.59
CA ARG D 300 -47.54 -35.02 39.73
C ARG D 300 -46.57 -33.90 40.08
N VAL D 301 -46.81 -33.21 41.19
CA VAL D 301 -45.99 -32.08 41.59
C VAL D 301 -45.10 -32.56 42.72
N PHE D 302 -43.80 -32.67 42.45
CA PHE D 302 -42.83 -33.15 43.44
C PHE D 302 -42.24 -31.95 44.17
N VAL D 303 -42.39 -31.93 45.49
CA VAL D 303 -41.95 -30.82 46.32
C VAL D 303 -41.01 -31.34 47.40
N PRO D 304 -39.89 -30.67 47.68
CA PRO D 304 -39.04 -31.13 48.78
C PRO D 304 -39.82 -31.19 50.08
N ALA D 305 -39.56 -32.22 50.86
CA ALA D 305 -40.27 -32.37 52.13
C ALA D 305 -40.18 -31.10 52.98
N LYS D 306 -39.01 -30.45 52.98
CA LYS D 306 -38.82 -29.27 53.83
C LYS D 306 -39.67 -28.08 53.40
N PHE D 307 -40.17 -28.08 52.16
CA PHE D 307 -41.00 -27.00 51.64
C PHE D 307 -42.46 -27.39 51.52
N LYS D 308 -42.83 -28.60 51.89
CA LYS D 308 -44.16 -29.11 51.58
C LYS D 308 -45.26 -28.26 52.20
N ALA D 309 -45.14 -27.96 53.49
CA ALA D 309 -46.18 -27.20 54.16
C ALA D 309 -46.34 -25.81 53.55
N GLU D 310 -45.23 -25.10 53.38
CA GLU D 310 -45.29 -23.76 52.78
C GLU D 310 -45.89 -23.80 51.38
N PHE D 311 -45.51 -24.80 50.59
CA PHE D 311 -46.04 -24.90 49.23
C PHE D 311 -47.53 -25.12 49.23
N GLU D 312 -48.03 -25.98 50.13
CA GLU D 312 -49.47 -26.22 50.22
C GLU D 312 -50.22 -24.92 50.53
N HIS D 313 -49.69 -24.08 51.42
CA HIS D 313 -50.35 -22.81 51.70
C HIS D 313 -50.38 -21.93 50.45
N LYS D 314 -49.29 -21.91 49.71
CA LYS D 314 -49.25 -21.08 48.50
C LYS D 314 -50.20 -21.60 47.44
N ILE D 315 -50.38 -22.92 47.36
CA ILE D 315 -51.35 -23.46 46.41
C ILE D 315 -52.76 -23.11 46.84
N LEU D 316 -53.08 -23.30 48.12
CA LEU D 316 -54.41 -22.96 48.61
C LEU D 316 -54.73 -21.50 48.34
N GLU D 317 -53.78 -20.60 48.56
CA GLU D 317 -54.03 -19.19 48.29
C GLU D 317 -54.41 -18.97 46.83
N ARG D 318 -53.68 -19.59 45.91
CA ARG D 318 -53.92 -19.35 44.49
C ARG D 318 -55.20 -20.03 44.03
N VAL D 319 -55.48 -21.23 44.52
CA VAL D 319 -56.74 -21.88 44.18
C VAL D 319 -57.91 -20.98 44.58
N GLY D 320 -57.80 -20.30 45.72
CA GLY D 320 -58.88 -19.43 46.14
C GLY D 320 -59.15 -18.28 45.20
N ARG D 321 -58.20 -17.98 44.33
CA ARG D 321 -58.41 -16.93 43.34
C ARG D 321 -59.15 -17.42 42.11
N ILE D 322 -59.20 -18.73 41.87
CA ILE D 322 -59.77 -19.25 40.64
C ILE D 322 -61.21 -18.74 40.50
N ARG D 323 -61.57 -18.33 39.30
CA ARG D 323 -62.86 -17.67 39.07
C ARG D 323 -63.66 -18.51 38.07
N ALA D 324 -64.52 -19.37 38.59
CA ALA D 324 -65.50 -20.06 37.77
C ALA D 324 -66.72 -19.16 37.60
N GLY D 325 -67.34 -19.23 36.43
CA GLY D 325 -68.53 -18.42 36.19
C GLY D 325 -68.90 -18.42 34.72
N ASP D 326 -69.65 -17.38 34.34
CA ASP D 326 -70.07 -17.18 32.95
C ASP D 326 -68.86 -17.32 32.03
N LEU D 327 -68.93 -18.27 31.10
CA LEU D 327 -67.78 -18.57 30.27
C LEU D 327 -67.46 -17.43 29.30
N PHE D 328 -68.38 -16.51 29.09
CA PHE D 328 -68.13 -15.37 28.22
C PHE D 328 -67.71 -14.12 28.99
N ALA D 329 -67.57 -14.22 30.31
CA ALA D 329 -67.12 -13.10 31.13
C ALA D 329 -65.60 -12.98 31.07
N ASP D 330 -65.13 -11.73 30.99
CA ASP D 330 -63.70 -11.48 30.86
C ASP D 330 -62.91 -12.13 31.98
N ASP D 331 -63.45 -12.09 33.20
CA ASP D 331 -62.68 -12.50 34.37
C ASP D 331 -62.85 -13.97 34.71
N THR D 332 -63.71 -14.70 34.03
CA THR D 332 -63.79 -16.13 34.25
C THR D 332 -62.55 -16.81 33.70
N ASN D 333 -61.91 -17.64 34.54
CA ASN D 333 -60.72 -18.36 34.09
C ASN D 333 -60.83 -19.85 34.36
N PHE D 334 -62.04 -20.37 34.53
CA PHE D 334 -62.23 -21.77 34.88
C PHE D 334 -63.60 -22.20 34.37
N GLY D 335 -63.64 -23.34 33.69
CA GLY D 335 -64.86 -23.80 33.09
C GLY D 335 -65.32 -25.14 33.61
N PRO D 336 -66.50 -25.55 33.15
CA PRO D 336 -66.95 -26.93 33.38
C PRO D 336 -66.10 -27.88 32.55
N LEU D 337 -66.21 -29.17 32.87
CA LEU D 337 -65.60 -30.17 32.02
C LEU D 337 -66.41 -30.32 30.73
N VAL D 338 -65.79 -30.99 29.76
CA VAL D 338 -66.32 -31.00 28.40
C VAL D 338 -67.65 -31.73 28.30
N SER D 339 -67.96 -32.63 29.23
CA SER D 339 -69.18 -33.42 29.14
C SER D 339 -69.48 -34.00 30.50
N PHE D 340 -70.72 -34.43 30.67
CA PHE D 340 -71.15 -34.98 31.94
C PHE D 340 -70.63 -36.39 32.19
N PRO D 341 -70.53 -37.25 31.16
CA PRO D 341 -69.83 -38.53 31.37
C PRO D 341 -68.37 -38.37 31.78
N HIS D 342 -67.67 -37.39 31.21
CA HIS D 342 -66.30 -37.16 31.65
C HIS D 342 -66.25 -36.73 33.11
N ARG D 343 -67.19 -35.88 33.54
CA ARG D 343 -67.20 -35.48 34.94
C ARG D 343 -67.35 -36.70 35.86
N GLN D 344 -68.23 -37.64 35.48
CA GLN D 344 -68.39 -38.83 36.31
C GLN D 344 -67.06 -39.58 36.48
N ASN D 345 -66.25 -39.66 35.42
CA ASN D 345 -64.95 -40.32 35.54
C ASN D 345 -64.00 -39.52 36.44
N VAL D 346 -63.94 -38.21 36.25
CA VAL D 346 -63.04 -37.41 37.10
C VAL D 346 -63.47 -37.56 38.56
N LEU D 347 -64.78 -37.59 38.82
CA LEU D 347 -65.25 -37.75 40.19
C LEU D 347 -64.90 -39.14 40.73
N ARG D 348 -64.91 -40.18 39.88
CA ARG D 348 -64.49 -41.49 40.35
C ARG D 348 -63.03 -41.48 40.78
N TYR D 349 -62.18 -40.76 40.04
CA TYR D 349 -60.78 -40.63 40.45
C TYR D 349 -60.66 -39.87 41.77
N ILE D 350 -61.44 -38.81 41.93
CA ILE D 350 -61.40 -38.04 43.17
C ILE D 350 -61.78 -38.92 44.35
N GLU D 351 -62.82 -39.75 44.19
CA GLU D 351 -63.23 -40.63 45.27
C GLU D 351 -62.14 -41.65 45.58
N SER D 352 -61.43 -42.15 44.56
CA SER D 352 -60.36 -43.11 44.84
C SER D 352 -59.22 -42.45 45.60
N GLY D 353 -58.93 -41.18 45.29
CA GLY D 353 -57.95 -40.45 46.09
C GLY D 353 -58.33 -40.42 47.56
N LYS D 354 -59.61 -40.11 47.83
CA LYS D 354 -60.08 -40.09 49.21
C LYS D 354 -59.95 -41.48 49.84
N SER D 355 -60.44 -42.50 49.15
CA SER D 355 -60.49 -43.81 49.78
C SER D 355 -59.12 -44.43 49.92
N GLU D 356 -58.13 -44.03 49.11
CA GLU D 356 -56.78 -44.55 49.21
C GLU D 356 -55.92 -43.75 50.19
N GLY D 357 -56.48 -42.76 50.86
CA GLY D 357 -55.83 -42.10 51.97
C GLY D 357 -55.09 -40.83 51.65
N ALA D 358 -55.21 -40.31 50.43
CA ALA D 358 -54.62 -39.00 50.15
C ALA D 358 -55.38 -37.93 50.94
N ARG D 359 -54.65 -36.87 51.30
CA ARG D 359 -55.24 -35.77 52.04
C ARG D 359 -55.78 -34.73 51.05
N LEU D 360 -57.07 -34.46 51.15
CA LEU D 360 -57.72 -33.48 50.29
C LEU D 360 -57.37 -32.08 50.80
N LEU D 361 -56.55 -31.37 50.03
CA LEU D 361 -56.17 -30.01 50.41
C LEU D 361 -57.29 -29.02 50.08
N CYS D 362 -57.95 -29.19 48.95
CA CYS D 362 -59.09 -28.36 48.60
C CYS D 362 -59.89 -29.04 47.48
N GLY D 363 -61.13 -28.57 47.31
CA GLY D 363 -61.98 -29.06 46.24
C GLY D 363 -62.55 -30.44 46.52
N GLY D 364 -62.65 -31.27 45.48
CA GLY D 364 -63.10 -32.63 45.65
C GLY D 364 -64.58 -32.89 45.41
N ASP D 365 -65.33 -31.89 44.97
CA ASP D 365 -66.76 -32.05 44.75
C ASP D 365 -67.16 -31.21 43.54
N VAL D 366 -68.40 -31.41 43.10
CA VAL D 366 -68.96 -30.58 42.02
C VAL D 366 -69.25 -29.18 42.56
N LEU D 367 -69.36 -28.22 41.65
CA LEU D 367 -69.83 -26.89 41.99
C LEU D 367 -71.35 -26.88 41.96
N LYS D 368 -71.94 -26.05 42.82
CA LYS D 368 -73.38 -26.07 43.06
C LYS D 368 -73.90 -24.64 43.09
N GLY D 369 -75.18 -24.50 42.80
CA GLY D 369 -75.86 -23.23 42.87
C GLY D 369 -76.37 -22.80 41.50
N GLU D 370 -77.09 -21.67 41.52
CA GLU D 370 -77.60 -21.10 40.29
C GLU D 370 -76.44 -20.91 39.31
N GLY D 371 -76.65 -21.36 38.08
CA GLY D 371 -75.64 -21.25 37.05
C GLY D 371 -74.67 -22.39 36.98
N PHE D 372 -74.47 -23.12 38.07
CA PHE D 372 -73.58 -24.27 38.04
C PHE D 372 -74.31 -25.61 38.00
N ASP D 373 -75.54 -25.66 38.51
CA ASP D 373 -76.21 -26.95 38.61
C ASP D 373 -76.46 -27.58 37.24
N ASN D 374 -76.52 -26.78 36.18
CA ASN D 374 -76.78 -27.32 34.85
C ASN D 374 -75.51 -27.62 34.07
N GLY D 375 -74.33 -27.40 34.64
CA GLY D 375 -73.10 -27.69 33.93
C GLY D 375 -72.26 -28.78 34.56
N ALA D 376 -71.29 -29.29 33.80
CA ALA D 376 -70.46 -30.41 34.25
C ALA D 376 -69.24 -29.90 35.03
N TRP D 377 -69.51 -29.17 36.10
CA TRP D 377 -68.45 -28.51 36.86
C TRP D 377 -67.86 -29.41 37.93
N VAL D 378 -66.53 -29.38 38.05
CA VAL D 378 -65.79 -29.97 39.16
C VAL D 378 -64.90 -28.89 39.77
N ALA D 379 -64.92 -28.77 41.10
CA ALA D 379 -64.10 -27.78 41.75
C ALA D 379 -62.62 -28.09 41.51
N PRO D 380 -61.78 -27.06 41.44
CA PRO D 380 -60.33 -27.30 41.40
C PRO D 380 -59.92 -28.10 42.62
N THR D 381 -59.25 -29.23 42.39
CA THR D 381 -59.00 -30.19 43.45
C THR D 381 -57.51 -30.42 43.61
N VAL D 382 -57.05 -30.46 44.87
CA VAL D 382 -55.65 -30.73 45.16
C VAL D 382 -55.60 -31.82 46.23
N PHE D 383 -54.89 -32.91 45.91
CA PHE D 383 -54.56 -33.93 46.90
C PHE D 383 -53.09 -33.78 47.32
N THR D 384 -52.81 -34.06 48.58
CA THR D 384 -51.43 -34.07 49.06
C THR D 384 -51.23 -35.29 49.94
N ASP D 385 -50.03 -35.42 50.51
CA ASP D 385 -49.63 -36.65 51.19
C ASP D 385 -49.73 -37.84 50.24
N CYS D 386 -49.49 -37.62 48.95
CA CYS D 386 -49.68 -38.68 47.97
C CYS D 386 -48.48 -39.63 47.93
N THR D 387 -48.73 -40.87 47.52
CA THR D 387 -47.68 -41.85 47.32
C THR D 387 -47.79 -42.43 45.93
N ASP D 388 -46.68 -43.01 45.47
CA ASP D 388 -46.53 -43.36 44.06
C ASP D 388 -47.45 -44.48 43.62
N ASP D 389 -47.96 -45.27 44.55
CA ASP D 389 -48.82 -46.39 44.25
C ASP D 389 -50.29 -46.00 44.16
N MET D 390 -50.63 -44.75 44.46
CA MET D 390 -52.02 -44.33 44.44
C MET D 390 -52.54 -44.23 43.01
N THR D 391 -53.82 -44.56 42.85
CA THR D 391 -54.46 -44.50 41.54
C THR D 391 -54.39 -43.10 40.95
N ILE D 392 -54.63 -42.07 41.77
CA ILE D 392 -54.61 -40.72 41.24
C ILE D 392 -53.20 -40.29 40.86
N VAL D 393 -52.18 -40.94 41.40
CA VAL D 393 -50.81 -40.61 41.02
C VAL D 393 -50.38 -41.40 39.78
N ARG D 394 -50.89 -42.62 39.61
CA ARG D 394 -50.42 -43.44 38.50
C ARG D 394 -51.17 -43.20 37.19
N GLU D 395 -52.43 -42.74 37.24
CA GLU D 395 -53.28 -42.71 36.06
C GLU D 395 -53.65 -41.28 35.69
N GLU D 396 -53.75 -41.02 34.38
CA GLU D 396 -54.19 -39.72 33.89
C GLU D 396 -55.67 -39.53 34.19
N ILE D 397 -56.00 -38.41 34.83
CA ILE D 397 -57.36 -38.08 35.24
C ILE D 397 -58.05 -37.18 34.22
N PHE D 398 -57.30 -36.25 33.61
CA PHE D 398 -57.82 -35.32 32.61
C PHE D 398 -58.93 -34.43 33.18
N GLY D 399 -58.76 -34.07 34.44
CA GLY D 399 -59.58 -33.08 35.08
C GLY D 399 -58.72 -32.27 36.02
N PRO D 400 -59.32 -31.34 36.75
CA PRO D 400 -58.56 -30.41 37.62
C PRO D 400 -58.18 -31.04 38.97
N VAL D 401 -57.17 -31.92 38.94
CA VAL D 401 -56.76 -32.66 40.13
C VAL D 401 -55.24 -32.73 40.20
N MET D 402 -54.67 -31.94 41.08
CA MET D 402 -53.22 -31.93 41.31
C MET D 402 -52.90 -32.91 42.42
N SER D 403 -51.84 -33.70 42.22
CA SER D 403 -51.31 -34.60 43.24
C SER D 403 -49.93 -34.09 43.66
N ILE D 404 -49.79 -33.75 44.95
CA ILE D 404 -48.55 -33.24 45.51
C ILE D 404 -47.83 -34.38 46.22
N LEU D 405 -46.56 -34.57 45.87
CA LEU D 405 -45.73 -35.64 46.37
C LEU D 405 -44.45 -35.04 46.96
N SER D 406 -44.10 -35.47 48.16
CA SER D 406 -42.89 -35.02 48.82
CA SER D 406 -42.87 -35.00 48.79
C SER D 406 -41.69 -35.88 48.42
N TYR D 407 -40.50 -35.28 48.36
CA TYR D 407 -39.29 -36.04 48.09
C TYR D 407 -38.13 -35.50 48.89
N ASP D 408 -37.09 -36.33 49.01
CA ASP D 408 -35.92 -36.02 49.81
C ASP D 408 -34.69 -35.63 49.01
N ASP D 409 -34.40 -36.28 47.89
CA ASP D 409 -33.15 -35.97 47.20
C ASP D 409 -33.33 -36.08 45.70
N GLU D 410 -32.34 -35.54 44.99
CA GLU D 410 -32.43 -35.37 43.54
C GLU D 410 -32.46 -36.71 42.82
N ALA D 411 -31.61 -37.65 43.21
CA ALA D 411 -31.61 -38.95 42.54
C ALA D 411 -32.98 -39.61 42.69
N GLU D 412 -33.57 -39.53 43.89
CA GLU D 412 -34.89 -40.11 44.15
C GLU D 412 -35.96 -39.53 43.24
N VAL D 413 -36.01 -38.20 43.14
CA VAL D 413 -37.11 -37.57 42.42
C VAL D 413 -37.02 -37.84 40.93
N ILE D 414 -35.80 -37.97 40.39
CA ILE D 414 -35.65 -38.33 38.99
C ILE D 414 -36.18 -39.74 38.76
N ARG D 415 -35.82 -40.68 39.64
CA ARG D 415 -36.34 -42.05 39.53
C ARG D 415 -37.86 -42.05 39.53
N ARG D 416 -38.45 -41.37 40.50
CA ARG D 416 -39.90 -41.39 40.65
C ARG D 416 -40.59 -40.66 39.51
N ALA D 417 -39.99 -39.58 39.02
CA ALA D 417 -40.54 -38.89 37.86
C ALA D 417 -40.59 -39.79 36.64
N ASN D 418 -39.55 -40.60 36.43
CA ASN D 418 -39.42 -41.47 35.29
C ASN D 418 -40.16 -42.80 35.44
N ALA D 419 -40.62 -43.13 36.65
CA ALA D 419 -41.20 -44.45 36.95
C ALA D 419 -42.68 -44.47 36.54
N THR D 420 -42.89 -44.46 35.23
CA THR D 420 -44.23 -44.41 34.65
C THR D 420 -44.15 -44.85 33.19
N GLU D 421 -45.28 -45.37 32.69
CA GLU D 421 -45.41 -45.71 31.29
C GLU D 421 -45.62 -44.48 30.43
N TYR D 422 -46.06 -43.36 31.02
CA TYR D 422 -46.21 -42.12 30.29
C TYR D 422 -44.86 -41.46 30.05
N GLY D 423 -44.85 -40.44 29.21
CA GLY D 423 -43.63 -39.72 28.89
C GLY D 423 -43.85 -38.51 28.02
N LEU D 424 -44.92 -37.76 28.29
CA LEU D 424 -45.25 -36.65 27.41
C LEU D 424 -44.43 -35.41 27.77
N ALA D 425 -44.61 -34.88 28.97
CA ALA D 425 -43.96 -33.64 29.35
C ALA D 425 -43.33 -33.76 30.73
N ALA D 426 -42.60 -32.72 31.10
CA ALA D 426 -41.94 -32.66 32.40
C ALA D 426 -41.43 -31.24 32.59
N GLY D 427 -41.10 -30.90 33.83
CA GLY D 427 -40.50 -29.60 34.05
C GLY D 427 -39.76 -29.54 35.37
N VAL D 428 -38.89 -28.54 35.49
CA VAL D 428 -38.14 -28.30 36.72
C VAL D 428 -38.21 -26.82 37.03
N VAL D 429 -38.29 -26.50 38.32
CA VAL D 429 -38.21 -25.15 38.84
C VAL D 429 -36.93 -25.04 39.66
N THR D 430 -35.96 -24.28 39.16
CA THR D 430 -34.72 -24.06 39.88
C THR D 430 -34.00 -22.87 39.28
N PRO D 431 -33.39 -22.00 40.09
CA PRO D 431 -32.54 -20.94 39.54
C PRO D 431 -31.14 -21.40 39.18
N ASP D 432 -30.76 -22.63 39.53
CA ASP D 432 -29.39 -23.09 39.37
C ASP D 432 -29.13 -23.62 37.96
N LEU D 433 -28.06 -23.11 37.33
CA LEU D 433 -27.70 -23.52 35.98
C LEU D 433 -27.53 -25.02 35.89
N ASN D 434 -26.65 -25.58 36.73
CA ASN D 434 -26.34 -27.01 36.60
C ASN D 434 -27.55 -27.89 36.92
N ARG D 435 -28.27 -27.56 37.98
CA ARG D 435 -29.42 -28.35 38.37
C ARG D 435 -30.47 -28.39 37.26
N ALA D 436 -30.73 -27.25 36.64
CA ALA D 436 -31.78 -27.18 35.63
C ALA D 436 -31.49 -28.12 34.46
N HIS D 437 -30.31 -28.00 33.86
CA HIS D 437 -30.01 -28.82 32.69
C HIS D 437 -29.77 -30.28 33.08
N ARG D 438 -29.08 -30.49 34.21
CA ARG D 438 -28.75 -31.84 34.65
C ARG D 438 -30.01 -32.68 34.91
N ILE D 439 -30.99 -32.10 35.59
CA ILE D 439 -32.22 -32.84 35.87
C ILE D 439 -33.02 -33.06 34.58
N ILE D 440 -33.19 -32.01 33.77
CA ILE D 440 -34.01 -32.13 32.58
C ILE D 440 -33.42 -33.17 31.63
N HIS D 441 -32.09 -33.25 31.54
CA HIS D 441 -31.51 -34.20 30.61
C HIS D 441 -31.79 -35.64 31.01
N GLN D 442 -32.12 -35.91 32.26
CA GLN D 442 -32.37 -37.27 32.73
C GLN D 442 -33.84 -37.66 32.70
N LEU D 443 -34.75 -36.75 32.39
CA LEU D 443 -36.17 -37.05 32.41
C LEU D 443 -36.62 -37.69 31.11
N GLU D 444 -37.48 -38.69 31.22
CA GLU D 444 -37.94 -39.42 30.03
C GLU D 444 -39.26 -38.82 29.53
N ALA D 445 -39.15 -37.64 28.93
CA ALA D 445 -40.29 -36.92 28.41
C ALA D 445 -39.88 -36.13 27.16
N GLY D 446 -40.82 -35.98 26.22
CA GLY D 446 -40.50 -35.29 24.98
C GLY D 446 -40.59 -33.78 25.05
N ILE D 447 -41.27 -33.25 26.07
CA ILE D 447 -41.59 -31.83 26.19
C ILE D 447 -41.18 -31.40 27.59
N CYS D 448 -40.13 -30.58 27.69
CA CYS D 448 -39.57 -30.21 28.99
C CYS D 448 -39.51 -28.70 29.14
N TRP D 449 -40.02 -28.21 30.27
CA TRP D 449 -40.08 -26.78 30.56
C TRP D 449 -39.23 -26.49 31.79
N ILE D 450 -38.36 -25.48 31.68
CA ILE D 450 -37.56 -24.98 32.78
C ILE D 450 -38.12 -23.62 33.20
N ASN D 451 -38.58 -23.55 34.44
CA ASN D 451 -39.09 -22.32 35.06
C ASN D 451 -40.26 -21.74 34.30
N SER D 452 -41.11 -22.64 33.79
CA SER D 452 -42.32 -22.24 33.09
CA SER D 452 -42.31 -22.25 33.07
C SER D 452 -43.14 -23.52 32.86
N TRP D 453 -44.28 -23.35 32.20
CA TRP D 453 -45.08 -24.50 31.80
C TRP D 453 -46.02 -24.06 30.68
N GLY D 454 -46.20 -24.90 29.66
CA GLY D 454 -47.34 -24.79 28.76
C GLY D 454 -47.10 -24.12 27.42
N GLU D 455 -46.01 -23.37 27.24
CA GLU D 455 -45.78 -22.70 25.97
C GLU D 455 -45.31 -23.73 24.95
N SER D 456 -45.89 -23.68 23.75
CA SER D 456 -45.65 -24.70 22.72
C SER D 456 -45.39 -24.00 21.39
N PRO D 457 -44.21 -23.40 21.24
CA PRO D 457 -43.93 -22.64 20.02
C PRO D 457 -44.05 -23.48 18.75
N ALA D 458 -44.50 -22.84 17.67
CA ALA D 458 -44.64 -23.57 16.42
C ALA D 458 -43.34 -24.24 16.01
N GLU D 459 -42.20 -23.64 16.38
CA GLU D 459 -40.88 -24.16 16.03
C GLU D 459 -40.49 -25.40 16.82
N MET D 460 -41.18 -25.68 17.92
CA MET D 460 -40.73 -26.67 18.88
C MET D 460 -41.43 -28.00 18.68
N PRO D 461 -40.73 -29.07 18.26
CA PRO D 461 -41.39 -30.38 18.13
C PRO D 461 -41.92 -30.86 19.47
N VAL D 462 -43.12 -31.42 19.46
CA VAL D 462 -43.77 -31.87 20.68
C VAL D 462 -44.40 -33.24 20.45
N GLY D 463 -44.21 -34.12 21.42
CA GLY D 463 -44.79 -35.45 21.40
C GLY D 463 -44.19 -36.26 22.53
N GLY D 464 -44.63 -37.50 22.62
CA GLY D 464 -44.39 -38.33 23.78
C GLY D 464 -43.30 -39.37 23.62
N TYR D 465 -42.61 -39.62 24.74
CA TYR D 465 -41.87 -40.84 24.98
C TYR D 465 -42.81 -41.96 25.40
N LYS D 466 -42.35 -43.20 25.26
CA LYS D 466 -42.99 -44.38 25.85
C LYS D 466 -44.45 -44.45 25.40
N HIS D 467 -45.41 -44.65 26.30
CA HIS D 467 -46.79 -44.86 25.86
C HIS D 467 -47.51 -43.56 25.56
N SER D 468 -46.84 -42.41 25.66
CA SER D 468 -47.50 -41.14 25.40
C SER D 468 -47.49 -40.73 23.94
N GLY D 469 -46.77 -41.42 23.07
CA GLY D 469 -46.90 -41.06 21.66
C GLY D 469 -45.96 -41.79 20.74
N ILE D 470 -46.24 -41.59 19.45
CA ILE D 470 -45.40 -41.95 18.32
C ILE D 470 -45.26 -40.71 17.47
N GLY D 471 -44.03 -40.36 17.12
CA GLY D 471 -43.80 -39.21 16.27
C GLY D 471 -43.97 -37.89 17.03
N ARG D 472 -43.97 -36.82 16.23
CA ARG D 472 -44.01 -35.48 16.77
C ARG D 472 -44.94 -34.62 15.94
N GLU D 473 -45.33 -33.50 16.53
CA GLU D 473 -45.99 -32.39 15.86
C GLU D 473 -45.18 -31.11 16.06
N ASN D 474 -45.39 -30.16 15.14
CA ASN D 474 -44.68 -28.87 15.12
C ASN D 474 -43.19 -29.03 14.80
N GLY D 475 -42.50 -27.92 14.59
CA GLY D 475 -41.12 -27.96 14.16
C GLY D 475 -40.94 -28.31 12.69
N VAL D 476 -39.74 -28.05 12.19
CA VAL D 476 -39.41 -28.38 10.79
CA VAL D 476 -39.45 -28.37 10.79
C VAL D 476 -39.60 -29.87 10.55
N MET D 477 -39.32 -30.70 11.56
CA MET D 477 -39.34 -32.14 11.36
C MET D 477 -40.73 -32.65 11.04
N THR D 478 -41.77 -31.95 11.47
CA THR D 478 -43.12 -32.46 11.20
C THR D 478 -43.55 -32.14 9.76
N LEU D 479 -43.06 -31.04 9.17
CA LEU D 479 -43.26 -30.83 7.74
C LEU D 479 -42.65 -32.00 6.97
N GLN D 480 -41.43 -32.36 7.33
CA GLN D 480 -40.73 -33.46 6.66
C GLN D 480 -41.41 -34.79 6.90
N SER D 481 -41.99 -34.99 8.08
CA SER D 481 -42.63 -36.27 8.38
C SER D 481 -43.97 -36.43 7.67
N TYR D 482 -44.50 -35.37 7.05
CA TYR D 482 -45.65 -35.50 6.16
C TYR D 482 -45.24 -35.67 4.69
N THR D 483 -43.97 -35.95 4.43
CA THR D 483 -43.52 -36.40 3.12
C THR D 483 -42.94 -37.80 3.25
N GLN D 484 -42.76 -38.46 2.12
CA GLN D 484 -42.07 -39.73 2.03
C GLN D 484 -40.86 -39.56 1.09
N VAL D 485 -39.78 -40.23 1.45
CA VAL D 485 -38.53 -40.09 0.72
C VAL D 485 -38.50 -41.06 -0.45
N LYS D 486 -38.22 -40.54 -1.64
CA LYS D 486 -37.90 -41.35 -2.81
C LYS D 486 -36.43 -41.12 -3.14
N SER D 487 -35.66 -42.20 -3.18
CA SER D 487 -34.25 -42.18 -3.59
C SER D 487 -34.14 -42.61 -5.04
N ILE D 488 -33.40 -41.83 -5.82
CA ILE D 488 -33.27 -42.04 -7.27
C ILE D 488 -31.79 -42.11 -7.60
N GLN D 489 -31.33 -43.25 -8.12
CA GLN D 489 -29.95 -43.38 -8.56
C GLN D 489 -29.90 -43.19 -10.08
N VAL D 490 -29.07 -42.25 -10.52
CA VAL D 490 -28.74 -42.05 -11.93
C VAL D 490 -27.41 -42.75 -12.19
N GLU D 491 -27.44 -43.87 -12.95
CA GLU D 491 -26.23 -44.57 -13.35
C GLU D 491 -25.86 -44.13 -14.76
N MET D 492 -24.79 -43.34 -14.88
CA MET D 492 -24.33 -42.89 -16.20
C MET D 492 -23.23 -43.76 -16.78
N GLY D 493 -22.66 -44.67 -16.00
CA GLY D 493 -21.65 -45.57 -16.47
C GLY D 493 -22.30 -46.83 -17.01
N PRO D 494 -21.52 -47.70 -17.64
CA PRO D 494 -22.09 -48.94 -18.19
C PRO D 494 -22.48 -49.91 -17.08
N PHE D 495 -23.71 -50.41 -17.15
CA PHE D 495 -24.19 -51.33 -16.13
C PHE D 495 -23.59 -52.71 -16.35
N GLN D 496 -23.09 -53.32 -15.30
CA GLN D 496 -22.47 -54.64 -15.36
C GLN D 496 -23.42 -55.69 -14.79
N SER D 497 -23.80 -56.63 -15.62
CA SER D 497 -24.52 -57.82 -15.16
C SER D 497 -23.50 -58.94 -14.97
N ILE D 498 -23.72 -59.77 -13.94
CA ILE D 498 -22.87 -60.94 -13.76
C ILE D 498 -23.38 -62.15 -14.53
N PHE D 499 -24.51 -62.01 -15.21
CA PHE D 499 -25.09 -63.14 -15.94
C PHE D 499 -24.76 -63.11 -17.44
N ARG E 12 -20.92 -81.83 11.71
CA ARG E 12 -21.91 -80.82 12.08
C ARG E 12 -21.23 -79.70 12.86
N MET E 13 -22.03 -78.74 13.31
CA MET E 13 -21.56 -77.68 14.20
C MET E 13 -22.09 -77.88 15.60
N ALA E 14 -21.48 -77.16 16.54
CA ALA E 14 -21.93 -77.16 17.92
C ALA E 14 -23.35 -76.59 18.04
N GLU E 15 -24.06 -77.04 19.09
CA GLU E 15 -25.36 -76.49 19.39
C GLU E 15 -25.21 -75.01 19.74
N GLN E 16 -25.98 -74.18 19.05
CA GLN E 16 -25.84 -72.72 19.14
C GLN E 16 -26.69 -72.17 20.27
N GLN E 17 -26.10 -71.31 21.08
CA GLN E 17 -26.76 -70.77 22.25
C GLN E 17 -27.22 -69.34 22.00
N LEU E 18 -27.93 -68.78 22.98
CA LEU E 18 -28.24 -67.37 22.94
C LEU E 18 -26.99 -66.55 23.25
N TYR E 19 -27.01 -65.27 22.87
CA TYR E 19 -25.93 -64.35 23.20
C TYR E 19 -26.54 -63.20 24.00
N ILE E 20 -26.23 -63.16 25.29
CA ILE E 20 -26.78 -62.16 26.21
C ILE E 20 -25.64 -61.67 27.08
N HIS E 21 -25.41 -60.37 27.08
CA HIS E 21 -24.44 -59.70 27.95
C HIS E 21 -23.02 -60.22 27.75
N GLY E 22 -22.58 -60.25 26.49
CA GLY E 22 -21.20 -60.51 26.18
C GLY E 22 -20.76 -61.95 26.30
N LYS E 23 -21.69 -62.89 26.30
CA LYS E 23 -21.34 -64.29 26.41
C LYS E 23 -22.46 -65.13 25.80
N PHE E 24 -22.10 -66.32 25.34
CA PHE E 24 -23.11 -67.30 24.98
C PHE E 24 -23.68 -67.90 26.25
N VAL E 25 -25.00 -68.05 26.28
CA VAL E 25 -25.68 -68.56 27.45
C VAL E 25 -26.81 -69.48 26.99
N ALA E 26 -27.05 -70.54 27.76
CA ALA E 26 -28.11 -71.47 27.45
C ALA E 26 -29.47 -70.80 27.60
N ALA E 27 -30.37 -71.07 26.65
CA ALA E 27 -31.75 -70.62 26.82
C ALA E 27 -32.39 -71.35 28.00
N THR E 28 -33.37 -70.70 28.62
CA THR E 28 -34.14 -71.32 29.69
C THR E 28 -35.49 -71.81 29.19
N SER E 29 -35.73 -71.75 27.89
CA SER E 29 -36.99 -72.21 27.33
C SER E 29 -37.08 -73.73 27.30
N GLY E 30 -35.95 -74.42 27.28
CA GLY E 30 -35.98 -75.85 27.03
C GLY E 30 -36.32 -76.23 25.60
N LYS E 31 -36.33 -75.27 24.68
CA LYS E 31 -36.76 -75.49 23.30
C LYS E 31 -35.60 -75.24 22.34
N THR E 32 -35.59 -76.00 21.24
CA THR E 32 -34.60 -75.83 20.20
C THR E 32 -35.25 -75.96 18.83
N PHE E 33 -34.52 -75.52 17.81
CA PHE E 33 -34.90 -75.74 16.42
C PHE E 33 -33.64 -76.04 15.62
N GLU E 34 -33.84 -76.47 14.37
CA GLU E 34 -32.74 -76.83 13.48
C GLU E 34 -32.71 -75.89 12.29
N THR E 35 -31.50 -75.55 11.84
CA THR E 35 -31.31 -74.84 10.58
C THR E 35 -30.71 -75.83 9.58
N ILE E 36 -31.23 -75.79 8.36
CA ILE E 36 -30.90 -76.78 7.32
C ILE E 36 -29.97 -76.14 6.31
N ASN E 37 -29.09 -76.95 5.75
CA ASN E 37 -28.30 -76.56 4.58
C ASN E 37 -29.14 -76.80 3.34
N PRO E 38 -29.63 -75.74 2.67
CA PRO E 38 -30.55 -75.96 1.53
C PRO E 38 -29.91 -76.61 0.31
N ALA E 39 -28.58 -76.70 0.25
CA ALA E 39 -27.92 -77.38 -0.86
C ALA E 39 -27.90 -78.89 -0.69
N THR E 40 -28.02 -79.38 0.55
CA THR E 40 -27.90 -80.81 0.83
C THR E 40 -29.07 -81.39 1.60
N GLY E 41 -29.88 -80.56 2.26
CA GLY E 41 -30.91 -81.06 3.13
C GLY E 41 -30.44 -81.48 4.51
N GLU E 42 -29.14 -81.39 4.78
CA GLU E 42 -28.60 -81.81 6.06
C GLU E 42 -28.81 -80.75 7.14
N VAL E 43 -28.89 -81.20 8.39
CA VAL E 43 -28.95 -80.27 9.50
C VAL E 43 -27.58 -79.62 9.65
N LEU E 44 -27.56 -78.27 9.59
CA LEU E 44 -26.33 -77.54 9.88
C LEU E 44 -26.07 -77.45 11.37
N ALA E 45 -27.10 -77.12 12.14
CA ALA E 45 -26.91 -76.93 13.57
C ALA E 45 -28.27 -77.02 14.24
N THR E 46 -28.25 -77.49 15.49
CA THR E 46 -29.35 -77.28 16.42
C THR E 46 -29.13 -75.96 17.14
N VAL E 47 -30.19 -75.18 17.27
CA VAL E 47 -30.13 -73.82 17.80
C VAL E 47 -31.14 -73.69 18.92
N GLN E 48 -30.72 -73.08 20.03
CA GLN E 48 -31.65 -72.85 21.13
C GLN E 48 -32.57 -71.67 20.85
N ALA E 49 -33.81 -71.79 21.30
CA ALA E 49 -34.85 -70.80 21.07
C ALA E 49 -35.10 -70.00 22.34
N ALA E 50 -35.01 -68.69 22.23
CA ALA E 50 -35.21 -67.82 23.38
C ALA E 50 -36.67 -67.81 23.80
N GLY E 51 -36.91 -68.10 25.08
CA GLY E 51 -38.24 -68.00 25.66
C GLY E 51 -38.49 -66.64 26.29
N ARG E 52 -39.66 -66.55 26.94
CA ARG E 52 -40.11 -65.27 27.50
C ARG E 52 -39.13 -64.76 28.54
N GLU E 53 -38.66 -65.65 29.42
CA GLU E 53 -37.71 -65.22 30.46
C GLU E 53 -36.38 -64.83 29.84
N ASP E 54 -35.96 -65.53 28.79
CA ASP E 54 -34.74 -65.17 28.09
C ASP E 54 -34.84 -63.76 27.51
N VAL E 55 -36.01 -63.40 26.98
CA VAL E 55 -36.19 -62.05 26.44
C VAL E 55 -36.11 -61.02 27.56
N ASP E 56 -36.79 -61.27 28.69
CA ASP E 56 -36.72 -60.36 29.83
CA ASP E 56 -36.71 -60.31 29.79
C ASP E 56 -35.27 -60.14 30.25
N ARG E 57 -34.52 -61.24 30.38
CA ARG E 57 -33.10 -61.15 30.73
C ARG E 57 -32.32 -60.33 29.72
N ALA E 58 -32.59 -60.53 28.43
CA ALA E 58 -31.87 -59.77 27.41
C ALA E 58 -32.19 -58.29 27.50
N VAL E 59 -33.43 -57.95 27.84
CA VAL E 59 -33.79 -56.53 27.98
C VAL E 59 -33.06 -55.93 29.17
N LYS E 60 -33.04 -56.62 30.32
CA LYS E 60 -32.34 -56.07 31.48
C LYS E 60 -30.85 -55.93 31.22
N SER E 61 -30.27 -56.89 30.51
CA SER E 61 -28.89 -56.78 30.06
C SER E 61 -28.70 -55.56 29.17
N ALA E 62 -29.61 -55.37 28.22
CA ALA E 62 -29.50 -54.25 27.29
C ALA E 62 -29.65 -52.92 28.01
N GLN E 63 -30.55 -52.85 28.98
CA GLN E 63 -30.71 -51.61 29.74
C GLN E 63 -29.41 -51.25 30.43
N GLN E 64 -28.70 -52.24 30.96
CA GLN E 64 -27.45 -51.97 31.67
C GLN E 64 -26.35 -51.55 30.70
N GLY E 65 -26.21 -52.26 29.59
CA GLY E 65 -25.18 -51.91 28.62
C GLY E 65 -25.45 -50.58 27.93
N GLN E 66 -26.72 -50.29 27.64
CA GLN E 66 -27.06 -49.03 26.99
C GLN E 66 -26.57 -47.85 27.80
N LYS E 67 -26.65 -47.94 29.13
CA LYS E 67 -26.21 -46.82 29.97
C LYS E 67 -24.73 -46.56 29.81
N VAL E 68 -23.91 -47.61 29.85
CA VAL E 68 -22.48 -47.46 29.64
C VAL E 68 -22.20 -46.88 28.26
N TRP E 69 -22.87 -47.44 27.26
CA TRP E 69 -22.62 -47.07 25.87
C TRP E 69 -22.96 -45.61 25.62
N ALA E 70 -24.11 -45.16 26.13
CA ALA E 70 -24.56 -43.80 25.87
C ALA E 70 -23.76 -42.76 26.66
N ALA E 71 -23.14 -43.17 27.76
CA ALA E 71 -22.34 -42.26 28.55
C ALA E 71 -20.95 -42.03 27.98
N MET E 72 -20.48 -42.93 27.11
CA MET E 72 -19.22 -42.75 26.40
C MET E 72 -19.27 -41.49 25.52
N SER E 73 -18.11 -41.01 25.13
CA SER E 73 -18.09 -39.94 24.14
C SER E 73 -18.53 -40.46 22.76
N ALA E 74 -18.96 -39.52 21.92
CA ALA E 74 -19.35 -39.86 20.56
C ALA E 74 -18.22 -40.56 19.82
N MET E 75 -17.00 -40.03 19.93
CA MET E 75 -15.89 -40.61 19.19
C MET E 75 -15.46 -41.95 19.78
N ALA E 76 -15.63 -42.14 21.09
CA ALA E 76 -15.36 -43.46 21.66
C ALA E 76 -16.30 -44.50 21.07
N ARG E 77 -17.57 -44.13 20.88
CA ARG E 77 -18.50 -45.04 20.23
C ARG E 77 -18.09 -45.27 18.77
N SER E 78 -17.69 -44.20 18.08
CA SER E 78 -17.27 -44.34 16.68
CA SER E 78 -17.27 -44.34 16.68
C SER E 78 -16.10 -45.31 16.55
N ARG E 79 -15.09 -45.18 17.42
CA ARG E 79 -13.93 -46.04 17.32
C ARG E 79 -14.28 -47.50 17.53
N ILE E 80 -15.21 -47.79 18.44
CA ILE E 80 -15.57 -49.19 18.68
C ILE E 80 -16.28 -49.77 17.46
N LEU E 81 -17.22 -49.04 16.87
CA LEU E 81 -17.88 -49.54 15.68
C LEU E 81 -16.89 -49.70 14.53
N ARG E 82 -15.92 -48.77 14.41
CA ARG E 82 -14.90 -48.92 13.37
C ARG E 82 -14.02 -50.16 13.59
N LYS E 83 -13.74 -50.55 14.85
CA LYS E 83 -12.98 -51.80 15.02
C LYS E 83 -13.82 -52.99 14.62
N ALA E 84 -15.13 -52.95 14.85
CA ALA E 84 -15.97 -54.03 14.36
C ALA E 84 -15.94 -54.11 12.83
N VAL E 85 -15.95 -52.95 12.15
CA VAL E 85 -15.77 -52.95 10.70
C VAL E 85 -14.47 -53.65 10.32
N ASP E 86 -13.37 -53.28 10.99
CA ASP E 86 -12.09 -53.88 10.65
C ASP E 86 -12.13 -55.40 10.77
N ILE E 87 -12.76 -55.92 11.83
CA ILE E 87 -12.85 -57.37 12.00
C ILE E 87 -13.70 -57.97 10.88
N LEU E 88 -14.82 -57.33 10.55
CA LEU E 88 -15.68 -57.83 9.49
C LEU E 88 -14.95 -57.89 8.15
N ARG E 89 -14.10 -56.89 7.87
CA ARG E 89 -13.36 -56.94 6.61
C ARG E 89 -12.40 -58.14 6.58
N GLU E 90 -11.67 -58.38 7.67
CA GLU E 90 -10.70 -59.48 7.69
C GLU E 90 -11.40 -60.83 7.60
N ARG E 91 -12.57 -60.95 8.25
CA ARG E 91 -13.27 -62.22 8.32
C ARG E 91 -14.33 -62.35 7.23
N ASN E 92 -14.24 -61.49 6.21
CA ASN E 92 -15.24 -61.50 5.14
C ASN E 92 -15.44 -62.89 4.56
N ASP E 93 -14.36 -63.57 4.19
CA ASP E 93 -14.51 -64.85 3.49
C ASP E 93 -15.07 -65.94 4.41
N GLU E 94 -14.60 -65.98 5.65
CA GLU E 94 -15.11 -66.95 6.63
C GLU E 94 -16.59 -66.73 6.92
N LEU E 95 -17.01 -65.48 7.11
CA LEU E 95 -18.43 -65.22 7.34
C LEU E 95 -19.25 -65.55 6.10
N ALA E 96 -18.71 -65.25 4.92
CA ALA E 96 -19.43 -65.51 3.68
C ALA E 96 -19.67 -67.00 3.48
N ARG E 97 -18.68 -67.83 3.81
CA ARG E 97 -18.85 -69.27 3.67
C ARG E 97 -19.93 -69.79 4.60
N LEU E 98 -19.98 -69.26 5.83
CA LEU E 98 -21.05 -69.63 6.74
C LEU E 98 -22.41 -69.21 6.20
N GLU E 99 -22.49 -67.98 5.67
CA GLU E 99 -23.75 -67.48 5.12
C GLU E 99 -24.22 -68.33 3.94
N THR E 100 -23.28 -68.75 3.09
CA THR E 100 -23.61 -69.64 1.99
C THR E 100 -24.16 -70.96 2.49
N LEU E 101 -23.55 -71.54 3.53
CA LEU E 101 -24.06 -72.79 4.10
C LEU E 101 -25.49 -72.61 4.64
N ASP E 102 -25.76 -71.48 5.27
CA ASP E 102 -27.04 -71.27 5.93
C ASP E 102 -28.13 -70.84 4.96
N THR E 103 -27.79 -70.12 3.89
CA THR E 103 -28.78 -69.53 3.00
C THR E 103 -28.89 -70.21 1.63
N GLY E 104 -27.84 -70.90 1.19
CA GLY E 104 -27.77 -71.43 -0.16
C GLY E 104 -27.35 -70.41 -1.20
N LYS E 105 -27.04 -69.20 -0.82
CA LYS E 105 -26.61 -68.23 -1.81
C LYS E 105 -25.16 -68.50 -2.21
N PRO E 106 -24.82 -68.35 -3.49
CA PRO E 106 -23.45 -68.65 -3.92
C PRO E 106 -22.42 -67.79 -3.21
N LEU E 107 -21.25 -68.41 -2.94
CA LEU E 107 -20.14 -67.67 -2.36
C LEU E 107 -19.73 -66.50 -3.23
N SER E 108 -19.96 -66.61 -4.54
CA SER E 108 -19.70 -65.49 -5.44
C SER E 108 -20.52 -64.27 -5.05
N GLU E 109 -21.68 -64.47 -4.43
CA GLU E 109 -22.46 -63.36 -3.89
C GLU E 109 -22.05 -63.00 -2.47
N THR E 110 -22.03 -63.99 -1.57
CA THR E 110 -21.86 -63.68 -0.16
C THR E 110 -20.51 -63.07 0.13
N ALA E 111 -19.46 -63.48 -0.59
CA ALA E 111 -18.13 -62.92 -0.37
C ALA E 111 -17.96 -61.56 -1.02
N ALA E 112 -18.89 -61.15 -1.88
CA ALA E 112 -18.79 -59.88 -2.57
C ALA E 112 -19.79 -58.84 -2.09
N VAL E 113 -20.93 -59.25 -1.53
CA VAL E 113 -22.04 -58.36 -1.24
C VAL E 113 -22.39 -58.36 0.24
N ASP E 114 -22.68 -59.53 0.81
CA ASP E 114 -23.37 -59.60 2.10
C ASP E 114 -22.60 -58.90 3.22
N ILE E 115 -21.37 -59.34 3.47
CA ILE E 115 -20.59 -58.70 4.53
C ILE E 115 -20.03 -57.36 4.05
N VAL E 116 -19.61 -57.29 2.79
CA VAL E 116 -19.06 -56.04 2.27
C VAL E 116 -20.02 -54.89 2.52
N THR E 117 -21.29 -55.04 2.11
CA THR E 117 -22.24 -53.94 2.20
C THR E 117 -22.84 -53.82 3.59
N GLY E 118 -22.90 -54.92 4.34
CA GLY E 118 -23.26 -54.81 5.74
C GLY E 118 -22.26 -53.97 6.50
N ALA E 119 -20.97 -54.28 6.34
CA ALA E 119 -19.93 -53.49 6.99
C ALA E 119 -19.85 -52.07 6.43
N ASP E 120 -20.16 -51.87 5.13
CA ASP E 120 -20.21 -50.52 4.56
C ASP E 120 -21.17 -49.63 5.35
N VAL E 121 -22.32 -50.18 5.76
CA VAL E 121 -23.30 -49.37 6.48
C VAL E 121 -22.85 -49.11 7.90
N LEU E 122 -22.25 -50.11 8.55
CA LEU E 122 -21.71 -49.91 9.88
C LEU E 122 -20.62 -48.85 9.87
N GLU E 123 -19.74 -48.93 8.88
CA GLU E 123 -18.65 -47.97 8.74
C GLU E 123 -19.19 -46.56 8.52
N TYR E 124 -20.23 -46.44 7.68
CA TYR E 124 -20.89 -45.16 7.44
C TYR E 124 -21.40 -44.55 8.72
N TYR E 125 -22.20 -45.30 9.47
CA TYR E 125 -22.77 -44.74 10.70
C TYR E 125 -21.71 -44.50 11.77
N ALA E 126 -20.68 -45.32 11.83
CA ALA E 126 -19.60 -45.09 12.78
C ALA E 126 -19.05 -43.68 12.62
N GLY E 127 -18.86 -43.23 11.37
CA GLY E 127 -18.33 -41.90 11.12
C GLY E 127 -19.28 -40.77 11.42
N LEU E 128 -20.58 -41.03 11.44
CA LEU E 128 -21.55 -39.97 11.63
C LEU E 128 -21.90 -39.70 13.09
N ILE E 129 -21.50 -40.55 14.02
CA ILE E 129 -21.91 -40.38 15.42
C ILE E 129 -21.63 -38.96 15.92
N PRO E 130 -20.44 -38.39 15.71
CA PRO E 130 -20.19 -37.03 16.24
C PRO E 130 -21.01 -35.95 15.58
N ALA E 131 -21.67 -36.22 14.46
CA ALA E 131 -22.46 -35.21 13.77
C ALA E 131 -23.93 -35.29 14.13
N LEU E 132 -24.30 -36.17 15.04
CA LEU E 132 -25.68 -36.25 15.51
C LEU E 132 -25.92 -35.08 16.45
N GLU E 133 -26.71 -34.11 16.00
CA GLU E 133 -26.89 -32.85 16.71
C GLU E 133 -28.36 -32.53 16.90
N GLY E 134 -28.67 -31.85 17.99
CA GLY E 134 -29.96 -31.21 18.18
C GLY E 134 -29.97 -29.81 17.60
N SER E 135 -31.02 -29.06 17.96
CA SER E 135 -31.23 -27.71 17.46
CA SER E 135 -31.23 -27.71 17.47
C SER E 135 -31.31 -26.72 18.62
N GLN E 136 -31.25 -25.43 18.26
CA GLN E 136 -31.48 -24.33 19.20
C GLN E 136 -32.32 -23.30 18.47
N ILE E 137 -33.36 -22.82 19.14
CA ILE E 137 -34.36 -21.94 18.55
C ILE E 137 -34.54 -20.76 19.49
N PRO E 138 -34.13 -19.55 19.11
CA PRO E 138 -34.40 -18.38 19.95
C PRO E 138 -35.87 -18.00 19.83
N LEU E 139 -36.51 -17.78 20.97
CA LEU E 139 -37.89 -17.30 20.94
C LEU E 139 -37.98 -15.79 21.10
N ARG E 140 -37.16 -15.24 21.99
CA ARG E 140 -37.16 -13.84 22.38
C ARG E 140 -35.91 -13.68 23.23
N ASP E 141 -35.57 -12.44 23.57
CA ASP E 141 -34.35 -12.23 24.34
C ASP E 141 -34.34 -13.04 25.63
N SER E 142 -35.52 -13.28 26.21
CA SER E 142 -35.62 -13.91 27.52
C SER E 142 -35.94 -15.40 27.47
N SER E 143 -35.97 -16.03 26.30
CA SER E 143 -36.29 -17.45 26.26
C SER E 143 -35.83 -18.09 24.97
N PHE E 144 -35.35 -19.32 25.08
CA PHE E 144 -34.95 -20.09 23.92
C PHE E 144 -35.27 -21.55 24.16
N VAL E 145 -35.29 -22.31 23.07
CA VAL E 145 -35.53 -23.74 23.06
C VAL E 145 -34.28 -24.42 22.54
N TYR E 146 -33.92 -25.56 23.12
CA TYR E 146 -32.95 -26.45 22.48
C TYR E 146 -33.50 -27.86 22.52
N THR E 147 -33.07 -28.68 21.56
CA THR E 147 -33.52 -30.06 21.46
C THR E 147 -32.32 -30.97 21.64
N ARG E 148 -32.60 -32.15 22.18
CA ARG E 148 -31.64 -33.25 22.28
C ARG E 148 -32.18 -34.41 21.45
N ARG E 149 -31.26 -35.10 20.76
CA ARG E 149 -31.60 -36.34 20.08
C ARG E 149 -31.15 -37.47 20.99
N GLU E 150 -32.08 -37.94 21.82
CA GLU E 150 -31.72 -38.91 22.84
C GLU E 150 -31.93 -40.34 22.34
N PRO E 151 -31.15 -41.29 22.85
CA PRO E 151 -31.43 -42.70 22.53
C PRO E 151 -32.86 -43.07 22.87
N LEU E 152 -33.43 -43.95 22.05
CA LEU E 152 -34.68 -44.58 22.44
C LEU E 152 -34.50 -45.48 23.65
N GLY E 153 -33.31 -46.07 23.81
CA GLY E 153 -33.03 -46.97 24.92
C GLY E 153 -32.69 -48.35 24.41
N VAL E 154 -33.63 -49.28 24.57
CA VAL E 154 -33.51 -50.64 24.10
C VAL E 154 -34.45 -50.79 22.91
N VAL E 155 -33.90 -51.20 21.77
CA VAL E 155 -34.70 -51.42 20.58
C VAL E 155 -34.50 -52.87 20.14
N ALA E 156 -35.43 -53.37 19.34
CA ALA E 156 -35.33 -54.75 18.85
C ALA E 156 -35.32 -54.74 17.32
N GLY E 157 -34.47 -55.58 16.75
CA GLY E 157 -34.46 -55.82 15.31
C GLY E 157 -34.87 -57.25 15.05
N ILE E 158 -35.68 -57.44 14.02
CA ILE E 158 -36.15 -58.77 13.61
C ILE E 158 -35.73 -58.94 12.15
N GLY E 159 -34.82 -59.90 11.91
CA GLY E 159 -34.21 -60.04 10.61
C GLY E 159 -34.96 -61.03 9.72
N ALA E 160 -34.60 -60.99 8.45
CA ALA E 160 -35.14 -61.91 7.44
C ALA E 160 -34.03 -62.86 7.01
N TRP E 161 -34.42 -63.87 6.23
CA TRP E 161 -33.49 -64.93 5.91
C TRP E 161 -32.71 -64.74 4.61
N ASN E 162 -33.05 -63.75 3.78
CA ASN E 162 -32.39 -63.70 2.48
C ASN E 162 -31.02 -63.04 2.56
N TYR E 163 -30.83 -62.07 3.47
CA TYR E 163 -29.54 -61.42 3.70
C TYR E 163 -29.31 -61.34 5.20
N PRO E 164 -29.02 -62.48 5.85
CA PRO E 164 -29.05 -62.51 7.32
C PRO E 164 -28.08 -61.54 7.98
N ILE E 165 -26.79 -61.63 7.68
CA ILE E 165 -25.87 -60.76 8.41
C ILE E 165 -25.94 -59.33 7.89
N GLN E 166 -26.22 -59.14 6.60
CA GLN E 166 -26.38 -57.77 6.11
C GLN E 166 -27.51 -57.07 6.84
N ILE E 167 -28.64 -57.75 7.01
CA ILE E 167 -29.77 -57.15 7.71
C ILE E 167 -29.39 -56.87 9.16
N ALA E 168 -28.71 -57.81 9.81
CA ALA E 168 -28.30 -57.57 11.19
C ALA E 168 -27.43 -56.32 11.28
N LEU E 169 -26.57 -56.10 10.29
CA LEU E 169 -25.71 -54.91 10.30
C LEU E 169 -26.50 -53.65 9.94
N TRP E 170 -27.40 -53.73 8.97
CA TRP E 170 -28.14 -52.54 8.60
C TRP E 170 -29.10 -52.08 9.70
N LYS E 171 -29.57 -53.00 10.54
CA LYS E 171 -30.39 -52.59 11.68
C LYS E 171 -29.53 -52.16 12.88
N SER E 172 -28.51 -52.96 13.21
CA SER E 172 -27.76 -52.67 14.43
C SER E 172 -26.87 -51.44 14.28
N ALA E 173 -26.36 -51.18 13.07
CA ALA E 173 -25.41 -50.08 12.93
C ALA E 173 -26.03 -48.73 13.31
N PRO E 174 -27.15 -48.30 12.70
CA PRO E 174 -27.73 -47.02 13.12
C PRO E 174 -28.26 -47.05 14.54
N ALA E 175 -28.79 -48.18 14.99
CA ALA E 175 -29.30 -48.25 16.36
C ALA E 175 -28.19 -48.01 17.36
N LEU E 176 -27.06 -48.70 17.19
CA LEU E 176 -25.91 -48.54 18.08
C LEU E 176 -25.28 -47.17 17.93
N ALA E 177 -25.17 -46.67 16.70
CA ALA E 177 -24.57 -45.35 16.48
C ALA E 177 -25.39 -44.25 17.12
N ALA E 178 -26.70 -44.44 17.25
CA ALA E 178 -27.58 -43.48 17.90
C ALA E 178 -27.58 -43.62 19.42
N GLY E 179 -26.82 -44.55 19.99
CA GLY E 179 -26.70 -44.70 21.43
C GLY E 179 -27.61 -45.72 22.06
N ASN E 180 -28.27 -46.56 21.27
CA ASN E 180 -29.15 -47.58 21.80
C ASN E 180 -28.42 -48.89 22.00
N ALA E 181 -29.06 -49.77 22.77
CA ALA E 181 -28.81 -51.19 22.73
C ALA E 181 -29.85 -51.83 21.82
N MET E 182 -29.44 -52.84 21.06
CA MET E 182 -30.35 -53.59 20.20
C MET E 182 -30.37 -55.06 20.58
N ILE E 183 -31.56 -55.61 20.71
CA ILE E 183 -31.79 -57.05 20.77
C ILE E 183 -32.21 -57.49 19.38
N PHE E 184 -31.44 -58.42 18.78
CA PHE E 184 -31.67 -58.84 17.41
C PHE E 184 -32.15 -60.28 17.38
N LYS E 185 -33.24 -60.52 16.66
CA LYS E 185 -33.73 -61.88 16.46
C LYS E 185 -33.51 -62.23 14.99
N PRO E 186 -32.58 -63.12 14.66
CA PRO E 186 -32.44 -63.53 13.27
C PRO E 186 -33.60 -64.46 12.90
N SER E 187 -33.82 -64.57 11.60
CA SER E 187 -34.76 -65.56 11.11
C SER E 187 -34.36 -66.95 11.56
N GLU E 188 -35.35 -67.75 11.93
CA GLU E 188 -35.09 -69.15 12.30
C GLU E 188 -34.52 -69.95 11.15
N VAL E 189 -34.68 -69.48 9.92
CA VAL E 189 -34.12 -70.19 8.78
C VAL E 189 -32.62 -69.97 8.68
N THR E 190 -32.10 -68.84 9.18
CA THR E 190 -30.72 -68.43 8.95
C THR E 190 -30.17 -67.74 10.19
N PRO E 191 -30.02 -68.47 11.29
CA PRO E 191 -29.62 -67.84 12.56
C PRO E 191 -28.13 -67.70 12.81
N LEU E 192 -27.27 -68.26 11.96
CA LEU E 192 -25.91 -68.53 12.38
C LEU E 192 -25.01 -67.29 12.32
N THR E 193 -25.11 -66.48 11.27
CA THR E 193 -24.16 -65.37 11.15
C THR E 193 -24.45 -64.26 12.17
N ALA E 194 -25.70 -64.12 12.64
CA ALA E 194 -25.98 -63.11 13.64
C ALA E 194 -25.23 -63.40 14.93
N LEU E 195 -25.07 -64.68 15.26
CA LEU E 195 -24.32 -65.06 16.46
C LEU E 195 -22.84 -64.74 16.29
N LYS E 196 -22.30 -64.94 15.09
CA LYS E 196 -20.93 -64.52 14.84
C LYS E 196 -20.80 -63.00 15.02
N LEU E 197 -21.78 -62.24 14.52
CA LEU E 197 -21.69 -60.78 14.63
C LEU E 197 -21.64 -60.36 16.09
N ALA E 198 -22.41 -61.02 16.94
CA ALA E 198 -22.42 -60.67 18.36
C ALA E 198 -21.03 -60.82 18.97
N GLU E 199 -20.33 -61.90 18.64
CA GLU E 199 -18.97 -62.09 19.16
C GLU E 199 -18.04 -61.00 18.64
N ILE E 200 -18.19 -60.63 17.36
CA ILE E 200 -17.33 -59.62 16.76
C ILE E 200 -17.52 -58.27 17.45
N TYR E 201 -18.76 -57.89 17.71
CA TYR E 201 -18.98 -56.63 18.41
C TYR E 201 -18.30 -56.63 19.77
N ARG E 202 -18.41 -57.73 20.51
CA ARG E 202 -17.74 -57.78 21.81
C ARG E 202 -16.23 -57.65 21.64
N GLU E 203 -15.68 -58.38 20.68
CA GLU E 203 -14.26 -58.31 20.40
C GLU E 203 -13.83 -56.89 20.05
N ALA E 204 -14.71 -56.11 19.43
CA ALA E 204 -14.39 -54.75 19.03
C ALA E 204 -14.45 -53.77 20.19
N GLY E 205 -14.96 -54.21 21.34
CA GLY E 205 -15.09 -53.36 22.50
C GLY E 205 -16.49 -52.90 22.80
N LEU E 206 -17.50 -53.45 22.14
CA LEU E 206 -18.86 -53.06 22.44
C LEU E 206 -19.20 -53.47 23.88
N PRO E 207 -19.77 -52.57 24.69
CA PRO E 207 -20.09 -52.96 26.08
C PRO E 207 -21.06 -54.13 26.12
N ASP E 208 -20.88 -54.97 27.13
CA ASP E 208 -21.77 -56.11 27.32
C ASP E 208 -23.21 -55.63 27.42
N GLY E 209 -24.12 -56.31 26.71
CA GLY E 209 -25.52 -56.01 26.69
C GLY E 209 -25.96 -55.13 25.52
N VAL E 210 -25.03 -54.47 24.84
CA VAL E 210 -25.45 -53.51 23.83
C VAL E 210 -25.93 -54.21 22.55
N PHE E 211 -25.42 -55.40 22.23
CA PHE E 211 -25.94 -56.19 21.12
C PHE E 211 -26.11 -57.64 21.58
N ASN E 212 -27.36 -58.00 21.87
CA ASN E 212 -27.73 -59.34 22.28
C ASN E 212 -28.47 -59.99 21.11
N VAL E 213 -28.28 -61.30 20.93
CA VAL E 213 -28.88 -62.03 19.83
C VAL E 213 -29.69 -63.19 20.39
N LEU E 214 -30.97 -63.23 20.04
CA LEU E 214 -31.89 -64.25 20.53
C LEU E 214 -32.49 -65.01 19.37
N PRO E 215 -31.87 -66.12 18.95
CA PRO E 215 -32.54 -66.99 17.97
C PRO E 215 -33.85 -67.50 18.53
N GLY E 216 -34.75 -67.84 17.63
CA GLY E 216 -36.02 -68.42 18.02
C GLY E 216 -37.00 -68.39 16.85
N ILE E 217 -38.25 -68.75 17.17
CA ILE E 217 -39.35 -68.76 16.20
C ILE E 217 -40.05 -67.42 16.23
N GLY E 218 -40.59 -67.03 15.07
CA GLY E 218 -41.28 -65.74 14.97
C GLY E 218 -42.49 -65.64 15.90
N ALA E 219 -43.31 -66.69 15.92
CA ALA E 219 -44.51 -66.71 16.75
C ALA E 219 -44.18 -66.72 18.24
N GLU E 220 -42.94 -67.01 18.61
CA GLU E 220 -42.57 -67.11 20.02
C GLU E 220 -41.60 -65.98 20.30
N THR E 221 -40.29 -66.18 20.11
CA THR E 221 -39.31 -65.15 20.43
C THR E 221 -39.69 -63.81 19.82
N GLY E 222 -40.05 -63.80 18.52
CA GLY E 222 -40.36 -62.55 17.86
C GLY E 222 -41.49 -61.79 18.54
N GLN E 223 -42.56 -62.50 18.90
CA GLN E 223 -43.71 -61.88 19.56
C GLN E 223 -43.36 -61.39 20.96
N TYR E 224 -42.55 -62.15 21.72
CA TYR E 224 -42.16 -61.68 23.04
C TYR E 224 -41.44 -60.33 22.96
N LEU E 225 -40.62 -60.15 21.92
CA LEU E 225 -39.91 -58.88 21.76
C LEU E 225 -40.89 -57.76 21.42
N THR E 226 -41.83 -58.00 20.51
CA THR E 226 -42.76 -56.95 20.14
C THR E 226 -43.70 -56.61 21.29
N GLU E 227 -43.90 -57.53 22.24
CA GLU E 227 -44.81 -57.31 23.37
C GLU E 227 -44.12 -56.70 24.58
N HIS E 228 -42.79 -56.75 24.65
CA HIS E 228 -42.12 -56.44 25.91
C HIS E 228 -42.30 -54.96 26.24
N PRO E 229 -42.65 -54.61 27.49
CA PRO E 229 -42.94 -53.21 27.79
C PRO E 229 -41.75 -52.28 27.75
N ASP E 230 -40.51 -52.79 27.86
CA ASP E 230 -39.34 -51.94 27.97
C ASP E 230 -38.53 -51.83 26.68
N ILE E 231 -39.07 -52.30 25.56
CA ILE E 231 -38.46 -52.12 24.26
C ILE E 231 -39.16 -50.95 23.59
N ALA E 232 -38.37 -49.99 23.12
CA ALA E 232 -38.91 -48.72 22.68
C ALA E 232 -39.21 -48.67 21.19
N LYS E 233 -38.60 -49.57 20.40
CA LYS E 233 -38.79 -49.53 18.96
C LYS E 233 -38.56 -50.93 18.39
N ILE E 234 -39.34 -51.28 17.38
CA ILE E 234 -39.19 -52.54 16.66
C ILE E 234 -38.88 -52.21 15.22
N SER E 235 -37.83 -52.83 14.67
CA SER E 235 -37.51 -52.73 13.26
C SER E 235 -37.57 -54.13 12.67
N PHE E 236 -38.45 -54.32 11.69
CA PHE E 236 -38.79 -55.63 11.15
C PHE E 236 -38.55 -55.66 9.65
N THR E 237 -37.93 -56.74 9.18
CA THR E 237 -37.79 -57.02 7.76
C THR E 237 -38.37 -58.39 7.48
N GLY E 238 -39.27 -58.47 6.51
CA GLY E 238 -39.94 -59.72 6.22
C GLY E 238 -41.12 -59.52 5.30
N GLY E 239 -42.05 -60.47 5.37
CA GLY E 239 -43.18 -60.46 4.45
C GLY E 239 -44.25 -59.46 4.83
N VAL E 240 -44.98 -59.01 3.81
CA VAL E 240 -46.02 -58.00 4.02
C VAL E 240 -47.00 -58.46 5.08
N ALA E 241 -47.39 -59.74 5.03
CA ALA E 241 -48.36 -60.27 5.99
C ALA E 241 -47.80 -60.29 7.41
N SER E 242 -46.61 -60.88 7.58
CA SER E 242 -46.02 -60.93 8.92
C SER E 242 -45.80 -59.53 9.47
N GLY E 243 -45.47 -58.59 8.58
CA GLY E 243 -45.26 -57.22 9.01
C GLY E 243 -46.49 -56.59 9.62
N LYS E 244 -47.65 -56.76 8.93
CA LYS E 244 -48.90 -56.21 9.47
C LYS E 244 -49.14 -56.73 10.88
N LYS E 245 -48.83 -58.02 11.13
CA LYS E 245 -49.00 -58.60 12.46
C LYS E 245 -48.02 -58.01 13.47
N VAL E 246 -46.76 -57.83 13.09
CA VAL E 246 -45.77 -57.31 14.03
C VAL E 246 -46.15 -55.90 14.47
N MET E 247 -46.54 -55.06 13.51
CA MET E 247 -46.88 -53.68 13.84
C MET E 247 -48.07 -53.62 14.77
N ALA E 248 -49.04 -54.52 14.59
CA ALA E 248 -50.21 -54.55 15.47
C ALA E 248 -49.81 -54.86 16.91
N ASN E 249 -49.05 -55.94 17.12
CA ASN E 249 -48.68 -56.33 18.48
C ASN E 249 -47.78 -55.29 19.14
N SER E 250 -46.92 -54.63 18.36
CA SER E 250 -46.08 -53.56 18.93
C SER E 250 -46.94 -52.42 19.43
N ALA E 251 -48.10 -52.21 18.82
CA ALA E 251 -49.04 -51.18 19.26
C ALA E 251 -49.81 -51.62 20.50
N ALA E 252 -50.44 -52.80 20.44
CA ALA E 252 -51.32 -53.27 21.50
C ALA E 252 -50.59 -53.51 22.81
N SER E 253 -49.27 -53.40 22.83
CA SER E 253 -48.47 -53.70 24.03
C SER E 253 -47.96 -52.42 24.68
N SER E 254 -47.04 -51.70 24.03
CA SER E 254 -46.45 -50.53 24.67
C SER E 254 -46.32 -49.34 23.71
N LEU E 255 -47.03 -49.34 22.60
CA LEU E 255 -46.95 -48.27 21.62
C LEU E 255 -45.53 -47.98 21.16
N LYS E 256 -44.87 -49.00 20.65
CA LYS E 256 -43.49 -48.86 20.21
C LYS E 256 -43.41 -48.10 18.89
N GLU E 257 -42.32 -47.36 18.70
CA GLU E 257 -41.99 -46.89 17.35
C GLU E 257 -41.71 -48.10 16.47
N VAL E 258 -41.94 -47.96 15.16
CA VAL E 258 -41.81 -49.12 14.28
C VAL E 258 -41.17 -48.70 12.95
N THR E 259 -40.35 -49.61 12.41
CA THR E 259 -39.84 -49.57 11.05
C THR E 259 -40.16 -50.93 10.43
N MET E 260 -40.61 -50.92 9.18
CA MET E 260 -40.95 -52.16 8.47
C MET E 260 -40.39 -52.07 7.07
N GLU E 261 -39.58 -53.04 6.69
CA GLU E 261 -39.04 -53.20 5.34
C GLU E 261 -39.66 -54.48 4.82
N LEU E 262 -40.64 -54.37 3.94
CA LEU E 262 -41.39 -55.53 3.50
C LEU E 262 -41.10 -55.82 2.02
N GLY E 263 -41.87 -56.70 1.43
CA GLY E 263 -41.64 -57.11 0.05
C GLY E 263 -42.22 -56.14 -0.95
N GLY E 264 -42.17 -56.56 -2.22
CA GLY E 264 -42.69 -55.70 -3.27
C GLY E 264 -43.00 -56.51 -4.52
N LYS E 265 -43.51 -55.79 -5.52
CA LYS E 265 -43.70 -56.31 -6.87
C LYS E 265 -43.23 -55.19 -7.82
N SER E 266 -41.95 -54.95 -7.81
CA SER E 266 -41.40 -53.71 -8.33
C SER E 266 -41.36 -53.74 -9.87
N PRO E 267 -41.74 -52.63 -10.51
CA PRO E 267 -41.72 -52.57 -11.98
C PRO E 267 -40.41 -52.07 -12.55
N LEU E 268 -39.99 -52.71 -13.64
CA LEU E 268 -38.88 -52.25 -14.46
C LEU E 268 -39.46 -51.83 -15.80
N ILE E 269 -39.33 -50.54 -16.12
CA ILE E 269 -39.94 -49.96 -17.32
C ILE E 269 -38.84 -49.78 -18.37
N ILE E 270 -38.96 -50.54 -19.46
CA ILE E 270 -38.06 -50.42 -20.60
C ILE E 270 -38.72 -49.47 -21.60
N ALA E 271 -38.05 -48.34 -21.89
CA ALA E 271 -38.57 -47.36 -22.84
C ALA E 271 -38.28 -47.78 -24.28
N GLU E 272 -39.02 -47.18 -25.22
CA GLU E 272 -38.84 -47.52 -26.63
C GLU E 272 -37.48 -47.14 -27.18
N ASP E 273 -36.76 -46.22 -26.53
CA ASP E 273 -35.46 -45.83 -27.02
C ASP E 273 -34.34 -46.52 -26.27
N ALA E 274 -34.65 -47.55 -25.48
CA ALA E 274 -33.65 -48.24 -24.70
C ALA E 274 -32.83 -49.18 -25.57
N ASN E 275 -31.54 -49.25 -25.31
CA ASN E 275 -30.73 -50.34 -25.81
C ASN E 275 -31.20 -51.64 -25.15
N LEU E 276 -31.56 -52.64 -25.96
CA LEU E 276 -32.19 -53.83 -25.41
C LEU E 276 -31.18 -54.79 -24.79
N ASP E 277 -29.90 -54.70 -25.14
CA ASP E 277 -28.88 -55.45 -24.41
C ASP E 277 -28.75 -54.92 -22.98
N LEU E 278 -28.71 -53.60 -22.83
CA LEU E 278 -28.71 -52.99 -21.51
C LEU E 278 -29.97 -53.36 -20.73
N ALA E 279 -31.13 -53.22 -21.38
CA ALA E 279 -32.40 -53.56 -20.73
C ALA E 279 -32.40 -55.01 -20.27
N ALA E 280 -31.92 -55.92 -21.11
CA ALA E 280 -31.90 -57.33 -20.73
C ALA E 280 -30.93 -57.57 -19.57
N ASP E 281 -29.76 -56.93 -19.57
CA ASP E 281 -28.82 -57.06 -18.47
C ASP E 281 -29.43 -56.56 -17.16
N ILE E 282 -30.13 -55.42 -17.21
CA ILE E 282 -30.78 -54.90 -16.02
C ILE E 282 -31.87 -55.85 -15.55
N ALA E 283 -32.68 -56.36 -16.49
CA ALA E 283 -33.76 -57.27 -16.10
C ALA E 283 -33.22 -58.54 -15.44
N MET E 284 -32.11 -59.07 -15.96
CA MET E 284 -31.49 -60.25 -15.37
C MET E 284 -31.05 -60.00 -13.94
N MET E 285 -30.33 -58.90 -13.73
CA MET E 285 -29.85 -58.57 -12.39
C MET E 285 -31.00 -58.24 -11.47
N ALA E 286 -32.12 -57.77 -12.01
CA ALA E 286 -33.28 -57.45 -11.21
C ALA E 286 -34.14 -58.66 -10.90
N ASN E 287 -33.82 -59.84 -11.44
CA ASN E 287 -34.68 -61.00 -11.21
C ASN E 287 -33.99 -62.25 -10.68
N PHE E 288 -32.72 -62.48 -10.99
CA PHE E 288 -32.11 -63.77 -10.70
C PHE E 288 -30.94 -63.71 -9.73
N TYR E 289 -30.66 -62.54 -9.16
CA TYR E 289 -29.68 -62.47 -8.09
C TYR E 289 -30.26 -63.11 -6.83
N SER E 290 -29.38 -63.77 -6.06
CA SER E 290 -29.81 -64.50 -4.86
C SER E 290 -30.99 -65.42 -5.18
N SER E 291 -30.96 -66.02 -6.37
CA SER E 291 -32.00 -66.92 -6.85
C SER E 291 -33.38 -66.30 -6.76
N GLY E 292 -33.46 -64.99 -7.01
CA GLY E 292 -34.73 -64.30 -7.00
C GLY E 292 -35.25 -63.93 -5.63
N GLN E 293 -34.44 -64.05 -4.58
CA GLN E 293 -34.92 -63.85 -3.20
C GLN E 293 -34.49 -62.49 -2.68
N VAL E 294 -34.96 -61.44 -3.35
CA VAL E 294 -34.60 -60.08 -3.03
C VAL E 294 -35.86 -59.23 -3.06
N CYS E 295 -36.08 -58.45 -2.00
CA CYS E 295 -37.34 -57.72 -1.85
C CYS E 295 -37.52 -56.69 -2.95
N THR E 296 -36.42 -56.10 -3.45
CA THR E 296 -36.50 -55.04 -4.43
C THR E 296 -36.51 -55.54 -5.88
N ASN E 297 -36.61 -56.84 -6.11
CA ASN E 297 -36.47 -57.35 -7.48
C ASN E 297 -37.53 -56.77 -8.40
N GLY E 298 -37.11 -56.50 -9.65
CA GLY E 298 -37.97 -55.95 -10.68
C GLY E 298 -38.68 -57.05 -11.43
N THR E 299 -39.69 -57.61 -10.78
CA THR E 299 -40.32 -58.84 -11.20
C THR E 299 -41.47 -58.63 -12.17
N ARG E 300 -41.87 -57.39 -12.40
CA ARG E 300 -42.75 -57.01 -13.50
C ARG E 300 -41.89 -56.20 -14.48
N VAL E 301 -41.57 -56.79 -15.62
CA VAL E 301 -40.72 -56.16 -16.62
C VAL E 301 -41.63 -55.70 -17.76
N PHE E 302 -41.77 -54.38 -17.89
CA PHE E 302 -42.64 -53.79 -18.91
C PHE E 302 -41.80 -53.45 -20.14
N VAL E 303 -42.17 -54.04 -21.27
CA VAL E 303 -41.43 -53.87 -22.50
C VAL E 303 -42.39 -53.33 -23.55
N PRO E 304 -41.98 -52.37 -24.37
CA PRO E 304 -42.86 -51.93 -25.45
C PRO E 304 -43.26 -53.09 -26.35
N ALA E 305 -44.53 -53.10 -26.74
CA ALA E 305 -45.02 -54.20 -27.56
C ALA E 305 -44.14 -54.41 -28.79
N LYS E 306 -43.70 -53.33 -29.43
CA LYS E 306 -42.97 -53.50 -30.68
C LYS E 306 -41.59 -54.12 -30.47
N PHE E 307 -41.07 -54.12 -29.25
CA PHE E 307 -39.74 -54.66 -28.97
C PHE E 307 -39.79 -55.97 -28.19
N LYS E 308 -40.99 -56.50 -27.96
CA LYS E 308 -41.14 -57.67 -27.09
C LYS E 308 -40.38 -58.87 -27.63
N ALA E 309 -40.53 -59.14 -28.94
CA ALA E 309 -39.86 -60.31 -29.52
C ALA E 309 -38.35 -60.20 -29.37
N GLU E 310 -37.78 -59.06 -29.76
CA GLU E 310 -36.33 -58.91 -29.64
C GLU E 310 -35.88 -59.03 -28.18
N PHE E 311 -36.63 -58.45 -27.27
CA PHE E 311 -36.26 -58.51 -25.86
C PHE E 311 -36.29 -59.95 -25.34
N GLU E 312 -37.31 -60.72 -25.73
CA GLU E 312 -37.37 -62.10 -25.26
C GLU E 312 -36.14 -62.90 -25.67
N HIS E 313 -35.67 -62.75 -26.92
CA HIS E 313 -34.47 -63.48 -27.33
C HIS E 313 -33.26 -63.10 -26.49
N LYS E 314 -33.13 -61.81 -26.15
CA LYS E 314 -32.00 -61.38 -25.33
C LYS E 314 -32.09 -61.94 -23.91
N ILE E 315 -33.30 -62.06 -23.37
CA ILE E 315 -33.45 -62.68 -22.06
C ILE E 315 -33.07 -64.16 -22.14
N LEU E 316 -33.58 -64.86 -23.17
CA LEU E 316 -33.25 -66.29 -23.29
C LEU E 316 -31.75 -66.51 -23.42
N GLU E 317 -31.08 -65.66 -24.19
CA GLU E 317 -29.63 -65.83 -24.34
C GLU E 317 -28.93 -65.73 -22.99
N ARG E 318 -29.32 -64.74 -22.18
CA ARG E 318 -28.64 -64.52 -20.91
C ARG E 318 -29.05 -65.58 -19.88
N VAL E 319 -30.31 -65.98 -19.85
CA VAL E 319 -30.72 -67.05 -18.95
C VAL E 319 -29.91 -68.31 -19.24
N GLY E 320 -29.65 -68.57 -20.52
CA GLY E 320 -28.87 -69.74 -20.89
C GLY E 320 -27.45 -69.73 -20.38
N ARG E 321 -26.94 -68.55 -20.00
CA ARG E 321 -25.61 -68.44 -19.42
C ARG E 321 -25.55 -68.72 -17.93
N ILE E 322 -26.69 -68.69 -17.24
CA ILE E 322 -26.71 -68.82 -15.79
C ILE E 322 -26.02 -70.13 -15.42
N ARG E 323 -25.22 -70.09 -14.36
CA ARG E 323 -24.38 -71.22 -13.98
C ARG E 323 -24.78 -71.66 -12.56
N ALA E 324 -25.65 -72.66 -12.48
CA ALA E 324 -25.94 -73.31 -11.22
C ALA E 324 -24.92 -74.42 -10.98
N GLY E 325 -24.51 -74.59 -9.73
CA GLY E 325 -23.54 -75.61 -9.41
C GLY E 325 -23.02 -75.45 -7.99
N ASP E 326 -21.84 -76.03 -7.75
CA ASP E 326 -21.16 -75.97 -6.47
C ASP E 326 -21.16 -74.54 -5.93
N LEU E 327 -21.76 -74.34 -4.76
CA LEU E 327 -21.95 -72.99 -4.27
C LEU E 327 -20.63 -72.34 -3.87
N PHE E 328 -19.57 -73.12 -3.73
CA PHE E 328 -18.26 -72.56 -3.40
C PHE E 328 -17.36 -72.43 -4.62
N ALA E 329 -17.83 -72.80 -5.81
CA ALA E 329 -17.05 -72.63 -7.03
C ALA E 329 -17.13 -71.18 -7.52
N ASP E 330 -16.00 -70.70 -8.03
CA ASP E 330 -15.89 -69.30 -8.44
C ASP E 330 -16.95 -68.92 -9.48
N ASP E 331 -17.25 -69.82 -10.41
CA ASP E 331 -18.10 -69.45 -11.54
C ASP E 331 -19.57 -69.71 -11.29
N THR E 332 -19.93 -70.31 -10.15
CA THR E 332 -21.34 -70.48 -9.84
C THR E 332 -21.95 -69.13 -9.51
N ASN E 333 -23.07 -68.80 -10.17
CA ASN E 333 -23.75 -67.53 -9.92
C ASN E 333 -25.25 -67.72 -9.66
N PHE E 334 -25.66 -68.92 -9.28
CA PHE E 334 -27.09 -69.21 -9.05
C PHE E 334 -27.16 -70.34 -8.03
N GLY E 335 -28.03 -70.18 -7.04
CA GLY E 335 -28.12 -71.15 -5.97
C GLY E 335 -29.50 -71.76 -5.82
N PRO E 336 -29.62 -72.74 -4.90
CA PRO E 336 -30.95 -73.22 -4.53
C PRO E 336 -31.69 -72.13 -3.76
N LEU E 337 -32.99 -72.35 -3.59
CA LEU E 337 -33.75 -71.48 -2.70
C LEU E 337 -33.39 -71.80 -1.24
N VAL E 338 -33.81 -70.91 -0.34
CA VAL E 338 -33.35 -70.96 1.03
C VAL E 338 -33.83 -72.20 1.79
N SER E 339 -34.92 -72.82 1.35
CA SER E 339 -35.49 -73.93 2.09
C SER E 339 -36.41 -74.71 1.17
N PHE E 340 -36.72 -75.92 1.57
CA PHE E 340 -37.58 -76.77 0.77
C PHE E 340 -39.04 -76.33 0.85
N PRO E 341 -39.54 -75.91 2.01
CA PRO E 341 -40.89 -75.31 2.02
C PRO E 341 -41.01 -74.07 1.15
N HIS E 342 -39.99 -73.21 1.11
CA HIS E 342 -40.08 -72.04 0.25
C HIS E 342 -40.13 -72.48 -1.23
N ARG E 343 -39.36 -73.49 -1.60
CA ARG E 343 -39.44 -73.97 -2.98
C ARG E 343 -40.86 -74.42 -3.33
N GLN E 344 -41.51 -75.13 -2.40
CA GLN E 344 -42.87 -75.59 -2.68
C GLN E 344 -43.79 -74.41 -2.98
N ASN E 345 -43.62 -73.30 -2.26
CA ASN E 345 -44.45 -72.13 -2.55
C ASN E 345 -44.09 -71.52 -3.90
N VAL E 346 -42.80 -71.39 -4.21
CA VAL E 346 -42.42 -70.85 -5.50
C VAL E 346 -42.97 -71.74 -6.63
N LEU E 347 -42.92 -73.06 -6.44
CA LEU E 347 -43.44 -73.94 -7.47
C LEU E 347 -44.95 -73.79 -7.63
N ARG E 348 -45.68 -73.53 -6.55
CA ARG E 348 -47.11 -73.28 -6.69
C ARG E 348 -47.38 -72.02 -7.52
N TYR E 349 -46.56 -70.99 -7.33
CA TYR E 349 -46.72 -69.79 -8.17
C TYR E 349 -46.44 -70.12 -9.62
N ILE E 350 -45.40 -70.90 -9.89
CA ILE E 350 -45.08 -71.27 -11.26
C ILE E 350 -46.25 -72.05 -11.86
N GLU E 351 -46.85 -72.97 -11.10
CA GLU E 351 -47.98 -73.72 -11.63
C GLU E 351 -49.17 -72.81 -11.93
N SER E 352 -49.40 -71.79 -11.10
CA SER E 352 -50.52 -70.88 -11.37
C SER E 352 -50.26 -70.04 -12.62
N GLY E 353 -49.01 -69.66 -12.86
CA GLY E 353 -48.67 -68.99 -14.10
C GLY E 353 -49.02 -69.84 -15.31
N LYS E 354 -48.68 -71.12 -15.27
CA LYS E 354 -49.04 -72.01 -16.38
C LYS E 354 -50.56 -72.12 -16.51
N SER E 355 -51.26 -72.37 -15.40
CA SER E 355 -52.68 -72.65 -15.49
C SER E 355 -53.48 -71.40 -15.84
N GLU E 356 -52.96 -70.21 -15.56
CA GLU E 356 -53.64 -68.97 -15.91
C GLU E 356 -53.28 -68.49 -17.32
N GLY E 357 -52.46 -69.23 -18.06
CA GLY E 357 -52.28 -68.95 -19.48
C GLY E 357 -51.09 -68.11 -19.84
N ALA E 358 -50.19 -67.84 -18.90
CA ALA E 358 -48.94 -67.17 -19.25
C ALA E 358 -48.08 -68.11 -20.09
N ARG E 359 -47.26 -67.54 -20.96
CA ARG E 359 -46.40 -68.32 -21.83
C ARG E 359 -45.07 -68.54 -21.10
N LEU E 360 -44.67 -69.79 -20.93
CA LEU E 360 -43.40 -70.11 -20.28
C LEU E 360 -42.27 -69.89 -21.29
N LEU E 361 -41.46 -68.85 -21.08
CA LEU E 361 -40.35 -68.59 -21.98
C LEU E 361 -39.19 -69.54 -21.71
N CYS E 362 -38.92 -69.80 -20.43
CA CYS E 362 -37.89 -70.76 -20.02
C CYS E 362 -38.08 -71.12 -18.55
N GLY E 363 -37.45 -72.23 -18.15
CA GLY E 363 -37.51 -72.69 -16.78
C GLY E 363 -38.83 -73.35 -16.43
N GLY E 364 -39.32 -73.14 -15.22
CA GLY E 364 -40.61 -73.66 -14.80
C GLY E 364 -40.57 -74.99 -14.07
N ASP E 365 -39.39 -75.50 -13.75
CA ASP E 365 -39.27 -76.79 -13.08
C ASP E 365 -38.08 -76.73 -12.13
N VAL E 366 -37.97 -77.77 -11.30
CA VAL E 366 -36.81 -77.93 -10.44
C VAL E 366 -35.61 -78.37 -11.28
N LEU E 367 -34.42 -78.17 -10.72
CA LEU E 367 -33.22 -78.73 -11.32
C LEU E 367 -33.03 -80.17 -10.86
N LYS E 368 -32.44 -80.98 -11.73
CA LYS E 368 -32.39 -82.42 -11.53
C LYS E 368 -30.98 -82.92 -11.84
N GLY E 369 -30.63 -84.05 -11.25
CA GLY E 369 -29.36 -84.69 -11.51
C GLY E 369 -28.48 -84.71 -10.28
N GLU E 370 -27.34 -85.39 -10.44
CA GLU E 370 -26.36 -85.45 -9.37
C GLU E 370 -25.99 -84.05 -8.91
N GLY E 371 -26.01 -83.85 -7.60
CA GLY E 371 -25.66 -82.57 -7.03
C GLY E 371 -26.83 -81.62 -6.89
N PHE E 372 -27.89 -81.80 -7.67
CA PHE E 372 -29.08 -80.96 -7.58
C PHE E 372 -30.24 -81.65 -6.88
N ASP E 373 -30.30 -82.98 -6.94
CA ASP E 373 -31.46 -83.68 -6.41
C ASP E 373 -31.63 -83.50 -4.92
N ASN E 374 -30.57 -83.19 -4.18
CA ASN E 374 -30.65 -83.02 -2.74
C ASN E 374 -30.79 -81.56 -2.29
N GLY E 375 -30.85 -80.61 -3.22
CA GLY E 375 -31.04 -79.21 -2.87
C GLY E 375 -32.34 -78.62 -3.35
N ALA E 376 -32.70 -77.47 -2.81
CA ALA E 376 -33.99 -76.84 -3.08
C ALA E 376 -33.93 -75.94 -4.32
N TRP E 377 -33.54 -76.54 -5.43
CA TRP E 377 -33.29 -75.79 -6.65
C TRP E 377 -34.55 -75.59 -7.47
N VAL E 378 -34.71 -74.38 -8.00
CA VAL E 378 -35.72 -74.05 -9.00
C VAL E 378 -35.01 -73.41 -10.20
N ALA E 379 -35.34 -73.86 -11.40
CA ALA E 379 -34.71 -73.29 -12.58
C ALA E 379 -35.07 -71.81 -12.73
N PRO E 380 -34.15 -70.99 -13.25
CA PRO E 380 -34.52 -69.60 -13.58
C PRO E 380 -35.69 -69.61 -14.55
N THR E 381 -36.75 -68.89 -14.19
CA THR E 381 -38.03 -68.99 -14.90
C THR E 381 -38.47 -67.62 -15.39
N VAL E 382 -38.95 -67.58 -16.64
CA VAL E 382 -39.47 -66.36 -17.24
C VAL E 382 -40.84 -66.67 -17.83
N PHE E 383 -41.84 -65.91 -17.42
CA PHE E 383 -43.15 -65.92 -18.05
C PHE E 383 -43.30 -64.69 -18.91
N THR E 384 -44.00 -64.84 -20.03
CA THR E 384 -44.34 -63.72 -20.89
C THR E 384 -45.80 -63.87 -21.32
N ASP E 385 -46.25 -62.94 -22.15
CA ASP E 385 -47.68 -62.82 -22.47
C ASP E 385 -48.51 -62.62 -21.20
N CYS E 386 -47.91 -61.96 -20.21
CA CYS E 386 -48.54 -61.79 -18.91
C CYS E 386 -49.56 -60.65 -18.95
N THR E 387 -50.56 -60.75 -18.07
CA THR E 387 -51.57 -59.71 -17.90
C THR E 387 -51.66 -59.34 -16.42
N ASP E 388 -52.20 -58.14 -16.18
CA ASP E 388 -52.12 -57.51 -14.87
C ASP E 388 -52.92 -58.24 -13.80
N ASP E 389 -53.90 -59.04 -14.20
CA ASP E 389 -54.74 -59.80 -13.27
C ASP E 389 -54.17 -61.16 -12.89
N MET E 390 -53.06 -61.58 -13.49
CA MET E 390 -52.51 -62.90 -13.19
C MET E 390 -51.90 -62.92 -11.79
N THR E 391 -52.01 -64.08 -11.13
CA THR E 391 -51.47 -64.24 -9.78
C THR E 391 -49.96 -63.97 -9.76
N ILE E 392 -49.23 -64.47 -10.75
CA ILE E 392 -47.78 -64.25 -10.74
C ILE E 392 -47.43 -62.80 -10.96
N VAL E 393 -48.34 -62.02 -11.56
CA VAL E 393 -48.06 -60.60 -11.76
C VAL E 393 -48.45 -59.80 -10.53
N ARG E 394 -49.48 -60.23 -9.81
CA ARG E 394 -50.00 -59.44 -8.71
C ARG E 394 -49.27 -59.66 -7.40
N GLU E 395 -48.70 -60.85 -7.18
CA GLU E 395 -48.17 -61.25 -5.88
C GLU E 395 -46.67 -61.46 -5.91
N GLU E 396 -46.00 -61.12 -4.82
CA GLU E 396 -44.58 -61.38 -4.68
C GLU E 396 -44.32 -62.88 -4.56
N ILE E 397 -43.42 -63.38 -5.40
CA ILE E 397 -43.09 -64.80 -5.44
C ILE E 397 -41.85 -65.11 -4.61
N PHE E 398 -40.86 -64.22 -4.64
CA PHE E 398 -39.61 -64.39 -3.89
C PHE E 398 -38.84 -65.62 -4.36
N GLY E 399 -38.91 -65.86 -5.67
CA GLY E 399 -38.10 -66.85 -6.32
C GLY E 399 -37.71 -66.35 -7.70
N PRO E 400 -37.03 -67.18 -8.45
CA PRO E 400 -36.48 -66.77 -9.75
C PRO E 400 -37.53 -66.83 -10.84
N VAL E 401 -38.46 -65.88 -10.80
CA VAL E 401 -39.59 -65.88 -11.72
C VAL E 401 -39.84 -64.46 -12.23
N MET E 402 -39.44 -64.20 -13.47
CA MET E 402 -39.67 -62.93 -14.13
C MET E 402 -40.98 -62.95 -14.89
N SER E 403 -41.75 -61.87 -14.81
CA SER E 403 -42.97 -61.70 -15.60
C SER E 403 -42.78 -60.56 -16.58
N ILE E 404 -42.90 -60.86 -17.87
CA ILE E 404 -42.74 -59.87 -18.93
C ILE E 404 -44.11 -59.42 -19.41
N LEU E 405 -44.33 -58.11 -19.42
CA LEU E 405 -45.60 -57.48 -19.76
C LEU E 405 -45.37 -56.47 -20.87
N SER E 406 -46.20 -56.52 -21.91
CA SER E 406 -46.13 -55.59 -23.02
CA SER E 406 -46.10 -55.56 -22.99
C SER E 406 -47.00 -54.36 -22.75
N TYR E 407 -46.55 -53.21 -23.25
CA TYR E 407 -47.33 -51.99 -23.14
C TYR E 407 -47.18 -51.16 -24.41
N ASP E 408 -48.12 -50.21 -24.58
CA ASP E 408 -48.19 -49.36 -25.76
C ASP E 408 -47.75 -47.91 -25.55
N ASP E 409 -48.05 -47.28 -24.41
CA ASP E 409 -47.67 -45.88 -24.27
C ASP E 409 -47.27 -45.55 -22.84
N GLU E 410 -46.68 -44.36 -22.69
CA GLU E 410 -46.05 -43.98 -21.42
C GLU E 410 -47.08 -43.81 -20.31
N ALA E 411 -48.18 -43.13 -20.59
CA ALA E 411 -49.19 -42.97 -19.54
C ALA E 411 -49.70 -44.32 -19.07
N GLU E 412 -49.90 -45.25 -20.00
CA GLU E 412 -50.37 -46.59 -19.65
C GLU E 412 -49.39 -47.30 -18.73
N VAL E 413 -48.11 -47.27 -19.06
CA VAL E 413 -47.16 -48.07 -18.28
C VAL E 413 -46.99 -47.48 -16.89
N ILE E 414 -47.09 -46.16 -16.76
CA ILE E 414 -47.03 -45.55 -15.44
C ILE E 414 -48.23 -45.98 -14.60
N ARG E 415 -49.44 -45.93 -15.17
CA ARG E 415 -50.63 -46.37 -14.46
C ARG E 415 -50.49 -47.80 -13.97
N ARG E 416 -50.05 -48.68 -14.87
CA ARG E 416 -49.96 -50.10 -14.57
C ARG E 416 -48.83 -50.37 -13.57
N ALA E 417 -47.72 -49.66 -13.69
CA ALA E 417 -46.64 -49.80 -12.71
C ALA E 417 -47.11 -49.46 -11.31
N ASN E 418 -47.93 -48.41 -11.18
CA ASN E 418 -48.40 -47.93 -9.89
C ASN E 418 -49.62 -48.67 -9.38
N ALA E 419 -50.27 -49.47 -10.22
CA ALA E 419 -51.55 -50.11 -9.86
C ALA E 419 -51.26 -51.37 -9.04
N THR E 420 -50.79 -51.15 -7.84
CA THR E 420 -50.40 -52.20 -6.91
C THR E 420 -50.37 -51.58 -5.54
N GLU E 421 -50.63 -52.40 -4.53
CA GLU E 421 -50.41 -51.94 -3.15
C GLU E 421 -48.96 -52.00 -2.75
N TYR E 422 -48.12 -52.72 -3.50
CA TYR E 422 -46.71 -52.66 -3.16
C TYR E 422 -46.13 -51.32 -3.61
N GLY E 423 -44.91 -51.04 -3.19
CA GLY E 423 -44.28 -49.79 -3.53
C GLY E 423 -42.84 -49.70 -3.08
N LEU E 424 -42.08 -50.78 -3.20
CA LEU E 424 -40.72 -50.78 -2.66
C LEU E 424 -39.75 -50.13 -3.63
N ALA E 425 -39.62 -50.69 -4.84
CA ALA E 425 -38.64 -50.19 -5.80
C ALA E 425 -39.27 -50.05 -7.18
N ALA E 426 -38.48 -49.49 -8.09
CA ALA E 426 -38.89 -49.29 -9.48
C ALA E 426 -37.66 -48.87 -10.29
N GLY E 427 -37.76 -48.97 -11.61
CA GLY E 427 -36.67 -48.45 -12.43
C GLY E 427 -37.11 -48.20 -13.84
N VAL E 428 -36.29 -47.42 -14.55
CA VAL E 428 -36.55 -47.12 -15.96
C VAL E 428 -35.24 -47.29 -16.73
N VAL E 429 -35.35 -47.79 -17.96
CA VAL E 429 -34.22 -47.90 -18.87
C VAL E 429 -34.51 -46.98 -20.05
N THR E 430 -33.73 -45.88 -20.16
CA THR E 430 -33.87 -44.94 -21.26
C THR E 430 -32.65 -44.05 -21.33
N PRO E 431 -32.14 -43.74 -22.52
CA PRO E 431 -31.08 -42.73 -22.64
C PRO E 431 -31.57 -41.31 -22.61
N ASP E 432 -32.89 -41.09 -22.64
CA ASP E 432 -33.45 -39.75 -22.78
C ASP E 432 -33.54 -39.06 -21.43
N LEU E 433 -32.98 -37.85 -21.36
CA LEU E 433 -32.99 -37.06 -20.14
C LEU E 433 -34.40 -36.87 -19.60
N ASN E 434 -35.28 -36.32 -20.44
CA ASN E 434 -36.61 -35.97 -19.97
C ASN E 434 -37.39 -37.22 -19.58
N ARG E 435 -37.33 -38.27 -20.42
CA ARG E 435 -38.09 -39.47 -20.12
C ARG E 435 -37.67 -40.08 -18.79
N ALA E 436 -36.37 -40.13 -18.51
CA ALA E 436 -35.90 -40.79 -17.32
C ALA E 436 -36.44 -40.11 -16.06
N HIS E 437 -36.24 -38.81 -15.94
CA HIS E 437 -36.68 -38.12 -14.73
C HIS E 437 -38.20 -38.03 -14.68
N ARG E 438 -38.83 -37.76 -15.83
CA ARG E 438 -40.29 -37.59 -15.88
C ARG E 438 -41.01 -38.86 -15.44
N ILE E 439 -40.57 -40.02 -15.92
CA ILE E 439 -41.23 -41.25 -15.53
C ILE E 439 -40.96 -41.57 -14.07
N ILE E 440 -39.69 -41.49 -13.66
CA ILE E 440 -39.34 -41.89 -12.29
C ILE E 440 -40.09 -41.04 -11.27
N HIS E 441 -40.28 -39.74 -11.56
CA HIS E 441 -40.95 -38.88 -10.60
C HIS E 441 -42.41 -39.28 -10.40
N GLN E 442 -43.00 -40.00 -11.34
CA GLN E 442 -44.39 -40.39 -11.22
C GLN E 442 -44.59 -41.77 -10.62
N LEU E 443 -43.53 -42.55 -10.39
CA LEU E 443 -43.70 -43.89 -9.87
C LEU E 443 -43.84 -43.86 -8.34
N GLU E 444 -44.71 -44.73 -7.82
CA GLU E 444 -44.99 -44.79 -6.39
C GLU E 444 -44.14 -45.88 -5.73
N ALA E 445 -42.85 -45.56 -5.59
CA ALA E 445 -41.87 -46.46 -5.00
C ALA E 445 -40.79 -45.66 -4.31
N GLY E 446 -40.23 -46.23 -3.23
CA GLY E 446 -39.23 -45.52 -2.46
C GLY E 446 -37.82 -45.62 -2.99
N ILE E 447 -37.54 -46.59 -3.85
CA ILE E 447 -36.20 -46.93 -4.32
C ILE E 447 -36.28 -47.01 -5.85
N CYS E 448 -35.67 -46.05 -6.54
CA CYS E 448 -35.80 -45.94 -7.99
C CYS E 448 -34.43 -45.91 -8.67
N TRP E 449 -34.27 -46.77 -9.68
CA TRP E 449 -33.00 -46.90 -10.39
C TRP E 449 -33.18 -46.53 -11.85
N ILE E 450 -32.29 -45.67 -12.36
CA ILE E 450 -32.27 -45.28 -13.76
C ILE E 450 -31.08 -45.94 -14.42
N ASN E 451 -31.34 -46.80 -15.39
CA ASN E 451 -30.30 -47.47 -16.20
C ASN E 451 -29.37 -48.30 -15.32
N SER E 452 -29.95 -48.91 -14.30
CA SER E 452 -29.22 -49.81 -13.40
CA SER E 452 -29.22 -49.78 -13.38
C SER E 452 -30.25 -50.54 -12.55
N TRP E 453 -29.75 -51.41 -11.66
CA TRP E 453 -30.62 -52.03 -10.67
C TRP E 453 -29.75 -52.54 -9.53
N GLY E 454 -30.22 -52.36 -8.29
CA GLY E 454 -29.74 -53.13 -7.17
C GLY E 454 -28.73 -52.45 -6.27
N GLU E 455 -28.07 -51.40 -6.71
CA GLU E 455 -27.07 -50.76 -5.86
C GLU E 455 -27.80 -50.00 -4.76
N SER E 456 -27.33 -50.15 -3.52
CA SER E 456 -27.99 -49.59 -2.35
C SER E 456 -26.96 -48.93 -1.46
N PRO E 457 -26.46 -47.75 -1.87
CA PRO E 457 -25.40 -47.09 -1.09
C PRO E 457 -25.81 -46.81 0.35
N ALA E 458 -24.84 -46.88 1.25
CA ALA E 458 -25.10 -46.59 2.66
C ALA E 458 -25.72 -45.21 2.83
N GLU E 459 -25.38 -44.27 1.94
CA GLU E 459 -25.90 -42.91 2.01
C GLU E 459 -27.36 -42.79 1.59
N MET E 460 -27.90 -43.82 0.91
CA MET E 460 -29.18 -43.69 0.22
C MET E 460 -30.30 -44.29 1.05
N PRO E 461 -31.24 -43.49 1.56
CA PRO E 461 -32.35 -44.09 2.33
C PRO E 461 -33.17 -45.00 1.45
N VAL E 462 -33.58 -46.14 2.01
CA VAL E 462 -34.34 -47.14 1.25
C VAL E 462 -35.49 -47.68 2.09
N GLY E 463 -36.64 -47.79 1.45
CA GLY E 463 -37.81 -48.36 2.08
C GLY E 463 -39.01 -48.16 1.17
N GLY E 464 -40.15 -48.62 1.65
CA GLY E 464 -41.33 -48.76 0.81
C GLY E 464 -42.37 -47.67 0.96
N TYR E 465 -43.05 -47.40 -0.16
CA TYR E 465 -44.35 -46.76 -0.19
C TYR E 465 -45.45 -47.78 0.12
N LYS E 466 -46.63 -47.30 0.52
CA LYS E 466 -47.86 -48.10 0.58
C LYS E 466 -47.61 -49.35 1.44
N HIS E 467 -47.98 -50.55 0.99
CA HIS E 467 -47.86 -51.74 1.82
C HIS E 467 -46.46 -52.31 1.89
N SER E 468 -45.48 -51.70 1.24
CA SER E 468 -44.13 -52.24 1.26
C SER E 468 -43.29 -51.75 2.43
N GLY E 469 -43.75 -50.80 3.23
CA GLY E 469 -42.98 -50.45 4.39
C GLY E 469 -43.48 -49.25 5.16
N ILE E 470 -42.86 -49.10 6.33
CA ILE E 470 -42.97 -47.93 7.21
C ILE E 470 -41.55 -47.50 7.52
N GLY E 471 -41.26 -46.22 7.33
CA GLY E 471 -39.93 -45.72 7.62
C GLY E 471 -38.90 -46.13 6.59
N ARG E 472 -37.64 -45.87 6.93
CA ARG E 472 -36.53 -46.08 6.02
C ARG E 472 -35.36 -46.69 6.76
N GLU E 473 -34.44 -47.25 5.98
CA GLU E 473 -33.12 -47.65 6.45
C GLU E 473 -32.05 -46.96 5.62
N ASN E 474 -30.85 -46.87 6.19
CA ASN E 474 -29.69 -46.23 5.59
C ASN E 474 -29.89 -44.72 5.44
N GLY E 475 -28.84 -44.01 5.07
CA GLY E 475 -28.88 -42.56 5.02
C GLY E 475 -28.78 -41.90 6.39
N VAL E 476 -28.54 -40.59 6.37
CA VAL E 476 -28.48 -39.83 7.62
CA VAL E 476 -28.46 -39.84 7.62
C VAL E 476 -29.78 -39.93 8.38
N MET E 477 -30.91 -39.99 7.67
CA MET E 477 -32.20 -39.92 8.34
C MET E 477 -32.43 -41.12 9.23
N THR E 478 -31.81 -42.26 8.92
CA THR E 478 -32.05 -43.44 9.74
C THR E 478 -31.25 -43.38 11.04
N LEU E 479 -30.09 -42.73 11.05
CA LEU E 479 -29.43 -42.46 12.33
C LEU E 479 -30.34 -41.61 13.21
N GLN E 480 -30.94 -40.57 12.64
CA GLN E 480 -31.83 -39.70 13.39
C GLN E 480 -33.07 -40.43 13.86
N SER E 481 -33.57 -41.37 13.06
CA SER E 481 -34.79 -42.09 13.42
C SER E 481 -34.57 -43.11 14.52
N TYR E 482 -33.32 -43.39 14.90
CA TYR E 482 -33.04 -44.19 16.08
C TYR E 482 -32.77 -43.34 17.30
N THR E 483 -33.08 -42.04 17.23
CA THR E 483 -33.16 -41.16 18.38
C THR E 483 -34.59 -40.67 18.53
N GLN E 484 -34.88 -40.12 19.71
CA GLN E 484 -36.15 -39.45 19.97
C GLN E 484 -35.84 -38.02 20.37
N VAL E 485 -36.69 -37.10 19.91
CA VAL E 485 -36.45 -35.68 20.14
C VAL E 485 -37.03 -35.26 21.49
N LYS E 486 -36.19 -34.62 22.31
CA LYS E 486 -36.62 -33.94 23.53
C LYS E 486 -36.48 -32.45 23.29
N SER E 487 -37.58 -31.72 23.44
CA SER E 487 -37.58 -30.26 23.34
C SER E 487 -37.53 -29.69 24.75
N ILE E 488 -36.65 -28.72 24.95
CA ILE E 488 -36.40 -28.10 26.25
C ILE E 488 -36.51 -26.59 26.09
N GLN E 489 -37.46 -25.98 26.82
CA GLN E 489 -37.57 -24.53 26.84
C GLN E 489 -36.93 -23.97 28.10
N VAL E 490 -36.01 -23.02 27.92
CA VAL E 490 -35.43 -22.25 29.02
C VAL E 490 -36.15 -20.91 29.07
N GLU E 491 -36.96 -20.69 30.11
CA GLU E 491 -37.65 -19.42 30.33
C GLU E 491 -36.84 -18.63 31.33
N MET E 492 -36.17 -17.58 30.87
CA MET E 492 -35.40 -16.71 31.76
C MET E 492 -36.18 -15.49 32.21
N GLY E 493 -37.33 -15.23 31.61
CA GLY E 493 -38.17 -14.13 32.04
C GLY E 493 -39.12 -14.57 33.14
N PRO E 494 -39.84 -13.62 33.72
CA PRO E 494 -40.75 -13.95 34.82
C PRO E 494 -42.00 -14.67 34.30
N PHE E 495 -42.32 -15.80 34.93
CA PHE E 495 -43.45 -16.60 34.50
C PHE E 495 -44.75 -15.96 34.97
N GLN E 496 -45.73 -15.88 34.06
CA GLN E 496 -47.03 -15.29 34.38
C GLN E 496 -48.08 -16.38 34.48
N SER E 497 -48.68 -16.50 35.66
CA SER E 497 -49.84 -17.36 35.85
C SER E 497 -51.08 -16.47 35.75
N ILE E 498 -52.16 -17.02 35.19
CA ILE E 498 -53.41 -16.28 35.16
C ILE E 498 -54.22 -16.48 36.42
N PHE E 499 -53.76 -17.31 37.34
CA PHE E 499 -54.52 -17.59 38.56
C PHE E 499 -54.00 -16.78 39.73
N SER F 11 81.76 24.56 3.92
CA SER F 11 81.57 23.50 2.92
C SER F 11 80.79 24.04 1.72
N ARG F 12 81.01 23.43 0.55
CA ARG F 12 80.49 23.97 -0.70
CA ARG F 12 80.53 23.95 -0.72
C ARG F 12 79.73 22.89 -1.47
N MET F 13 79.13 23.33 -2.57
CA MET F 13 78.36 22.51 -3.49
C MET F 13 78.89 22.71 -4.90
N ALA F 14 78.46 21.84 -5.81
CA ALA F 14 78.76 22.01 -7.23
C ALA F 14 78.11 23.29 -7.76
N GLU F 15 78.69 23.84 -8.83
CA GLU F 15 78.12 25.00 -9.49
C GLU F 15 76.73 24.67 -10.04
N GLN F 16 75.76 25.50 -9.69
CA GLN F 16 74.36 25.26 -10.01
C GLN F 16 73.98 25.87 -11.35
N GLN F 17 73.26 25.08 -12.16
CA GLN F 17 72.90 25.46 -13.52
C GLN F 17 71.43 25.86 -13.62
N LEU F 18 71.06 26.33 -14.80
CA LEU F 18 69.67 26.57 -15.10
C LEU F 18 68.94 25.25 -15.29
N TYR F 19 67.62 25.28 -15.16
CA TYR F 19 66.80 24.11 -15.43
C TYR F 19 65.81 24.49 -16.53
N ILE F 20 66.02 23.93 -17.73
CA ILE F 20 65.23 24.24 -18.91
C ILE F 20 64.92 22.92 -19.62
N HIS F 21 63.64 22.66 -19.83
CA HIS F 21 63.15 21.51 -20.60
C HIS F 21 63.62 20.18 -20.03
N GLY F 22 63.40 20.01 -18.73
CA GLY F 22 63.60 18.72 -18.10
C GLY F 22 65.04 18.35 -17.84
N LYS F 23 65.95 19.31 -17.85
CA LYS F 23 67.34 18.99 -17.55
C LYS F 23 68.06 20.26 -17.12
N PHE F 24 69.16 20.05 -16.41
CA PHE F 24 70.06 21.15 -16.11
C PHE F 24 70.88 21.50 -17.34
N VAL F 25 71.03 22.79 -17.58
CA VAL F 25 71.73 23.26 -18.77
C VAL F 25 72.53 24.49 -18.37
N ALA F 26 73.71 24.63 -18.97
CA ALA F 26 74.56 25.78 -18.71
C ALA F 26 73.91 27.07 -19.21
N ALA F 27 74.01 28.12 -18.42
CA ALA F 27 73.60 29.43 -18.90
C ALA F 27 74.51 29.87 -20.03
N THR F 28 74.00 30.71 -20.90
CA THR F 28 74.80 31.33 -21.95
C THR F 28 75.16 32.76 -21.63
N SER F 29 74.82 33.23 -20.43
CA SER F 29 75.15 34.60 -20.06
C SER F 29 76.62 34.80 -19.74
N GLY F 30 77.32 33.73 -19.38
CA GLY F 30 78.65 33.91 -18.86
C GLY F 30 78.70 34.50 -17.47
N LYS F 31 77.56 34.58 -16.78
CA LYS F 31 77.48 35.24 -15.49
C LYS F 31 77.08 34.24 -14.41
N THR F 32 77.62 34.48 -13.21
CA THR F 32 77.28 33.72 -12.02
C THR F 32 77.14 34.67 -10.83
N PHE F 33 76.54 34.14 -9.76
CA PHE F 33 76.51 34.80 -8.48
C PHE F 33 76.68 33.75 -7.38
N GLU F 34 76.84 34.22 -6.15
CA GLU F 34 77.06 33.33 -5.01
C GLU F 34 75.89 33.41 -4.04
N THR F 35 75.53 32.27 -3.47
CA THR F 35 74.62 32.23 -2.34
C THR F 35 75.42 31.86 -1.10
N ILE F 36 75.13 32.56 0.01
CA ILE F 36 75.89 32.48 1.25
C ILE F 36 75.08 31.72 2.28
N ASN F 37 75.77 30.96 3.12
CA ASN F 37 75.17 30.36 4.30
C ASN F 37 75.18 31.43 5.39
N PRO F 38 74.02 31.98 5.76
CA PRO F 38 74.03 33.11 6.72
C PRO F 38 74.44 32.73 8.13
N ALA F 39 74.50 31.43 8.45
CA ALA F 39 74.99 31.01 9.76
C ALA F 39 76.52 31.00 9.85
N THR F 40 77.22 30.94 8.72
CA THR F 40 78.67 30.81 8.73
C THR F 40 79.40 31.86 7.91
N GLY F 41 78.73 32.52 6.96
CA GLY F 41 79.42 33.40 6.05
C GLY F 41 80.06 32.70 4.85
N GLU F 42 79.99 31.37 4.78
CA GLU F 42 80.61 30.62 3.70
C GLU F 42 79.79 30.70 2.42
N VAL F 43 80.48 30.57 1.29
CA VAL F 43 79.76 30.42 0.03
C VAL F 43 79.19 29.01 -0.02
N LEU F 44 77.86 28.91 -0.13
CA LEU F 44 77.21 27.61 -0.31
C LEU F 44 77.40 27.10 -1.72
N ALA F 45 77.18 27.99 -2.69
CA ALA F 45 77.24 27.59 -4.09
C ALA F 45 77.46 28.81 -4.95
N THR F 46 78.17 28.60 -6.04
CA THR F 46 78.14 29.49 -7.18
C THR F 46 76.99 29.05 -8.07
N VAL F 47 76.22 30.01 -8.56
CA VAL F 47 74.99 29.73 -9.30
C VAL F 47 75.05 30.50 -10.61
N GLN F 48 74.68 29.84 -11.70
CA GLN F 48 74.64 30.50 -13.00
C GLN F 48 73.41 31.40 -13.11
N ALA F 49 73.59 32.51 -13.82
CA ALA F 49 72.56 33.53 -13.97
C ALA F 49 72.03 33.52 -15.40
N ALA F 50 70.72 33.41 -15.53
CA ALA F 50 70.09 33.37 -16.84
C ALA F 50 70.16 34.72 -17.52
N GLY F 51 70.66 34.74 -18.76
CA GLY F 51 70.68 35.92 -19.58
C GLY F 51 69.46 36.00 -20.47
N ARG F 52 69.46 37.00 -21.36
CA ARG F 52 68.31 37.24 -22.22
CA ARG F 52 68.32 37.25 -22.23
C ARG F 52 68.05 36.04 -23.13
N GLU F 53 69.10 35.49 -23.73
CA GLU F 53 68.91 34.34 -24.61
C GLU F 53 68.41 33.14 -23.82
N ASP F 54 68.89 32.97 -22.58
CA ASP F 54 68.42 31.88 -21.73
C ASP F 54 66.93 32.00 -21.44
N VAL F 55 66.47 33.23 -21.18
CA VAL F 55 65.04 33.45 -20.95
C VAL F 55 64.23 33.12 -22.18
N ASP F 56 64.71 33.52 -23.36
CA ASP F 56 64.00 33.19 -24.59
CA ASP F 56 63.96 33.20 -24.56
C ASP F 56 63.90 31.69 -24.77
N ARG F 57 65.01 30.98 -24.53
CA ARG F 57 65.01 29.53 -24.62
C ARG F 57 64.01 28.91 -23.66
N ALA F 58 63.95 29.42 -22.43
CA ALA F 58 63.00 28.89 -21.45
C ALA F 58 61.57 29.12 -21.88
N VAL F 59 61.29 30.27 -22.50
CA VAL F 59 59.94 30.53 -22.97
C VAL F 59 59.57 29.58 -24.10
N LYS F 60 60.48 29.37 -25.06
CA LYS F 60 60.16 28.46 -26.15
C LYS F 60 59.98 27.03 -25.63
N SER F 61 60.80 26.63 -24.66
CA SER F 61 60.62 25.35 -23.99
C SER F 61 59.26 25.28 -23.30
N ALA F 62 58.90 26.36 -22.58
CA ALA F 62 57.63 26.40 -21.87
C ALA F 62 56.45 26.34 -22.84
N GLN F 63 56.56 27.01 -24.00
CA GLN F 63 55.47 26.95 -24.96
C GLN F 63 55.24 25.53 -25.43
N GLN F 64 56.32 24.79 -25.68
CA GLN F 64 56.20 23.41 -26.15
C GLN F 64 55.63 22.51 -25.07
N GLY F 65 56.13 22.64 -23.83
CA GLY F 65 55.61 21.81 -22.75
C GLY F 65 54.17 22.12 -22.39
N GLN F 66 53.80 23.41 -22.42
CA GLN F 66 52.44 23.80 -22.07
C GLN F 66 51.42 23.12 -22.99
N LYS F 67 51.76 22.97 -24.28
CA LYS F 67 50.83 22.35 -25.20
C LYS F 67 50.53 20.91 -24.82
N VAL F 68 51.58 20.14 -24.52
CA VAL F 68 51.41 18.76 -24.08
C VAL F 68 50.59 18.71 -22.80
N TRP F 69 50.94 19.57 -21.85
CA TRP F 69 50.32 19.55 -20.53
C TRP F 69 48.84 19.85 -20.62
N ALA F 70 48.48 20.89 -21.37
CA ALA F 70 47.09 21.30 -21.46
C ALA F 70 46.23 20.34 -22.27
N ALA F 71 46.83 19.56 -23.17
CA ALA F 71 46.05 18.62 -23.97
C ALA F 71 45.70 17.37 -23.20
N MET F 72 46.43 17.09 -22.11
CA MET F 72 46.12 16.00 -21.20
C MET F 72 44.73 16.18 -20.60
N SER F 73 44.17 15.08 -20.10
CA SER F 73 42.92 15.19 -19.35
C SER F 73 43.17 15.90 -18.02
N ALA F 74 42.09 16.41 -17.44
CA ALA F 74 42.20 17.05 -16.13
C ALA F 74 42.76 16.10 -15.08
N MET F 75 42.28 14.86 -15.04
CA MET F 75 42.74 13.95 -14.00
C MET F 75 44.18 13.49 -14.24
N ALA F 76 44.61 13.43 -15.50
CA ALA F 76 46.01 13.12 -15.77
C ALA F 76 46.92 14.19 -15.18
N ARG F 77 46.53 15.46 -15.30
CA ARG F 77 47.30 16.53 -14.66
C ARG F 77 47.22 16.39 -13.14
N SER F 78 46.03 16.13 -12.61
CA SER F 78 45.88 15.97 -11.17
CA SER F 78 45.88 15.97 -11.17
C SER F 78 46.83 14.91 -10.65
N ARG F 79 46.90 13.77 -11.34
CA ARG F 79 47.71 12.66 -10.85
C ARG F 79 49.19 13.02 -10.85
N ILE F 80 49.63 13.76 -11.85
CA ILE F 80 51.05 14.12 -11.89
C ILE F 80 51.40 15.06 -10.74
N LEU F 81 50.55 16.07 -10.47
CA LEU F 81 50.84 16.96 -9.35
C LEU F 81 50.80 16.20 -8.03
N ARG F 82 49.90 15.23 -7.90
CA ARG F 82 49.84 14.41 -6.68
C ARG F 82 51.09 13.54 -6.53
N LYS F 83 51.70 13.06 -7.63
CA LYS F 83 52.95 12.33 -7.51
C LYS F 83 54.05 13.24 -6.99
N ALA F 84 54.04 14.51 -7.41
CA ALA F 84 55.01 15.46 -6.88
C ALA F 84 54.80 15.71 -5.39
N VAL F 85 53.54 15.80 -4.94
CA VAL F 85 53.25 15.92 -3.51
C VAL F 85 53.87 14.75 -2.75
N ASP F 86 53.64 13.52 -3.24
CA ASP F 86 54.17 12.36 -2.55
C ASP F 86 55.69 12.45 -2.40
N ILE F 87 56.39 12.88 -3.44
CA ILE F 87 57.85 13.00 -3.37
C ILE F 87 58.23 14.08 -2.36
N LEU F 88 57.52 15.21 -2.36
CA LEU F 88 57.81 16.27 -1.41
C LEU F 88 57.62 15.82 0.04
N ARG F 89 56.60 15.02 0.31
CA ARG F 89 56.43 14.48 1.65
C ARG F 89 57.60 13.58 2.01
N GLU F 90 58.00 12.71 1.08
CA GLU F 90 59.09 11.78 1.35
C GLU F 90 60.39 12.52 1.59
N ARG F 91 60.63 13.60 0.85
CA ARG F 91 61.90 14.32 0.93
C ARG F 91 61.82 15.55 1.81
N ASN F 92 60.76 15.66 2.61
CA ASN F 92 60.55 16.85 3.44
C ASN F 92 61.80 17.22 4.22
N ASP F 93 62.38 16.27 4.94
CA ASP F 93 63.49 16.61 5.83
C ASP F 93 64.74 17.03 5.06
N GLU F 94 65.06 16.31 3.98
CA GLU F 94 66.21 16.66 3.13
C GLU F 94 66.04 18.05 2.52
N LEU F 95 64.86 18.35 2.01
CA LEU F 95 64.64 19.68 1.44
C LEU F 95 64.72 20.74 2.52
N ALA F 96 64.18 20.44 3.72
CA ALA F 96 64.21 21.40 4.82
C ALA F 96 65.63 21.70 5.27
N ARG F 97 66.49 20.68 5.32
CA ARG F 97 67.88 20.91 5.70
C ARG F 97 68.57 21.83 4.70
N LEU F 98 68.30 21.64 3.40
CA LEU F 98 68.86 22.53 2.40
C LEU F 98 68.34 23.95 2.57
N GLU F 99 67.03 24.09 2.81
CA GLU F 99 66.45 25.41 3.00
C GLU F 99 67.06 26.12 4.20
N THR F 100 67.32 25.37 5.27
CA THR F 100 67.98 25.94 6.44
C THR F 100 69.39 26.44 6.10
N LEU F 101 70.14 25.67 5.32
CA LEU F 101 71.48 26.10 4.93
C LEU F 101 71.44 27.39 4.12
N ASP F 102 70.45 27.51 3.23
CA ASP F 102 70.35 28.63 2.29
C ASP F 102 69.73 29.87 2.94
N THR F 103 68.81 29.68 3.90
CA THR F 103 68.05 30.79 4.46
C THR F 103 68.46 31.19 5.88
N GLY F 104 69.07 30.30 6.63
CA GLY F 104 69.30 30.53 8.05
C GLY F 104 68.10 30.27 8.94
N LYS F 105 67.00 29.82 8.40
CA LYS F 105 65.87 29.53 9.26
C LYS F 105 66.06 28.20 9.97
N PRO F 106 65.69 28.10 11.25
CA PRO F 106 65.91 26.85 11.99
C PRO F 106 65.22 25.66 11.34
N LEU F 107 65.87 24.50 11.41
CA LEU F 107 65.26 23.27 10.91
C LEU F 107 63.93 22.99 11.60
N SER F 108 63.79 23.42 12.86
CA SER F 108 62.52 23.26 13.57
C SER F 108 61.38 23.97 12.83
N GLU F 109 61.70 25.01 12.07
CA GLU F 109 60.71 25.63 11.19
C GLU F 109 60.63 24.95 9.84
N THR F 110 61.76 24.82 9.15
CA THR F 110 61.73 24.39 7.75
C THR F 110 61.18 22.97 7.61
N ALA F 111 61.45 22.09 8.58
CA ALA F 111 60.94 20.73 8.48
C ALA F 111 59.48 20.62 8.89
N ALA F 112 58.91 21.65 9.50
CA ALA F 112 57.52 21.62 9.93
C ALA F 112 56.59 22.49 9.11
N VAL F 113 57.09 23.52 8.44
CA VAL F 113 56.25 24.50 7.77
C VAL F 113 56.53 24.57 6.28
N ASP F 114 57.78 24.83 5.89
CA ASP F 114 58.08 25.29 4.53
C ASP F 114 57.63 24.27 3.48
N ILE F 115 58.12 23.03 3.58
CA ILE F 115 57.69 22.05 2.59
C ILE F 115 56.29 21.52 2.93
N VAL F 116 55.97 21.37 4.22
CA VAL F 116 54.64 20.87 4.56
C VAL F 116 53.56 21.73 3.91
N THR F 117 53.65 23.06 4.11
CA THR F 117 52.58 23.94 3.63
C THR F 117 52.72 24.24 2.14
N GLY F 118 53.94 24.15 1.60
CA GLY F 118 54.10 24.24 0.15
C GLY F 118 53.41 23.09 -0.56
N ALA F 119 53.68 21.87 -0.11
CA ALA F 119 53.04 20.69 -0.68
C ALA F 119 51.55 20.67 -0.37
N ASP F 120 51.13 21.22 0.79
CA ASP F 120 49.70 21.32 1.09
C ASP F 120 48.94 22.06 0.00
N VAL F 121 49.53 23.15 -0.52
CA VAL F 121 48.88 23.95 -1.54
C VAL F 121 48.91 23.23 -2.88
N LEU F 122 50.02 22.58 -3.20
CA LEU F 122 50.08 21.79 -4.43
C LEU F 122 49.06 20.66 -4.40
N GLU F 123 48.93 19.99 -3.24
CA GLU F 123 47.96 18.92 -3.08
C GLU F 123 46.53 19.44 -3.25
N TYR F 124 46.25 20.61 -2.67
CA TYR F 124 44.95 21.25 -2.81
C TYR F 124 44.60 21.50 -4.26
N TYR F 125 45.49 22.18 -5.00
CA TYR F 125 45.18 22.51 -6.38
C TYR F 125 45.14 21.28 -7.26
N ALA F 126 45.98 20.27 -6.99
CA ALA F 126 45.89 19.03 -7.76
C ALA F 126 44.47 18.47 -7.75
N GLY F 127 43.80 18.52 -6.59
CA GLY F 127 42.46 17.95 -6.49
C GLY F 127 41.39 18.79 -7.15
N LEU F 128 41.65 20.08 -7.37
CA LEU F 128 40.65 20.96 -7.93
C LEU F 128 40.65 21.01 -9.44
N ILE F 129 41.68 20.47 -10.11
CA ILE F 129 41.78 20.60 -11.57
C ILE F 129 40.46 20.19 -12.25
N PRO F 130 39.85 19.04 -11.91
CA PRO F 130 38.61 18.65 -12.62
C PRO F 130 37.41 19.54 -12.35
N ALA F 131 37.46 20.39 -11.34
CA ALA F 131 36.34 21.28 -11.02
C ALA F 131 36.49 22.65 -11.65
N LEU F 132 37.53 22.86 -12.45
CA LEU F 132 37.70 24.12 -13.16
C LEU F 132 36.72 24.14 -14.33
N GLU F 133 35.70 24.98 -14.23
CA GLU F 133 34.58 24.97 -15.17
C GLU F 133 34.30 26.38 -15.69
N GLY F 134 33.85 26.45 -16.93
CA GLY F 134 33.25 27.65 -17.46
C GLY F 134 31.75 27.71 -17.18
N SER F 135 31.07 28.61 -17.89
CA SER F 135 29.65 28.88 -17.68
CA SER F 135 29.65 28.85 -17.67
C SER F 135 28.90 28.72 -19.00
N GLN F 136 27.56 28.68 -18.89
CA GLN F 136 26.69 28.71 -20.05
C GLN F 136 25.52 29.60 -19.71
N ILE F 137 25.20 30.51 -20.62
CA ILE F 137 24.20 31.55 -20.39
C ILE F 137 23.23 31.51 -21.56
N PRO F 138 21.97 31.12 -21.35
CA PRO F 138 21.00 31.18 -22.45
C PRO F 138 20.56 32.62 -22.68
N LEU F 139 20.60 33.05 -23.93
CA LEU F 139 20.13 34.39 -24.27
C LEU F 139 18.68 34.36 -24.74
N ARG F 140 18.33 33.36 -25.54
CA ARG F 140 17.03 33.25 -26.17
C ARG F 140 17.02 31.85 -26.80
N ASP F 141 15.86 31.42 -27.29
CA ASP F 141 15.79 30.07 -27.84
C ASP F 141 16.84 29.85 -28.92
N SER F 142 17.19 30.90 -29.66
CA SER F 142 18.05 30.78 -30.82
C SER F 142 19.51 31.16 -30.57
N SER F 143 19.91 31.45 -29.34
CA SER F 143 21.31 31.80 -29.11
C SER F 143 21.70 31.60 -27.65
N PHE F 144 22.94 31.16 -27.45
CA PHE F 144 23.48 31.03 -26.11
C PHE F 144 24.96 31.35 -26.12
N VAL F 145 25.48 31.61 -24.93
CA VAL F 145 26.88 31.88 -24.67
C VAL F 145 27.40 30.76 -23.79
N TYR F 146 28.64 30.35 -24.04
CA TYR F 146 29.38 29.54 -23.07
C TYR F 146 30.77 30.13 -22.94
N THR F 147 31.39 29.91 -21.79
CA THR F 147 32.73 30.42 -21.53
C THR F 147 33.67 29.25 -21.30
N ARG F 148 34.93 29.49 -21.64
CA ARG F 148 36.03 28.57 -21.35
C ARG F 148 37.01 29.30 -20.45
N ARG F 149 37.57 28.56 -19.49
CA ARG F 149 38.65 29.05 -18.63
C ARG F 149 39.94 28.50 -19.22
N GLU F 150 40.55 29.28 -20.11
CA GLU F 150 41.69 28.77 -20.85
C GLU F 150 42.99 29.11 -20.13
N PRO F 151 44.00 28.27 -20.29
CA PRO F 151 45.33 28.64 -19.79
C PRO F 151 45.76 30.00 -20.34
N LEU F 152 46.48 30.73 -19.50
CA LEU F 152 47.17 31.92 -19.97
C LEU F 152 48.30 31.59 -20.94
N GLY F 153 48.90 30.41 -20.80
CA GLY F 153 49.98 29.99 -21.67
C GLY F 153 51.24 29.83 -20.85
N VAL F 154 52.17 30.75 -21.02
CA VAL F 154 53.41 30.80 -20.25
C VAL F 154 53.32 31.93 -19.25
N VAL F 155 53.54 31.62 -17.98
CA VAL F 155 53.52 32.62 -16.92
C VAL F 155 54.88 32.56 -16.22
N ALA F 156 55.20 33.64 -15.51
CA ALA F 156 56.46 33.69 -14.77
C ALA F 156 56.16 33.98 -13.30
N GLY F 157 56.87 33.27 -12.43
CA GLY F 157 56.85 33.52 -11.00
C GLY F 157 58.22 34.02 -10.54
N ILE F 158 58.21 35.02 -9.68
CA ILE F 158 59.42 35.61 -9.12
C ILE F 158 59.33 35.48 -7.61
N GLY F 159 60.25 34.70 -7.03
CA GLY F 159 60.16 34.36 -5.62
C GLY F 159 60.93 35.31 -4.71
N ALA F 160 60.65 35.20 -3.42
CA ALA F 160 61.36 35.95 -2.39
C ALA F 160 62.22 34.97 -1.59
N TRP F 161 63.08 35.52 -0.73
CA TRP F 161 64.07 34.71 -0.07
C TRP F 161 63.63 34.16 1.29
N ASN F 162 62.50 34.60 1.84
CA ASN F 162 62.20 34.18 3.21
C ASN F 162 61.55 32.81 3.27
N TYR F 163 60.78 32.42 2.26
CA TYR F 163 60.16 31.08 2.17
C TYR F 163 60.36 30.56 0.74
N PRO F 164 61.61 30.22 0.39
CA PRO F 164 61.89 29.99 -1.04
C PRO F 164 61.09 28.86 -1.65
N ILE F 165 61.13 27.66 -1.09
CA ILE F 165 60.44 26.58 -1.78
C ILE F 165 58.93 26.69 -1.58
N GLN F 166 58.49 27.19 -0.42
CA GLN F 166 57.06 27.37 -0.21
C GLN F 166 56.48 28.30 -1.26
N ILE F 167 57.17 29.41 -1.54
CA ILE F 167 56.71 30.36 -2.53
C ILE F 167 56.72 29.74 -3.91
N ALA F 168 57.78 28.99 -4.25
CA ALA F 168 57.81 28.33 -5.55
C ALA F 168 56.61 27.42 -5.73
N LEU F 169 56.19 26.76 -4.65
CA LEU F 169 55.03 25.86 -4.69
C LEU F 169 53.73 26.64 -4.72
N TRP F 170 53.61 27.71 -3.94
CA TRP F 170 52.37 28.46 -3.94
C TRP F 170 52.13 29.18 -5.28
N LYS F 171 53.19 29.50 -6.00
CA LYS F 171 53.02 30.08 -7.34
C LYS F 171 52.82 29.01 -8.40
N SER F 172 53.68 27.99 -8.41
CA SER F 172 53.62 27.01 -9.49
C SER F 172 52.39 26.12 -9.38
N ALA F 173 51.91 25.86 -8.15
CA ALA F 173 50.80 24.92 -8.01
C ALA F 173 49.55 25.39 -8.74
N PRO F 174 49.01 26.58 -8.48
CA PRO F 174 47.83 27.01 -9.23
C PRO F 174 48.11 27.26 -10.69
N ALA F 175 49.32 27.72 -11.03
CA ALA F 175 49.67 27.97 -12.43
C ALA F 175 49.64 26.68 -13.23
N LEU F 176 50.30 25.63 -12.73
CA LEU F 176 50.31 24.34 -13.40
C LEU F 176 48.93 23.68 -13.39
N ALA F 177 48.21 23.78 -12.27
CA ALA F 177 46.90 23.15 -12.19
C ALA F 177 45.93 23.79 -13.17
N ALA F 178 46.13 25.06 -13.51
CA ALA F 178 45.30 25.77 -14.47
C ALA F 178 45.69 25.49 -15.93
N GLY F 179 46.72 24.69 -16.18
CA GLY F 179 47.13 24.32 -17.51
C GLY F 179 48.24 25.15 -18.11
N ASN F 180 48.89 25.99 -17.32
CA ASN F 180 50.00 26.81 -17.79
C ASN F 180 51.32 26.11 -17.59
N ALA F 181 52.34 26.64 -18.30
CA ALA F 181 53.74 26.44 -17.94
C ALA F 181 54.19 27.66 -17.15
N MET F 182 55.04 27.43 -16.14
CA MET F 182 55.62 28.51 -15.36
C MET F 182 57.14 28.50 -15.46
N ILE F 183 57.70 29.68 -15.71
CA ILE F 183 59.12 29.94 -15.56
C ILE F 183 59.28 30.63 -14.21
N PHE F 184 60.08 30.04 -13.34
CA PHE F 184 60.23 30.52 -11.97
C PHE F 184 61.63 31.05 -11.75
N LYS F 185 61.73 32.27 -11.22
CA LYS F 185 63.02 32.86 -10.88
C LYS F 185 63.09 32.93 -9.37
N PRO F 186 63.93 32.14 -8.71
CA PRO F 186 64.06 32.27 -7.26
C PRO F 186 64.87 33.52 -6.92
N SER F 187 64.70 33.96 -5.67
CA SER F 187 65.56 35.02 -5.18
C SER F 187 67.03 34.61 -5.30
N GLU F 188 67.86 35.56 -5.71
CA GLU F 188 69.31 35.35 -5.76
C GLU F 188 69.89 35.03 -4.40
N VAL F 189 69.19 35.40 -3.32
CA VAL F 189 69.69 35.09 -2.00
C VAL F 189 69.51 33.62 -1.66
N THR F 190 68.52 32.95 -2.26
CA THR F 190 68.10 31.61 -1.85
C THR F 190 67.65 30.80 -3.07
N PRO F 191 68.57 30.49 -3.99
CA PRO F 191 68.17 29.85 -5.24
C PRO F 191 68.07 28.33 -5.23
N LEU F 192 68.50 27.66 -4.17
CA LEU F 192 68.84 26.24 -4.25
C LEU F 192 67.62 25.33 -4.25
N THR F 193 66.62 25.58 -3.39
CA THR F 193 65.52 24.62 -3.30
C THR F 193 64.62 24.65 -4.54
N ALA F 194 64.53 25.80 -5.23
CA ALA F 194 63.73 25.83 -6.46
C ALA F 194 64.30 24.87 -7.50
N LEU F 195 65.62 24.71 -7.53
CA LEU F 195 66.21 23.76 -8.46
C LEU F 195 65.87 22.32 -8.07
N LYS F 196 65.83 22.02 -6.78
CA LYS F 196 65.39 20.68 -6.37
C LYS F 196 63.96 20.43 -6.78
N LEU F 197 63.09 21.44 -6.62
CA LEU F 197 61.69 21.29 -6.98
C LEU F 197 61.54 20.98 -8.46
N ALA F 198 62.35 21.61 -9.31
CA ALA F 198 62.26 21.35 -10.74
C ALA F 198 62.53 19.89 -11.06
N GLU F 199 63.53 19.29 -10.41
CA GLU F 199 63.80 17.87 -10.62
C GLU F 199 62.63 17.02 -10.14
N ILE F 200 62.04 17.40 -9.00
CA ILE F 200 60.93 16.64 -8.43
C ILE F 200 59.74 16.63 -9.38
N TYR F 201 59.43 17.79 -9.96
CA TYR F 201 58.32 17.82 -10.91
C TYR F 201 58.57 16.88 -12.09
N ARG F 202 59.80 16.86 -12.61
CA ARG F 202 60.09 15.96 -13.72
C ARG F 202 59.95 14.52 -13.30
N GLU F 203 60.45 14.19 -12.12
CA GLU F 203 60.34 12.84 -11.60
C GLU F 203 58.89 12.42 -11.47
N ALA F 204 58.01 13.37 -11.16
CA ALA F 204 56.59 13.07 -10.99
C ALA F 204 55.86 12.89 -12.31
N GLY F 205 56.50 13.22 -13.43
CA GLY F 205 55.88 13.09 -14.74
C GLY F 205 55.47 14.40 -15.37
N LEU F 206 55.89 15.52 -14.82
CA LEU F 206 55.54 16.78 -15.44
C LEU F 206 56.20 16.85 -16.81
N PRO F 207 55.48 17.21 -17.86
CA PRO F 207 56.10 17.30 -19.18
C PRO F 207 57.25 18.30 -19.18
N ASP F 208 58.29 17.97 -19.94
CA ASP F 208 59.44 18.86 -20.08
C ASP F 208 58.98 20.24 -20.57
N GLY F 209 59.53 21.28 -19.92
CA GLY F 209 59.24 22.66 -20.22
C GLY F 209 58.18 23.29 -19.35
N VAL F 210 57.38 22.48 -18.65
CA VAL F 210 56.24 23.05 -17.92
C VAL F 210 56.70 23.77 -16.65
N PHE F 211 57.81 23.36 -16.03
CA PHE F 211 58.38 24.11 -14.92
C PHE F 211 59.88 24.26 -15.14
N ASN F 212 60.27 25.44 -15.58
CA ASN F 212 61.65 25.81 -15.80
C ASN F 212 62.09 26.77 -14.70
N VAL F 213 63.34 26.66 -14.28
CA VAL F 213 63.86 27.48 -13.18
C VAL F 213 65.08 28.24 -13.68
N LEU F 214 65.05 29.57 -13.56
CA LEU F 214 66.11 30.46 -14.02
C LEU F 214 66.61 31.28 -12.84
N PRO F 215 67.65 30.82 -12.14
CA PRO F 215 68.31 31.67 -11.17
C PRO F 215 68.90 32.90 -11.86
N GLY F 216 69.05 33.96 -11.07
CA GLY F 216 69.66 35.18 -11.58
C GLY F 216 69.38 36.32 -10.64
N ILE F 217 69.77 37.52 -11.08
CA ILE F 217 69.59 38.77 -10.36
C ILE F 217 68.29 39.43 -10.79
N GLY F 218 67.66 40.16 -9.87
CA GLY F 218 66.40 40.82 -10.20
C GLY F 218 66.53 41.83 -11.32
N ALA F 219 67.58 42.66 -11.28
CA ALA F 219 67.76 43.69 -12.28
C ALA F 219 68.05 43.10 -13.66
N GLU F 220 68.41 41.82 -13.76
CA GLU F 220 68.75 41.20 -15.03
C GLU F 220 67.71 40.15 -15.32
N THR F 221 67.89 38.90 -14.88
CA THR F 221 66.96 37.83 -15.20
C THR F 221 65.52 38.21 -14.90
N GLY F 222 65.28 38.79 -13.73
CA GLY F 222 63.92 39.16 -13.38
C GLY F 222 63.31 40.13 -14.37
N GLN F 223 64.08 41.13 -14.77
CA GLN F 223 63.61 42.11 -15.73
C GLN F 223 63.38 41.49 -17.10
N TYR F 224 64.27 40.58 -17.51
CA TYR F 224 64.08 39.92 -18.81
C TYR F 224 62.76 39.17 -18.84
N LEU F 225 62.36 38.57 -17.72
CA LEU F 225 61.09 37.86 -17.66
C LEU F 225 59.92 38.83 -17.74
N THR F 226 60.00 39.94 -17.00
CA THR F 226 58.89 40.88 -17.03
C THR F 226 58.74 41.55 -18.38
N GLU F 227 59.82 41.62 -19.17
CA GLU F 227 59.78 42.26 -20.46
C GLU F 227 59.43 41.33 -21.61
N HIS F 228 59.49 40.02 -21.41
CA HIS F 228 59.40 39.12 -22.57
C HIS F 228 58.01 39.19 -23.19
N PRO F 229 57.89 39.32 -24.52
CA PRO F 229 56.56 39.54 -25.11
C PRO F 229 55.64 38.33 -25.03
N ASP F 230 56.16 37.12 -24.82
CA ASP F 230 55.34 35.91 -24.86
C ASP F 230 55.02 35.34 -23.49
N ILE F 231 55.29 36.07 -22.42
CA ILE F 231 54.88 35.69 -21.07
C ILE F 231 53.60 36.44 -20.74
N ALA F 232 52.57 35.71 -20.33
CA ALA F 232 51.23 36.27 -20.23
C ALA F 232 50.90 36.84 -18.86
N LYS F 233 51.64 36.44 -17.84
CA LYS F 233 51.33 36.85 -16.49
C LYS F 233 52.61 36.81 -15.66
N ILE F 234 52.76 37.78 -14.75
CA ILE F 234 53.86 37.82 -13.81
C ILE F 234 53.27 37.76 -12.41
N SER F 235 53.79 36.87 -11.57
CA SER F 235 53.43 36.81 -10.17
C SER F 235 54.68 37.03 -9.33
N PHE F 236 54.67 38.08 -8.52
CA PHE F 236 55.85 38.56 -7.81
C PHE F 236 55.58 38.58 -6.32
N THR F 237 56.54 38.10 -5.53
CA THR F 237 56.53 38.25 -4.08
C THR F 237 57.82 38.94 -3.68
N GLY F 238 57.71 40.00 -2.89
CA GLY F 238 58.89 40.75 -2.52
C GLY F 238 58.52 42.06 -1.87
N GLY F 239 59.46 43.01 -1.94
CA GLY F 239 59.28 44.27 -1.24
C GLY F 239 58.40 45.25 -2.00
N VAL F 240 57.75 46.12 -1.23
CA VAL F 240 56.81 47.08 -1.81
C VAL F 240 57.48 47.86 -2.93
N ALA F 241 58.73 48.29 -2.71
CA ALA F 241 59.43 49.08 -3.71
C ALA F 241 59.72 48.25 -4.97
N SER F 242 60.30 47.06 -4.80
CA SER F 242 60.61 46.23 -5.96
C SER F 242 59.35 45.88 -6.73
N GLY F 243 58.22 45.71 -6.03
CA GLY F 243 56.98 45.42 -6.71
C GLY F 243 56.56 46.50 -7.68
N LYS F 244 56.60 47.76 -7.23
CA LYS F 244 56.23 48.87 -8.11
C LYS F 244 57.02 48.82 -9.41
N LYS F 245 58.30 48.48 -9.32
CA LYS F 245 59.12 48.37 -10.53
C LYS F 245 58.69 47.20 -11.41
N VAL F 246 58.43 46.04 -10.80
CA VAL F 246 58.06 44.87 -11.60
C VAL F 246 56.77 45.11 -12.35
N MET F 247 55.75 45.64 -11.65
CA MET F 247 54.45 45.84 -12.29
C MET F 247 54.56 46.85 -13.42
N ALA F 248 55.40 47.88 -13.25
CA ALA F 248 55.58 48.89 -14.30
C ALA F 248 56.16 48.28 -15.58
N ASN F 249 57.27 47.53 -15.47
CA ASN F 249 57.88 46.98 -16.67
C ASN F 249 56.99 45.95 -17.34
N SER F 250 56.23 45.19 -16.56
CA SER F 250 55.32 44.20 -17.14
C SER F 250 54.28 44.86 -18.02
N ALA F 251 53.86 46.07 -17.66
CA ALA F 251 52.92 46.83 -18.47
C ALA F 251 53.60 47.48 -19.67
N ALA F 252 54.68 48.22 -19.42
CA ALA F 252 55.37 48.95 -20.49
C ALA F 252 55.95 48.05 -21.57
N SER F 253 55.86 46.72 -21.39
CA SER F 253 56.43 45.76 -22.33
C SER F 253 55.33 45.07 -23.13
N SER F 254 54.52 44.22 -22.50
CA SER F 254 53.53 43.46 -23.25
C SER F 254 52.16 43.41 -22.56
N LEU F 255 51.90 44.34 -21.65
CA LEU F 255 50.67 44.31 -20.86
C LEU F 255 50.35 42.94 -20.30
N LYS F 256 51.05 42.54 -19.27
CA LYS F 256 50.87 41.21 -18.69
C LYS F 256 49.89 41.32 -17.53
N GLU F 257 49.16 40.23 -17.28
CA GLU F 257 48.45 40.13 -16.02
C GLU F 257 49.47 40.08 -14.90
N VAL F 258 49.08 40.53 -13.71
CA VAL F 258 50.04 40.64 -12.60
C VAL F 258 49.39 40.24 -11.28
N THR F 259 50.19 39.61 -10.44
CA THR F 259 49.88 39.35 -9.03
C THR F 259 51.08 39.85 -8.24
N MET F 260 50.83 40.52 -7.13
CA MET F 260 51.91 41.03 -6.30
C MET F 260 51.57 40.74 -4.84
N GLU F 261 52.47 40.04 -4.16
CA GLU F 261 52.37 39.77 -2.73
C GLU F 261 53.53 40.54 -2.09
N LEU F 262 53.24 41.66 -1.47
CA LEU F 262 54.28 42.53 -0.98
C LEU F 262 54.27 42.53 0.56
N GLY F 263 55.02 43.42 1.15
CA GLY F 263 55.17 43.47 2.60
C GLY F 263 54.04 44.22 3.27
N GLY F 264 54.21 44.42 4.58
CA GLY F 264 53.18 45.09 5.35
C GLY F 264 53.73 45.67 6.65
N LYS F 265 52.82 46.32 7.39
CA LYS F 265 53.10 46.77 8.77
C LYS F 265 51.82 46.47 9.56
N SER F 266 51.56 45.19 9.73
CA SER F 266 50.25 44.68 10.10
C SER F 266 50.00 44.90 11.60
N PRO F 267 48.81 45.35 11.95
CA PRO F 267 48.47 45.62 13.35
C PRO F 267 47.85 44.43 14.06
N LEU F 268 48.28 44.25 15.30
CA LEU F 268 47.69 43.29 16.23
C LEU F 268 47.01 44.10 17.32
N ILE F 269 45.69 43.97 17.41
CA ILE F 269 44.89 44.75 18.34
C ILE F 269 44.51 43.86 19.52
N ILE F 270 45.04 44.20 20.69
CA ILE F 270 44.72 43.52 21.94
C ILE F 270 43.59 44.30 22.62
N ALA F 271 42.45 43.65 22.81
CA ALA F 271 41.32 44.32 23.46
C ALA F 271 41.47 44.32 24.97
N GLU F 272 40.70 45.19 25.63
CA GLU F 272 40.79 45.29 27.08
C GLU F 272 40.32 44.04 27.79
N ASP F 273 39.54 43.17 27.13
CA ASP F 273 39.06 41.95 27.77
C ASP F 273 39.87 40.73 27.36
N ALA F 274 41.03 40.94 26.74
CA ALA F 274 41.86 39.84 26.30
C ALA F 274 42.61 39.22 27.48
N ASN F 275 42.75 37.91 27.47
CA ASN F 275 43.71 37.25 28.32
C ASN F 275 45.11 37.65 27.85
N LEU F 276 45.93 38.18 28.76
CA LEU F 276 47.20 38.74 28.32
C LEU F 276 48.27 37.68 28.09
N ASP F 277 48.12 36.47 28.64
CA ASP F 277 49.00 35.38 28.26
C ASP F 277 48.76 34.96 26.81
N LEU F 278 47.48 34.87 26.41
CA LEU F 278 47.14 34.60 25.02
C LEU F 278 47.64 35.73 24.11
N ALA F 279 47.36 36.98 24.50
CA ALA F 279 47.81 38.12 23.71
C ALA F 279 49.33 38.11 23.54
N ALA F 280 50.06 37.82 24.61
CA ALA F 280 51.51 37.80 24.50
C ALA F 280 51.98 36.66 23.60
N ASP F 281 51.37 35.47 23.72
CA ASP F 281 51.73 34.35 22.85
C ASP F 281 51.50 34.69 21.38
N ILE F 282 50.37 35.34 21.08
CA ILE F 282 50.06 35.74 19.72
C ILE F 282 51.07 36.77 19.23
N ALA F 283 51.39 37.76 20.07
CA ALA F 283 52.35 38.78 19.66
C ALA F 283 53.73 38.17 19.38
N MET F 284 54.15 37.19 20.20
CA MET F 284 55.43 36.53 19.97
C MET F 284 55.44 35.81 18.63
N MET F 285 54.40 35.04 18.34
CA MET F 285 54.33 34.30 17.09
C MET F 285 54.19 35.25 15.89
N ALA F 286 53.62 36.43 16.11
CA ALA F 286 53.45 37.41 15.05
C ALA F 286 54.69 38.26 14.81
N ASN F 287 55.76 38.07 15.59
CA ASN F 287 56.93 38.92 15.46
C ASN F 287 58.25 38.18 15.33
N PHE F 288 58.39 37.00 15.92
CA PHE F 288 59.72 36.39 16.02
C PHE F 288 59.84 35.07 15.27
N TYR F 289 58.82 34.64 14.55
CA TYR F 289 58.97 33.47 13.68
C TYR F 289 59.85 33.84 12.48
N SER F 290 60.65 32.87 12.04
CA SER F 290 61.60 33.11 10.93
C SER F 290 62.43 34.36 11.19
N SER F 291 62.81 34.56 12.45
CA SER F 291 63.60 35.71 12.88
C SER F 291 63.01 37.03 12.41
N GLY F 292 61.68 37.10 12.40
CA GLY F 292 61.00 38.31 12.03
C GLY F 292 60.90 38.57 10.54
N GLN F 293 61.23 37.58 9.70
CA GLN F 293 61.28 37.79 8.25
C GLN F 293 60.04 37.20 7.59
N VAL F 294 58.87 37.72 7.97
CA VAL F 294 57.59 37.25 7.47
C VAL F 294 56.76 38.47 7.09
N CYS F 295 56.19 38.46 5.88
CA CYS F 295 55.49 39.63 5.39
C CYS F 295 54.27 39.98 6.21
N THR F 296 53.60 38.99 6.78
CA THR F 296 52.35 39.18 7.52
C THR F 296 52.55 39.48 9.01
N ASN F 297 53.77 39.68 9.46
CA ASN F 297 54.01 39.81 10.89
C ASN F 297 53.26 41.02 11.47
N GLY F 298 52.78 40.84 12.70
CA GLY F 298 52.04 41.86 13.41
C GLY F 298 52.99 42.74 14.19
N THR F 299 53.66 43.62 13.48
CA THR F 299 54.79 44.36 14.00
C THR F 299 54.38 45.66 14.68
N ARG F 300 53.11 46.04 14.59
CA ARG F 300 52.54 47.10 15.42
C ARG F 300 51.56 46.42 16.38
N VAL F 301 51.93 46.33 17.65
CA VAL F 301 51.14 45.64 18.68
C VAL F 301 50.47 46.72 19.53
N PHE F 302 49.15 46.83 19.39
CA PHE F 302 48.36 47.83 20.10
C PHE F 302 47.81 47.22 21.38
N VAL F 303 48.18 47.82 22.51
CA VAL F 303 47.80 47.30 23.82
C VAL F 303 47.07 48.40 24.56
N PRO F 304 45.99 48.10 25.27
CA PRO F 304 45.34 49.14 26.07
C PRO F 304 46.33 49.75 27.05
N ALA F 305 46.26 51.08 27.17
CA ALA F 305 47.19 51.76 28.06
C ALA F 305 47.17 51.15 29.45
N LYS F 306 45.98 50.79 29.95
CA LYS F 306 45.92 50.30 31.33
C LYS F 306 46.58 48.94 31.50
N PHE F 307 46.82 48.20 30.41
CA PHE F 307 47.43 46.87 30.49
C PHE F 307 48.86 46.83 29.96
N LYS F 308 49.42 48.00 29.62
CA LYS F 308 50.73 48.03 28.98
C LYS F 308 51.80 47.42 29.87
N ALA F 309 51.82 47.80 31.15
CA ALA F 309 52.86 47.29 32.05
C ALA F 309 52.80 45.78 32.17
N GLU F 310 51.62 45.24 32.46
CA GLU F 310 51.48 43.79 32.60
C GLU F 310 51.87 43.09 31.31
N PHE F 311 51.46 43.65 30.18
CA PHE F 311 51.77 43.04 28.90
C PHE F 311 53.27 43.04 28.64
N GLU F 312 53.97 44.11 28.99
CA GLU F 312 55.41 44.16 28.78
C GLU F 312 56.13 43.04 29.54
N HIS F 313 55.71 42.78 30.78
CA HIS F 313 56.33 41.69 31.54
C HIS F 313 56.10 40.34 30.87
N LYS F 314 54.91 40.14 30.33
CA LYS F 314 54.63 38.87 29.68
C LYS F 314 55.44 38.71 28.41
N ILE F 315 55.68 39.80 27.69
CA ILE F 315 56.54 39.72 26.51
C ILE F 315 57.97 39.40 26.94
N LEU F 316 58.48 40.10 27.96
CA LEU F 316 59.85 39.85 28.40
C LEU F 316 60.03 38.41 28.84
N GLU F 317 59.05 37.84 29.55
CA GLU F 317 59.16 36.46 29.98
C GLU F 317 59.28 35.52 28.78
N ARG F 318 58.47 35.74 27.75
CA ARG F 318 58.50 34.86 26.59
C ARG F 318 59.75 35.10 25.73
N VAL F 319 60.19 36.35 25.59
CA VAL F 319 61.44 36.62 24.89
C VAL F 319 62.58 35.84 25.54
N GLY F 320 62.57 35.72 26.86
CA GLY F 320 63.60 34.96 27.55
C GLY F 320 63.59 33.49 27.20
N ARG F 321 62.49 32.99 26.64
CA ARG F 321 62.47 31.59 26.21
C ARG F 321 63.06 31.41 24.83
N ILE F 322 63.21 32.47 24.02
CA ILE F 322 63.69 32.29 22.65
C ILE F 322 65.06 31.63 22.72
N ARG F 323 65.29 30.63 21.87
CA ARG F 323 66.50 29.82 21.89
C ARG F 323 67.20 29.94 20.53
N ALA F 324 68.20 30.82 20.47
CA ALA F 324 69.10 30.89 19.34
C ALA F 324 70.20 29.85 19.54
N GLY F 325 70.65 29.26 18.44
CA GLY F 325 71.71 28.27 18.54
C GLY F 325 71.87 27.52 17.24
N ASP F 326 72.47 26.34 17.34
CA ASP F 326 72.66 25.45 16.21
C ASP F 326 71.34 25.22 15.48
N LEU F 327 71.33 25.57 14.19
CA LEU F 327 70.08 25.54 13.42
C LEU F 327 69.57 24.13 13.22
N PHE F 328 70.39 23.11 13.47
CA PHE F 328 69.96 21.73 13.34
C PHE F 328 69.64 21.09 14.68
N ALA F 329 69.73 21.84 15.78
CA ALA F 329 69.33 21.32 17.09
C ALA F 329 67.81 21.43 17.24
N ASP F 330 67.22 20.39 17.85
CA ASP F 330 65.77 20.29 17.99
C ASP F 330 65.17 21.50 18.68
N ASP F 331 65.85 22.05 19.68
CA ASP F 331 65.30 23.10 20.54
C ASP F 331 65.63 24.51 20.06
N THR F 332 66.39 24.66 18.99
CA THR F 332 66.60 25.99 18.42
C THR F 332 65.33 26.47 17.73
N ASN F 333 64.88 27.69 18.09
CA ASN F 333 63.67 28.25 17.50
C ASN F 333 63.89 29.67 16.98
N PHE F 334 65.14 30.05 16.76
CA PHE F 334 65.46 31.40 16.32
C PHE F 334 66.75 31.33 15.51
N GLY F 335 66.77 31.96 14.35
CA GLY F 335 67.93 31.88 13.50
C GLY F 335 68.55 33.24 13.22
N PRO F 336 69.67 33.24 12.51
CA PRO F 336 70.21 34.49 11.98
C PRO F 336 69.30 35.04 10.89
N LEU F 337 69.55 36.28 10.51
CA LEU F 337 68.88 36.83 9.34
C LEU F 337 69.47 36.21 8.07
N VAL F 338 68.76 36.42 6.96
CA VAL F 338 69.08 35.68 5.74
C VAL F 338 70.43 36.07 5.16
N SER F 339 70.94 37.24 5.49
CA SER F 339 72.16 37.74 4.86
C SER F 339 72.75 38.85 5.72
N PHE F 340 74.02 39.14 5.48
CA PHE F 340 74.66 40.18 6.26
C PHE F 340 74.24 41.58 5.83
N PRO F 341 74.05 41.84 4.54
CA PRO F 341 73.45 43.14 4.17
C PRO F 341 72.05 43.34 4.75
N HIS F 342 71.24 42.30 4.81
CA HIS F 342 69.93 42.50 5.42
C HIS F 342 70.06 42.85 6.90
N ARG F 343 70.98 42.20 7.61
CA ARG F 343 71.19 42.54 9.01
C ARG F 343 71.58 44.02 9.16
N GLN F 344 72.43 44.53 8.26
CA GLN F 344 72.82 45.92 8.33
C GLN F 344 71.60 46.84 8.23
N ASN F 345 70.65 46.48 7.36
CA ASN F 345 69.43 47.28 7.24
C ASN F 345 68.59 47.19 8.51
N VAL F 346 68.43 45.99 9.07
CA VAL F 346 67.65 45.85 10.30
C VAL F 346 68.30 46.64 11.43
N LEU F 347 69.63 46.64 11.51
CA LEU F 347 70.31 47.38 12.56
C LEU F 347 70.12 48.87 12.40
N ARG F 348 70.07 49.38 11.16
CA ARG F 348 69.77 50.79 10.95
C ARG F 348 68.37 51.14 11.48
N TYR F 349 67.40 50.24 11.31
CA TYR F 349 66.08 50.50 11.87
C TYR F 349 66.13 50.53 13.39
N ILE F 350 66.84 49.57 13.99
CA ILE F 350 66.94 49.54 15.45
C ILE F 350 67.60 50.82 15.96
N GLU F 351 68.64 51.28 15.28
CA GLU F 351 69.28 52.52 15.72
C GLU F 351 68.33 53.71 15.60
N SER F 352 67.49 53.73 14.56
CA SER F 352 66.55 54.84 14.43
C SER F 352 65.48 54.79 15.52
N GLY F 353 65.08 53.58 15.93
CA GLY F 353 64.19 53.48 17.07
C GLY F 353 64.78 54.10 18.32
N LYS F 354 66.06 53.81 18.59
CA LYS F 354 66.72 54.39 19.76
C LYS F 354 66.79 55.91 19.64
N SER F 355 67.25 56.41 18.50
CA SER F 355 67.50 57.85 18.39
C SER F 355 66.21 58.65 18.32
N GLU F 356 65.10 58.04 17.91
CA GLU F 356 63.81 58.72 17.89
C GLU F 356 63.07 58.62 19.21
N GLY F 357 63.66 57.98 20.22
CA GLY F 357 63.13 58.04 21.57
C GLY F 357 62.27 56.88 22.01
N ALA F 358 62.17 55.81 21.21
CA ALA F 358 61.47 54.63 21.68
C ALA F 358 62.26 53.97 22.80
N ARG F 359 61.53 53.30 23.70
CA ARG F 359 62.15 52.62 24.84
C ARG F 359 62.47 51.19 24.43
N LEU F 360 63.75 50.82 24.54
CA LEU F 360 64.19 49.46 24.24
C LEU F 360 63.80 48.54 25.40
N LEU F 361 62.83 47.67 25.16
CA LEU F 361 62.42 46.72 26.20
C LEU F 361 63.40 45.57 26.31
N CYS F 362 63.92 45.08 25.18
CA CYS F 362 64.94 44.04 25.17
C CYS F 362 65.58 44.00 23.79
N GLY F 363 66.75 43.35 23.73
CA GLY F 363 67.44 43.17 22.47
C GLY F 363 68.14 44.42 21.99
N GLY F 364 68.16 44.66 20.68
CA GLY F 364 68.74 45.85 20.12
C GLY F 364 70.18 45.75 19.66
N ASP F 365 70.76 44.55 19.65
CA ASP F 365 72.15 44.40 19.24
C ASP F 365 72.31 43.06 18.55
N VAL F 366 73.48 42.85 17.95
CA VAL F 366 73.79 41.54 17.38
C VAL F 366 74.06 40.55 18.51
N LEU F 367 73.96 39.27 18.18
CA LEU F 367 74.40 38.23 19.10
C LEU F 367 75.90 38.01 18.94
N LYS F 368 76.55 37.64 20.05
CA LYS F 368 78.01 37.59 20.10
C LYS F 368 78.46 36.31 20.78
N GLY F 369 79.66 35.88 20.45
CA GLY F 369 80.26 34.71 21.06
C GLY F 369 80.50 33.60 20.05
N GLU F 370 81.11 32.53 20.55
CA GLU F 370 81.36 31.34 19.75
C GLU F 370 80.07 30.87 19.11
N GLY F 371 80.11 30.65 17.81
CA GLY F 371 78.95 30.18 17.08
C GLY F 371 78.05 31.26 16.55
N PHE F 372 78.07 32.45 17.15
CA PHE F 372 77.26 33.56 16.66
C PHE F 372 78.06 34.61 15.90
N ASP F 373 79.35 34.75 16.19
CA ASP F 373 80.13 35.82 15.58
C ASP F 373 80.26 35.68 14.07
N ASN F 374 80.10 34.47 13.53
CA ASN F 374 80.21 34.25 12.10
C ASN F 374 78.88 34.25 11.37
N GLY F 375 77.77 34.45 12.08
CA GLY F 375 76.45 34.49 11.47
C GLY F 375 75.80 35.85 11.59
N ALA F 376 74.76 36.04 10.79
CA ALA F 376 74.06 37.33 10.67
C ALA F 376 72.96 37.47 11.71
N TRP F 377 73.34 37.34 12.99
CA TRP F 377 72.36 37.31 14.06
C TRP F 377 72.02 38.69 14.58
N VAL F 378 70.73 38.90 14.83
CA VAL F 378 70.20 40.05 15.55
C VAL F 378 69.34 39.53 16.70
N ALA F 379 69.53 40.09 17.88
CA ALA F 379 68.77 39.66 19.04
C ALA F 379 67.28 39.98 18.86
N PRO F 380 66.39 39.14 19.39
CA PRO F 380 64.96 39.50 19.39
C PRO F 380 64.79 40.82 20.11
N THR F 381 64.16 41.78 19.43
CA THR F 381 64.13 43.15 19.88
C THR F 381 62.69 43.64 20.01
N VAL F 382 62.41 44.34 21.11
CA VAL F 382 61.11 44.92 21.37
C VAL F 382 61.29 46.38 21.75
N PHE F 383 60.61 47.26 21.02
CA PHE F 383 60.51 48.66 21.38
C PHE F 383 59.13 48.92 21.97
N THR F 384 59.06 49.81 22.95
CA THR F 384 57.80 50.25 23.51
C THR F 384 57.86 51.76 23.68
N ASP F 385 56.78 52.33 24.24
CA ASP F 385 56.60 53.78 24.26
C ASP F 385 56.62 54.35 22.84
N CYS F 386 56.15 53.56 21.87
CA CYS F 386 56.22 53.95 20.47
C CYS F 386 55.09 54.92 20.10
N THR F 387 55.36 55.76 19.11
CA THR F 387 54.35 56.65 18.55
C THR F 387 54.26 56.45 17.04
N ASP F 388 53.13 56.88 16.47
CA ASP F 388 52.77 56.52 15.11
C ASP F 388 53.70 57.14 14.07
N ASP F 389 54.41 58.22 14.44
CA ASP F 389 55.31 58.93 13.54
C ASP F 389 56.72 58.37 13.52
N MET F 390 57.02 57.39 14.37
CA MET F 390 58.36 56.83 14.40
C MET F 390 58.64 55.98 13.16
N THR F 391 59.89 56.02 12.70
CA THR F 391 60.29 55.26 11.53
C THR F 391 60.04 53.77 11.72
N ILE F 392 60.36 53.23 12.91
CA ILE F 392 60.16 51.81 13.14
C ILE F 392 58.68 51.43 13.17
N VAL F 393 57.78 52.39 13.41
CA VAL F 393 56.36 52.10 13.41
C VAL F 393 55.79 52.22 12.00
N ARG F 394 56.34 53.12 11.18
CA ARG F 394 55.80 53.39 9.86
C ARG F 394 56.29 52.43 8.78
N GLU F 395 57.49 51.87 8.93
CA GLU F 395 58.14 51.14 7.84
C GLU F 395 58.34 49.69 8.18
N GLU F 396 58.21 48.83 7.17
CA GLU F 396 58.49 47.42 7.38
C GLU F 396 59.98 47.20 7.59
N ILE F 397 60.32 46.54 8.69
CA ILE F 397 61.71 46.27 9.05
C ILE F 397 62.17 44.92 8.53
N PHE F 398 61.28 43.91 8.58
CA PHE F 398 61.60 42.56 8.13
C PHE F 398 62.71 41.94 8.96
N GLY F 399 62.72 42.26 10.24
CA GLY F 399 63.60 41.62 11.19
C GLY F 399 62.85 41.46 12.49
N PRO F 400 63.52 40.92 13.50
CA PRO F 400 62.85 40.61 14.78
C PRO F 400 62.72 41.85 15.65
N VAL F 401 61.79 42.73 15.27
CA VAL F 401 61.62 44.01 15.95
C VAL F 401 60.13 44.29 16.13
N MET F 402 59.64 44.11 17.35
CA MET F 402 58.27 44.40 17.71
C MET F 402 58.14 45.82 18.22
N SER F 403 57.09 46.52 17.79
CA SER F 403 56.76 47.85 18.28
C SER F 403 55.44 47.80 19.06
N ILE F 404 55.51 48.16 20.34
CA ILE F 404 54.34 48.16 21.21
C ILE F 404 53.81 49.59 21.34
N LEU F 405 52.52 49.77 21.06
CA LEU F 405 51.86 51.07 21.04
C LEU F 405 50.67 51.00 21.99
N SER F 406 50.50 52.00 22.86
CA SER F 406 49.34 52.02 23.73
C SER F 406 48.20 52.80 23.08
N TYR F 407 46.98 52.44 23.46
CA TYR F 407 45.79 53.14 22.98
C TYR F 407 44.74 53.19 24.08
N ASP F 408 43.77 54.09 23.90
CA ASP F 408 42.72 54.37 24.87
C ASP F 408 41.35 53.81 24.49
N ASP F 409 40.95 53.86 23.22
CA ASP F 409 39.60 53.43 22.87
C ASP F 409 39.56 52.76 21.51
N GLU F 410 38.42 52.11 21.24
CA GLU F 410 38.28 51.26 20.06
C GLU F 410 38.30 52.07 18.76
N ALA F 411 37.56 53.18 18.71
CA ALA F 411 37.59 53.98 17.49
C ALA F 411 39.00 54.46 17.17
N GLU F 412 39.75 54.85 18.21
CA GLU F 412 41.12 55.30 18.04
C GLU F 412 42.00 54.20 17.44
N VAL F 413 41.92 52.99 17.99
CA VAL F 413 42.86 51.95 17.56
C VAL F 413 42.52 51.50 16.14
N ILE F 414 41.25 51.53 15.77
CA ILE F 414 40.89 51.20 14.40
C ILE F 414 41.46 52.25 13.44
N ARG F 415 41.31 53.53 13.76
CA ARG F 415 41.87 54.58 12.92
C ARG F 415 43.38 54.39 12.74
N ARG F 416 44.08 54.17 13.85
CA ARG F 416 45.52 54.08 13.82
C ARG F 416 45.98 52.80 13.14
N ALA F 417 45.26 51.70 13.35
CA ALA F 417 45.60 50.46 12.64
C ALA F 417 45.51 50.67 11.13
N ASN F 418 44.51 51.42 10.67
CA ASN F 418 44.29 51.64 9.25
C ASN F 418 45.12 52.77 8.66
N ALA F 419 45.76 53.59 9.49
CA ALA F 419 46.47 54.79 9.01
C ALA F 419 47.86 54.41 8.52
N THR F 420 47.87 53.70 7.40
CA THR F 420 49.08 53.19 6.78
C THR F 420 48.70 52.87 5.35
N GLU F 421 49.69 52.99 4.46
CA GLU F 421 49.50 52.55 3.08
C GLU F 421 49.57 51.05 2.92
N TYR F 422 50.15 50.37 3.93
CA TYR F 422 50.19 48.91 3.91
C TYR F 422 48.79 48.38 4.20
N GLY F 423 48.60 47.09 3.96
CA GLY F 423 47.32 46.48 4.20
C GLY F 423 47.33 44.99 4.02
N LEU F 424 48.38 44.34 4.49
CA LEU F 424 48.51 42.91 4.24
C LEU F 424 47.68 42.09 5.22
N ALA F 425 48.01 42.18 6.52
CA ALA F 425 47.34 41.37 7.53
C ALA F 425 46.94 42.24 8.72
N ALA F 426 46.21 41.61 9.64
CA ALA F 426 45.76 42.25 10.87
C ALA F 426 45.19 41.18 11.79
N GLY F 427 45.04 41.51 13.06
CA GLY F 427 44.38 40.58 13.95
C GLY F 427 43.87 41.25 15.21
N VAL F 428 42.98 40.54 15.90
CA VAL F 428 42.43 41.04 17.16
C VAL F 428 42.44 39.90 18.17
N VAL F 429 42.70 40.24 19.43
CA VAL F 429 42.62 39.30 20.55
C VAL F 429 41.49 39.78 21.45
N THR F 430 40.40 39.01 21.50
CA THR F 430 39.27 39.35 22.36
C THR F 430 38.39 38.13 22.49
N PRO F 431 37.86 37.83 23.67
CA PRO F 431 36.86 36.76 23.80
C PRO F 431 35.45 37.20 23.42
N ASP F 432 35.23 38.48 23.15
CA ASP F 432 33.88 38.99 22.94
C ASP F 432 33.46 38.79 21.48
N LEU F 433 32.30 38.17 21.29
CA LEU F 433 31.77 37.92 19.95
C LEU F 433 31.66 39.20 19.14
N ASN F 434 30.95 40.20 19.68
CA ASN F 434 30.69 41.40 18.91
C ASN F 434 31.98 42.15 18.64
N ARG F 435 32.85 42.25 19.65
CA ARG F 435 34.10 42.99 19.47
C ARG F 435 34.95 42.38 18.36
N ALA F 436 35.09 41.05 18.35
CA ALA F 436 35.98 40.42 17.38
C ALA F 436 35.52 40.70 15.95
N HIS F 437 34.26 40.41 15.64
CA HIS F 437 33.79 40.61 14.28
C HIS F 437 33.70 42.10 13.93
N ARG F 438 33.21 42.92 14.86
CA ARG F 438 33.03 44.35 14.60
C ARG F 438 34.36 45.02 14.27
N ILE F 439 35.42 44.72 15.03
CA ILE F 439 36.71 45.33 14.76
C ILE F 439 37.28 44.81 13.45
N ILE F 440 37.28 43.50 13.27
CA ILE F 440 37.93 42.91 12.11
C ILE F 440 37.27 43.43 10.82
N HIS F 441 35.95 43.60 10.82
CA HIS F 441 35.28 44.06 9.60
C HIS F 441 35.71 45.47 9.21
N GLN F 442 36.22 46.25 10.16
CA GLN F 442 36.63 47.62 9.86
C GLN F 442 38.10 47.74 9.50
N LEU F 443 38.89 46.68 9.59
CA LEU F 443 40.32 46.80 9.31
C LEU F 443 40.58 46.64 7.81
N GLU F 444 41.53 47.43 7.31
CA GLU F 444 41.89 47.46 5.89
C GLU F 444 43.08 46.54 5.62
N ALA F 445 42.80 45.24 5.65
CA ALA F 445 43.79 44.20 5.45
C ALA F 445 43.12 42.99 4.83
N GLY F 446 43.88 42.25 4.01
CA GLY F 446 43.34 41.09 3.33
C GLY F 446 43.34 39.81 4.13
N ILE F 447 44.16 39.74 5.18
CA ILE F 447 44.39 38.51 5.95
C ILE F 447 44.17 38.87 7.41
N CYS F 448 43.08 38.37 8.02
CA CYS F 448 42.73 38.78 9.38
C CYS F 448 42.58 37.57 10.29
N TRP F 449 43.24 37.64 11.45
CA TRP F 449 43.24 36.55 12.42
C TRP F 449 42.58 36.99 13.71
N ILE F 450 41.64 36.17 14.20
CA ILE F 450 41.00 36.37 15.50
C ILE F 450 41.53 35.32 16.47
N ASN F 451 42.18 35.79 17.53
CA ASN F 451 42.69 34.95 18.61
C ASN F 451 43.71 33.91 18.12
N SER F 452 44.50 34.32 17.12
CA SER F 452 45.57 33.49 16.57
CA SER F 452 45.54 33.48 16.53
C SER F 452 46.43 34.38 15.67
N TRP F 453 47.44 33.78 15.07
CA TRP F 453 48.25 34.48 14.07
C TRP F 453 48.96 33.44 13.23
N GLY F 454 49.01 33.68 11.92
CA GLY F 454 49.99 33.02 11.07
C GLY F 454 49.50 31.83 10.28
N GLU F 455 48.37 31.22 10.63
CA GLU F 455 47.91 30.07 9.88
C GLU F 455 47.38 30.54 8.53
N SER F 456 47.76 29.83 7.47
CA SER F 456 47.43 30.23 6.09
C SER F 456 46.94 29.00 5.33
N PRO F 457 45.71 28.56 5.62
CA PRO F 457 45.21 27.35 4.94
C PRO F 457 45.20 27.49 3.42
N ALA F 458 45.43 26.37 2.75
CA ALA F 458 45.42 26.38 1.28
C ALA F 458 44.10 26.91 0.74
N GLU F 459 43.00 26.68 1.46
CA GLU F 459 41.67 27.12 1.05
C GLU F 459 41.48 28.62 1.16
N MET F 460 42.36 29.31 1.88
CA MET F 460 42.10 30.67 2.30
C MET F 460 42.84 31.66 1.41
N PRO F 461 42.15 32.47 0.60
CA PRO F 461 42.87 33.47 -0.21
C PRO F 461 43.62 34.47 0.65
N VAL F 462 44.83 34.80 0.22
CA VAL F 462 45.70 35.70 0.98
C VAL F 462 46.37 36.69 0.03
N GLY F 463 46.38 37.95 0.45
CA GLY F 463 47.05 39.01 -0.28
C GLY F 463 46.65 40.33 0.33
N GLY F 464 47.19 41.39 -0.26
CA GLY F 464 47.15 42.69 0.37
C GLY F 464 46.12 43.66 -0.18
N TYR F 465 45.62 44.51 0.72
CA TYR F 465 44.99 45.77 0.39
C TYR F 465 46.06 46.83 0.10
N LYS F 466 45.66 47.90 -0.57
CA LYS F 466 46.44 49.13 -0.72
C LYS F 466 47.82 48.78 -1.28
N HIS F 467 48.92 49.25 -0.69
CA HIS F 467 50.23 49.03 -1.28
C HIS F 467 50.81 47.67 -0.97
N SER F 468 50.09 46.80 -0.26
CA SER F 468 50.64 45.50 0.08
C SER F 468 50.42 44.44 -0.98
N GLY F 469 49.64 44.71 -2.03
CA GLY F 469 49.54 43.70 -3.06
C GLY F 469 48.51 44.01 -4.13
N ILE F 470 48.58 43.18 -5.18
CA ILE F 470 47.59 43.08 -6.24
C ILE F 470 47.22 41.61 -6.35
N GLY F 471 45.94 41.30 -6.34
CA GLY F 471 45.52 39.93 -6.49
C GLY F 471 45.71 39.13 -5.22
N ARG F 472 45.55 37.82 -5.36
CA ARG F 472 45.58 36.92 -4.22
C ARG F 472 46.31 35.65 -4.60
N GLU F 473 46.72 34.91 -3.57
CA GLU F 473 47.20 33.54 -3.69
C GLU F 473 46.36 32.63 -2.79
N ASN F 474 46.36 31.35 -3.15
CA ASN F 474 45.60 30.30 -2.48
C ASN F 474 44.10 30.46 -2.67
N GLY F 475 43.33 29.46 -2.24
CA GLY F 475 41.91 29.44 -2.46
C GLY F 475 41.53 29.08 -3.89
N VAL F 476 40.24 28.77 -4.07
CA VAL F 476 39.73 28.46 -5.40
CA VAL F 476 39.73 28.45 -5.40
C VAL F 476 39.97 29.61 -6.36
N MET F 477 39.90 30.85 -5.86
CA MET F 477 39.97 31.99 -6.77
C MET F 477 41.33 32.07 -7.45
N THR F 478 42.37 31.56 -6.83
CA THR F 478 43.68 31.69 -7.45
C THR F 478 43.87 30.68 -8.58
N LEU F 479 43.22 29.51 -8.51
CA LEU F 479 43.20 28.61 -9.65
C LEU F 479 42.54 29.30 -10.84
N GLN F 480 41.40 29.95 -10.59
CA GLN F 480 40.69 30.66 -11.65
C GLN F 480 41.49 31.83 -12.18
N SER F 481 42.24 32.51 -11.31
CA SER F 481 43.01 33.66 -11.76
C SER F 481 44.24 33.28 -12.59
N TYR F 482 44.60 32.00 -12.66
CA TYR F 482 45.61 31.56 -13.60
C TYR F 482 45.00 31.02 -14.89
N THR F 483 43.71 31.28 -15.11
CA THR F 483 43.08 31.09 -16.41
C THR F 483 42.60 32.45 -16.92
N GLN F 484 42.28 32.49 -18.21
CA GLN F 484 41.65 33.65 -18.82
C GLN F 484 40.32 33.21 -19.41
N VAL F 485 39.34 34.07 -19.31
CA VAL F 485 37.99 33.74 -19.73
C VAL F 485 37.85 34.05 -21.20
N LYS F 486 37.36 33.07 -21.97
CA LYS F 486 36.96 33.25 -23.36
C LYS F 486 35.44 33.10 -23.41
N SER F 487 34.75 34.12 -23.89
CA SER F 487 33.31 34.08 -24.08
C SER F 487 33.00 33.77 -25.53
N ILE F 488 32.09 32.82 -25.75
CA ILE F 488 31.77 32.32 -27.08
C ILE F 488 30.26 32.42 -27.23
N GLN F 489 29.80 33.19 -28.23
CA GLN F 489 28.38 33.27 -28.54
C GLN F 489 28.06 32.36 -29.73
N VAL F 490 27.10 31.47 -29.55
CA VAL F 490 26.55 30.66 -30.63
C VAL F 490 25.24 31.31 -31.09
N GLU F 491 25.24 31.88 -32.30
CA GLU F 491 24.04 32.46 -32.88
C GLU F 491 23.45 31.46 -33.86
N MET F 492 22.33 30.84 -33.48
CA MET F 492 21.66 29.89 -34.36
C MET F 492 20.55 30.52 -35.18
N GLY F 493 20.15 31.75 -34.88
CA GLY F 493 19.15 32.42 -35.67
C GLY F 493 19.81 33.15 -36.81
N PRO F 494 19.02 33.69 -37.74
CA PRO F 494 19.62 34.39 -38.89
C PRO F 494 20.19 35.74 -38.48
N PHE F 495 21.43 35.98 -38.86
CA PHE F 495 22.10 37.23 -38.50
C PHE F 495 21.57 38.38 -39.34
N GLN F 496 21.30 39.50 -38.70
CA GLN F 496 20.77 40.68 -39.37
C GLN F 496 21.85 41.73 -39.51
N SER F 497 22.17 42.11 -40.74
CA SER F 497 23.03 43.25 -40.99
C SER F 497 22.15 44.45 -41.28
N ILE F 498 22.58 45.63 -40.82
CA ILE F 498 21.87 46.85 -41.16
C ILE F 498 22.36 47.45 -42.47
N PHE F 499 23.35 46.85 -43.11
CA PHE F 499 23.88 47.40 -44.36
C PHE F 499 23.33 46.69 -45.60
N ARG G 12 33.33 -22.56 -5.74
CA ARG G 12 32.34 -22.11 -4.75
C ARG G 12 33.02 -21.28 -3.66
N MET G 13 32.60 -20.02 -3.53
CA MET G 13 33.19 -19.12 -2.56
C MET G 13 32.70 -19.46 -1.15
N ALA G 14 33.41 -18.93 -0.16
CA ALA G 14 32.97 -19.03 1.22
C ALA G 14 31.65 -18.28 1.41
N GLU G 15 30.91 -18.67 2.45
CA GLU G 15 29.68 -17.96 2.78
C GLU G 15 30.01 -16.52 3.08
N GLN G 16 29.31 -15.60 2.40
CA GLN G 16 29.59 -14.18 2.47
C GLN G 16 28.85 -13.56 3.64
N GLN G 17 29.54 -12.77 4.46
CA GLN G 17 28.96 -12.20 5.66
C GLN G 17 28.62 -10.73 5.45
N LEU G 18 28.01 -10.13 6.47
CA LEU G 18 27.81 -8.69 6.45
C LEU G 18 29.14 -8.00 6.71
N TYR G 19 29.24 -6.72 6.35
CA TYR G 19 30.42 -5.92 6.66
C TYR G 19 29.93 -4.74 7.51
N ILE G 20 30.26 -4.77 8.80
CA ILE G 20 29.82 -3.76 9.76
C ILE G 20 31.02 -3.40 10.62
N HIS G 21 31.36 -2.11 10.66
CA HIS G 21 32.39 -1.57 11.52
C HIS G 21 33.78 -2.17 11.24
N GLY G 22 34.16 -2.19 9.97
CA GLY G 22 35.51 -2.55 9.61
C GLY G 22 35.83 -4.02 9.66
N LYS G 23 34.83 -4.89 9.65
CA LYS G 23 35.10 -6.31 9.65
C LYS G 23 33.85 -7.04 9.14
N PHE G 24 34.06 -8.25 8.66
CA PHE G 24 32.94 -9.13 8.35
C PHE G 24 32.36 -9.67 9.65
N VAL G 25 31.04 -9.73 9.71
CA VAL G 25 30.32 -10.17 10.90
C VAL G 25 29.13 -11.02 10.47
N ALA G 26 28.82 -12.04 11.25
CA ALA G 26 27.66 -12.86 10.93
C ALA G 26 26.37 -12.06 11.10
N ALA G 27 25.47 -12.22 10.15
CA ALA G 27 24.13 -11.68 10.31
C ALA G 27 23.42 -12.39 11.46
N THR G 28 22.44 -11.70 12.07
CA THR G 28 21.62 -12.30 13.10
C THR G 28 20.24 -12.69 12.58
N SER G 29 20.01 -12.58 11.27
CA SER G 29 18.69 -12.93 10.74
C SER G 29 18.45 -14.43 10.69
N GLY G 30 19.50 -15.23 10.61
CA GLY G 30 19.35 -16.64 10.33
C GLY G 30 18.99 -16.95 8.89
N LYS G 31 19.08 -15.96 8.02
CA LYS G 31 18.63 -16.12 6.64
C LYS G 31 19.81 -16.03 5.69
N THR G 32 19.71 -16.81 4.60
CA THR G 32 20.71 -16.74 3.56
C THR G 32 20.03 -16.76 2.20
N PHE G 33 20.79 -16.34 1.19
CA PHE G 33 20.39 -16.48 -0.20
C PHE G 33 21.64 -16.85 -1.00
N GLU G 34 21.42 -17.20 -2.26
CA GLU G 34 22.51 -17.58 -3.15
C GLU G 34 22.62 -16.58 -4.31
N THR G 35 23.84 -16.32 -4.74
CA THR G 35 24.07 -15.64 -6.00
C THR G 35 24.66 -16.63 -7.00
N ILE G 36 24.18 -16.53 -8.25
CA ILE G 36 24.44 -17.44 -9.36
C ILE G 36 25.38 -16.79 -10.36
N ASN G 37 26.14 -17.63 -11.07
CA ASN G 37 26.88 -17.23 -12.26
C ASN G 37 25.90 -17.30 -13.43
N PRO G 38 25.49 -16.15 -14.00
CA PRO G 38 24.44 -16.20 -15.04
C PRO G 38 24.84 -16.89 -16.32
N ALA G 39 26.14 -17.11 -16.54
CA ALA G 39 26.57 -17.84 -17.73
C ALA G 39 26.47 -19.35 -17.57
N THR G 40 26.47 -19.86 -16.33
CA THR G 40 26.52 -21.30 -16.12
C THR G 40 25.41 -21.85 -15.24
N GLY G 41 24.72 -21.02 -14.47
CA GLY G 41 23.76 -21.52 -13.51
C GLY G 41 24.37 -22.02 -12.22
N GLU G 42 25.70 -22.00 -12.08
CA GLU G 42 26.32 -22.50 -10.87
C GLU G 42 26.19 -21.49 -9.74
N VAL G 43 26.11 -22.00 -8.51
CA VAL G 43 26.09 -21.15 -7.33
C VAL G 43 27.49 -20.60 -7.09
N LEU G 44 27.60 -19.27 -7.04
CA LEU G 44 28.86 -18.61 -6.70
C LEU G 44 29.08 -18.58 -5.21
N ALA G 45 28.06 -18.23 -4.44
CA ALA G 45 28.22 -18.09 -3.01
C ALA G 45 26.88 -18.17 -2.33
N THR G 46 26.91 -18.67 -1.10
CA THR G 46 25.85 -18.41 -0.13
C THR G 46 26.12 -17.06 0.51
N VAL G 47 25.08 -16.26 0.66
CA VAL G 47 25.22 -14.90 1.17
C VAL G 47 24.25 -14.72 2.34
N GLN G 48 24.74 -14.13 3.42
CA GLN G 48 23.89 -13.83 4.57
C GLN G 48 23.06 -12.58 4.33
N ALA G 49 21.85 -12.59 4.88
CA ALA G 49 20.91 -11.49 4.72
C ALA G 49 20.78 -10.70 6.01
N ALA G 50 20.96 -9.39 5.92
CA ALA G 50 20.86 -8.53 7.11
C ALA G 50 19.42 -8.45 7.60
N GLY G 51 19.23 -8.71 8.91
CA GLY G 51 17.93 -8.53 9.52
C GLY G 51 17.76 -7.14 10.13
N ARG G 52 16.63 -6.96 10.81
CA ARG G 52 16.32 -5.66 11.37
C ARG G 52 17.35 -5.25 12.42
N GLU G 53 17.76 -6.18 13.27
CA GLU G 53 18.79 -5.86 14.27
C GLU G 53 20.13 -5.57 13.60
N ASP G 54 20.44 -6.29 12.52
CA ASP G 54 21.66 -6.02 11.78
C ASP G 54 21.66 -4.59 11.23
N VAL G 55 20.51 -4.12 10.74
CA VAL G 55 20.43 -2.75 10.24
C VAL G 55 20.61 -1.76 11.38
N ASP G 56 19.98 -2.00 12.53
CA ASP G 56 20.18 -1.13 13.67
CA ASP G 56 20.18 -1.10 13.66
C ASP G 56 21.64 -1.08 14.08
N ARG G 57 22.30 -2.24 14.10
CA ARG G 57 23.71 -2.31 14.47
C ARG G 57 24.57 -1.55 13.45
N ALA G 58 24.25 -1.69 12.17
CA ALA G 58 25.00 -0.97 11.15
C ALA G 58 24.81 0.54 11.30
N VAL G 59 23.61 0.98 11.69
CA VAL G 59 23.38 2.40 11.87
C VAL G 59 24.19 2.93 13.04
N LYS G 60 24.19 2.21 14.16
CA LYS G 60 24.97 2.69 15.30
C LYS G 60 26.46 2.69 15.00
N SER G 61 26.92 1.68 14.24
CA SER G 61 28.31 1.69 13.78
C SER G 61 28.58 2.90 12.90
N ALA G 62 27.67 3.20 11.97
CA ALA G 62 27.85 4.33 11.06
C ALA G 62 27.87 5.66 11.82
N GLN G 63 27.02 5.79 12.84
CA GLN G 63 27.01 7.02 13.61
C GLN G 63 28.36 7.25 14.28
N GLN G 64 28.95 6.18 14.81
CA GLN G 64 30.23 6.29 15.49
C GLN G 64 31.34 6.62 14.51
N GLY G 65 31.38 5.92 13.37
CA GLY G 65 32.41 6.20 12.38
C GLY G 65 32.27 7.57 11.73
N GLN G 66 31.03 7.99 11.49
CA GLN G 66 30.81 9.29 10.87
C GLN G 66 31.41 10.41 11.72
N LYS G 67 31.31 10.29 13.04
CA LYS G 67 31.87 11.33 13.90
C LYS G 67 33.39 11.43 13.74
N VAL G 68 34.07 10.29 13.75
CA VAL G 68 35.51 10.28 13.53
C VAL G 68 35.84 10.88 12.16
N TRP G 69 35.11 10.43 11.14
CA TRP G 69 35.38 10.84 9.76
C TRP G 69 35.19 12.33 9.55
N ALA G 70 34.11 12.90 10.07
CA ALA G 70 33.81 14.30 9.87
C ALA G 70 34.73 15.22 10.65
N ALA G 71 35.32 14.71 11.74
CA ALA G 71 36.23 15.50 12.57
C ALA G 71 37.62 15.61 11.96
N MET G 72 37.98 14.70 11.07
CA MET G 72 39.22 14.77 10.32
C MET G 72 39.28 16.05 9.51
N SER G 73 40.50 16.43 9.11
CA SER G 73 40.65 17.52 8.16
C SER G 73 40.14 17.09 6.80
N ALA G 74 39.80 18.09 5.98
CA ALA G 74 39.35 17.81 4.62
C ALA G 74 40.41 17.02 3.85
N MET G 75 41.68 17.43 3.98
CA MET G 75 42.70 16.77 3.19
C MET G 75 42.97 15.35 3.72
N ALA G 76 42.79 15.12 5.02
CA ALA G 76 42.93 13.76 5.54
C ALA G 76 41.87 12.83 4.94
N ARG G 77 40.64 13.33 4.78
CA ARG G 77 39.61 12.54 4.10
C ARG G 77 40.00 12.31 2.65
N SER G 78 40.45 13.36 1.96
CA SER G 78 40.84 13.27 0.57
C SER G 78 41.92 12.19 0.36
N ARG G 79 42.93 12.17 1.22
CA ARG G 79 44.01 11.21 1.06
C ARG G 79 43.53 9.77 1.22
N ILE G 80 42.59 9.54 2.15
CA ILE G 80 42.07 8.19 2.36
C ILE G 80 41.29 7.73 1.14
N LEU G 81 40.42 8.58 0.58
CA LEU G 81 39.69 8.17 -0.61
C LEU G 81 40.65 7.96 -1.77
N ARG G 82 41.73 8.75 -1.86
CA ARG G 82 42.73 8.57 -2.92
C ARG G 82 43.49 7.25 -2.75
N LYS G 83 43.74 6.83 -1.51
CA LYS G 83 44.36 5.53 -1.30
C LYS G 83 43.45 4.41 -1.80
N ALA G 84 42.15 4.54 -1.58
CA ALA G 84 41.19 3.56 -2.08
C ALA G 84 41.16 3.54 -3.61
N VAL G 85 41.24 4.72 -4.23
CA VAL G 85 41.38 4.75 -5.69
C VAL G 85 42.61 3.94 -6.14
N ASP G 86 43.76 4.17 -5.49
CA ASP G 86 44.97 3.45 -5.90
C ASP G 86 44.78 1.93 -5.84
N ILE G 87 44.13 1.46 -4.77
CA ILE G 87 43.86 0.04 -4.63
C ILE G 87 42.91 -0.44 -5.73
N LEU G 88 41.87 0.34 -6.01
CA LEU G 88 40.94 -0.03 -7.08
C LEU G 88 41.65 -0.13 -8.43
N ARG G 89 42.60 0.77 -8.71
CA ARG G 89 43.33 0.65 -9.96
C ARG G 89 44.13 -0.64 -10.00
N GLU G 90 44.80 -0.97 -8.90
CA GLU G 90 45.64 -2.16 -8.85
C GLU G 90 44.79 -3.44 -8.97
N ARG G 91 43.61 -3.45 -8.38
CA ARG G 91 42.77 -4.64 -8.39
C ARG G 91 41.74 -4.63 -9.50
N ASN G 92 41.87 -3.72 -10.45
CA ASN G 92 40.86 -3.58 -11.50
C ASN G 92 40.49 -4.93 -12.11
N ASP G 93 41.50 -5.71 -12.55
CA ASP G 93 41.18 -6.93 -13.30
C ASP G 93 40.55 -8.00 -12.41
N GLU G 94 41.05 -8.15 -11.19
CA GLU G 94 40.46 -9.11 -10.25
C GLU G 94 39.02 -8.74 -9.94
N LEU G 95 38.75 -7.46 -9.69
CA LEU G 95 37.37 -7.05 -9.41
C LEU G 95 36.49 -7.22 -10.64
N ALA G 96 37.01 -6.93 -11.83
CA ALA G 96 36.23 -7.08 -13.05
C ALA G 96 35.86 -8.54 -13.29
N ARG G 97 36.79 -9.46 -13.02
CA ARG G 97 36.48 -10.87 -13.22
C ARG G 97 35.40 -11.32 -12.25
N LEU G 98 35.47 -10.88 -10.99
CA LEU G 98 34.40 -11.20 -10.06
C LEU G 98 33.07 -10.60 -10.55
N GLU G 99 33.10 -9.36 -11.05
CA GLU G 99 31.88 -8.74 -11.54
C GLU G 99 31.33 -9.51 -12.74
N THR G 100 32.21 -9.98 -13.62
CA THR G 100 31.76 -10.80 -14.76
C THR G 100 31.09 -12.08 -14.27
N LEU G 101 31.66 -12.73 -13.25
CA LEU G 101 31.08 -13.95 -12.70
C LEU G 101 29.69 -13.68 -12.11
N ASP G 102 29.51 -12.54 -11.45
CA ASP G 102 28.28 -12.25 -10.73
C ASP G 102 27.18 -11.72 -11.65
N THR G 103 27.55 -11.02 -12.73
CA THR G 103 26.58 -10.34 -13.60
C THR G 103 26.40 -10.96 -14.97
N GLY G 104 27.37 -11.73 -15.46
CA GLY G 104 27.35 -12.19 -16.83
C GLY G 104 27.82 -11.18 -17.86
N LYS G 105 28.27 -10.02 -17.46
CA LYS G 105 28.76 -9.07 -18.45
C LYS G 105 30.18 -9.43 -18.90
N PRO G 106 30.48 -9.25 -20.18
CA PRO G 106 31.80 -9.64 -20.68
C PRO G 106 32.93 -8.94 -19.94
N LEU G 107 34.02 -9.67 -19.72
CA LEU G 107 35.21 -9.08 -19.11
C LEU G 107 35.72 -7.90 -19.92
N SER G 108 35.50 -7.93 -21.24
CA SER G 108 35.88 -6.80 -22.09
C SER G 108 35.17 -5.51 -21.67
N GLU G 109 33.99 -5.62 -21.06
CA GLU G 109 33.33 -4.46 -20.48
C GLU G 109 33.80 -4.20 -19.06
N THR G 110 33.72 -5.20 -18.19
CA THR G 110 33.94 -4.94 -16.76
C THR G 110 35.36 -4.50 -16.47
N ALA G 111 36.34 -5.01 -17.20
CA ALA G 111 37.72 -4.60 -16.98
C ALA G 111 38.07 -3.25 -17.59
N ALA G 112 37.20 -2.72 -18.45
CA ALA G 112 37.45 -1.43 -19.09
C ALA G 112 36.56 -0.32 -18.58
N VAL G 113 35.40 -0.62 -18.02
CA VAL G 113 34.40 0.38 -17.70
C VAL G 113 34.06 0.39 -16.22
N ASP G 114 33.65 -0.75 -15.68
CA ASP G 114 32.95 -0.77 -14.40
C ASP G 114 33.81 -0.22 -13.27
N ILE G 115 35.01 -0.77 -13.09
CA ILE G 115 35.86 -0.26 -12.04
C ILE G 115 36.56 1.02 -12.48
N VAL G 116 36.95 1.11 -13.75
CA VAL G 116 37.63 2.31 -14.21
C VAL G 116 36.80 3.54 -13.89
N THR G 117 35.49 3.52 -14.27
CA THR G 117 34.65 4.70 -14.12
C THR G 117 34.11 4.84 -12.71
N GLY G 118 33.96 3.73 -11.99
CA GLY G 118 33.65 3.83 -10.57
C GLY G 118 34.76 4.54 -9.81
N ALA G 119 36.00 4.10 -10.03
CA ALA G 119 37.13 4.75 -9.38
C ALA G 119 37.36 6.16 -9.89
N ASP G 120 37.05 6.44 -11.16
CA ASP G 120 37.15 7.80 -11.68
C ASP G 120 36.31 8.77 -10.84
N VAL G 121 35.11 8.35 -10.46
CA VAL G 121 34.21 9.21 -9.70
C VAL G 121 34.70 9.36 -8.26
N LEU G 122 35.19 8.27 -7.67
CA LEU G 122 35.78 8.38 -6.33
C LEU G 122 36.98 9.32 -6.35
N GLU G 123 37.83 9.19 -7.37
CA GLU G 123 39.01 10.04 -7.51
C GLU G 123 38.61 11.50 -7.68
N TYR G 124 37.59 11.75 -8.50
CA TYR G 124 37.07 13.10 -8.66
C TYR G 124 36.63 13.69 -7.33
N TYR G 125 35.75 13.00 -6.59
CA TYR G 125 35.24 13.60 -5.35
C TYR G 125 36.34 13.70 -4.28
N ALA G 126 37.28 12.77 -4.26
CA ALA G 126 38.39 12.88 -3.31
C ALA G 126 39.08 14.22 -3.45
N GLY G 127 39.30 14.67 -4.68
CA GLY G 127 39.99 15.93 -4.87
C GLY G 127 39.16 17.15 -4.54
N LEU G 128 37.82 17.03 -4.53
CA LEU G 128 36.95 18.18 -4.30
C LEU G 128 36.64 18.42 -2.82
N ILE G 129 36.98 17.50 -1.94
CA ILE G 129 36.60 17.67 -0.53
C ILE G 129 37.04 19.02 0.01
N PRO G 130 38.27 19.49 -0.23
CA PRO G 130 38.68 20.78 0.36
C PRO G 130 37.95 21.98 -0.24
N ALA G 131 37.24 21.81 -1.36
CA ALA G 131 36.55 22.92 -2.00
C ALA G 131 35.09 23.01 -1.59
N LEU G 132 34.66 22.15 -0.69
CA LEU G 132 33.30 22.19 -0.16
C LEU G 132 33.24 23.35 0.82
N GLU G 133 32.54 24.44 0.44
CA GLU G 133 32.51 25.67 1.21
C GLU G 133 31.06 26.12 1.43
N GLY G 134 30.81 26.80 2.55
CA GLY G 134 29.58 27.56 2.74
C GLY G 134 29.70 28.96 2.18
N SER G 135 28.78 29.82 2.60
CA SER G 135 28.71 31.19 2.12
CA SER G 135 28.73 31.20 2.12
C SER G 135 28.73 32.16 3.30
N GLN G 136 28.91 33.43 2.99
CA GLN G 136 28.77 34.52 3.96
C GLN G 136 28.06 35.67 3.27
N ILE G 137 27.06 36.22 3.95
CA ILE G 137 26.18 37.24 3.40
C ILE G 137 26.12 38.40 4.38
N PRO G 138 26.66 39.57 4.05
CA PRO G 138 26.52 40.72 4.97
C PRO G 138 25.11 41.27 4.85
N LEU G 139 24.47 41.52 5.99
CA LEU G 139 23.15 42.15 5.99
C LEU G 139 23.23 43.65 6.19
N ARG G 140 24.14 44.07 7.06
CA ARG G 140 24.30 45.45 7.52
C ARG G 140 25.57 45.45 8.37
N ASP G 141 26.05 46.64 8.75
CA ASP G 141 27.30 46.68 9.47
C ASP G 141 27.23 45.83 10.74
N SER G 142 26.05 45.73 11.35
CA SER G 142 25.90 45.07 12.64
C SER G 142 25.41 43.63 12.56
N SER G 143 25.28 43.05 11.37
CA SER G 143 24.81 41.67 11.30
C SER G 143 25.19 41.03 9.97
N PHE G 144 25.53 39.75 10.04
CA PHE G 144 25.83 38.97 8.86
C PHE G 144 25.37 37.54 9.08
N VAL G 145 25.27 36.82 7.98
CA VAL G 145 24.89 35.42 7.94
C VAL G 145 26.07 34.62 7.38
N TYR G 146 26.31 33.43 7.91
CA TYR G 146 27.16 32.48 7.20
C TYR G 146 26.48 31.13 7.22
N THR G 147 26.82 30.30 6.23
CA THR G 147 26.24 28.98 6.12
C THR G 147 27.34 27.93 6.24
N ARG G 148 26.94 26.79 6.76
CA ARG G 148 27.77 25.61 6.82
C ARG G 148 27.10 24.54 5.98
N ARG G 149 27.91 23.79 5.25
CA ARG G 149 27.45 22.61 4.53
C ARG G 149 27.81 21.41 5.40
N GLU G 150 26.87 21.02 6.22
CA GLU G 150 27.16 19.96 7.18
C GLU G 150 26.81 18.59 6.60
N PRO G 151 27.51 17.55 7.05
CA PRO G 151 27.09 16.19 6.71
C PRO G 151 25.65 15.94 7.12
N LEU G 152 24.95 15.16 6.29
CA LEU G 152 23.65 14.64 6.68
C LEU G 152 23.75 13.66 7.83
N GLY G 153 24.87 12.96 7.93
CA GLY G 153 25.06 11.98 9.00
C GLY G 153 25.22 10.58 8.45
N VAL G 154 24.20 9.75 8.61
CA VAL G 154 24.19 8.40 8.06
C VAL G 154 23.22 8.38 6.88
N VAL G 155 23.71 7.96 5.73
CA VAL G 155 22.87 7.86 4.54
C VAL G 155 22.91 6.41 4.07
N ALA G 156 21.91 6.03 3.27
CA ALA G 156 21.84 4.67 2.74
C ALA G 156 21.81 4.69 1.22
N GLY G 157 22.56 3.77 0.62
CA GLY G 157 22.51 3.56 -0.82
C GLY G 157 21.98 2.16 -1.13
N ILE G 158 21.13 2.07 -2.15
CA ILE G 158 20.52 0.83 -2.60
C ILE G 158 20.91 0.66 -4.06
N GLY G 159 21.66 -0.39 -4.35
CA GLY G 159 22.24 -0.58 -5.66
C GLY G 159 21.40 -1.48 -6.56
N ALA G 160 21.73 -1.45 -7.84
CA ALA G 160 21.12 -2.31 -8.84
C ALA G 160 22.15 -3.31 -9.34
N TRP G 161 21.66 -4.28 -10.11
CA TRP G 161 22.49 -5.42 -10.49
C TRP G 161 23.24 -5.21 -11.80
N ASN G 162 22.96 -4.17 -12.58
CA ASN G 162 23.58 -4.14 -13.90
C ASN G 162 25.00 -3.60 -13.84
N TYR G 163 25.28 -2.67 -12.92
CA TYR G 163 26.63 -2.13 -12.71
C TYR G 163 26.92 -2.11 -11.21
N PRO G 164 27.10 -3.29 -10.59
CA PRO G 164 27.11 -3.35 -9.12
C PRO G 164 28.19 -2.51 -8.46
N ILE G 165 29.46 -2.70 -8.80
CA ILE G 165 30.46 -1.95 -8.06
C ILE G 165 30.52 -0.49 -8.55
N GLN G 166 30.23 -0.23 -9.82
CA GLN G 166 30.20 1.15 -10.29
C GLN G 166 29.17 1.95 -9.51
N ILE G 167 27.98 1.38 -9.34
CA ILE G 167 26.93 2.06 -8.58
C ILE G 167 27.34 2.24 -7.14
N ALA G 168 27.92 1.21 -6.54
CA ALA G 168 28.38 1.36 -5.15
C ALA G 168 29.36 2.52 -5.03
N LEU G 169 30.23 2.68 -6.03
CA LEU G 169 31.22 3.75 -6.01
C LEU G 169 30.58 5.11 -6.29
N TRP G 170 29.66 5.19 -7.26
CA TRP G 170 29.03 6.46 -7.56
C TRP G 170 28.14 6.98 -6.43
N LYS G 171 27.60 6.07 -5.62
CA LYS G 171 26.83 6.53 -4.46
C LYS G 171 27.75 6.82 -3.28
N SER G 172 28.69 5.93 -2.96
CA SER G 172 29.49 6.10 -1.77
C SER G 172 30.49 7.25 -1.90
N ALA G 173 31.02 7.50 -3.10
CA ALA G 173 32.07 8.52 -3.24
C ALA G 173 31.59 9.90 -2.83
N PRO G 174 30.50 10.45 -3.38
CA PRO G 174 30.06 11.78 -2.92
C PRO G 174 29.58 11.76 -1.48
N ALA G 175 28.93 10.68 -1.05
CA ALA G 175 28.45 10.60 0.32
C ALA G 175 29.60 10.66 1.32
N LEU G 176 30.63 9.85 1.10
CA LEU G 176 31.79 9.87 1.97
C LEU G 176 32.57 11.18 1.85
N ALA G 177 32.70 11.71 0.63
CA ALA G 177 33.45 12.95 0.45
C ALA G 177 32.77 14.13 1.14
N ALA G 178 31.45 14.09 1.28
CA ALA G 178 30.68 15.12 1.97
C ALA G 178 30.70 14.94 3.49
N GLY G 179 31.38 13.93 4.00
CA GLY G 179 31.52 13.75 5.43
C GLY G 179 30.53 12.79 6.05
N ASN G 180 29.77 12.06 5.25
CA ASN G 180 28.79 11.11 5.76
C ASN G 180 29.39 9.71 5.90
N ALA G 181 28.69 8.87 6.66
CA ALA G 181 28.82 7.43 6.55
C ALA G 181 27.67 6.92 5.69
N MET G 182 27.95 5.90 4.88
CA MET G 182 26.94 5.28 4.04
C MET G 182 26.78 3.81 4.39
N ILE G 183 25.53 3.36 4.55
CA ILE G 183 25.20 1.96 4.58
C ILE G 183 24.71 1.59 3.19
N PHE G 184 25.36 0.61 2.57
CA PHE G 184 25.06 0.24 1.19
C PHE G 184 24.45 -1.15 1.13
N LYS G 185 23.32 -1.26 0.44
CA LYS G 185 22.67 -2.54 0.22
C LYS G 185 22.80 -2.89 -1.26
N PRO G 186 23.61 -3.89 -1.63
CA PRO G 186 23.68 -4.29 -3.05
C PRO G 186 22.46 -5.09 -3.46
N SER G 187 22.24 -5.14 -4.77
CA SER G 187 21.20 -6.02 -5.30
C SER G 187 21.46 -7.46 -4.84
N GLU G 188 20.38 -8.16 -4.48
CA GLU G 188 20.55 -9.57 -4.13
C GLU G 188 21.03 -10.39 -5.31
N VAL G 189 20.89 -9.87 -6.53
CA VAL G 189 21.38 -10.60 -7.69
C VAL G 189 22.90 -10.55 -7.78
N THR G 190 23.52 -9.51 -7.21
CA THR G 190 24.94 -9.22 -7.44
C THR G 190 25.56 -8.60 -6.20
N PRO G 191 25.68 -9.36 -5.11
CA PRO G 191 26.19 -8.78 -3.87
C PRO G 191 27.71 -8.75 -3.71
N LEU G 192 28.48 -9.36 -4.62
CA LEU G 192 29.84 -9.74 -4.26
C LEU G 192 30.84 -8.58 -4.30
N THR G 193 30.80 -7.75 -5.34
CA THR G 193 31.84 -6.71 -5.43
C THR G 193 31.66 -5.61 -4.39
N ALA G 194 30.42 -5.38 -3.92
CA ALA G 194 30.22 -4.39 -2.87
C ALA G 194 30.93 -4.79 -1.59
N LEU G 195 30.94 -6.10 -1.29
CA LEU G 195 31.66 -6.55 -0.11
C LEU G 195 33.16 -6.38 -0.30
N LYS G 196 33.68 -6.63 -1.51
CA LYS G 196 35.09 -6.36 -1.77
C LYS G 196 35.39 -4.88 -1.57
N LEU G 197 34.49 -4.01 -2.03
CA LEU G 197 34.71 -2.57 -1.89
C LEU G 197 34.82 -2.17 -0.44
N ALA G 198 34.01 -2.76 0.44
CA ALA G 198 34.08 -2.41 1.84
C ALA G 198 35.45 -2.73 2.41
N GLU G 199 36.02 -3.88 2.03
CA GLU G 199 37.36 -4.22 2.51
C GLU G 199 38.40 -3.24 1.99
N ILE G 200 38.26 -2.82 0.73
CA ILE G 200 39.20 -1.89 0.13
C ILE G 200 39.17 -0.55 0.86
N TYR G 201 37.97 -0.05 1.17
CA TYR G 201 37.89 1.21 1.90
C TYR G 201 38.61 1.12 3.24
N ARG G 202 38.43 0.02 3.97
CA ARG G 202 39.12 -0.11 5.25
C ARG G 202 40.63 -0.19 5.06
N GLU G 203 41.07 -0.95 4.06
CA GLU G 203 42.48 -1.06 3.76
C GLU G 203 43.09 0.30 3.48
N ALA G 204 42.30 1.21 2.90
CA ALA G 204 42.77 2.55 2.57
C ALA G 204 42.79 3.48 3.77
N GLY G 205 42.21 3.09 4.90
CA GLY G 205 42.17 3.91 6.09
C GLY G 205 40.83 4.53 6.42
N LEU G 206 39.76 4.11 5.77
CA LEU G 206 38.44 4.64 6.09
C LEU G 206 38.09 4.22 7.52
N PRO G 207 37.65 5.14 8.37
CA PRO G 207 37.33 4.75 9.74
C PRO G 207 36.25 3.67 9.78
N ASP G 208 36.34 2.79 10.76
CA ASP G 208 35.35 1.74 10.92
C ASP G 208 33.96 2.37 11.05
N GLY G 209 33.01 1.78 10.34
CA GLY G 209 31.63 2.22 10.35
C GLY G 209 31.24 3.15 9.23
N VAL G 210 32.21 3.75 8.53
CA VAL G 210 31.88 4.78 7.56
C VAL G 210 31.31 4.20 6.27
N PHE G 211 31.68 2.98 5.90
CA PHE G 211 31.07 2.28 4.77
C PHE G 211 30.78 0.84 5.23
N ASN G 212 29.51 0.58 5.50
CA ASN G 212 28.99 -0.73 5.90
C ASN G 212 28.19 -1.29 4.74
N VAL G 213 28.23 -2.61 4.56
CA VAL G 213 27.57 -3.26 3.42
C VAL G 213 26.65 -4.33 3.98
N LEU G 214 25.37 -4.24 3.61
CA LEU G 214 24.34 -5.16 4.09
C LEU G 214 23.67 -5.84 2.91
N PRO G 215 24.16 -7.00 2.49
CA PRO G 215 23.41 -7.82 1.53
C PRO G 215 22.07 -8.21 2.13
N GLY G 216 21.11 -8.49 1.24
CA GLY G 216 19.82 -8.94 1.67
C GLY G 216 18.83 -8.85 0.53
N ILE G 217 17.56 -9.08 0.87
CA ILE G 217 16.43 -8.99 -0.04
C ILE G 217 15.83 -7.58 0.03
N GLY G 218 15.18 -7.17 -1.06
CA GLY G 218 14.49 -5.88 -1.08
C GLY G 218 13.34 -5.81 -0.09
N ALA G 219 12.55 -6.87 -0.01
CA ALA G 219 11.39 -6.85 0.87
C ALA G 219 11.78 -6.72 2.34
N GLU G 220 13.05 -6.97 2.66
CA GLU G 220 13.52 -6.93 4.04
C GLU G 220 14.54 -5.82 4.25
N THR G 221 15.81 -6.15 3.98
CA THR G 221 16.91 -5.25 4.26
C THR G 221 16.67 -3.86 3.69
N GLY G 222 16.28 -3.77 2.42
CA GLY G 222 16.04 -2.47 1.83
C GLY G 222 14.98 -1.71 2.58
N GLN G 223 13.91 -2.40 2.97
CA GLN G 223 12.83 -1.76 3.70
C GLN G 223 13.27 -1.30 5.09
N TYR G 224 14.07 -2.11 5.78
CA TYR G 224 14.55 -1.69 7.11
C TYR G 224 15.35 -0.40 7.00
N LEU G 225 16.11 -0.23 5.93
CA LEU G 225 16.92 0.98 5.76
C LEU G 225 16.05 2.20 5.51
N THR G 226 15.04 2.06 4.64
CA THR G 226 14.18 3.18 4.34
C THR G 226 13.35 3.59 5.53
N GLU G 227 13.11 2.66 6.45
CA GLU G 227 12.28 2.93 7.61
C GLU G 227 13.06 3.50 8.79
N HIS G 228 14.38 3.35 8.80
CA HIS G 228 15.13 3.60 10.03
C HIS G 228 15.12 5.08 10.37
N PRO G 229 14.82 5.45 11.61
CA PRO G 229 14.69 6.87 11.94
C PRO G 229 15.98 7.66 11.91
N ASP G 230 17.16 7.01 11.97
CA ASP G 230 18.43 7.71 12.05
C ASP G 230 19.19 7.74 10.73
N ILE G 231 18.54 7.35 9.63
CA ILE G 231 19.10 7.50 8.29
C ILE G 231 18.51 8.76 7.67
N ALA G 232 19.39 9.63 7.18
CA ALA G 232 18.98 10.98 6.78
C ALA G 232 18.65 11.09 5.30
N LYS G 233 19.11 10.16 4.48
CA LYS G 233 18.91 10.21 3.04
C LYS G 233 19.01 8.80 2.46
N ILE G 234 18.19 8.52 1.45
CA ILE G 234 18.25 7.28 0.69
C ILE G 234 18.53 7.63 -0.76
N SER G 235 19.51 6.94 -1.35
CA SER G 235 19.80 7.04 -2.77
C SER G 235 19.58 5.68 -3.41
N PHE G 236 18.68 5.61 -4.40
CA PHE G 236 18.22 4.36 -4.97
C PHE G 236 18.46 4.36 -6.48
N THR G 237 18.98 3.24 -6.99
CA THR G 237 19.07 2.98 -8.43
C THR G 237 18.38 1.65 -8.71
N GLY G 238 17.47 1.65 -9.66
CA GLY G 238 16.72 0.43 -9.96
C GLY G 238 15.51 0.77 -10.81
N GLY G 239 14.55 -0.15 -10.78
CA GLY G 239 13.34 -0.03 -11.56
C GLY G 239 12.27 0.83 -10.90
N VAL G 240 11.40 1.39 -11.74
CA VAL G 240 10.34 2.28 -11.28
C VAL G 240 9.49 1.62 -10.21
N ALA G 241 9.23 0.32 -10.34
CA ALA G 241 8.37 -0.35 -9.37
C ALA G 241 8.99 -0.31 -7.97
N SER G 242 10.24 -0.76 -7.84
CA SER G 242 10.90 -0.70 -6.54
C SER G 242 11.09 0.75 -6.10
N GLY G 243 11.32 1.66 -7.05
CA GLY G 243 11.49 3.06 -6.68
C GLY G 243 10.29 3.65 -5.97
N LYS G 244 9.09 3.43 -6.54
CA LYS G 244 7.87 3.90 -5.89
C LYS G 244 7.75 3.34 -4.47
N LYS G 245 8.11 2.06 -4.29
CA LYS G 245 8.02 1.46 -2.96
C LYS G 245 9.02 2.11 -2.01
N VAL G 246 10.26 2.30 -2.47
CA VAL G 246 11.28 2.93 -1.61
C VAL G 246 10.87 4.35 -1.27
N MET G 247 10.33 5.08 -2.25
CA MET G 247 9.96 6.47 -2.01
C MET G 247 8.88 6.59 -0.94
N ALA G 248 7.89 5.71 -0.98
CA ALA G 248 6.80 5.75 0.00
C ALA G 248 7.31 5.52 1.42
N ASN G 249 8.09 4.44 1.61
CA ASN G 249 8.52 4.06 2.94
C ASN G 249 9.45 5.12 3.54
N SER G 250 10.29 5.74 2.72
CA SER G 250 11.19 6.78 3.22
C SER G 250 10.42 7.99 3.72
N ALA G 251 9.27 8.28 3.11
CA ALA G 251 8.44 9.39 3.58
C ALA G 251 7.68 9.00 4.83
N ALA G 252 6.94 7.88 4.78
CA ALA G 252 6.09 7.44 5.86
C ALA G 252 6.83 7.09 7.14
N SER G 253 8.17 7.13 7.13
CA SER G 253 8.96 6.73 8.28
C SER G 253 9.62 7.92 8.99
N SER G 254 10.63 8.55 8.37
CA SER G 254 11.34 9.62 9.06
C SER G 254 11.67 10.81 8.15
N LEU G 255 10.88 11.04 7.13
CA LEU G 255 11.15 12.12 6.19
C LEU G 255 12.62 12.22 5.83
N LYS G 256 13.04 11.42 4.88
CA LYS G 256 14.42 11.38 4.44
C LYS G 256 14.53 12.13 3.11
N GLU G 257 15.69 12.76 2.88
CA GLU G 257 16.01 13.22 1.53
C GLU G 257 16.12 12.00 0.62
N VAL G 258 15.86 12.18 -0.67
CA VAL G 258 15.81 11.05 -1.56
C VAL G 258 16.46 11.39 -2.89
N THR G 259 17.13 10.40 -3.47
CA THR G 259 17.63 10.45 -4.84
C THR G 259 17.20 9.16 -5.52
N MET G 260 16.75 9.26 -6.77
CA MET G 260 16.32 8.08 -7.51
C MET G 260 16.88 8.15 -8.93
N GLU G 261 17.57 7.10 -9.32
CA GLU G 261 18.08 6.91 -10.68
C GLU G 261 17.33 5.70 -11.24
N LEU G 262 16.38 5.96 -12.13
CA LEU G 262 15.49 4.93 -12.64
C LEU G 262 15.76 4.73 -14.14
N GLY G 263 14.88 4.00 -14.80
CA GLY G 263 15.06 3.63 -16.18
C GLY G 263 14.57 4.69 -17.15
N GLY G 264 14.58 4.33 -18.43
CA GLY G 264 14.13 5.24 -19.45
C GLY G 264 13.73 4.50 -20.72
N LYS G 265 13.30 5.30 -21.71
CA LYS G 265 13.06 4.83 -23.07
C LYS G 265 13.64 5.94 -23.98
N SER G 266 14.94 6.05 -23.96
CA SER G 266 15.63 7.24 -24.45
C SER G 266 15.64 7.26 -25.98
N PRO G 267 15.37 8.42 -26.59
CA PRO G 267 15.37 8.49 -28.05
C PRO G 267 16.73 8.87 -28.62
N LEU G 268 17.08 8.22 -29.71
CA LEU G 268 18.23 8.56 -30.53
C LEU G 268 17.68 9.08 -31.85
N ILE G 269 17.96 10.35 -32.14
CA ILE G 269 17.43 11.02 -33.31
C ILE G 269 18.52 11.10 -34.36
N ILE G 270 18.33 10.41 -35.47
CA ILE G 270 19.23 10.47 -36.62
C ILE G 270 18.70 11.55 -37.56
N ALA G 271 19.49 12.59 -37.80
CA ALA G 271 19.03 13.68 -38.66
C ALA G 271 19.22 13.33 -40.13
N GLU G 272 18.60 14.15 -40.98
CA GLU G 272 18.65 13.92 -42.42
C GLU G 272 20.06 14.08 -43.00
N ASP G 273 20.96 14.76 -42.30
CA ASP G 273 22.30 14.99 -42.82
C ASP G 273 23.35 14.12 -42.13
N ALA G 274 22.93 13.13 -41.37
CA ALA G 274 23.83 12.28 -40.62
C ALA G 274 24.54 11.30 -41.52
N ASN G 275 25.83 11.07 -41.24
CA ASN G 275 26.52 9.92 -41.82
C ASN G 275 25.92 8.65 -41.23
N LEU G 276 25.47 7.74 -42.09
CA LEU G 276 24.72 6.59 -41.58
C LEU G 276 25.62 5.51 -40.99
N ASP G 277 26.91 5.47 -41.34
CA ASP G 277 27.83 4.59 -40.63
C ASP G 277 28.01 5.06 -39.19
N LEU G 278 28.19 6.36 -39.00
CA LEU G 278 28.25 6.93 -37.66
C LEU G 278 26.95 6.68 -36.90
N ALA G 279 25.81 6.96 -37.55
CA ALA G 279 24.51 6.75 -36.90
C ALA G 279 24.34 5.30 -36.47
N ALA G 280 24.73 4.37 -37.33
CA ALA G 280 24.57 2.96 -37.01
C ALA G 280 25.49 2.55 -35.86
N ASP G 281 26.73 3.04 -35.86
CA ASP G 281 27.66 2.76 -34.76
C ASP G 281 27.12 3.28 -33.44
N ILE G 282 26.57 4.50 -33.44
CA ILE G 282 25.99 5.06 -32.22
C ILE G 282 24.80 4.23 -31.78
N ALA G 283 23.90 3.87 -32.71
CA ALA G 283 22.74 3.07 -32.36
C ALA G 283 23.15 1.71 -31.78
N MET G 284 24.19 1.10 -32.34
CA MET G 284 24.68 -0.18 -31.81
C MET G 284 25.13 -0.02 -30.36
N MET G 285 25.97 0.98 -30.09
CA MET G 285 26.48 1.19 -28.74
C MET G 285 25.37 1.59 -27.78
N ALA G 286 24.32 2.23 -28.27
CA ALA G 286 23.21 2.67 -27.46
C ALA G 286 22.20 1.56 -27.17
N ASN G 287 22.39 0.36 -27.72
CA ASN G 287 21.39 -0.68 -27.57
C ASN G 287 21.93 -2.02 -27.08
N PHE G 288 23.17 -2.37 -27.40
CA PHE G 288 23.63 -3.73 -27.15
C PHE G 288 24.80 -3.82 -26.18
N TYR G 289 25.22 -2.71 -25.59
CA TYR G 289 26.21 -2.78 -24.53
C TYR G 289 25.57 -3.39 -23.28
N SER G 290 26.35 -4.17 -22.54
CA SER G 290 25.85 -4.90 -21.36
C SER G 290 24.59 -5.69 -21.70
N SER G 291 24.56 -6.25 -22.92
CA SER G 291 23.44 -7.03 -23.40
C SER G 291 22.12 -6.27 -23.29
N GLY G 292 22.17 -4.95 -23.49
CA GLY G 292 20.98 -4.13 -23.46
C GLY G 292 20.49 -3.78 -22.08
N GLN G 293 21.28 -4.05 -21.05
CA GLN G 293 20.85 -3.86 -19.67
C GLN G 293 21.43 -2.57 -19.10
N VAL G 294 21.09 -1.45 -19.73
CA VAL G 294 21.62 -0.14 -19.36
C VAL G 294 20.46 0.85 -19.35
N CYS G 295 20.33 1.61 -18.26
CA CYS G 295 19.18 2.49 -18.11
C CYS G 295 19.13 3.58 -19.18
N THR G 296 20.29 4.04 -19.65
CA THR G 296 20.37 5.15 -20.60
C THR G 296 20.29 4.73 -22.06
N ASN G 297 20.00 3.47 -22.35
CA ASN G 297 20.08 3.01 -23.73
C ASN G 297 19.10 3.74 -24.65
N GLY G 298 19.56 4.00 -25.88
CA GLY G 298 18.75 4.69 -26.87
C GLY G 298 17.91 3.70 -27.66
N THR G 299 16.84 3.22 -27.03
CA THR G 299 16.07 2.09 -27.51
C THR G 299 14.95 2.47 -28.47
N ARG G 300 14.69 3.76 -28.65
CA ARG G 300 13.84 4.26 -29.72
C ARG G 300 14.77 5.01 -30.67
N VAL G 301 15.04 4.42 -31.84
CA VAL G 301 15.96 5.00 -32.81
C VAL G 301 15.09 5.59 -33.91
N PHE G 302 15.07 6.93 -34.01
CA PHE G 302 14.27 7.63 -35.01
C PHE G 302 15.13 7.90 -36.24
N VAL G 303 14.68 7.40 -37.39
CA VAL G 303 15.43 7.55 -38.62
C VAL G 303 14.55 8.17 -39.70
N PRO G 304 15.05 9.13 -40.48
CA PRO G 304 14.23 9.69 -41.56
C PRO G 304 13.77 8.62 -42.53
N ALA G 305 12.52 8.77 -42.99
CA ALA G 305 11.95 7.79 -43.91
C ALA G 305 12.87 7.51 -45.09
N LYS G 306 13.49 8.56 -45.65
CA LYS G 306 14.28 8.39 -46.87
C LYS G 306 15.58 7.63 -46.65
N PHE G 307 16.05 7.51 -45.41
CA PHE G 307 17.28 6.79 -45.10
C PHE G 307 17.04 5.49 -44.34
N LYS G 308 15.79 5.15 -44.06
CA LYS G 308 15.52 4.05 -43.15
C LYS G 308 16.04 2.71 -43.69
N ALA G 309 15.78 2.42 -44.96
CA ALA G 309 16.22 1.14 -45.51
C ALA G 309 17.74 1.00 -45.44
N GLU G 310 18.48 2.02 -45.86
CA GLU G 310 19.93 1.97 -45.79
C GLU G 310 20.41 1.80 -44.35
N PHE G 311 19.78 2.52 -43.42
CA PHE G 311 20.16 2.39 -42.02
C PHE G 311 19.91 0.98 -41.52
N GLU G 312 18.78 0.39 -41.89
CA GLU G 312 18.47 -0.98 -41.47
C GLU G 312 19.55 -1.96 -41.94
N HIS G 313 19.99 -1.82 -43.19
CA HIS G 313 21.07 -2.66 -43.70
C HIS G 313 22.35 -2.46 -42.90
N LYS G 314 22.68 -1.22 -42.55
CA LYS G 314 23.91 -0.98 -41.81
C LYS G 314 23.82 -1.56 -40.40
N ILE G 315 22.62 -1.56 -39.80
CA ILE G 315 22.46 -2.19 -38.50
C ILE G 315 22.64 -3.70 -38.60
N LEU G 316 22.02 -4.31 -39.61
CA LEU G 316 22.15 -5.76 -39.81
C LEU G 316 23.61 -6.15 -39.98
N GLU G 317 24.37 -5.37 -40.74
CA GLU G 317 25.80 -5.66 -40.92
C GLU G 317 26.53 -5.67 -39.57
N ARG G 318 26.25 -4.70 -38.72
CA ARG G 318 26.95 -4.60 -37.45
C ARG G 318 26.47 -5.66 -36.46
N VAL G 319 25.16 -5.93 -36.43
CA VAL G 319 24.64 -7.00 -35.58
C VAL G 319 25.30 -8.33 -35.92
N GLY G 320 25.53 -8.56 -37.21
CA GLY G 320 26.20 -9.78 -37.64
C GLY G 320 27.62 -9.91 -37.13
N ARG G 321 28.23 -8.80 -36.68
CA ARG G 321 29.56 -8.84 -36.12
C ARG G 321 29.58 -9.17 -34.63
N ILE G 322 28.45 -9.04 -33.94
CA ILE G 322 28.44 -9.21 -32.49
C ILE G 322 29.00 -10.58 -32.12
N ARG G 323 29.80 -10.63 -31.07
CA ARG G 323 30.50 -11.87 -30.68
C ARG G 323 30.04 -12.29 -29.29
N ALA G 324 29.07 -13.20 -29.25
CA ALA G 324 28.70 -13.87 -28.01
C ALA G 324 29.62 -15.07 -27.77
N GLY G 325 30.00 -15.30 -26.52
CA GLY G 325 30.87 -16.43 -26.25
C GLY G 325 31.46 -16.39 -24.86
N ASP G 326 32.58 -17.07 -24.70
CA ASP G 326 33.33 -17.10 -23.45
C ASP G 326 33.49 -15.68 -22.90
N LEU G 327 32.94 -15.45 -21.70
CA LEU G 327 32.91 -14.08 -21.18
C LEU G 327 34.30 -13.58 -20.78
N PHE G 328 35.29 -14.45 -20.68
CA PHE G 328 36.65 -14.03 -20.36
C PHE G 328 37.55 -13.94 -21.57
N ALA G 329 37.03 -14.21 -22.76
CA ALA G 329 37.80 -14.07 -23.99
C ALA G 329 37.86 -12.62 -24.44
N ASP G 330 39.02 -12.21 -24.95
CA ASP G 330 39.23 -10.80 -25.30
C ASP G 330 38.16 -10.28 -26.26
N ASP G 331 37.75 -11.11 -27.22
CA ASP G 331 36.90 -10.64 -28.31
C ASP G 331 35.41 -10.79 -28.04
N THR G 332 35.01 -11.41 -26.93
CA THR G 332 33.59 -11.46 -26.61
C THR G 332 33.10 -10.06 -26.24
N ASN G 333 32.01 -9.63 -26.87
CA ASN G 333 31.45 -8.31 -26.58
C ASN G 333 29.95 -8.37 -26.33
N PHE G 334 29.44 -9.54 -25.98
CA PHE G 334 28.01 -9.72 -25.74
C PHE G 334 27.84 -10.87 -24.75
N GLY G 335 27.02 -10.65 -23.73
CA GLY G 335 26.84 -11.63 -22.69
C GLY G 335 25.40 -12.11 -22.55
N PRO G 336 25.19 -13.08 -21.67
CA PRO G 336 23.82 -13.47 -21.32
C PRO G 336 23.15 -12.38 -20.50
N LEU G 337 21.83 -12.48 -20.38
CA LEU G 337 21.14 -11.61 -19.45
C LEU G 337 21.43 -12.08 -18.02
N VAL G 338 21.10 -11.20 -17.06
CA VAL G 338 21.51 -11.47 -15.68
C VAL G 338 20.77 -12.67 -15.08
N SER G 339 19.62 -13.06 -15.60
CA SER G 339 18.83 -14.13 -14.99
C SER G 339 17.81 -14.67 -15.97
N PHE G 340 17.31 -15.86 -15.68
CA PHE G 340 16.32 -16.46 -16.57
C PHE G 340 14.96 -15.80 -16.40
N PRO G 341 14.55 -15.42 -15.18
CA PRO G 341 13.32 -14.64 -15.06
C PRO G 341 13.38 -13.33 -15.81
N HIS G 342 14.52 -12.65 -15.79
CA HIS G 342 14.62 -11.44 -16.58
C HIS G 342 14.53 -11.77 -18.07
N ARG G 343 15.19 -12.83 -18.50
CA ARG G 343 15.08 -13.23 -19.90
C ARG G 343 13.62 -13.51 -20.25
N GLN G 344 12.88 -14.15 -19.34
CA GLN G 344 11.48 -14.45 -19.64
C GLN G 344 10.71 -13.18 -19.93
N ASN G 345 10.98 -12.12 -19.17
CA ASN G 345 10.29 -10.85 -19.40
C ASN G 345 10.68 -10.24 -20.73
N VAL G 346 11.98 -10.25 -21.04
CA VAL G 346 12.45 -9.71 -22.32
C VAL G 346 11.83 -10.48 -23.47
N LEU G 347 11.73 -11.80 -23.33
CA LEU G 347 11.13 -12.60 -24.39
C LEU G 347 9.64 -12.28 -24.54
N ARG G 348 8.95 -11.98 -23.43
CA ARG G 348 7.56 -11.55 -23.53
C ARG G 348 7.45 -10.24 -24.30
N TYR G 349 8.41 -9.33 -24.10
CA TYR G 349 8.39 -8.10 -24.88
C TYR G 349 8.63 -8.40 -26.36
N ILE G 350 9.58 -9.28 -26.67
CA ILE G 350 9.84 -9.62 -28.06
C ILE G 350 8.59 -10.22 -28.70
N GLU G 351 7.88 -11.09 -27.97
CA GLU G 351 6.67 -11.66 -28.51
C GLU G 351 5.62 -10.59 -28.77
N SER G 352 5.53 -9.58 -27.90
CA SER G 352 4.55 -8.52 -28.10
C SER G 352 4.89 -7.70 -29.34
N GLY G 353 6.18 -7.46 -29.58
CA GLY G 353 6.58 -6.81 -30.82
C GLY G 353 6.10 -7.57 -32.04
N LYS G 354 6.29 -8.89 -32.03
CA LYS G 354 5.83 -9.70 -33.16
C LYS G 354 4.32 -9.61 -33.31
N SER G 355 3.58 -9.82 -32.22
CA SER G 355 2.13 -9.88 -32.35
C SER G 355 1.51 -8.50 -32.60
N GLU G 356 2.20 -7.41 -32.25
CA GLU G 356 1.67 -6.09 -32.52
C GLU G 356 2.04 -5.55 -33.90
N GLY G 357 2.77 -6.32 -34.71
CA GLY G 357 2.99 -5.99 -36.10
C GLY G 357 4.29 -5.28 -36.42
N ALA G 358 5.20 -5.15 -35.46
CA ALA G 358 6.52 -4.66 -35.77
C ALA G 358 7.24 -5.70 -36.63
N ARG G 359 8.16 -5.25 -37.47
CA ARG G 359 8.90 -6.16 -38.34
C ARG G 359 10.20 -6.59 -37.63
N LEU G 360 10.37 -7.90 -37.45
CA LEU G 360 11.58 -8.43 -36.84
C LEU G 360 12.70 -8.39 -37.88
N LEU G 361 13.66 -7.50 -37.67
CA LEU G 361 14.79 -7.37 -38.59
C LEU G 361 15.86 -8.43 -38.30
N CYS G 362 16.11 -8.73 -37.04
CA CYS G 362 17.04 -9.80 -36.69
C CYS G 362 16.85 -10.18 -35.24
N GLY G 363 17.35 -11.37 -34.89
CA GLY G 363 17.30 -11.86 -33.53
C GLY G 363 15.92 -12.36 -33.15
N GLY G 364 15.52 -12.12 -31.91
CA GLY G 364 14.18 -12.47 -31.47
C GLY G 364 14.04 -13.82 -30.81
N ASP G 365 15.13 -14.52 -30.54
CA ASP G 365 15.05 -15.83 -29.90
C ASP G 365 16.25 -15.98 -28.96
N VAL G 366 16.21 -17.05 -28.14
CA VAL G 366 17.35 -17.36 -27.29
C VAL G 366 18.49 -17.92 -28.13
N LEU G 367 19.70 -17.87 -27.56
CA LEU G 367 20.81 -18.59 -28.14
C LEU G 367 20.82 -20.00 -27.59
N LYS G 368 21.27 -20.95 -28.40
CA LYS G 368 21.17 -22.36 -28.09
C LYS G 368 22.49 -23.06 -28.41
N GLY G 369 22.71 -24.19 -27.75
CA GLY G 369 23.86 -25.03 -28.00
C GLY G 369 24.76 -25.14 -26.79
N GLU G 370 25.77 -26.01 -26.93
CA GLU G 370 26.75 -26.19 -25.88
C GLU G 370 27.34 -24.84 -25.52
N GLY G 371 27.38 -24.54 -24.23
CA GLY G 371 27.88 -23.29 -23.74
C GLY G 371 26.86 -22.19 -23.61
N PHE G 372 25.76 -22.26 -24.36
CA PHE G 372 24.71 -21.25 -24.27
C PHE G 372 23.48 -21.73 -23.52
N ASP G 373 23.21 -23.03 -23.49
CA ASP G 373 21.97 -23.51 -22.87
C ASP G 373 21.91 -23.25 -21.38
N ASN G 374 23.05 -23.09 -20.71
CA ASN G 374 23.04 -22.88 -19.26
C ASN G 374 23.02 -21.41 -18.85
N GLY G 375 23.02 -20.49 -19.81
CA GLY G 375 22.91 -19.08 -19.51
C GLY G 375 21.66 -18.48 -20.11
N ALA G 376 21.25 -17.32 -19.62
CA ALA G 376 20.01 -16.67 -20.06
C ALA G 376 20.28 -15.76 -21.26
N TRP G 377 20.73 -16.39 -22.36
CA TRP G 377 21.13 -15.62 -23.53
C TRP G 377 19.92 -15.26 -24.38
N VAL G 378 19.90 -14.02 -24.86
CA VAL G 378 18.94 -13.57 -25.87
C VAL G 378 19.73 -12.99 -27.04
N ALA G 379 19.36 -13.38 -28.25
CA ALA G 379 20.03 -12.85 -29.42
C ALA G 379 19.84 -11.34 -29.52
N PRO G 380 20.84 -10.62 -30.01
CA PRO G 380 20.64 -9.18 -30.28
C PRO G 380 19.48 -9.02 -31.27
N THR G 381 18.50 -8.22 -30.88
CA THR G 381 17.22 -8.16 -31.57
C THR G 381 16.91 -6.74 -32.03
N VAL G 382 16.44 -6.62 -33.27
CA VAL G 382 16.06 -5.35 -33.86
C VAL G 382 14.67 -5.47 -34.47
N PHE G 383 13.75 -4.62 -34.03
CA PHE G 383 12.45 -4.44 -34.67
C PHE G 383 12.46 -3.14 -35.47
N THR G 384 11.77 -3.13 -36.60
CA THR G 384 11.59 -1.90 -37.36
C THR G 384 10.13 -1.80 -37.80
N ASP G 385 9.83 -0.74 -38.55
CA ASP G 385 8.44 -0.40 -38.88
C ASP G 385 7.62 -0.17 -37.62
N CYS G 386 8.28 0.34 -36.58
CA CYS G 386 7.64 0.52 -35.29
C CYS G 386 6.78 1.78 -35.26
N THR G 387 5.75 1.77 -34.42
CA THR G 387 4.89 2.91 -34.20
C THR G 387 4.79 3.20 -32.71
N ASP G 388 4.39 4.43 -32.39
CA ASP G 388 4.50 4.96 -31.03
C ASP G 388 3.59 4.26 -30.04
N ASP G 389 2.57 3.56 -30.52
CA ASP G 389 1.63 2.89 -29.64
C ASP G 389 2.06 1.48 -29.28
N MET G 390 3.15 0.98 -29.85
CA MET G 390 3.56 -0.39 -29.60
C MET G 390 4.13 -0.54 -28.19
N THR G 391 3.86 -1.69 -27.58
CA THR G 391 4.38 -1.95 -26.24
C THR G 391 5.90 -1.85 -26.20
N ILE G 392 6.58 -2.44 -27.19
CA ILE G 392 8.03 -2.41 -27.18
C ILE G 392 8.58 -1.00 -27.36
N VAL G 393 7.77 -0.10 -27.91
CA VAL G 393 8.15 1.30 -28.05
C VAL G 393 7.84 2.08 -26.79
N ARG G 394 6.79 1.68 -26.08
CA ARG G 394 6.30 2.44 -24.94
C ARG G 394 7.03 2.09 -23.64
N GLU G 395 7.56 0.89 -23.51
CA GLU G 395 8.04 0.36 -22.23
C GLU G 395 9.51 0.00 -22.27
N GLU G 396 10.21 0.20 -21.16
CA GLU G 396 11.62 -0.20 -21.05
C GLU G 396 11.72 -1.73 -21.00
N ILE G 397 12.54 -2.29 -21.88
CA ILE G 397 12.67 -3.74 -21.96
C ILE G 397 13.85 -4.22 -21.13
N PHE G 398 14.93 -3.44 -21.11
CA PHE G 398 16.13 -3.78 -20.37
C PHE G 398 16.76 -5.08 -20.89
N GLY G 399 16.65 -5.27 -22.20
CA GLY G 399 17.33 -6.33 -22.88
C GLY G 399 17.79 -5.81 -24.23
N PRO G 400 18.40 -6.68 -25.04
CA PRO G 400 18.99 -6.23 -26.32
C PRO G 400 17.94 -6.13 -27.42
N VAL G 401 17.12 -5.08 -27.35
CA VAL G 401 16.00 -4.92 -28.28
C VAL G 401 15.92 -3.47 -28.73
N MET G 402 16.35 -3.21 -29.96
CA MET G 402 16.27 -1.90 -30.59
C MET G 402 14.94 -1.75 -31.34
N SER G 403 14.32 -0.58 -31.20
CA SER G 403 13.11 -0.24 -31.96
C SER G 403 13.42 0.90 -32.91
N ILE G 404 13.28 0.66 -34.22
CA ILE G 404 13.55 1.65 -35.25
C ILE G 404 12.22 2.27 -35.69
N LEU G 405 12.16 3.60 -35.67
CA LEU G 405 10.95 4.35 -35.98
C LEU G 405 11.23 5.35 -37.10
N SER G 406 10.45 5.28 -38.17
CA SER G 406 10.53 6.26 -39.24
C SER G 406 9.89 7.58 -38.82
N TYR G 407 10.47 8.69 -39.27
CA TYR G 407 9.87 10.01 -39.11
C TYR G 407 10.11 10.85 -40.36
N ASP G 408 9.33 11.93 -40.48
CA ASP G 408 9.37 12.81 -41.65
C ASP G 408 9.99 14.18 -41.40
N ASP G 409 9.74 14.83 -40.25
CA ASP G 409 10.25 16.19 -40.07
C ASP G 409 10.68 16.43 -38.64
N GLU G 410 11.40 17.55 -38.45
CA GLU G 410 12.08 17.80 -37.17
C GLU G 410 11.07 18.08 -36.06
N ALA G 411 10.07 18.90 -36.32
CA ALA G 411 9.09 19.17 -35.28
C ALA G 411 8.41 17.88 -34.84
N GLU G 412 8.11 17.00 -35.80
CA GLU G 412 7.48 15.72 -35.49
C GLU G 412 8.36 14.89 -34.56
N VAL G 413 9.64 14.76 -34.90
CA VAL G 413 10.48 13.83 -34.14
C VAL G 413 10.74 14.35 -32.74
N ILE G 414 10.79 15.66 -32.56
CA ILE G 414 10.92 16.24 -31.22
C ILE G 414 9.69 15.91 -30.39
N ARG G 415 8.50 16.12 -30.97
CA ARG G 415 7.26 15.78 -30.26
C ARG G 415 7.26 14.31 -29.83
N ARG G 416 7.59 13.42 -30.77
CA ARG G 416 7.50 12.00 -30.50
C ARG G 416 8.59 11.56 -29.52
N ALA G 417 9.78 12.14 -29.64
CA ALA G 417 10.83 11.82 -28.67
C ALA G 417 10.41 12.18 -27.26
N ASN G 418 9.71 13.30 -27.09
CA ASN G 418 9.28 13.80 -25.79
C ASN G 418 7.97 13.20 -25.28
N ALA G 419 7.23 12.48 -26.12
CA ALA G 419 5.90 11.97 -25.79
C ALA G 419 6.03 10.66 -25.01
N THR G 420 6.54 10.80 -23.79
CA THR G 420 6.83 9.69 -22.90
C THR G 420 6.97 10.30 -21.52
N GLU G 421 6.60 9.52 -20.51
CA GLU G 421 6.85 9.92 -19.13
C GLU G 421 8.27 9.69 -18.69
N TYR G 422 9.04 8.87 -19.45
CA TYR G 422 10.44 8.72 -19.15
C TYR G 422 11.16 10.00 -19.54
N GLY G 423 12.42 10.11 -19.12
CA GLY G 423 13.17 11.29 -19.44
C GLY G 423 14.62 11.19 -19.01
N LEU G 424 15.23 10.02 -19.18
CA LEU G 424 16.60 9.86 -18.68
C LEU G 424 17.62 10.45 -19.64
N ALA G 425 17.70 9.91 -20.86
CA ALA G 425 18.72 10.32 -21.82
C ALA G 425 18.10 10.57 -23.20
N ALA G 426 18.93 11.10 -24.09
CA ALA G 426 18.54 11.38 -25.48
C ALA G 426 19.81 11.70 -26.25
N GLY G 427 19.71 11.63 -27.57
CA GLY G 427 20.85 12.03 -28.38
C GLY G 427 20.43 12.34 -29.79
N VAL G 428 21.32 13.05 -30.49
CA VAL G 428 21.11 13.41 -31.88
C VAL G 428 22.40 13.15 -32.63
N VAL G 429 22.26 12.69 -33.88
CA VAL G 429 23.37 12.51 -34.80
C VAL G 429 23.17 13.51 -35.94
N THR G 430 24.05 14.51 -36.04
CA THR G 430 24.01 15.50 -37.11
C THR G 430 25.33 16.26 -37.15
N PRO G 431 25.85 16.56 -38.33
CA PRO G 431 27.03 17.44 -38.43
C PRO G 431 26.69 18.91 -38.34
N ASP G 432 25.40 19.27 -38.34
CA ASP G 432 24.99 20.66 -38.43
C ASP G 432 24.98 21.32 -37.06
N LEU G 433 25.66 22.47 -36.97
CA LEU G 433 25.75 23.23 -35.73
C LEU G 433 24.38 23.57 -35.19
N ASN G 434 23.55 24.22 -36.01
CA ASN G 434 22.27 24.70 -35.50
C ASN G 434 21.35 23.53 -35.17
N ARG G 435 21.32 22.52 -36.02
CA ARG G 435 20.44 21.38 -35.77
C ARG G 435 20.80 20.70 -34.47
N ALA G 436 22.10 20.51 -34.20
CA ALA G 436 22.50 19.75 -33.02
C ALA G 436 22.01 20.43 -31.75
N HIS G 437 22.37 21.70 -31.57
CA HIS G 437 21.99 22.38 -30.34
C HIS G 437 20.49 22.64 -30.30
N ARG G 438 19.89 23.01 -31.44
CA ARG G 438 18.47 23.35 -31.48
C ARG G 438 17.61 22.17 -31.05
N ILE G 439 17.91 20.97 -31.55
CA ILE G 439 17.13 19.80 -31.20
C ILE G 439 17.38 19.41 -29.74
N ILE G 440 18.65 19.34 -29.34
CA ILE G 440 18.96 18.88 -27.99
C ILE G 440 18.29 19.78 -26.95
N HIS G 441 18.28 21.11 -27.20
CA HIS G 441 17.68 22.01 -26.20
C HIS G 441 16.19 21.76 -26.00
N GLN G 442 15.52 21.17 -26.97
CA GLN G 442 14.09 20.93 -26.86
C GLN G 442 13.74 19.55 -26.31
N LEU G 443 14.70 18.67 -26.11
CA LEU G 443 14.40 17.32 -25.64
C LEU G 443 14.28 17.29 -24.12
N GLU G 444 13.33 16.51 -23.62
CA GLU G 444 13.05 16.44 -22.18
C GLU G 444 13.76 15.24 -21.56
N ALA G 445 15.08 15.40 -21.42
CA ALA G 445 15.94 14.36 -20.87
C ALA G 445 17.11 15.02 -20.14
N GLY G 446 17.61 14.33 -19.11
CA GLY G 446 18.68 14.90 -18.31
C GLY G 446 20.07 14.68 -18.86
N ILE G 447 20.23 13.69 -19.74
CA ILE G 447 21.54 13.25 -20.23
C ILE G 447 21.45 13.24 -21.75
N CYS G 448 22.18 14.15 -22.41
CA CYS G 448 22.04 14.33 -23.85
C CYS G 448 23.40 14.23 -24.54
N TRP G 449 23.47 13.40 -25.58
CA TRP G 449 24.70 13.15 -26.31
C TRP G 449 24.56 13.60 -27.76
N ILE G 450 25.52 14.38 -28.23
CA ILE G 450 25.59 14.80 -29.62
C ILE G 450 26.71 14.01 -30.29
N ASN G 451 26.34 13.20 -31.29
CA ASN G 451 27.28 12.44 -32.11
C ASN G 451 28.11 11.46 -31.29
N SER G 452 27.47 10.87 -30.30
CA SER G 452 28.11 9.90 -29.41
CA SER G 452 28.10 9.89 -29.42
C SER G 452 27.01 9.25 -28.59
N TRP G 453 27.41 8.31 -27.73
CA TRP G 453 26.47 7.76 -26.77
C TRP G 453 27.27 7.12 -25.64
N GLY G 454 26.82 7.30 -24.41
CA GLY G 454 27.23 6.47 -23.33
C GLY G 454 28.33 7.00 -22.42
N GLU G 455 29.09 8.01 -22.84
CA GLU G 455 30.15 8.52 -21.96
C GLU G 455 29.52 9.33 -20.84
N SER G 456 30.00 9.09 -19.61
CA SER G 456 29.41 9.69 -18.41
C SER G 456 30.54 10.22 -17.52
N PRO G 457 31.16 11.33 -17.93
CA PRO G 457 32.31 11.85 -17.17
C PRO G 457 31.95 12.13 -15.72
N ALA G 458 32.93 11.97 -14.82
CA ALA G 458 32.66 12.24 -13.40
C ALA G 458 32.17 13.67 -13.19
N GLU G 459 32.61 14.60 -14.03
CA GLU G 459 32.24 16.00 -13.89
C GLU G 459 30.80 16.28 -14.28
N MET G 460 30.14 15.34 -14.96
CA MET G 460 28.88 15.61 -15.64
C MET G 460 27.71 15.10 -14.81
N PRO G 461 26.85 15.98 -14.28
CA PRO G 461 25.68 15.50 -13.52
C PRO G 461 24.76 14.69 -14.43
N VAL G 462 24.24 13.59 -13.89
CA VAL G 462 23.40 12.68 -14.66
C VAL G 462 22.21 12.24 -13.83
N GLY G 463 21.04 12.25 -14.45
CA GLY G 463 19.82 11.76 -13.84
C GLY G 463 18.66 12.14 -14.73
N GLY G 464 17.47 11.78 -14.27
CA GLY G 464 16.30 11.81 -15.13
C GLY G 464 15.36 12.98 -14.91
N TYR G 465 14.74 13.40 -16.02
CA TYR G 465 13.53 14.18 -16.03
C TYR G 465 12.33 13.27 -15.76
N LYS G 466 11.23 13.89 -15.33
CA LYS G 466 9.91 13.24 -15.28
C LYS G 466 10.02 11.97 -14.45
N HIS G 467 9.51 10.82 -14.91
CA HIS G 467 9.46 9.61 -14.11
C HIS G 467 10.77 8.83 -14.09
N SER G 468 11.83 9.34 -14.72
CA SER G 468 13.10 8.63 -14.75
C SER G 468 13.99 8.93 -13.56
N GLY G 469 13.66 9.89 -12.71
CA GLY G 469 14.51 10.07 -11.55
C GLY G 469 14.17 11.29 -10.73
N ILE G 470 14.81 11.34 -9.56
CA ILE G 470 14.83 12.48 -8.67
C ILE G 470 16.29 12.77 -8.35
N GLY G 471 16.71 14.02 -8.49
CA GLY G 471 18.08 14.36 -8.17
C GLY G 471 19.05 13.90 -9.25
N ARG G 472 20.34 14.02 -8.93
CA ARG G 472 21.41 13.76 -9.86
C ARG G 472 22.54 13.00 -9.15
N GLU G 473 23.39 12.38 -9.96
CA GLU G 473 24.65 11.83 -9.50
C GLU G 473 25.78 12.45 -10.33
N ASN G 474 26.97 12.42 -9.75
CA ASN G 474 28.19 12.99 -10.33
C ASN G 474 28.12 14.50 -10.43
N GLY G 475 29.23 15.11 -10.81
CA GLY G 475 29.35 16.55 -10.84
C GLY G 475 29.50 17.18 -9.47
N VAL G 476 29.91 18.45 -9.46
CA VAL G 476 30.06 19.15 -8.19
CA VAL G 476 30.06 19.14 -8.18
C VAL G 476 28.74 19.17 -7.41
N MET G 477 27.61 19.24 -8.12
CA MET G 477 26.33 19.40 -7.43
C MET G 477 26.00 18.20 -6.55
N THR G 478 26.49 17.02 -6.89
CA THR G 478 26.14 15.84 -6.09
C THR G 478 26.95 15.78 -4.81
N LEU G 479 28.18 16.31 -4.80
CA LEU G 479 28.87 16.48 -3.52
C LEU G 479 28.04 17.38 -2.60
N GLN G 480 27.56 18.49 -3.13
CA GLN G 480 26.78 19.41 -2.32
C GLN G 480 25.46 18.81 -1.87
N SER G 481 24.86 17.96 -2.68
CA SER G 481 23.57 17.40 -2.32
C SER G 481 23.67 16.34 -1.23
N TYR G 482 24.88 15.90 -0.88
CA TYR G 482 25.10 15.05 0.28
C TYR G 482 25.48 15.83 1.52
N THR G 483 25.29 17.15 1.49
CA THR G 483 25.37 17.99 2.67
C THR G 483 24.01 18.65 2.88
N GLN G 484 23.81 19.16 4.08
CA GLN G 484 22.64 19.97 4.42
C GLN G 484 23.11 21.35 4.85
N VAL G 485 22.37 22.38 4.46
CA VAL G 485 22.76 23.76 4.71
C VAL G 485 22.24 24.17 6.08
N LYS G 486 23.12 24.72 6.90
CA LYS G 486 22.76 25.40 8.14
C LYS G 486 23.07 26.88 7.96
N SER G 487 22.06 27.71 8.14
CA SER G 487 22.20 29.16 8.06
C SER G 487 22.33 29.68 9.48
N ILE G 488 23.31 30.56 9.70
CA ILE G 488 23.63 31.12 11.01
C ILE G 488 23.65 32.64 10.90
N GLN G 489 22.79 33.31 11.65
CA GLN G 489 22.81 34.76 11.70
C GLN G 489 23.53 35.24 12.97
N VAL G 490 24.53 36.08 12.79
CA VAL G 490 25.22 36.75 13.88
C VAL G 490 24.65 38.16 13.97
N GLU G 491 23.87 38.43 15.03
CA GLU G 491 23.32 39.76 15.29
C GLU G 491 24.20 40.43 16.33
N MET G 492 24.97 41.44 15.89
CA MET G 492 25.82 42.20 16.79
C MET G 492 25.18 43.49 17.28
N GLY G 493 24.05 43.89 16.72
CA GLY G 493 23.35 45.07 17.19
C GLY G 493 22.40 44.70 18.30
N PRO G 494 21.79 45.69 18.94
CA PRO G 494 20.87 45.40 20.04
C PRO G 494 19.57 44.81 19.51
N PHE G 495 19.16 43.69 20.09
CA PHE G 495 17.94 43.02 19.65
C PHE G 495 16.72 43.77 20.15
N GLN G 496 15.75 43.98 19.26
CA GLN G 496 14.53 44.71 19.59
C GLN G 496 13.36 43.74 19.72
N SER G 497 12.75 43.71 20.90
CA SER G 497 11.49 43.02 21.11
C SER G 497 10.35 44.03 21.06
N ILE G 498 9.20 43.60 20.50
CA ILE G 498 8.03 44.45 20.52
C ILE G 498 7.19 44.27 21.77
N PHE G 499 7.58 43.38 22.66
CA PHE G 499 6.79 43.14 23.86
C PHE G 499 7.40 43.88 25.06
N ARG H 12 21.63 -31.03 16.30
CA ARG H 12 21.35 -30.26 15.09
C ARG H 12 20.89 -31.17 13.96
N MET H 13 19.71 -30.85 13.41
CA MET H 13 19.09 -31.67 12.40
C MET H 13 19.67 -31.40 11.01
N ALA H 14 19.39 -32.30 10.09
CA ALA H 14 19.71 -32.09 8.68
C ALA H 14 18.92 -30.92 8.11
N GLU H 15 19.46 -30.30 7.06
CA GLU H 15 18.76 -29.21 6.39
C GLU H 15 17.41 -29.70 5.87
N GLN H 16 16.35 -28.96 6.23
CA GLN H 16 14.98 -29.37 5.94
C GLN H 16 14.56 -28.88 4.57
N GLN H 17 13.95 -29.77 3.78
CA GLN H 17 13.58 -29.49 2.40
C GLN H 17 12.07 -29.21 2.30
N LEU H 18 11.63 -28.85 1.09
CA LEU H 18 10.20 -28.74 0.83
C LEU H 18 9.59 -30.13 0.68
N TYR H 19 8.27 -30.21 0.82
CA TYR H 19 7.56 -31.46 0.60
C TYR H 19 6.56 -31.24 -0.54
N ILE H 20 6.85 -31.82 -1.70
CA ILE H 20 6.01 -31.65 -2.88
C ILE H 20 5.84 -33.00 -3.56
N HIS H 21 4.59 -33.40 -3.76
CA HIS H 21 4.23 -34.60 -4.51
C HIS H 21 4.81 -35.88 -3.88
N GLY H 22 4.57 -36.03 -2.59
CA GLY H 22 4.87 -37.28 -1.93
C GLY H 22 6.32 -37.52 -1.62
N LYS H 23 7.15 -36.49 -1.62
CA LYS H 23 8.55 -36.67 -1.28
C LYS H 23 9.14 -35.34 -0.89
N PHE H 24 10.25 -35.40 -0.15
CA PHE H 24 11.04 -34.21 0.12
C PHE H 24 11.82 -33.85 -1.13
N VAL H 25 11.88 -32.55 -1.41
CA VAL H 25 12.55 -32.08 -2.62
C VAL H 25 13.27 -30.79 -2.30
N ALA H 26 14.43 -30.60 -2.92
CA ALA H 26 15.18 -29.37 -2.70
C ALA H 26 14.43 -28.19 -3.29
N ALA H 27 14.41 -27.09 -2.53
CA ALA H 27 13.92 -25.83 -3.05
C ALA H 27 14.84 -25.33 -4.16
N THR H 28 14.27 -24.53 -5.05
CA THR H 28 15.06 -23.87 -6.10
C THR H 28 15.23 -22.38 -5.83
N SER H 29 14.83 -21.91 -4.66
CA SER H 29 14.93 -20.50 -4.33
C SER H 29 16.35 -20.05 -4.04
N GLY H 30 17.21 -20.96 -3.61
CA GLY H 30 18.52 -20.60 -3.11
C GLY H 30 18.51 -19.96 -1.74
N LYS H 31 17.38 -20.00 -1.04
CA LYS H 31 17.22 -19.31 0.23
C LYS H 31 16.97 -20.28 1.36
N THR H 32 17.48 -19.92 2.55
CA THR H 32 17.23 -20.68 3.75
C THR H 32 16.91 -19.74 4.89
N PHE H 33 16.33 -20.31 5.95
CA PHE H 33 16.18 -19.64 7.23
C PHE H 33 16.41 -20.66 8.33
N GLU H 34 16.54 -20.18 9.56
CA GLU H 34 16.80 -21.02 10.71
C GLU H 34 15.61 -21.01 11.65
N THR H 35 15.34 -22.15 12.26
CA THR H 35 14.41 -22.21 13.38
C THR H 35 15.22 -22.48 14.65
N ILE H 36 14.85 -21.78 15.72
CA ILE H 36 15.58 -21.77 16.98
C ILE H 36 14.82 -22.56 18.03
N ASN H 37 15.56 -23.17 18.93
CA ASN H 37 14.99 -23.75 20.15
C ASN H 37 14.85 -22.61 21.15
N PRO H 38 13.63 -22.18 21.47
CA PRO H 38 13.48 -20.97 22.31
C PRO H 38 13.95 -21.17 23.75
N ALA H 39 14.14 -22.40 24.20
CA ALA H 39 14.66 -22.61 25.55
C ALA H 39 16.17 -22.44 25.63
N THR H 40 16.88 -22.53 24.51
CA THR H 40 18.35 -22.49 24.53
C THR H 40 18.97 -21.44 23.61
N GLY H 41 18.25 -20.96 22.61
CA GLY H 41 18.84 -20.10 21.60
C GLY H 41 19.60 -20.83 20.53
N GLU H 42 19.70 -22.14 20.61
CA GLU H 42 20.43 -22.89 19.61
C GLU H 42 19.60 -23.04 18.35
N VAL H 43 20.29 -23.14 17.21
CA VAL H 43 19.64 -23.44 15.95
C VAL H 43 19.18 -24.90 15.97
N LEU H 44 17.88 -25.11 15.76
CA LEU H 44 17.36 -26.46 15.62
C LEU H 44 17.62 -27.02 14.23
N ALA H 45 17.39 -26.22 13.21
CA ALA H 45 17.53 -26.68 11.86
C ALA H 45 17.64 -25.48 10.94
N THR H 46 18.38 -25.66 9.86
CA THR H 46 18.27 -24.83 8.68
C THR H 46 17.17 -25.38 7.79
N VAL H 47 16.33 -24.48 7.27
CA VAL H 47 15.14 -24.85 6.53
C VAL H 47 15.16 -24.12 5.20
N GLN H 48 14.89 -24.83 4.11
CA GLN H 48 14.82 -24.22 2.80
C GLN H 48 13.50 -23.48 2.63
N ALA H 49 13.55 -22.38 1.89
CA ALA H 49 12.39 -21.53 1.66
C ALA H 49 11.88 -21.74 0.24
N ALA H 50 10.58 -21.97 0.10
CA ALA H 50 10.00 -22.17 -1.21
C ALA H 50 10.01 -20.85 -1.99
N GLY H 51 10.53 -20.90 -3.21
CA GLY H 51 10.51 -19.77 -4.10
C GLY H 51 9.30 -19.79 -5.01
N ARG H 52 9.26 -18.81 -5.91
CA ARG H 52 8.09 -18.65 -6.78
C ARG H 52 7.91 -19.87 -7.67
N GLU H 53 9.01 -20.39 -8.24
CA GLU H 53 8.92 -21.59 -9.07
C GLU H 53 8.51 -22.80 -8.25
N ASP H 54 8.99 -22.89 -7.00
CA ASP H 54 8.59 -23.98 -6.12
C ASP H 54 7.09 -23.95 -5.85
N VAL H 55 6.54 -22.75 -5.65
CA VAL H 55 5.10 -22.63 -5.41
C VAL H 55 4.31 -23.08 -6.64
N ASP H 56 4.73 -22.65 -7.83
CA ASP H 56 3.96 -23.00 -9.02
C ASP H 56 3.96 -24.53 -9.23
N ARG H 57 5.10 -25.18 -9.01
CA ARG H 57 5.18 -26.63 -9.07
C ARG H 57 4.31 -27.28 -8.01
N ALA H 58 4.29 -26.71 -6.79
CA ALA H 58 3.43 -27.29 -5.77
C ALA H 58 1.98 -27.20 -6.17
N VAL H 59 1.61 -26.12 -6.87
CA VAL H 59 0.25 -26.01 -7.37
C VAL H 59 -0.03 -27.06 -8.43
N LYS H 60 0.91 -27.26 -9.37
CA LYS H 60 0.67 -28.25 -10.42
C LYS H 60 0.62 -29.66 -9.82
N SER H 61 1.46 -29.92 -8.82
CA SER H 61 1.38 -31.17 -8.08
C SER H 61 0.02 -31.32 -7.40
N ALA H 62 -0.45 -30.26 -6.75
CA ALA H 62 -1.73 -30.31 -6.07
C ALA H 62 -2.89 -30.51 -7.04
N GLN H 63 -2.83 -29.88 -8.22
CA GLN H 63 -3.90 -30.07 -9.20
C GLN H 63 -3.98 -31.52 -9.63
N GLN H 64 -2.82 -32.16 -9.79
CA GLN H 64 -2.79 -33.56 -10.21
C GLN H 64 -3.30 -34.49 -9.11
N GLY H 65 -2.83 -34.28 -7.88
CA GLY H 65 -3.28 -35.11 -6.78
C GLY H 65 -4.75 -34.93 -6.44
N GLN H 66 -5.22 -33.68 -6.52
CA GLN H 66 -6.62 -33.41 -6.21
C GLN H 66 -7.54 -34.20 -7.10
N LYS H 67 -7.19 -34.35 -8.38
CA LYS H 67 -8.02 -35.08 -9.31
C LYS H 67 -8.17 -36.53 -8.88
N VAL H 68 -7.06 -37.17 -8.51
CA VAL H 68 -7.07 -38.54 -8.02
C VAL H 68 -7.92 -38.63 -6.76
N TRP H 69 -7.69 -37.70 -5.83
CA TRP H 69 -8.33 -37.73 -4.52
C TRP H 69 -9.82 -37.56 -4.64
N ALA H 70 -10.28 -36.61 -5.46
CA ALA H 70 -11.69 -36.33 -5.59
C ALA H 70 -12.43 -37.42 -6.35
N ALA H 71 -11.72 -38.18 -7.19
CA ALA H 71 -12.35 -39.24 -7.97
C ALA H 71 -12.57 -40.51 -7.15
N MET H 72 -11.85 -40.68 -6.05
CA MET H 72 -12.06 -41.77 -5.12
C MET H 72 -13.46 -41.72 -4.51
N SER H 73 -13.89 -42.86 -3.96
CA SER H 73 -15.14 -42.86 -3.22
C SER H 73 -14.96 -42.08 -1.92
N ALA H 74 -16.09 -41.64 -1.37
CA ALA H 74 -16.07 -40.94 -0.10
C ALA H 74 -15.44 -41.79 0.99
N MET H 75 -15.80 -43.08 1.06
CA MET H 75 -15.27 -43.90 2.13
C MET H 75 -13.80 -44.19 1.92
N ALA H 76 -13.35 -44.28 0.66
CA ALA H 76 -11.91 -44.46 0.43
C ALA H 76 -11.13 -43.28 0.98
N ARG H 77 -11.65 -42.06 0.81
CA ARG H 77 -11.02 -40.89 1.43
C ARG H 77 -11.06 -40.99 2.95
N SER H 78 -12.23 -41.36 3.51
CA SER H 78 -12.37 -41.47 4.96
CA SER H 78 -12.37 -41.47 4.96
C SER H 78 -11.32 -42.40 5.55
N ARG H 79 -11.11 -43.56 4.91
CA ARG H 79 -10.19 -44.56 5.43
C ARG H 79 -8.75 -44.06 5.43
N ILE H 80 -8.36 -43.32 4.39
CA ILE H 80 -7.00 -42.79 4.35
C ILE H 80 -6.80 -41.76 5.45
N LEU H 81 -7.77 -40.86 5.65
CA LEU H 81 -7.60 -39.89 6.73
C LEU H 81 -7.60 -40.59 8.08
N ARG H 82 -8.39 -41.66 8.24
CA ARG H 82 -8.40 -42.41 9.50
C ARG H 82 -7.05 -43.10 9.72
N LYS H 83 -6.42 -43.61 8.67
CA LYS H 83 -5.10 -44.21 8.86
C LYS H 83 -4.09 -43.16 9.34
N ALA H 84 -4.20 -41.94 8.83
CA ALA H 84 -3.32 -40.87 9.30
C ALA H 84 -3.57 -40.56 10.76
N VAL H 85 -4.84 -40.57 11.19
CA VAL H 85 -5.16 -40.45 12.61
C VAL H 85 -4.44 -41.50 13.43
N ASP H 86 -4.51 -42.78 13.00
CA ASP H 86 -3.86 -43.86 13.76
C ASP H 86 -2.37 -43.59 13.93
N ILE H 87 -1.71 -43.14 12.86
CA ILE H 87 -0.28 -42.86 12.94
C ILE H 87 -0.03 -41.71 13.89
N LEU H 88 -0.86 -40.67 13.85
CA LEU H 88 -0.69 -39.55 14.75
C LEU H 88 -0.84 -39.99 16.21
N ARG H 89 -1.81 -40.87 16.50
CA ARG H 89 -1.92 -41.38 17.87
C ARG H 89 -0.65 -42.14 18.27
N GLU H 90 -0.15 -42.97 17.37
CA GLU H 90 1.02 -43.79 17.69
C GLU H 90 2.24 -42.92 17.94
N ARG H 91 2.38 -41.83 17.19
CA ARG H 91 3.55 -40.96 17.26
C ARG H 91 3.34 -39.73 18.14
N ASN H 92 2.27 -39.73 18.95
CA ASN H 92 1.95 -38.55 19.75
C ASN H 92 3.16 -38.02 20.51
N ASP H 93 3.85 -38.89 21.24
CA ASP H 93 4.93 -38.43 22.11
C ASP H 93 6.13 -37.92 21.32
N GLU H 94 6.51 -38.62 20.24
CA GLU H 94 7.60 -38.17 19.39
C GLU H 94 7.29 -36.81 18.77
N LEU H 95 6.07 -36.65 18.24
CA LEU H 95 5.70 -35.37 17.65
C LEU H 95 5.63 -34.27 18.69
N ALA H 96 5.14 -34.58 19.89
CA ALA H 96 5.05 -33.56 20.94
C ALA H 96 6.43 -33.06 21.34
N ARG H 97 7.40 -33.97 21.48
CA ARG H 97 8.74 -33.53 21.83
C ARG H 97 9.30 -32.58 20.78
N LEU H 98 9.09 -32.89 19.50
CA LEU H 98 9.57 -32.00 18.46
C LEU H 98 8.86 -30.65 18.55
N GLU H 99 7.55 -30.66 18.76
CA GLU H 99 6.82 -29.41 18.91
C GLU H 99 7.35 -28.60 20.09
N THR H 100 7.67 -29.28 21.19
CA THR H 100 8.26 -28.59 22.35
C THR H 100 9.61 -27.96 21.99
N LEU H 101 10.45 -28.68 21.25
CA LEU H 101 11.73 -28.11 20.84
C LEU H 101 11.56 -26.88 19.98
N ASP H 102 10.56 -26.89 19.07
CA ASP H 102 10.38 -25.83 18.09
C ASP H 102 9.65 -24.64 18.67
N THR H 103 8.75 -24.85 19.65
CA THR H 103 7.89 -23.79 20.17
C THR H 103 8.27 -23.31 21.57
N GLY H 104 8.95 -24.13 22.36
CA GLY H 104 9.17 -23.84 23.75
C GLY H 104 8.00 -24.15 24.66
N LYS H 105 6.92 -24.72 24.14
CA LYS H 105 5.82 -25.07 25.03
C LYS H 105 6.13 -26.35 25.78
N PRO H 106 5.75 -26.43 27.06
CA PRO H 106 6.07 -27.63 27.86
C PRO H 106 5.50 -28.90 27.25
N LEU H 107 6.26 -29.98 27.39
CA LEU H 107 5.79 -31.29 26.94
C LEU H 107 4.48 -31.67 27.62
N SER H 108 4.25 -31.20 28.84
CA SER H 108 3.00 -31.47 29.53
C SER H 108 1.80 -30.93 28.76
N GLU H 109 2.00 -29.88 27.95
CA GLU H 109 0.97 -29.40 27.04
C GLU H 109 0.99 -30.14 25.71
N THR H 110 2.14 -30.20 25.04
CA THR H 110 2.18 -30.69 23.68
C THR H 110 1.78 -32.15 23.60
N ALA H 111 2.15 -32.94 24.61
CA ALA H 111 1.81 -34.36 24.57
C ALA H 111 0.37 -34.63 24.95
N ALA H 112 -0.32 -33.64 25.50
CA ALA H 112 -1.70 -33.78 25.93
C ALA H 112 -2.70 -33.06 25.05
N VAL H 113 -2.30 -32.01 24.34
CA VAL H 113 -3.24 -31.15 23.63
C VAL H 113 -2.95 -31.10 22.12
N ASP H 114 -1.72 -30.77 21.75
CA ASP H 114 -1.44 -30.33 20.38
C ASP H 114 -1.78 -31.41 19.36
N ILE H 115 -1.18 -32.59 19.50
CA ILE H 115 -1.46 -33.65 18.55
C ILE H 115 -2.80 -34.31 18.87
N VAL H 116 -3.12 -34.46 20.16
CA VAL H 116 -4.40 -35.08 20.52
C VAL H 116 -5.56 -34.35 19.85
N THR H 117 -5.60 -33.01 19.98
CA THR H 117 -6.75 -32.28 19.45
C THR H 117 -6.64 -32.02 17.96
N GLY H 118 -5.42 -31.96 17.42
CA GLY H 118 -5.27 -31.92 15.97
C GLY H 118 -5.80 -33.19 15.34
N ALA H 119 -5.39 -34.33 15.87
CA ALA H 119 -5.88 -35.61 15.37
C ALA H 119 -7.37 -35.79 15.66
N ASP H 120 -7.88 -35.23 16.76
CA ASP H 120 -9.31 -35.29 17.03
C ASP H 120 -10.11 -34.66 15.89
N VAL H 121 -9.63 -33.53 15.35
CA VAL H 121 -10.37 -32.85 14.29
C VAL H 121 -10.24 -33.63 12.98
N LEU H 122 -9.06 -34.18 12.69
CA LEU H 122 -8.91 -35.00 11.49
C LEU H 122 -9.82 -36.23 11.54
N GLU H 123 -9.88 -36.88 12.71
CA GLU H 123 -10.74 -38.04 12.91
C GLU H 123 -12.20 -37.68 12.73
N TYR H 124 -12.60 -36.52 13.26
CA TYR H 124 -13.97 -36.03 13.10
C TYR H 124 -14.33 -35.86 11.64
N TYR H 125 -13.51 -35.13 10.89
CA TYR H 125 -13.85 -34.90 9.48
C TYR H 125 -13.74 -36.17 8.65
N ALA H 126 -12.81 -37.08 8.97
CA ALA H 126 -12.77 -38.34 8.23
C ALA H 126 -14.12 -39.03 8.24
N GLY H 127 -14.79 -39.04 9.39
CA GLY H 127 -16.07 -39.71 9.47
C GLY H 127 -17.21 -38.98 8.79
N LEU H 128 -17.07 -37.67 8.55
CA LEU H 128 -18.15 -36.92 7.95
C LEU H 128 -18.12 -36.91 6.43
N ILE H 129 -17.05 -37.38 5.80
CA ILE H 129 -16.96 -37.29 4.34
C ILE H 129 -18.19 -37.86 3.66
N PRO H 130 -18.69 -39.05 4.03
CA PRO H 130 -19.85 -39.60 3.30
C PRO H 130 -21.15 -38.82 3.51
N ALA H 131 -21.21 -37.91 4.49
CA ALA H 131 -22.42 -37.14 4.77
C ALA H 131 -22.42 -35.79 4.07
N LEU H 132 -21.41 -35.50 3.26
CA LEU H 132 -21.36 -34.26 2.49
C LEU H 132 -22.32 -34.41 1.31
N GLU H 133 -23.45 -33.70 1.37
CA GLU H 133 -24.54 -33.84 0.42
C GLU H 133 -24.93 -32.49 -0.14
N GLY H 134 -25.38 -32.49 -1.38
CA GLY H 134 -26.09 -31.37 -1.95
C GLY H 134 -27.56 -31.46 -1.67
N SER H 135 -28.32 -30.66 -2.42
CA SER H 135 -29.77 -30.55 -2.24
CA SER H 135 -29.76 -30.55 -2.24
C SER H 135 -30.47 -30.79 -3.57
N GLN H 136 -31.79 -30.99 -3.47
CA GLN H 136 -32.67 -31.09 -4.62
C GLN H 136 -33.92 -30.29 -4.32
N ILE H 137 -34.32 -29.46 -5.28
CA ILE H 137 -35.43 -28.54 -5.10
C ILE H 137 -36.38 -28.70 -6.28
N PRO H 138 -37.58 -29.21 -6.08
CA PRO H 138 -38.54 -29.28 -7.19
C PRO H 138 -39.14 -27.91 -7.47
N LEU H 139 -39.16 -27.50 -8.73
CA LEU H 139 -39.78 -26.23 -9.09
C LEU H 139 -41.22 -26.41 -9.54
N ARG H 140 -41.48 -27.47 -10.30
CA ARG H 140 -42.75 -27.75 -10.96
C ARG H 140 -42.59 -29.16 -11.52
N ASP H 141 -43.67 -29.74 -12.03
CA ASP H 141 -43.57 -31.12 -12.51
C ASP H 141 -42.48 -31.24 -13.58
N SER H 142 -42.28 -30.21 -14.38
CA SER H 142 -41.38 -30.28 -15.51
C SER H 142 -39.98 -29.72 -15.25
N SER H 143 -39.63 -29.35 -14.02
CA SER H 143 -38.30 -28.82 -13.79
C SER H 143 -37.90 -28.92 -12.33
N PHE H 144 -36.64 -29.22 -12.09
CA PHE H 144 -36.09 -29.25 -10.75
C PHE H 144 -34.65 -28.77 -10.78
N VAL H 145 -34.17 -28.44 -9.60
CA VAL H 145 -32.80 -28.00 -9.36
C VAL H 145 -32.16 -29.02 -8.45
N TYR H 146 -30.88 -29.32 -8.68
CA TYR H 146 -30.09 -30.02 -7.68
C TYR H 146 -28.76 -29.29 -7.56
N THR H 147 -28.12 -29.42 -6.39
CA THR H 147 -26.85 -28.77 -6.16
C THR H 147 -25.80 -29.83 -5.87
N ARG H 148 -24.57 -29.49 -6.23
CA ARG H 148 -23.37 -30.24 -5.90
C ARG H 148 -22.50 -29.37 -5.01
N ARG H 149 -21.91 -29.99 -4.01
CA ARG H 149 -20.87 -29.38 -3.19
C ARG H 149 -19.54 -29.85 -3.74
N GLU H 150 -18.99 -29.08 -4.64
CA GLU H 150 -17.78 -29.51 -5.33
C GLU H 150 -16.55 -28.99 -4.62
N PRO H 151 -15.44 -29.73 -4.72
CA PRO H 151 -14.17 -29.22 -4.23
C PRO H 151 -13.85 -27.87 -4.83
N LEU H 152 -13.23 -27.02 -4.01
CA LEU H 152 -12.66 -25.79 -4.51
C LEU H 152 -11.51 -26.05 -5.47
N GLY H 153 -10.78 -27.15 -5.25
CA GLY H 153 -9.64 -27.49 -6.06
C GLY H 153 -8.37 -27.50 -5.21
N VAL H 154 -7.53 -26.49 -5.39
CA VAL H 154 -6.31 -26.33 -4.62
C VAL H 154 -6.52 -25.15 -3.67
N VAL H 155 -6.31 -25.40 -2.38
CA VAL H 155 -6.45 -24.36 -1.37
C VAL H 155 -5.11 -24.22 -0.63
N ALA H 156 -4.90 -23.07 0.01
CA ALA H 156 -3.68 -22.86 0.75
C ALA H 156 -3.99 -22.57 2.21
N GLY H 157 -3.20 -23.16 3.10
CA GLY H 157 -3.26 -22.87 4.52
C GLY H 157 -1.97 -22.20 4.95
N ILE H 158 -2.11 -21.18 5.80
CA ILE H 158 -0.97 -20.46 6.35
C ILE H 158 -1.08 -20.53 7.86
N GLY H 159 -0.10 -21.18 8.48
CA GLY H 159 -0.18 -21.49 9.89
C GLY H 159 0.50 -20.45 10.77
N ALA H 160 0.21 -20.55 12.06
CA ALA H 160 0.82 -19.70 13.07
C ALA H 160 1.76 -20.54 13.93
N TRP H 161 2.54 -19.87 14.77
CA TRP H 161 3.61 -20.54 15.48
C TRP H 161 3.22 -21.06 16.86
N ASN H 162 2.05 -20.71 17.38
CA ASN H 162 1.78 -21.06 18.76
C ASN H 162 1.28 -22.49 18.87
N TYR H 163 0.56 -22.98 17.87
CA TYR H 163 0.07 -24.36 17.82
C TYR H 163 0.32 -24.94 16.43
N PRO H 164 1.58 -25.19 16.09
CA PRO H 164 1.93 -25.48 14.69
C PRO H 164 1.24 -26.70 14.09
N ILE H 165 1.38 -27.87 14.70
CA ILE H 165 0.80 -29.03 14.05
C ILE H 165 -0.71 -29.07 14.25
N GLN H 166 -1.22 -28.56 15.36
CA GLN H 166 -2.66 -28.49 15.53
C GLN H 166 -3.30 -27.63 14.44
N ILE H 167 -2.70 -26.47 14.16
CA ILE H 167 -3.24 -25.61 13.11
C ILE H 167 -3.14 -26.31 11.75
N ALA H 168 -2.01 -26.97 11.48
CA ALA H 168 -1.88 -27.69 10.21
C ALA H 168 -2.98 -28.73 10.05
N LEU H 169 -3.35 -29.38 11.15
CA LEU H 169 -4.40 -30.40 11.13
C LEU H 169 -5.79 -29.79 11.02
N TRP H 170 -6.05 -28.70 11.77
CA TRP H 170 -7.36 -28.07 11.73
C TRP H 170 -7.64 -27.43 10.38
N LYS H 171 -6.61 -27.01 9.66
CA LYS H 171 -6.83 -26.53 8.30
C LYS H 171 -6.87 -27.67 7.29
N SER H 172 -5.92 -28.61 7.35
CA SER H 172 -5.85 -29.62 6.31
C SER H 172 -7.00 -30.63 6.40
N ALA H 173 -7.49 -30.93 7.60
CA ALA H 173 -8.52 -31.96 7.74
C ALA H 173 -9.81 -31.64 7.00
N PRO H 174 -10.47 -30.50 7.25
CA PRO H 174 -11.67 -30.21 6.47
C PRO H 174 -11.38 -29.99 4.98
N ALA H 175 -10.23 -29.40 4.66
CA ALA H 175 -9.88 -29.17 3.25
C ALA H 175 -9.75 -30.49 2.50
N LEU H 176 -9.00 -31.43 3.06
CA LEU H 176 -8.87 -32.74 2.44
C LEU H 176 -10.18 -33.51 2.48
N ALA H 177 -10.92 -33.43 3.59
CA ALA H 177 -12.18 -34.17 3.69
C ALA H 177 -13.19 -33.69 2.66
N ALA H 178 -13.12 -32.42 2.29
CA ALA H 178 -13.99 -31.85 1.28
C ALA H 178 -13.53 -32.13 -0.15
N GLY H 179 -12.43 -32.85 -0.33
CA GLY H 179 -11.98 -33.24 -1.66
C GLY H 179 -10.94 -32.34 -2.29
N ASN H 180 -10.37 -31.40 -1.52
CA ASN H 180 -9.36 -30.49 -2.03
C ASN H 180 -7.97 -31.06 -1.80
N ALA H 181 -7.00 -30.48 -2.51
CA ALA H 181 -5.61 -30.53 -2.12
C ALA H 181 -5.28 -29.24 -1.38
N MET H 182 -4.42 -29.33 -0.38
CA MET H 182 -3.97 -28.15 0.33
C MET H 182 -2.46 -28.00 0.25
N ILE H 183 -2.01 -26.79 -0.05
CA ILE H 183 -0.63 -26.38 0.11
C ILE H 183 -0.53 -25.62 1.43
N PHE H 184 0.31 -26.10 2.33
CA PHE H 184 0.39 -25.54 3.67
C PHE H 184 1.74 -24.86 3.86
N LYS H 185 1.71 -23.63 4.35
CA LYS H 185 2.93 -22.91 4.69
C LYS H 185 2.98 -22.76 6.21
N PRO H 186 3.88 -23.43 6.91
CA PRO H 186 3.98 -23.22 8.35
C PRO H 186 4.65 -21.90 8.66
N SER H 187 4.45 -21.42 9.87
CA SER H 187 5.19 -20.26 10.34
C SER H 187 6.68 -20.53 10.22
N GLU H 188 7.43 -19.51 9.78
CA GLU H 188 8.89 -19.61 9.76
C GLU H 188 9.47 -19.80 11.16
N VAL H 189 8.72 -19.47 12.20
CA VAL H 189 9.21 -19.68 13.56
C VAL H 189 9.17 -21.16 13.93
N THR H 190 8.27 -21.94 13.32
CA THR H 190 7.97 -23.30 13.78
C THR H 190 7.61 -24.20 12.60
N PRO H 191 8.56 -24.46 11.71
CA PRO H 191 8.24 -25.21 10.48
C PRO H 191 8.27 -26.72 10.58
N LEU H 192 8.74 -27.31 11.69
CA LEU H 192 9.21 -28.69 11.65
C LEU H 192 8.09 -29.72 11.68
N THR H 193 7.09 -29.55 12.54
CA THR H 193 6.06 -30.60 12.65
C THR H 193 5.17 -30.67 11.40
N ALA H 194 5.03 -29.58 10.65
CA ALA H 194 4.27 -29.62 9.42
C ALA H 194 4.92 -30.56 8.41
N LEU H 195 6.24 -30.60 8.38
CA LEU H 195 6.94 -31.50 7.47
C LEU H 195 6.74 -32.95 7.90
N LYS H 196 6.73 -33.21 9.22
CA LYS H 196 6.42 -34.56 9.69
C LYS H 196 5.01 -34.97 9.28
N LEU H 197 4.07 -34.03 9.39
CA LEU H 197 2.69 -34.32 9.03
C LEU H 197 2.58 -34.72 7.57
N ALA H 198 3.36 -34.08 6.69
CA ALA H 198 3.29 -34.41 5.27
C ALA H 198 3.71 -35.86 5.02
N GLU H 199 4.78 -36.31 5.68
CA GLU H 199 5.20 -37.70 5.55
C GLU H 199 4.15 -38.66 6.09
N ILE H 200 3.51 -38.28 7.20
CA ILE H 200 2.48 -39.14 7.80
C ILE H 200 1.30 -39.32 6.85
N TYR H 201 0.83 -38.22 6.25
CA TYR H 201 -0.25 -38.34 5.28
C TYR H 201 0.13 -39.29 4.14
N ARG H 202 1.36 -39.16 3.63
CA ARG H 202 1.76 -40.03 2.54
C ARG H 202 1.74 -41.48 3.00
N GLU H 203 2.26 -41.73 4.20
CA GLU H 203 2.30 -43.07 4.76
C GLU H 203 0.89 -43.64 4.90
N ALA H 204 -0.10 -42.80 5.15
CA ALA H 204 -1.48 -43.25 5.30
C ALA H 204 -2.17 -43.56 3.99
N GLY H 205 -1.54 -43.22 2.86
CA GLY H 205 -2.13 -43.44 1.55
C GLY H 205 -2.67 -42.21 0.87
N LEU H 206 -2.39 -41.01 1.38
CA LEU H 206 -2.87 -39.81 0.72
C LEU H 206 -2.20 -39.71 -0.66
N PRO H 207 -2.95 -39.46 -1.73
CA PRO H 207 -2.31 -39.37 -3.05
C PRO H 207 -1.27 -38.26 -3.09
N ASP H 208 -0.20 -38.52 -3.85
CA ASP H 208 0.85 -37.53 -4.02
C ASP H 208 0.26 -36.22 -4.53
N GLY H 209 0.70 -35.10 -3.93
CA GLY H 209 0.25 -33.78 -4.28
C GLY H 209 -0.90 -33.25 -3.44
N VAL H 210 -1.60 -34.11 -2.70
CA VAL H 210 -2.80 -33.66 -2.00
C VAL H 210 -2.44 -32.83 -0.76
N PHE H 211 -1.30 -33.09 -0.12
CA PHE H 211 -0.82 -32.23 0.97
C PHE H 211 0.66 -31.95 0.75
N ASN H 212 0.94 -30.74 0.26
CA ASN H 212 2.30 -30.25 0.04
C ASN H 212 2.62 -29.20 1.09
N VAL H 213 3.86 -29.17 1.55
CA VAL H 213 4.27 -28.28 2.62
C VAL H 213 5.42 -27.43 2.11
N LEU H 214 5.24 -26.11 2.18
CA LEU H 214 6.22 -25.14 1.68
C LEU H 214 6.64 -24.24 2.84
N PRO H 215 7.70 -24.59 3.56
CA PRO H 215 8.28 -23.63 4.50
C PRO H 215 8.74 -22.37 3.78
N GLY H 216 8.79 -21.28 4.51
CA GLY H 216 9.28 -20.05 3.94
C GLY H 216 8.94 -18.87 4.82
N ILE H 217 9.24 -17.67 4.30
CA ILE H 217 8.98 -16.40 4.95
C ILE H 217 7.63 -15.88 4.49
N GLY H 218 6.98 -15.10 5.36
CA GLY H 218 5.69 -14.54 5.00
C GLY H 218 5.77 -13.62 3.79
N ALA H 219 6.76 -12.74 3.75
CA ALA H 219 6.88 -11.77 2.67
C ALA H 219 7.15 -12.42 1.33
N GLU H 220 7.63 -13.65 1.30
CA GLU H 220 7.97 -14.32 0.04
C GLU H 220 7.05 -15.50 -0.17
N THR H 221 7.38 -16.67 0.40
CA THR H 221 6.54 -17.86 0.17
C THR H 221 5.08 -17.58 0.43
N GLY H 222 4.77 -16.94 1.57
CA GLY H 222 3.38 -16.66 1.88
C GLY H 222 2.73 -15.80 0.81
N GLN H 223 3.43 -14.77 0.35
CA GLN H 223 2.89 -13.89 -0.69
C GLN H 223 2.71 -14.62 -2.01
N TYR H 224 3.66 -15.50 -2.37
CA TYR H 224 3.51 -16.25 -3.61
C TYR H 224 2.24 -17.10 -3.60
N LEU H 225 1.87 -17.66 -2.44
CA LEU H 225 0.65 -18.46 -2.36
C LEU H 225 -0.60 -17.60 -2.51
N THR H 226 -0.62 -16.46 -1.82
CA THR H 226 -1.80 -15.59 -1.87
C THR H 226 -1.99 -14.98 -3.24
N GLU H 227 -0.93 -14.88 -4.05
CA GLU H 227 -1.00 -14.31 -5.37
C GLU H 227 -1.31 -15.32 -6.45
N HIS H 228 -1.16 -16.60 -6.18
CA HIS H 228 -1.17 -17.56 -7.28
C HIS H 228 -2.57 -17.64 -7.88
N PRO H 229 -2.69 -17.60 -9.21
CA PRO H 229 -4.03 -17.54 -9.82
C PRO H 229 -4.82 -18.83 -9.72
N ASP H 230 -4.18 -19.97 -9.45
CA ASP H 230 -4.87 -21.26 -9.46
C ASP H 230 -5.17 -21.79 -8.05
N ILE H 231 -4.98 -20.96 -7.02
CA ILE H 231 -5.37 -21.32 -5.66
C ILE H 231 -6.73 -20.69 -5.38
N ALA H 232 -7.69 -21.50 -4.94
CA ALA H 232 -9.08 -21.07 -4.88
C ALA H 232 -9.48 -20.49 -3.53
N LYS H 233 -8.72 -20.76 -2.49
CA LYS H 233 -9.06 -20.30 -1.14
C LYS H 233 -7.80 -20.25 -0.30
N ILE H 234 -7.73 -19.25 0.58
CA ILE H 234 -6.65 -19.09 1.55
C ILE H 234 -7.27 -19.12 2.94
N SER H 235 -6.69 -19.92 3.83
CA SER H 235 -7.08 -19.93 5.23
C SER H 235 -5.88 -19.52 6.06
N PHE H 236 -6.02 -18.43 6.82
CA PHE H 236 -4.89 -17.82 7.52
C PHE H 236 -5.17 -17.76 9.02
N THR H 237 -4.17 -18.14 9.81
CA THR H 237 -4.19 -17.96 11.27
C THR H 237 -2.95 -17.17 11.64
N GLY H 238 -3.13 -16.08 12.37
CA GLY H 238 -2.00 -15.25 12.75
C GLY H 238 -2.47 -13.89 13.24
N GLY H 239 -1.55 -12.93 13.17
CA GLY H 239 -1.83 -11.60 13.67
C GLY H 239 -2.61 -10.74 12.69
N VAL H 240 -3.33 -9.76 13.25
CA VAL H 240 -4.19 -8.87 12.45
C VAL H 240 -3.40 -8.20 11.33
N ALA H 241 -2.18 -7.75 11.63
CA ALA H 241 -1.41 -7.02 10.62
C ALA H 241 -1.12 -7.93 9.42
N SER H 242 -0.56 -9.11 9.67
CA SER H 242 -0.30 -10.04 8.59
C SER H 242 -1.59 -10.44 7.89
N GLY H 243 -2.69 -10.52 8.65
CA GLY H 243 -3.97 -10.86 8.04
C GLY H 243 -4.39 -9.86 6.99
N LYS H 244 -4.26 -8.56 7.32
CA LYS H 244 -4.58 -7.52 6.35
C LYS H 244 -3.74 -7.67 5.08
N LYS H 245 -2.46 -7.97 5.23
CA LYS H 245 -1.61 -8.13 4.06
C LYS H 245 -2.04 -9.34 3.23
N VAL H 246 -2.36 -10.45 3.90
CA VAL H 246 -2.75 -11.67 3.18
C VAL H 246 -4.07 -11.48 2.45
N MET H 247 -5.08 -10.91 3.13
CA MET H 247 -6.37 -10.76 2.48
C MET H 247 -6.30 -9.82 1.29
N ALA H 248 -5.46 -8.78 1.39
CA ALA H 248 -5.31 -7.84 0.29
C ALA H 248 -4.80 -8.54 -0.97
N ASN H 249 -3.70 -9.29 -0.84
CA ASN H 249 -3.10 -9.94 -2.01
C ASN H 249 -4.03 -11.00 -2.59
N SER H 250 -4.78 -11.68 -1.74
CA SER H 250 -5.73 -12.68 -2.23
C SER H 250 -6.84 -12.06 -3.06
N ALA H 251 -7.21 -10.82 -2.74
CA ALA H 251 -8.19 -10.10 -3.55
C ALA H 251 -7.56 -9.56 -4.82
N ALA H 252 -6.47 -8.78 -4.66
CA ALA H 252 -5.81 -8.12 -5.78
C ALA H 252 -5.22 -9.09 -6.81
N SER H 253 -5.28 -10.39 -6.55
CA SER H 253 -4.68 -11.39 -7.44
C SER H 253 -5.75 -12.19 -8.17
N SER H 254 -6.44 -13.10 -7.50
CA SER H 254 -7.39 -13.96 -8.19
C SER H 254 -8.64 -14.22 -7.35
N LEU H 255 -9.25 -13.14 -6.85
CA LEU H 255 -10.43 -13.23 -6.00
C LEU H 255 -10.64 -14.58 -5.33
N LYS H 256 -9.95 -14.82 -4.21
CA LYS H 256 -10.00 -16.10 -3.51
C LYS H 256 -10.97 -16.02 -2.34
N GLU H 257 -11.60 -17.16 -2.04
CA GLU H 257 -12.31 -17.29 -0.77
C GLU H 257 -11.29 -17.20 0.36
N VAL H 258 -11.76 -16.78 1.53
CA VAL H 258 -10.84 -16.51 2.62
C VAL H 258 -11.43 -16.96 3.95
N THR H 259 -10.54 -17.44 4.81
CA THR H 259 -10.80 -17.68 6.22
C THR H 259 -9.67 -17.02 7.00
N MET H 260 -10.00 -16.35 8.10
CA MET H 260 -8.99 -15.71 8.94
C MET H 260 -9.32 -15.99 10.39
N GLU H 261 -8.34 -16.54 11.11
CA GLU H 261 -8.43 -16.76 12.56
C GLU H 261 -7.35 -15.87 13.17
N LEU H 262 -7.76 -14.76 13.79
CA LEU H 262 -6.85 -13.76 14.29
C LEU H 262 -6.91 -13.74 15.83
N GLY H 263 -6.29 -12.73 16.42
CA GLY H 263 -6.20 -12.64 17.87
C GLY H 263 -7.43 -12.00 18.48
N GLY H 264 -7.32 -11.73 19.78
CA GLY H 264 -8.43 -11.13 20.49
C GLY H 264 -7.96 -10.44 21.75
N LYS H 265 -8.94 -9.88 22.48
CA LYS H 265 -8.76 -9.38 23.85
C LYS H 265 -9.99 -9.83 24.63
N SER H 266 -10.09 -11.13 24.86
CA SER H 266 -11.36 -11.76 25.23
C SER H 266 -11.68 -11.49 26.70
N PRO H 267 -12.93 -11.16 27.01
CA PRO H 267 -13.29 -10.89 28.41
C PRO H 267 -13.75 -12.13 29.16
N LEU H 268 -13.30 -12.23 30.40
CA LEU H 268 -13.78 -13.21 31.35
C LEU H 268 -14.56 -12.45 32.42
N ILE H 269 -15.84 -12.72 32.53
CA ILE H 269 -16.72 -11.99 33.42
C ILE H 269 -17.00 -12.87 34.64
N ILE H 270 -16.53 -12.43 35.80
CA ILE H 270 -16.80 -13.12 37.05
C ILE H 270 -18.05 -12.47 37.66
N ALA H 271 -19.11 -13.25 37.83
CA ALA H 271 -20.35 -12.71 38.32
C ALA H 271 -20.31 -12.54 39.84
N GLU H 272 -21.26 -11.75 40.35
CA GLU H 272 -21.33 -11.50 41.79
C GLU H 272 -21.65 -12.74 42.60
N ASP H 273 -22.17 -13.81 42.00
CA ASP H 273 -22.46 -15.04 42.75
C ASP H 273 -21.47 -16.15 42.46
N ALA H 274 -20.34 -15.84 41.83
CA ALA H 274 -19.37 -16.86 41.48
C ALA H 274 -18.55 -17.29 42.69
N ASN H 275 -18.28 -18.61 42.76
CA ASN H 275 -17.27 -19.13 43.65
C ASN H 275 -15.90 -18.65 43.20
N LEU H 276 -15.14 -18.02 44.10
CA LEU H 276 -13.92 -17.36 43.67
C LEU H 276 -12.74 -18.31 43.47
N ASP H 277 -12.76 -19.50 44.08
CA ASP H 277 -11.76 -20.50 43.72
C ASP H 277 -11.95 -20.98 42.29
N LEU H 278 -13.20 -21.25 41.89
CA LEU H 278 -13.49 -21.59 40.51
C LEU H 278 -13.11 -20.45 39.58
N ALA H 279 -13.53 -19.23 39.93
CA ALA H 279 -13.20 -18.09 39.09
C ALA H 279 -11.70 -17.95 38.94
N ALA H 280 -10.95 -18.13 40.03
CA ALA H 280 -9.50 -17.98 39.95
C ALA H 280 -8.88 -19.07 39.08
N ASP H 281 -9.37 -20.30 39.21
CA ASP H 281 -8.88 -21.40 38.39
C ASP H 281 -9.14 -21.14 36.90
N ILE H 282 -10.34 -20.64 36.57
CA ILE H 282 -10.64 -20.35 35.18
C ILE H 282 -9.74 -19.23 34.67
N ALA H 283 -9.56 -18.18 35.48
CA ALA H 283 -8.73 -17.05 35.07
C ALA H 283 -7.28 -17.48 34.83
N MET H 284 -6.76 -18.37 35.68
CA MET H 284 -5.41 -18.89 35.48
C MET H 284 -5.31 -19.63 34.15
N MET H 285 -6.24 -20.55 33.90
CA MET H 285 -6.21 -21.32 32.66
C MET H 285 -6.44 -20.44 31.44
N ALA H 286 -7.16 -19.34 31.61
CA ALA H 286 -7.46 -18.42 30.52
C ALA H 286 -6.31 -17.46 30.24
N ASN H 287 -5.23 -17.50 31.02
CA ASN H 287 -4.16 -16.52 30.87
C ASN H 287 -2.76 -17.09 30.74
N PHE H 288 -2.48 -18.24 31.34
CA PHE H 288 -1.09 -18.69 31.46
C PHE H 288 -0.79 -20.01 30.77
N TYR H 289 -1.77 -20.57 30.05
CA TYR H 289 -1.49 -21.75 29.25
C TYR H 289 -0.65 -21.34 28.05
N SER H 290 0.26 -22.21 27.63
CA SER H 290 1.18 -21.90 26.52
C SER H 290 1.87 -20.55 26.75
N SER H 291 2.20 -20.26 28.00
CA SER H 291 2.87 -19.03 28.42
C SER H 291 2.15 -17.78 27.90
N GLY H 292 0.82 -17.84 27.85
CA GLY H 292 0.01 -16.72 27.44
C GLY H 292 -0.11 -16.51 25.96
N GLN H 293 0.35 -17.46 25.16
CA GLN H 293 0.41 -17.31 23.70
C GLN H 293 -0.74 -18.06 23.04
N VAL H 294 -1.96 -17.63 23.38
CA VAL H 294 -3.18 -18.28 22.92
C VAL H 294 -4.16 -17.20 22.49
N CYS H 295 -4.70 -17.31 21.26
CA CYS H 295 -5.55 -16.25 20.73
C CYS H 295 -6.81 -16.05 21.54
N THR H 296 -7.34 -17.11 22.14
CA THR H 296 -8.61 -17.06 22.85
C THR H 296 -8.48 -16.67 24.31
N ASN H 297 -7.28 -16.30 24.75
CA ASN H 297 -7.07 -16.09 26.18
C ASN H 297 -7.96 -14.98 26.75
N GLY H 298 -8.42 -15.20 27.98
CA GLY H 298 -9.27 -14.25 28.69
C GLY H 298 -8.46 -13.24 29.44
N THR H 299 -7.89 -12.29 28.70
CA THR H 299 -6.87 -11.39 29.21
C THR H 299 -7.43 -10.13 29.86
N ARG H 300 -8.72 -9.87 29.73
CA ARG H 300 -9.42 -8.86 30.50
C ARG H 300 -10.33 -9.61 31.46
N VAL H 301 -9.97 -9.62 32.73
CA VAL H 301 -10.71 -10.34 33.75
C VAL H 301 -11.51 -9.32 34.54
N PHE H 302 -12.83 -9.35 34.37
CA PHE H 302 -13.72 -8.42 35.04
C PHE H 302 -14.19 -9.06 36.35
N VAL H 303 -13.91 -8.39 37.45
CA VAL H 303 -14.27 -8.92 38.78
C VAL H 303 -15.13 -7.90 39.51
N PRO H 304 -16.20 -8.32 40.18
CA PRO H 304 -16.99 -7.36 40.96
C PRO H 304 -16.14 -6.65 42.00
N ALA H 305 -16.41 -5.36 42.19
CA ALA H 305 -15.63 -4.56 43.13
C ALA H 305 -15.59 -5.21 44.51
N LYS H 306 -16.71 -5.77 44.98
CA LYS H 306 -16.77 -6.33 46.32
C LYS H 306 -15.92 -7.58 46.49
N PHE H 307 -15.55 -8.24 45.39
CA PHE H 307 -14.77 -9.48 45.44
C PHE H 307 -13.33 -9.29 44.96
N LYS H 308 -12.96 -8.08 44.55
CA LYS H 308 -11.70 -7.90 43.83
C LYS H 308 -10.50 -8.25 44.70
N ALA H 309 -10.46 -7.77 45.93
CA ALA H 309 -9.32 -8.03 46.81
C ALA H 309 -9.14 -9.53 47.06
N GLU H 310 -10.22 -10.22 47.43
CA GLU H 310 -10.14 -11.67 47.62
C GLU H 310 -9.72 -12.38 46.35
N PHE H 311 -10.27 -11.97 45.20
CA PHE H 311 -9.88 -12.59 43.94
C PHE H 311 -8.40 -12.38 43.66
N GLU H 312 -7.89 -11.18 43.92
CA GLU H 312 -6.47 -10.90 43.74
C GLU H 312 -5.61 -11.84 44.59
N HIS H 313 -6.02 -12.10 45.83
CA HIS H 313 -5.24 -12.98 46.67
CA HIS H 313 -5.26 -13.00 46.70
C HIS H 313 -5.28 -14.42 46.16
N LYS H 314 -6.42 -14.86 45.66
CA LYS H 314 -6.51 -16.22 45.10
C LYS H 314 -5.69 -16.36 43.82
N ILE H 315 -5.58 -15.30 43.02
CA ILE H 315 -4.73 -15.35 41.84
C ILE H 315 -3.26 -15.44 42.26
N LEU H 316 -2.86 -14.61 43.21
CA LEU H 316 -1.48 -14.62 43.67
C LEU H 316 -1.09 -15.98 44.21
N GLU H 317 -2.00 -16.63 44.93
CA GLU H 317 -1.74 -17.97 45.45
C GLU H 317 -1.47 -18.97 44.32
N ARG H 318 -2.29 -18.93 43.27
CA ARG H 318 -2.12 -19.88 42.17
C ARG H 318 -0.91 -19.53 41.31
N VAL H 319 -0.68 -18.23 41.07
CA VAL H 319 0.52 -17.84 40.33
C VAL H 319 1.76 -18.38 41.02
N GLY H 320 1.78 -18.38 42.36
CA GLY H 320 2.91 -18.89 43.07
C GLY H 320 3.14 -20.37 42.89
N ARG H 321 2.12 -21.09 42.41
CA ARG H 321 2.27 -22.52 42.14
C ARG H 321 2.88 -22.82 40.78
N ILE H 322 2.90 -21.85 39.86
CA ILE H 322 3.36 -22.13 38.50
C ILE H 322 4.78 -22.66 38.53
N ARG H 323 5.04 -23.67 37.71
CA ARG H 323 6.32 -24.38 37.71
C ARG H 323 6.98 -24.19 36.35
N ALA H 324 7.86 -23.19 36.27
CA ALA H 324 8.74 -23.02 35.11
C ALA H 324 9.95 -23.91 35.29
N GLY H 325 10.43 -24.49 34.21
CA GLY H 325 11.62 -25.32 34.32
C GLY H 325 11.82 -26.17 33.07
N ASP H 326 12.54 -27.27 33.28
CA ASP H 326 12.79 -28.27 32.24
C ASP H 326 11.51 -28.58 31.48
N LEU H 327 11.49 -28.27 30.19
CA LEU H 327 10.27 -28.40 29.40
C LEU H 327 9.87 -29.86 29.18
N PHE H 328 10.76 -30.81 29.43
CA PHE H 328 10.45 -32.22 29.29
C PHE H 328 10.12 -32.89 30.61
N ALA H 329 10.17 -32.16 31.72
CA ALA H 329 9.83 -32.71 33.03
C ALA H 329 8.32 -32.75 33.20
N ASP H 330 7.84 -33.82 33.83
CA ASP H 330 6.39 -34.02 33.99
C ASP H 330 5.74 -32.82 34.66
N ASP H 331 6.41 -32.21 35.63
CA ASP H 331 5.80 -31.19 36.47
C ASP H 331 5.95 -29.77 35.94
N THR H 332 6.68 -29.55 34.85
CA THR H 332 6.74 -28.20 34.27
C THR H 332 5.41 -27.85 33.61
N ASN H 333 4.87 -26.67 33.94
CA ASN H 333 3.62 -26.23 33.31
C ASN H 333 3.72 -24.81 32.77
N PHE H 334 4.93 -24.31 32.54
CA PHE H 334 5.12 -22.96 32.05
C PHE H 334 6.42 -22.91 31.26
N GLY H 335 6.38 -22.30 30.08
CA GLY H 335 7.55 -22.26 29.23
C GLY H 335 8.03 -20.86 28.89
N PRO H 336 9.16 -20.78 28.20
CA PRO H 336 9.58 -19.50 27.64
C PRO H 336 8.64 -19.10 26.51
N LEU H 337 8.75 -17.83 26.12
CA LEU H 337 8.04 -17.41 24.92
C LEU H 337 8.75 -17.97 23.68
N VAL H 338 8.06 -17.89 22.54
CA VAL H 338 8.52 -18.57 21.35
C VAL H 338 9.82 -17.98 20.80
N SER H 339 10.12 -16.73 21.13
CA SER H 339 11.28 -16.08 20.53
C SER H 339 11.67 -14.87 21.37
N PHE H 340 12.90 -14.42 21.19
CA PHE H 340 13.41 -13.28 21.95
C PHE H 340 12.83 -11.97 21.45
N PRO H 341 12.66 -11.78 20.13
CA PRO H 341 11.92 -10.58 19.69
C PRO H 341 10.49 -10.54 20.21
N HIS H 342 9.81 -11.67 20.29
CA HIS H 342 8.47 -11.64 20.87
C HIS H 342 8.53 -11.26 22.35
N ARG H 343 9.52 -11.78 23.09
CA ARG H 343 9.64 -11.36 24.48
C ARG H 343 9.86 -9.86 24.58
N GLN H 344 10.66 -9.29 23.66
CA GLN H 344 10.87 -7.85 23.70
C GLN H 344 9.55 -7.10 23.58
N ASN H 345 8.64 -7.58 22.73
CA ASN H 345 7.35 -6.93 22.58
C ASN H 345 6.50 -7.07 23.84
N VAL H 346 6.47 -8.26 24.43
CA VAL H 346 5.70 -8.45 25.66
C VAL H 346 6.24 -7.57 26.78
N LEU H 347 7.58 -7.44 26.87
CA LEU H 347 8.15 -6.61 27.91
C LEU H 347 7.79 -5.15 27.68
N ARG H 348 7.70 -4.71 26.42
CA ARG H 348 7.26 -3.34 26.18
C ARG H 348 5.83 -3.14 26.66
N TYR H 349 4.96 -4.14 26.47
CA TYR H 349 3.60 -4.03 26.98
C TYR H 349 3.61 -3.94 28.51
N ILE H 350 4.43 -4.77 29.16
CA ILE H 350 4.48 -4.73 30.62
C ILE H 350 4.93 -3.36 31.10
N GLU H 351 5.95 -2.80 30.46
CA GLU H 351 6.43 -1.48 30.85
C GLU H 351 5.34 -0.44 30.66
N SER H 352 4.53 -0.58 29.60
CA SER H 352 3.45 0.38 29.38
C SER H 352 2.41 0.26 30.48
N GLY H 353 2.15 -0.97 30.95
CA GLY H 353 1.27 -1.15 32.09
C GLY H 353 1.78 -0.43 33.32
N LYS H 354 3.08 -0.56 33.58
CA LYS H 354 3.66 0.15 34.73
C LYS H 354 3.54 1.66 34.58
N SER H 355 3.94 2.19 33.42
CA SER H 355 4.01 3.64 33.28
C SER H 355 2.62 4.27 33.16
N GLU H 356 1.61 3.51 32.77
CA GLU H 356 0.26 4.02 32.68
C GLU H 356 -0.52 3.90 33.98
N GLY H 357 0.09 3.38 35.05
CA GLY H 357 -0.51 3.41 36.36
C GLY H 357 -1.26 2.18 36.81
N ALA H 358 -1.20 1.09 36.05
CA ALA H 358 -1.76 -0.16 36.53
C ALA H 358 -0.90 -0.67 37.69
N ARG H 359 -1.53 -1.41 38.60
CA ARG H 359 -0.81 -1.93 39.76
C ARG H 359 -0.25 -3.31 39.44
N LEU H 360 1.07 -3.46 39.53
CA LEU H 360 1.71 -4.74 39.26
C LEU H 360 1.47 -5.65 40.46
N LEU H 361 0.62 -6.64 40.29
CA LEU H 361 0.32 -7.56 41.38
C LEU H 361 1.41 -8.60 41.55
N CYS H 362 1.98 -9.09 40.46
CA CYS H 362 3.11 -10.02 40.49
C CYS H 362 3.75 -10.09 39.11
N GLY H 363 4.97 -10.64 39.06
CA GLY H 363 5.68 -10.81 37.81
C GLY H 363 6.28 -9.52 37.27
N GLY H 364 6.26 -9.35 35.95
CA GLY H 364 6.70 -8.11 35.35
C GLY H 364 8.13 -8.07 34.89
N ASP H 365 8.87 -9.18 34.96
CA ASP H 365 10.26 -9.18 34.55
C ASP H 365 10.58 -10.54 33.94
N VAL H 366 11.77 -10.65 33.35
CA VAL H 366 12.24 -11.94 32.84
C VAL H 366 12.62 -12.85 33.99
N LEU H 367 12.67 -14.14 33.71
CA LEU H 367 13.25 -15.10 34.65
C LEU H 367 14.76 -15.14 34.43
N LYS H 368 15.49 -15.37 35.52
CA LYS H 368 16.95 -15.26 35.50
C LYS H 368 17.55 -16.44 36.23
N GLY H 369 18.79 -16.74 35.90
CA GLY H 369 19.55 -17.80 36.53
C GLY H 369 19.91 -18.90 35.55
N GLU H 370 20.69 -19.86 36.05
CA GLU H 370 21.06 -21.02 35.26
C GLU H 370 19.81 -21.70 34.70
N GLY H 371 19.84 -22.01 33.41
CA GLY H 371 18.74 -22.67 32.76
C GLY H 371 17.69 -21.73 32.21
N PHE H 372 17.59 -20.52 32.77
CA PHE H 372 16.63 -19.53 32.28
C PHE H 372 17.27 -18.45 31.45
N ASP H 373 18.54 -18.13 31.69
CA ASP H 373 19.17 -17.01 31.01
C ASP H 373 19.27 -17.22 29.51
N ASN H 374 19.25 -18.48 29.06
CA ASN H 374 19.39 -18.78 27.65
C ASN H 374 18.06 -18.90 26.92
N GLY H 375 16.94 -18.75 27.64
CA GLY H 375 15.64 -18.79 27.01
C GLY H 375 14.87 -17.50 27.12
N ALA H 376 13.83 -17.37 26.30
CA ALA H 376 13.04 -16.14 26.22
C ALA H 376 11.91 -16.15 27.26
N TRP H 377 12.29 -16.24 28.54
CA TRP H 377 11.33 -16.38 29.62
C TRP H 377 10.79 -15.04 30.10
N VAL H 378 9.48 -14.99 30.34
CA VAL H 378 8.82 -13.87 31.01
C VAL H 378 8.03 -14.43 32.19
N ALA H 379 8.18 -13.81 33.35
CA ALA H 379 7.45 -14.28 34.52
C ALA H 379 5.94 -14.11 34.32
N PRO H 380 5.14 -15.03 34.85
CA PRO H 380 3.68 -14.82 34.86
C PRO H 380 3.34 -13.51 35.55
N THR H 381 2.60 -12.66 34.86
CA THR H 381 2.42 -11.26 35.25
C THR H 381 0.94 -10.94 35.38
N VAL H 382 0.60 -10.25 36.45
CA VAL H 382 -0.77 -9.82 36.70
C VAL H 382 -0.78 -8.34 37.05
N PHE H 383 -1.55 -7.57 36.29
CA PHE H 383 -1.85 -6.18 36.61
C PHE H 383 -3.28 -6.09 37.15
N THR H 384 -3.51 -5.19 38.09
CA THR H 384 -4.85 -4.92 38.57
C THR H 384 -5.03 -3.41 38.67
N ASP H 385 -6.20 -2.98 39.13
CA ASP H 385 -6.59 -1.57 39.11
C ASP H 385 -6.57 -1.04 37.69
N CYS H 386 -6.87 -1.89 36.73
CA CYS H 386 -6.80 -1.52 35.33
C CYS H 386 -8.03 -0.74 34.90
N THR H 387 -7.85 0.12 33.91
CA THR H 387 -8.95 0.87 33.32
C THR H 387 -8.95 0.65 31.81
N ASP H 388 -10.10 0.92 31.21
CA ASP H 388 -10.36 0.51 29.83
C ASP H 388 -9.47 1.23 28.81
N ASP H 389 -8.90 2.36 29.17
CA ASP H 389 -8.09 3.15 28.26
C ASP H 389 -6.63 2.74 28.26
N MET H 390 -6.24 1.82 29.13
CA MET H 390 -4.85 1.40 29.21
C MET H 390 -4.46 0.56 27.99
N THR H 391 -3.22 0.71 27.57
CA THR H 391 -2.72 -0.04 26.42
C THR H 391 -2.79 -1.54 26.68
N ILE H 392 -2.41 -1.97 27.89
CA ILE H 392 -2.43 -3.40 28.19
C ILE H 392 -3.85 -3.94 28.20
N VAL H 393 -4.85 -3.08 28.35
CA VAL H 393 -6.23 -3.56 28.34
C VAL H 393 -6.82 -3.59 26.92
N ARG H 394 -6.41 -2.67 26.04
CA ARG H 394 -7.03 -2.59 24.72
C ARG H 394 -6.35 -3.49 23.70
N GLU H 395 -5.06 -3.80 23.88
CA GLU H 395 -4.29 -4.47 22.84
C GLU H 395 -3.90 -5.87 23.28
N GLU H 396 -3.89 -6.79 22.32
CA GLU H 396 -3.45 -8.16 22.57
C GLU H 396 -1.94 -8.19 22.79
N ILE H 397 -1.52 -8.80 23.89
CA ILE H 397 -0.12 -8.89 24.26
C ILE H 397 0.50 -10.19 23.80
N PHE H 398 -0.26 -11.29 23.87
CA PHE H 398 0.22 -12.60 23.44
C PHE H 398 1.39 -13.04 24.31
N GLY H 399 1.31 -12.69 25.58
CA GLY H 399 2.21 -13.19 26.58
C GLY H 399 1.45 -13.41 27.87
N PRO H 400 2.15 -13.80 28.91
CA PRO H 400 1.53 -14.16 30.20
C PRO H 400 1.24 -12.92 31.03
N VAL H 401 0.21 -12.17 30.64
CA VAL H 401 -0.09 -10.88 31.28
C VAL H 401 -1.60 -10.75 31.44
N MET H 402 -2.07 -10.92 32.68
CA MET H 402 -3.49 -10.78 33.01
C MET H 402 -3.81 -9.36 33.45
N SER H 403 -4.93 -8.83 32.98
CA SER H 403 -5.43 -7.52 33.40
C SER H 403 -6.74 -7.71 34.16
N ILE H 404 -6.76 -7.30 35.43
CA ILE H 404 -7.93 -7.42 36.30
C ILE H 404 -8.63 -6.07 36.35
N LEU H 405 -9.93 -6.06 36.06
CA LEU H 405 -10.73 -4.83 36.01
C LEU H 405 -11.92 -4.96 36.95
N SER H 406 -12.09 -3.96 37.79
CA SER H 406 -13.24 -3.87 38.69
C SER H 406 -14.48 -3.40 37.94
N TYR H 407 -15.65 -3.95 38.30
CA TYR H 407 -16.90 -3.44 37.78
C TYR H 407 -17.97 -3.50 38.86
N ASP H 408 -19.04 -2.76 38.64
CA ASP H 408 -20.11 -2.61 39.60
C ASP H 408 -21.42 -3.33 39.25
N ASP H 409 -21.84 -3.33 37.99
CA ASP H 409 -23.14 -3.91 37.65
C ASP H 409 -23.07 -4.63 36.31
N GLU H 410 -24.12 -5.41 36.06
CA GLU H 410 -24.13 -6.32 34.91
C GLU H 410 -24.18 -5.57 33.58
N ALA H 411 -25.06 -4.58 33.46
CA ALA H 411 -25.13 -3.84 32.20
C ALA H 411 -23.79 -3.18 31.87
N GLU H 412 -23.10 -2.67 32.89
CA GLU H 412 -21.79 -2.05 32.71
C GLU H 412 -20.78 -3.05 32.16
N VAL H 413 -20.71 -4.24 32.75
CA VAL H 413 -19.65 -5.16 32.36
C VAL H 413 -19.90 -5.69 30.96
N ILE H 414 -21.17 -5.82 30.55
CA ILE H 414 -21.48 -6.22 29.19
C ILE H 414 -21.03 -5.14 28.20
N ARG H 415 -21.34 -3.87 28.50
CA ARG H 415 -20.91 -2.80 27.64
C ARG H 415 -19.39 -2.81 27.48
N ARG H 416 -18.69 -2.93 28.61
CA ARG H 416 -17.23 -2.85 28.63
C ARG H 416 -16.61 -4.08 28.00
N ALA H 417 -17.21 -5.25 28.21
CA ALA H 417 -16.73 -6.45 27.55
C ALA H 417 -16.78 -6.30 26.02
N ASN H 418 -17.83 -5.67 25.52
CA ASN H 418 -18.07 -5.53 24.08
C ASN H 418 -17.38 -4.34 23.45
N ALA H 419 -16.85 -3.42 24.26
CA ALA H 419 -16.31 -2.15 23.76
C ALA H 419 -14.87 -2.38 23.29
N THR H 420 -14.77 -3.12 22.20
CA THR H 420 -13.52 -3.51 21.59
C THR H 420 -13.85 -3.95 20.18
N GLU H 421 -12.92 -3.75 19.27
CA GLU H 421 -13.09 -4.30 17.92
C GLU H 421 -12.73 -5.78 17.85
N TYR H 422 -12.05 -6.31 18.88
CA TYR H 422 -11.83 -7.75 18.88
C TYR H 422 -13.15 -8.45 19.18
N GLY H 423 -13.16 -9.76 19.00
CA GLY H 423 -14.37 -10.49 19.24
C GLY H 423 -14.20 -11.99 19.11
N LEU H 424 -13.09 -12.51 19.61
CA LEU H 424 -12.82 -13.93 19.41
C LEU H 424 -13.58 -14.78 20.42
N ALA H 425 -13.30 -14.58 21.70
CA ALA H 425 -13.88 -15.41 22.75
C ALA H 425 -14.39 -14.54 23.90
N ALA H 426 -15.06 -15.22 24.83
CA ALA H 426 -15.62 -14.61 26.03
C ALA H 426 -16.03 -15.73 26.97
N GLY H 427 -16.24 -15.38 28.24
CA GLY H 427 -16.78 -16.35 29.17
C GLY H 427 -17.36 -15.68 30.40
N VAL H 428 -18.19 -16.43 31.11
CA VAL H 428 -18.81 -15.96 32.33
C VAL H 428 -18.69 -17.06 33.38
N VAL H 429 -18.50 -16.66 34.63
CA VAL H 429 -18.49 -17.58 35.77
C VAL H 429 -19.68 -17.22 36.63
N THR H 430 -20.66 -18.13 36.69
CA THR H 430 -21.84 -17.93 37.56
C THR H 430 -22.59 -19.24 37.71
N PRO H 431 -23.10 -19.56 38.90
CA PRO H 431 -23.97 -20.73 39.06
C PRO H 431 -25.41 -20.47 38.64
N ASP H 432 -25.77 -19.23 38.32
CA ASP H 432 -27.16 -18.87 38.09
C ASP H 432 -27.55 -19.16 36.64
N LEU H 433 -28.63 -19.92 36.47
CA LEU H 433 -29.12 -20.29 35.14
C LEU H 433 -29.36 -19.05 34.28
N ASN H 434 -30.16 -18.12 34.79
CA ASN H 434 -30.54 -16.97 33.97
C ASN H 434 -29.33 -16.08 33.69
N ARG H 435 -28.49 -15.84 34.69
CA ARG H 435 -27.34 -14.97 34.48
C ARG H 435 -26.43 -15.52 33.41
N ALA H 436 -26.15 -16.83 33.45
CA ALA H 436 -25.18 -17.39 32.52
C ALA H 436 -25.62 -17.20 31.08
N HIS H 437 -26.83 -17.63 30.73
CA HIS H 437 -27.29 -17.53 29.36
C HIS H 437 -27.54 -16.07 28.98
N ARG H 438 -28.14 -15.30 29.89
CA ARG H 438 -28.50 -13.92 29.60
C ARG H 438 -27.26 -13.09 29.25
N ILE H 439 -26.18 -13.25 30.03
CA ILE H 439 -24.97 -12.49 29.76
C ILE H 439 -24.31 -12.98 28.47
N ILE H 440 -24.17 -14.30 28.33
CA ILE H 440 -23.45 -14.83 27.16
C ILE H 440 -24.15 -14.42 25.88
N HIS H 441 -25.48 -14.42 25.88
CA HIS H 441 -26.20 -14.07 24.66
C HIS H 441 -25.93 -12.63 24.22
N GLN H 442 -25.46 -11.77 25.12
CA GLN H 442 -25.21 -10.38 24.77
C GLN H 442 -23.76 -10.09 24.41
N LEU H 443 -22.86 -11.04 24.56
CA LEU H 443 -21.44 -10.77 24.31
C LEU H 443 -21.14 -10.95 22.83
N GLU H 444 -20.29 -10.06 22.30
CA GLU H 444 -19.97 -10.06 20.88
C GLU H 444 -18.68 -10.85 20.63
N ALA H 445 -18.83 -12.17 20.72
CA ALA H 445 -17.70 -13.09 20.56
C ALA H 445 -18.20 -14.39 19.96
N GLY H 446 -17.34 -15.03 19.17
CA GLY H 446 -17.75 -16.28 18.51
C GLY H 446 -17.61 -17.52 19.36
N ILE H 447 -16.82 -17.46 20.43
CA ILE H 447 -16.46 -18.63 21.23
C ILE H 447 -16.74 -18.27 22.68
N CYS H 448 -17.76 -18.88 23.29
CA CYS H 448 -18.20 -18.48 24.63
C CYS H 448 -18.20 -19.66 25.58
N TRP H 449 -17.58 -19.49 26.74
CA TRP H 449 -17.46 -20.55 27.73
C TRP H 449 -18.20 -20.15 29.01
N ILE H 450 -19.04 -21.05 29.50
CA ILE H 450 -19.73 -20.87 30.78
C ILE H 450 -19.08 -21.81 31.78
N ASN H 451 -18.50 -21.22 32.84
CA ASN H 451 -17.91 -21.95 33.96
C ASN H 451 -16.79 -22.88 33.50
N SER H 452 -16.02 -22.43 32.52
CA SER H 452 -14.88 -23.18 31.99
CA SER H 452 -14.87 -23.18 32.00
C SER H 452 -14.07 -22.24 31.12
N TRP H 453 -13.00 -22.77 30.53
CA TRP H 453 -12.27 -22.03 29.51
C TRP H 453 -11.41 -22.99 28.70
N GLY H 454 -11.35 -22.77 27.39
CA GLY H 454 -10.31 -23.33 26.56
C GLY H 454 -10.67 -24.60 25.81
N GLU H 455 -11.73 -25.32 26.20
CA GLU H 455 -12.07 -26.55 25.49
C GLU H 455 -12.65 -26.19 24.12
N SER H 456 -12.19 -26.88 23.08
CA SER H 456 -12.53 -26.57 21.69
C SER H 456 -12.86 -27.84 20.95
N PRO H 457 -14.04 -28.42 21.23
CA PRO H 457 -14.41 -29.70 20.62
C PRO H 457 -14.42 -29.62 19.11
N ALA H 458 -14.08 -30.74 18.46
CA ALA H 458 -14.07 -30.77 16.99
C ALA H 458 -15.44 -30.38 16.43
N GLU H 459 -16.51 -30.69 17.16
CA GLU H 459 -17.88 -30.42 16.71
C GLU H 459 -18.23 -28.95 16.76
N MET H 460 -17.45 -28.13 17.47
CA MET H 460 -17.85 -26.79 17.82
C MET H 460 -17.21 -25.76 16.89
N PRO H 461 -17.98 -25.05 16.05
CA PRO H 461 -17.37 -24.02 15.21
C PRO H 461 -16.74 -22.93 16.05
N VAL H 462 -15.57 -22.48 15.63
CA VAL H 462 -14.83 -21.47 16.37
C VAL H 462 -14.27 -20.44 15.39
N GLY H 463 -14.41 -19.18 15.76
CA GLY H 463 -13.84 -18.09 15.00
C GLY H 463 -14.33 -16.79 15.59
N GLY H 464 -13.89 -15.70 14.97
CA GLY H 464 -14.04 -14.38 15.56
C GLY H 464 -15.19 -13.56 15.01
N TYR H 465 -15.77 -12.75 15.88
CA TYR H 465 -16.55 -11.59 15.46
C TYR H 465 -15.62 -10.42 15.13
N LYS H 466 -16.17 -9.46 14.38
CA LYS H 466 -15.55 -8.14 14.20
C LYS H 466 -14.13 -8.33 13.67
N HIS H 467 -13.11 -7.69 14.26
CA HIS H 467 -11.77 -7.74 13.69
C HIS H 467 -11.01 -8.99 14.07
N SER H 468 -11.62 -9.95 14.77
CA SER H 468 -10.91 -11.16 15.16
C SER H 468 -10.96 -12.28 14.13
N GLY H 469 -11.75 -12.17 13.06
CA GLY H 469 -11.68 -13.22 12.07
C GLY H 469 -12.73 -13.08 10.99
N ILE H 470 -12.55 -13.91 9.97
CA ILE H 470 -13.52 -14.15 8.91
C ILE H 470 -13.75 -15.65 8.83
N GLY H 471 -15.00 -16.07 8.86
CA GLY H 471 -15.30 -17.48 8.76
C GLY H 471 -15.04 -18.24 10.06
N ARG H 472 -15.09 -19.56 9.96
CA ARG H 472 -14.99 -20.42 11.12
C ARG H 472 -14.12 -21.63 10.79
N GLU H 473 -13.65 -22.28 11.85
CA GLU H 473 -13.01 -23.60 11.76
C GLU H 473 -13.77 -24.56 12.68
N ASN H 474 -13.63 -25.85 12.38
CA ASN H 474 -14.28 -26.94 13.09
C ASN H 474 -15.79 -26.94 12.88
N GLY H 475 -16.44 -28.01 13.32
CA GLY H 475 -17.85 -28.21 13.09
C GLY H 475 -18.19 -28.64 11.67
N VAL H 476 -19.45 -29.08 11.51
CA VAL H 476 -19.92 -29.50 10.20
C VAL H 476 -19.76 -28.37 9.19
N MET H 477 -20.01 -27.12 9.62
CA MET H 477 -20.05 -26.02 8.66
C MET H 477 -18.69 -25.80 7.99
N THR H 478 -17.61 -26.17 8.66
CA THR H 478 -16.30 -25.92 8.04
C THR H 478 -15.99 -26.94 6.96
N LEU H 479 -16.51 -28.18 7.08
CA LEU H 479 -16.43 -29.09 5.94
C LEU H 479 -17.14 -28.49 4.74
N GLN H 480 -18.32 -27.94 4.96
CA GLN H 480 -19.10 -27.37 3.86
C GLN H 480 -18.43 -26.14 3.27
N SER H 481 -17.74 -25.37 4.09
CA SER H 481 -17.09 -24.15 3.60
C SER H 481 -15.82 -24.44 2.80
N TYR H 482 -15.35 -25.68 2.77
CA TYR H 482 -14.27 -26.07 1.86
C TYR H 482 -14.80 -26.68 0.58
N THR H 483 -16.08 -26.53 0.32
CA THR H 483 -16.69 -26.82 -0.97
C THR H 483 -17.29 -25.53 -1.53
N GLN H 484 -17.59 -25.57 -2.82
CA GLN H 484 -18.32 -24.53 -3.51
C GLN H 484 -19.58 -25.13 -4.10
N VAL H 485 -20.66 -24.37 -4.05
CA VAL H 485 -21.97 -24.85 -4.48
C VAL H 485 -22.14 -24.61 -5.97
N LYS H 486 -22.51 -25.66 -6.70
CA LYS H 486 -22.93 -25.56 -8.09
C LYS H 486 -24.42 -25.88 -8.13
N SER H 487 -25.21 -24.95 -8.66
CA SER H 487 -26.65 -25.16 -8.84
C SER H 487 -26.92 -25.57 -10.27
N ILE H 488 -27.75 -26.61 -10.44
CA ILE H 488 -28.04 -27.19 -11.74
C ILE H 488 -29.54 -27.25 -11.92
N GLN H 489 -30.06 -26.56 -12.94
CA GLN H 489 -31.47 -26.65 -13.28
C GLN H 489 -31.69 -27.60 -14.45
N VAL H 490 -32.53 -28.61 -14.25
CA VAL H 490 -32.97 -29.50 -15.30
C VAL H 490 -34.34 -29.00 -15.76
N GLU H 491 -34.41 -28.45 -16.96
CA GLU H 491 -35.65 -28.01 -17.57
C GLU H 491 -36.13 -29.09 -18.53
N MET H 492 -37.18 -29.81 -18.13
CA MET H 492 -37.76 -30.85 -18.96
C MET H 492 -38.93 -30.36 -19.80
N GLY H 493 -39.40 -29.14 -19.54
CA GLY H 493 -40.47 -28.57 -20.32
C GLY H 493 -39.93 -27.81 -21.53
N PRO H 494 -40.80 -27.38 -22.43
CA PRO H 494 -40.33 -26.67 -23.63
C PRO H 494 -39.85 -25.27 -23.26
N PHE H 495 -38.64 -24.93 -23.71
CA PHE H 495 -38.07 -23.63 -23.39
C PHE H 495 -38.73 -22.57 -24.25
N GLN H 496 -39.12 -21.46 -23.62
CA GLN H 496 -39.81 -20.37 -24.30
C GLN H 496 -38.85 -19.19 -24.45
N SER H 497 -38.58 -18.82 -25.69
CA SER H 497 -37.85 -17.61 -25.99
C SER H 497 -38.86 -16.51 -26.33
N ILE H 498 -38.53 -15.28 -25.96
CA ILE H 498 -39.37 -14.15 -26.35
C ILE H 498 -38.95 -13.54 -27.68
N PHE H 499 -37.91 -14.07 -28.31
CA PHE H 499 -37.44 -13.53 -29.57
C PHE H 499 -37.91 -14.36 -30.77
NA NA I . -9.90 32.51 7.81
O1 PG4 J . 10.08 31.87 15.40
C1 PG4 J . 10.21 32.98 14.54
C2 PG4 J . 9.81 34.15 15.37
O2 PG4 J . 9.70 35.29 14.61
C3 PG4 J . 9.57 36.41 15.46
C4 PG4 J . 10.13 37.56 14.70
O3 PG4 J . 9.12 38.18 13.93
C5 PG4 J . 9.54 38.50 12.63
C6 PG4 J . 10.45 39.68 12.68
O4 PG4 J . 9.70 40.84 12.89
C7 PG4 J . 9.42 41.10 14.24
C8 PG4 J . 9.97 42.45 14.64
O5 PG4 J . 9.16 43.47 14.09
CL CL K . 21.49 14.36 28.54
C1 MLI L . -3.27 15.64 22.82
C2 MLI L . -3.50 16.68 21.71
C3 MLI L . -2.41 16.11 24.03
O6 MLI L . -3.93 16.28 20.61
O7 MLI L . -3.27 17.87 21.98
O8 MLI L . -2.03 15.27 24.87
O9 MLI L . -2.14 17.32 24.08
NA NA M . -30.07 6.36 -15.14
O1 PG4 N . -27.97 -14.70 -18.68
C1 PG4 N . -29.28 -14.93 -18.27
C2 PG4 N . -30.16 -14.31 -19.30
O2 PG4 N . -31.43 -14.34 -18.81
C3 PG4 N . -32.38 -14.49 -19.86
C4 PG4 N . -33.67 -14.87 -19.21
O3 PG4 N . -34.21 -13.72 -18.60
C5 PG4 N . -34.60 -13.87 -17.26
C6 PG4 N . -35.92 -14.59 -17.20
O4 PG4 N . -36.41 -14.79 -18.49
C7 PG4 N . -37.34 -13.83 -18.91
C8 PG4 N . -38.43 -14.47 -19.75
O5 PG4 N . -39.63 -13.76 -19.52
CL CL O . -8.22 -27.54 -26.14
C1 B3P P . -13.71 -29.47 -12.99
C3 B3P P . -13.29 -29.82 -11.57
N1 B3P P . -13.51 -28.59 -10.85
C4 B3P P . -13.03 -28.46 -9.48
C5 B3P P . -13.98 -29.21 -8.53
C6 B3P P . -12.97 -26.95 -9.21
C7 B3P P . -11.58 -28.96 -9.27
O4 B3P P . -14.75 -30.21 -9.17
O5 B3P P . -14.04 -26.31 -9.86
O6 B3P P . -10.80 -28.66 -10.40
C1 MLI Q . -10.70 -1.94 -25.56
C2 MLI Q . -11.58 -1.61 -24.34
C3 MLI Q . -11.05 -3.25 -26.30
O6 MLI Q . -12.72 -2.13 -24.31
O7 MLI Q . -11.11 -0.85 -23.46
O8 MLI Q . -12.24 -3.61 -26.23
O9 MLI Q . -10.15 -3.86 -26.90
NA NA R . 33.18 65.87 -29.47
O1 PG4 S . 33.08 44.86 -33.54
C1 PG4 S . 31.74 44.74 -33.14
C2 PG4 S . 30.96 45.53 -34.15
O2 PG4 S . 29.67 45.67 -33.68
C3 PG4 S . 28.73 45.64 -34.72
C4 PG4 S . 27.39 45.40 -34.05
O3 PG4 S . 27.04 46.57 -33.34
C5 PG4 S . 26.15 46.34 -32.26
C6 PG4 S . 24.88 45.70 -32.77
O4 PG4 S . 24.09 46.67 -33.42
C7 PG4 S . 23.68 46.34 -34.72
C8 PG4 S . 22.18 46.15 -34.78
O5 PG4 S . 21.56 46.94 -33.78
CL CL T . 51.42 30.26 -40.87
C1 B3P U . 45.54 28.93 -28.59
C3 B3P U . 46.24 28.47 -27.31
N1 B3P U . 45.88 29.46 -26.34
C4 B3P U . 46.51 29.45 -25.03
C5 B3P U . 45.46 28.89 -24.05
C6 B3P U . 46.89 30.91 -24.75
C7 B3P U . 47.81 28.62 -24.94
O4 B3P U . 44.60 27.99 -24.69
O5 B3P U . 45.87 31.74 -25.23
O6 B3P U . 48.76 29.10 -25.85
C1 MLI V . 50.10 54.81 -39.96
C2 MLI V . 50.02 56.20 -39.32
C3 MLI V . 51.03 54.69 -41.19
O6 MLI V . 49.56 56.29 -38.15
O7 MLI V . 50.40 57.16 -40.02
O8 MLI V . 51.73 53.67 -41.33
O9 MLI V . 51.01 55.64 -41.97
CAC FLC W . 22.74 70.42 -35.02
CA FLC W . 21.86 69.19 -35.27
CB FLC W . 20.34 69.34 -35.07
CBC FLC W . 19.68 70.00 -36.30
CG FLC W . 19.71 67.94 -34.87
CGC FLC W . 18.22 67.91 -34.50
OA1 FLC W . 22.19 71.47 -34.58
OA2 FLC W . 23.97 70.31 -35.25
OB1 FLC W . 19.94 69.46 -37.40
OB2 FLC W . 18.94 70.99 -36.11
OG1 FLC W . 17.40 68.02 -35.45
OG2 FLC W . 17.91 67.80 -33.30
OHB FLC W . 20.08 70.11 -33.90
NA NA X . -69.88 -30.15 22.50
O1 PG4 Y . -50.23 -28.78 30.47
C1 PG4 Y . -49.74 -27.64 29.90
C2 PG4 Y . -50.93 -26.85 29.44
O2 PG4 Y . -50.52 -25.56 29.69
C3 PG4 Y . -51.47 -24.85 30.43
C4 PG4 Y . -50.92 -23.47 30.65
O3 PG4 Y . -50.45 -23.02 29.40
C5 PG4 Y . -51.47 -22.73 28.48
C6 PG4 Y . -51.00 -21.65 27.52
O4 PG4 Y . -50.64 -20.49 28.23
C7 PG4 Y . -51.73 -19.79 28.80
C8 PG4 Y . -51.36 -18.39 29.25
O5 PG4 Y . -51.62 -17.47 28.20
CL CL Z . -37.19 -44.64 43.94
C1 MLI AA . -61.17 -44.44 38.27
C2 MLI AA . -61.83 -44.78 36.94
C3 MLI AA . -61.33 -45.51 39.37
O6 MLI AA . -61.30 -45.68 36.24
O7 MLI AA . -62.85 -44.12 36.64
O8 MLI AA . -62.50 -45.90 39.59
O9 MLI AA . -60.30 -45.90 39.97
C1 MLI BA . -51.15 -46.26 33.77
C2 MLI BA . -52.09 -47.42 34.11
C3 MLI BA . -50.62 -46.29 32.32
O6 MLI BA . -52.67 -48.00 33.17
O7 MLI BA . -52.21 -47.72 35.32
O8 MLI BA . -51.44 -46.13 31.38
O9 MLI BA . -49.40 -46.49 32.17
NA NA CA . -30.36 -72.35 7.04
O1 PG4 DA . -33.51 -56.21 -6.54
C1 PG4 DA . -32.29 -55.94 -5.94
C2 PG4 DA . -31.21 -56.10 -6.96
O2 PG4 DA . -30.16 -56.80 -6.41
C3 PG4 DA . -29.66 -57.73 -7.32
C4 PG4 DA . -28.63 -57.01 -8.15
O3 PG4 DA . -27.83 -56.25 -7.27
C5 PG4 DA . -27.18 -56.99 -6.26
C6 PG4 DA . -25.93 -56.25 -5.84
O4 PG4 DA . -25.13 -56.00 -6.97
C7 PG4 DA . -24.53 -57.17 -7.49
C8 PG4 DA . -23.36 -56.87 -8.39
O5 PG4 DA . -22.18 -57.45 -7.88
CL CL EA . -54.26 -48.68 -17.26
C1 B3P FA . -47.49 -40.19 -8.33
C2 B3P FA . -48.44 -40.73 -9.40
C3 B3P FA . -48.18 -39.52 -7.15
N1 B3P FA . -47.68 -40.12 -5.94
C4 B3P FA . -48.05 -39.50 -4.67
C5 B3P FA . -48.16 -40.66 -3.68
C6 B3P FA . -49.39 -38.76 -4.76
C7 B3P FA . -47.01 -38.47 -4.15
N2 B3P FA . -48.35 -39.89 -10.57
O4 B3P FA . -47.06 -41.53 -3.82
O5 B3P FA . -50.43 -39.60 -5.17
O6 B3P FA . -46.34 -37.85 -5.23
C2 B3P GA . -32.41 -41.95 30.09
N2 B3P GA . -33.45 -42.09 29.08
C8 B3P GA . -33.20 -42.83 27.84
C9 B3P GA . -34.56 -43.29 27.30
C10 B3P GA . -32.33 -44.08 28.08
C11 B3P GA . -32.51 -42.00 26.72
O1 B3P GA . -35.52 -42.26 27.35
O2 B3P GA . -33.03 -45.06 28.79
O3 B3P GA . -31.60 -41.07 27.29
C1 MLI HA . -50.90 -70.47 -4.03
C2 MLI HA . -49.79 -70.22 -3.01
C3 MLI HA . -50.66 -69.81 -5.41
O6 MLI HA . -49.97 -70.60 -1.81
O7 MLI HA . -48.76 -69.64 -3.42
O8 MLI HA . -51.64 -69.49 -6.12
O9 MLI HA . -49.47 -69.65 -5.72
C1 MLI IA . -50.83 -58.86 -2.16
C2 MLI IA . -52.25 -59.12 -2.68
C3 MLI IA . -50.62 -57.46 -1.54
O6 MLI IA . -52.38 -59.34 -3.91
O7 MLI IA . -53.17 -59.10 -1.82
O8 MLI IA . -50.96 -56.50 -2.25
O9 MLI IA . -50.14 -57.38 -0.39
C1 MLI JA . -27.40 -58.52 33.60
C2 MLI JA . -27.91 -57.44 34.54
C3 MLI JA . -26.07 -59.16 34.04
O6 MLI JA . -28.87 -56.71 34.15
O7 MLI JA . -27.34 -57.33 35.64
O8 MLI JA . -25.86 -60.36 33.72
O9 MLI JA . -25.29 -58.43 34.70
N1 EPE KA . -42.13 -62.71 12.83
C2 EPE KA . -43.43 -63.32 12.62
C3 EPE KA . -44.52 -62.53 13.31
N4 EPE KA . -44.24 -62.60 14.73
C5 EPE KA . -43.00 -61.87 15.04
C6 EPE KA . -41.82 -62.39 14.23
C7 EPE KA . -45.39 -62.22 15.53
C8 EPE KA . -46.43 -63.33 15.72
O8 EPE KA . -46.62 -64.08 14.53
C9 EPE KA . -41.14 -63.50 12.14
C10 EPE KA . -39.73 -63.47 12.74
S EPE KA . -38.51 -63.97 11.51
O1S EPE KA . -38.60 -65.45 11.49
O2S EPE KA . -38.96 -63.35 10.23
O3S EPE KA . -37.23 -63.42 12.01
NA NA LA . 71.49 31.84 0.79
O1 PG4 MA . 53.08 36.52 10.37
C1 PG4 MA . 53.59 35.23 10.06
C2 PG4 MA . 53.11 34.12 10.97
O2 PG4 MA . 54.21 33.51 11.61
C3 PG4 MA . 53.86 32.77 12.76
C4 PG4 MA . 53.14 31.50 12.37
O3 PG4 MA . 53.63 31.04 11.14
C5 PG4 MA . 54.05 29.70 11.16
C6 PG4 MA . 52.90 28.78 11.43
O4 PG4 MA . 52.87 28.44 12.80
C7 PG4 MA . 53.98 27.72 13.27
C8 PG4 MA . 53.63 26.73 14.35
O5 PG4 MA . 54.11 25.46 13.97
CL CL NA . 43.62 58.66 15.31
C1 B3P OA . 36.43 50.11 6.56
C2 B3P OA . 36.54 50.72 5.16
C3 B3P OA . 36.88 50.99 7.74
N1 B3P OA . 36.27 52.29 7.70
N2 B3P OA . 37.19 49.82 4.23
C8 B3P OA . 36.94 49.91 2.79
C9 B3P OA . 36.05 48.74 2.33
C10 B3P OA . 38.29 49.92 2.03
C11 B3P OA . 36.26 51.22 2.31
O1 B3P OA . 35.37 48.15 3.41
O2 B3P OA . 39.11 48.84 2.40
O3 B3P OA . 37.03 52.33 2.70
C1 MLI PA . 66.71 53.68 6.67
C2 MLI PA . 67.37 52.40 6.13
C3 MLI PA . 66.47 53.69 8.20
O6 MLI PA . 67.17 51.32 6.73
O7 MLI PA . 68.08 52.52 5.10
O8 MLI PA . 66.69 52.61 8.77
O9 MLI PA . 66.06 54.74 8.76
C1 MLI QA . 55.49 54.53 2.68
C2 MLI QA . 54.95 53.13 2.32
C3 MLI QA . 56.33 54.61 3.98
O6 MLI QA . 54.79 52.83 1.11
O7 MLI QA . 54.68 52.38 3.27
O8 MLI QA . 56.05 53.83 4.91
O9 MLI QA . 57.24 55.47 4.02
C1 MLI RA . 62.59 21.92 -27.83
C2 MLI RA . 62.42 23.34 -27.30
C3 MLI RA . 63.70 21.08 -27.14
O6 MLI RA . 61.60 24.09 -27.90
O7 MLI RA . 63.11 23.65 -26.30
O8 MLI RA . 63.58 19.84 -27.25
O9 MLI RA . 64.61 21.71 -26.55
NA NA SA . 25.01 -13.19 -9.54
O1 PG4 TA . 23.33 3.87 -22.72
C1 PG4 TA . 24.29 2.87 -22.97
C2 PG4 TA . 25.75 3.32 -22.86
O2 PG4 TA . 26.40 3.10 -24.09
C3 PG4 TA . 27.44 2.18 -24.06
C4 PG4 TA . 28.69 2.94 -23.72
O3 PG4 TA . 29.41 2.23 -22.73
C5 PG4 TA . 30.34 3.04 -22.06
C6 PG4 TA . 31.51 3.29 -22.98
O4 PG4 TA . 31.93 2.05 -23.52
C7 PG4 TA . 32.53 2.14 -24.79
C8 PG4 TA . 34.02 1.92 -24.69
O5 PG4 TA . 34.28 0.61 -24.25
CL CL UA . 3.39 13.98 -33.07
C1 MLI VA . 4.38 -8.80 -20.42
C2 MLI VA . 5.44 -8.59 -19.33
C3 MLI VA . 4.64 -7.93 -21.68
O6 MLI VA . 5.04 -8.48 -18.15
O7 MLI VA . 6.64 -8.53 -19.70
O8 MLI VA . 3.73 -7.74 -22.52
O9 MLI VA . 5.80 -7.50 -21.75
C1 MLI WA . 30.75 0.12 16.96
C2 MLI WA . 29.25 0.14 17.22
C3 MLI WA . 31.47 -1.05 17.66
O6 MLI WA . 28.60 -0.84 16.81
O7 MLI WA . 28.79 1.14 17.82
O8 MLI WA . 31.32 -2.19 17.16
O9 MLI WA . 32.17 -0.74 18.65
NA NA XA . 11.47 -22.62 16.47
O1 PG4 YA . -7.50 -19.45 25.77
C1 PG4 YA . -7.87 -20.81 25.79
C2 PG4 YA . -6.90 -21.73 26.50
O2 PG4 YA . -7.43 -22.26 27.68
C3 PG4 YA . -6.58 -23.19 28.29
C4 PG4 YA . -7.01 -24.57 27.84
O3 PG4 YA . -5.99 -25.15 27.06
C5 PG4 YA . -6.41 -26.29 26.35
C6 PG4 YA . -7.14 -27.26 27.25
O4 PG4 YA . -6.48 -27.39 28.49
C7 PG4 YA . -6.02 -28.69 28.74
C8 PG4 YA . -5.81 -28.91 30.22
O5 PG4 YA . -5.54 -30.28 30.42
CL CL ZA . -19.68 1.61 30.06
C1 MLI AB . 4.58 -0.39 22.33
C2 MLI AB . 4.65 -1.85 21.84
C3 MLI AB . 3.58 -0.13 23.48
O6 MLI AB . 4.09 -2.71 22.56
O7 MLI AB . 5.25 -2.09 20.77
O8 MLI AB . 3.31 -1.10 24.21
O9 MLI AB . 3.10 1.02 23.62
#